data_8WFQ
#
_entry.id   8WFQ
#
_cell.length_a   101.343
_cell.length_b   149.560
_cell.length_c   125.076
_cell.angle_alpha   90.000
_cell.angle_beta   95.428
_cell.angle_gamma   90.000
#
_symmetry.space_group_name_H-M   'P 1 21 1'
#
loop_
_entity.id
_entity.type
_entity.pdbx_description
1 polymer 'Aldehyde dehydrogenase 1A1'
2 non-polymer '1,4-DIHYDRONICOTINAMIDE ADENINE DINUCLEOTIDE'
3 non-polymer 1,2-ETHANEDIOL
4 water water
#
_entity_poly.entity_id   1
_entity_poly.type   'polypeptide(L)'
_entity_poly.pdbx_seq_one_letter_code
;GMSSSGTPDLPVLLTDLKIQYTKIFINNEWHDSVSGKKFPVFNPATEEELCQVEEGDKEDVDKAVKAARQAFQIGSPWRT
MDASERGRLLYKLADLIERDRLLLATMESMNGGKLYSNAYLSDLAGCIKTLRYCAGWADKIQGRTIPIDGNFFTYTRHEP
IGVCGQIIPWNFPLVMLIWKIGPALSCGNTVVVKPAEQTPLTALHVASLIKEAGFPPGVVNIVPGYGPTAGAAISSHMDI
DKVAFTGSTEVGKLIKEAAGKSNLKRVTLELGGKSPCIVLADADLDNAVEFAHHGVFYHQGQCCIAASRIFVEESIYDEF
VRRSVERAKKYILGNPLTPGVTQGPQIDKEQYDKILDLIESGKKEGAKLECGGGPWGNKGYFVQPTVFSNVTDEMRIAKE
EIFGPVQQIMKFKSLDDVIKRANNTFYGLSAGVFTKDIDKAITISSALQAGTVWVNCYGVVSAQCPFGGFKMSGNGRELG
EYGFHEYTEVKTVTVKISQKNS
;
_entity_poly.pdbx_strand_id   A,B,C,D,E,F,G,H
#
# COMPACT_ATOMS: atom_id res chain seq x y z
N ASP A 9 45.45 42.31 26.89
CA ASP A 9 45.55 43.31 25.79
C ASP A 9 44.14 43.61 25.26
N LEU A 10 43.46 44.57 25.89
CA LEU A 10 42.09 44.93 25.54
C LEU A 10 42.10 46.30 24.89
N PRO A 11 41.08 46.66 24.07
CA PRO A 11 40.96 48.03 23.57
C PRO A 11 40.53 49.00 24.66
N VAL A 12 41.29 50.08 24.81
CA VAL A 12 41.00 51.11 25.81
C VAL A 12 40.31 52.27 25.11
N LEU A 13 39.66 53.13 25.90
CA LEU A 13 38.93 54.27 25.37
C LEU A 13 39.91 55.22 24.70
N LEU A 14 39.66 55.53 23.41
CA LEU A 14 40.53 56.36 22.60
C LEU A 14 40.51 57.80 23.13
N THR A 15 39.30 58.34 23.32
CA THR A 15 39.12 59.67 23.89
C THR A 15 39.34 59.60 25.41
N ASP A 16 39.40 60.78 26.04
CA ASP A 16 39.37 60.89 27.49
C ASP A 16 37.92 60.87 27.93
N LEU A 17 37.62 60.16 29.04
CA LEU A 17 36.26 59.98 29.52
C LEU A 17 35.76 61.28 30.13
N LYS A 18 34.54 61.66 29.77
CA LYS A 18 33.93 62.90 30.23
C LYS A 18 32.50 62.60 30.69
N ILE A 19 32.29 62.73 32.01
CA ILE A 19 31.02 62.43 32.63
C ILE A 19 29.97 63.45 32.18
N GLN A 20 28.72 63.01 32.06
CA GLN A 20 27.65 63.84 31.52
C GLN A 20 26.40 63.69 32.37
N TYR A 21 25.94 62.45 32.54
CA TYR A 21 24.69 62.16 33.23
C TYR A 21 24.95 62.06 34.74
N THR A 22 24.51 63.07 35.48
CA THR A 22 24.73 63.18 36.91
C THR A 22 23.49 63.72 37.60
N LYS A 23 22.31 63.28 37.16
CA LYS A 23 21.05 63.84 37.62
C LYS A 23 20.02 62.73 37.82
N ILE A 24 18.94 63.08 38.54
CA ILE A 24 17.86 62.16 38.84
C ILE A 24 17.05 61.93 37.56
N PHE A 25 16.62 60.68 37.36
CA PHE A 25 15.99 60.25 36.12
C PHE A 25 14.55 59.84 36.39
N ILE A 26 13.59 60.68 35.98
CA ILE A 26 12.18 60.41 36.16
C ILE A 26 11.43 60.78 34.88
N ASN A 27 10.54 59.88 34.43
CA ASN A 27 9.79 60.03 33.19
C ASN A 27 10.74 60.30 32.02
N ASN A 28 11.84 59.53 31.96
CA ASN A 28 12.80 59.62 30.87
C ASN A 28 13.24 61.08 30.66
N GLU A 29 13.49 61.79 31.76
CA GLU A 29 14.03 63.14 31.72
C GLU A 29 14.81 63.41 33.01
N TRP A 30 15.71 64.39 32.94
CA TRP A 30 16.70 64.64 33.98
C TRP A 30 16.20 65.71 34.95
N HIS A 31 15.90 65.29 36.18
CA HIS A 31 15.43 66.18 37.23
C HIS A 31 16.59 66.55 38.14
N ASP A 32 16.47 67.71 38.81
CA ASP A 32 17.36 68.10 39.88
C ASP A 32 16.81 67.54 41.19
N SER A 33 17.65 67.54 42.22
CA SER A 33 17.23 67.19 43.57
C SER A 33 16.29 68.27 44.09
N VAL A 34 15.19 67.82 44.72
CA VAL A 34 14.18 68.71 45.28
C VAL A 34 14.83 69.65 46.29
N SER A 35 15.70 69.09 47.14
CA SER A 35 16.45 69.88 48.11
C SER A 35 17.44 70.79 47.39
N GLY A 36 18.03 70.29 46.29
CA GLY A 36 19.01 71.03 45.52
C GLY A 36 20.43 70.60 45.85
N LYS A 37 20.57 69.78 46.90
CA LYS A 37 21.87 69.32 47.38
C LYS A 37 22.43 68.27 46.43
N LYS A 38 23.76 68.12 46.44
CA LYS A 38 24.47 67.20 45.57
C LYS A 38 25.60 66.54 46.36
N PHE A 39 25.73 65.21 46.19
CA PHE A 39 26.79 64.46 46.85
C PHE A 39 27.91 64.19 45.85
N PRO A 40 29.18 64.11 46.31
CA PRO A 40 30.31 63.84 45.42
C PRO A 40 30.53 62.36 45.12
N VAL A 41 31.28 62.09 44.05
CA VAL A 41 31.64 60.73 43.66
C VAL A 41 33.14 60.70 43.41
N PHE A 42 33.85 59.80 44.11
CA PHE A 42 35.30 59.75 44.04
C PHE A 42 35.76 58.51 43.29
N ASN A 43 36.98 58.59 42.75
CA ASN A 43 37.71 57.42 42.29
C ASN A 43 38.41 56.81 43.49
N PRO A 44 38.08 55.56 43.89
CA PRO A 44 38.70 54.92 45.06
C PRO A 44 40.22 54.72 44.94
N ALA A 45 40.72 54.68 43.70
CA ALA A 45 42.14 54.49 43.43
C ALA A 45 42.92 55.76 43.76
N THR A 46 42.44 56.90 43.25
CA THR A 46 43.17 58.16 43.34
C THR A 46 42.62 59.05 44.46
N GLU A 47 41.45 58.70 45.00
CA GLU A 47 40.74 59.49 46.01
C GLU A 47 40.29 60.84 45.42
N GLU A 48 40.39 61.01 44.10
CA GLU A 48 40.03 62.26 43.45
C GLU A 48 38.52 62.30 43.31
N GLU A 49 37.94 63.52 43.34
CA GLU A 49 36.53 63.69 43.07
C GLU A 49 36.32 63.70 41.55
N LEU A 50 35.41 62.84 41.08
CA LEU A 50 35.07 62.74 39.67
C LEU A 50 34.04 63.81 39.33
N CYS A 51 32.97 63.89 40.13
CA CYS A 51 31.90 64.85 39.90
C CYS A 51 30.98 64.88 41.13
N GLN A 52 29.88 65.64 41.02
CA GLN A 52 28.81 65.60 42.01
C GLN A 52 27.51 65.22 41.33
N VAL A 53 26.75 64.33 41.98
CA VAL A 53 25.47 63.86 41.49
C VAL A 53 24.36 64.45 42.36
N GLU A 54 23.18 64.62 41.77
CA GLU A 54 22.01 65.13 42.49
C GLU A 54 21.67 64.17 43.61
N GLU A 55 21.50 64.71 44.83
CA GLU A 55 21.22 63.91 46.01
C GLU A 55 19.71 63.72 46.16
N GLY A 56 19.24 62.48 45.93
CA GLY A 56 17.84 62.15 46.03
C GLY A 56 17.43 61.86 47.48
N ASP A 57 16.21 62.30 47.84
CA ASP A 57 15.61 61.97 49.12
C ASP A 57 14.17 61.54 48.87
N LYS A 58 13.31 61.61 49.90
CA LYS A 58 11.96 61.09 49.81
C LYS A 58 11.16 61.81 48.70
N GLU A 59 11.24 63.14 48.69
CA GLU A 59 10.46 63.95 47.76
C GLU A 59 10.76 63.49 46.32
N ASP A 60 12.03 63.18 46.05
CA ASP A 60 12.48 62.72 44.74
C ASP A 60 11.93 61.33 44.47
N VAL A 61 11.91 60.47 45.49
CA VAL A 61 11.39 59.12 45.37
C VAL A 61 9.89 59.19 45.08
N ASP A 62 9.17 60.05 45.82
CA ASP A 62 7.74 60.18 45.69
C ASP A 62 7.37 60.57 44.27
N LYS A 63 8.21 61.41 43.64
CA LYS A 63 8.05 61.77 42.24
C LYS A 63 8.22 60.54 41.36
N ALA A 64 9.31 59.80 41.59
CA ALA A 64 9.66 58.64 40.80
C ALA A 64 8.55 57.58 40.90
N VAL A 65 8.03 57.38 42.11
CA VAL A 65 7.01 56.37 42.37
C VAL A 65 5.74 56.73 41.59
N LYS A 66 5.37 58.02 41.59
CA LYS A 66 4.15 58.48 40.95
C LYS A 66 4.30 58.42 39.44
N ALA A 67 5.54 58.53 38.94
CA ALA A 67 5.82 58.34 37.52
C ALA A 67 5.67 56.86 37.14
N ALA A 68 6.18 55.98 38.01
CA ALA A 68 6.14 54.55 37.79
C ALA A 68 4.71 54.04 37.86
N ARG A 69 3.95 54.52 38.85
CA ARG A 69 2.56 54.13 39.02
C ARG A 69 1.74 54.58 37.81
N GLN A 70 2.03 55.78 37.31
CA GLN A 70 1.36 56.32 36.14
C GLN A 70 1.65 55.44 34.92
N ALA A 71 2.90 54.99 34.81
CA ALA A 71 3.35 54.18 33.68
C ALA A 71 2.75 52.77 33.76
N PHE A 72 2.29 52.37 34.95
CA PHE A 72 1.75 51.03 35.18
C PHE A 72 0.21 51.05 35.12
N GLN A 73 -0.38 52.21 34.83
CA GLN A 73 -1.84 52.33 34.81
C GLN A 73 -2.42 51.43 33.71
N ILE A 74 -3.62 50.90 33.97
CA ILE A 74 -4.34 50.06 33.03
C ILE A 74 -4.65 50.88 31.79
N GLY A 75 -4.13 50.44 30.63
CA GLY A 75 -4.35 51.12 29.37
C GLY A 75 -3.14 51.94 28.92
N SER A 76 -2.12 52.03 29.80
CA SER A 76 -0.89 52.75 29.47
C SER A 76 -0.11 51.96 28.42
N PRO A 77 0.82 52.62 27.68
CA PRO A 77 1.63 51.93 26.68
C PRO A 77 2.32 50.66 27.19
N TRP A 78 2.84 50.71 28.41
CA TRP A 78 3.65 49.64 28.97
C TRP A 78 2.80 48.39 29.25
N ARG A 79 1.51 48.59 29.59
CA ARG A 79 0.61 47.50 29.92
C ARG A 79 0.01 46.90 28.65
N THR A 80 -0.38 47.76 27.70
CA THR A 80 -1.01 47.33 26.47
C THR A 80 0.03 46.74 25.51
N MET A 81 1.25 47.27 25.55
CA MET A 81 2.34 46.85 24.68
C MET A 81 2.47 45.33 24.72
N ASP A 82 2.80 44.75 23.56
CA ASP A 82 2.96 43.32 23.41
C ASP A 82 4.13 42.83 24.26
N ALA A 83 4.02 41.59 24.77
CA ALA A 83 5.07 40.99 25.56
C ALA A 83 6.35 40.89 24.73
N SER A 84 6.19 40.52 23.45
CA SER A 84 7.30 40.42 22.52
C SER A 84 8.04 41.75 22.42
N GLU A 85 7.29 42.86 22.42
CA GLU A 85 7.84 44.19 22.24
C GLU A 85 8.63 44.62 23.47
N ARG A 86 8.19 44.21 24.66
CA ARG A 86 8.92 44.53 25.88
C ARG A 86 10.32 43.92 25.83
N GLY A 87 10.42 42.70 25.28
CA GLY A 87 11.69 42.03 25.09
C GLY A 87 12.55 42.71 24.01
N ARG A 88 11.88 43.28 22.99
CA ARG A 88 12.56 43.94 21.89
C ARG A 88 13.30 45.18 22.41
N LEU A 89 12.64 45.90 23.34
CA LEU A 89 13.24 47.08 23.96
C LEU A 89 14.43 46.68 24.83
N LEU A 90 14.27 45.57 25.57
CA LEU A 90 15.34 45.04 26.41
C LEU A 90 16.52 44.60 25.55
N TYR A 91 16.23 44.05 24.36
CA TYR A 91 17.27 43.56 23.47
C TYR A 91 17.97 44.75 22.80
N LYS A 92 17.22 45.78 22.45
CA LYS A 92 17.79 47.01 21.90
C LYS A 92 18.72 47.64 22.94
N LEU A 93 18.28 47.68 24.20
CA LEU A 93 19.05 48.27 25.29
C LEU A 93 20.38 47.55 25.43
N ALA A 94 20.38 46.23 25.26
CA ALA A 94 21.59 45.42 25.34
C ALA A 94 22.56 45.83 24.23
N ASP A 95 22.01 46.13 23.04
CA ASP A 95 22.80 46.52 21.89
C ASP A 95 23.42 47.90 22.13
N LEU A 96 22.66 48.79 22.79
CA LEU A 96 23.13 50.13 23.10
C LEU A 96 24.28 50.08 24.12
N ILE A 97 24.18 49.14 25.07
CA ILE A 97 25.20 48.95 26.08
C ILE A 97 26.46 48.36 25.43
N GLU A 98 26.26 47.48 24.44
CA GLU A 98 27.36 46.87 23.71
C GLU A 98 28.09 47.92 22.88
N ARG A 99 27.32 48.90 22.36
CA ARG A 99 27.89 50.00 21.61
C ARG A 99 28.76 50.86 22.53
N ASP A 100 28.20 51.23 23.69
CA ASP A 100 28.90 52.08 24.66
C ASP A 100 29.61 51.20 25.69
N ARG A 101 30.33 50.17 25.20
CA ARG A 101 30.94 49.18 26.07
C ARG A 101 32.22 49.75 26.68
N LEU A 102 33.02 50.42 25.85
CA LEU A 102 34.28 51.01 26.30
C LEU A 102 34.00 52.16 27.27
N LEU A 103 32.96 52.94 26.98
CA LEU A 103 32.57 54.07 27.80
C LEU A 103 32.20 53.60 29.21
N LEU A 104 31.37 52.54 29.27
CA LEU A 104 30.86 52.03 30.53
C LEU A 104 31.95 51.27 31.27
N ALA A 105 32.72 50.44 30.55
CA ALA A 105 33.80 49.68 31.13
C ALA A 105 34.81 50.60 31.82
N THR A 106 35.12 51.72 31.15
CA THR A 106 36.04 52.71 31.68
C THR A 106 35.43 53.39 32.92
N MET A 107 34.16 53.77 32.81
CA MET A 107 33.46 54.52 33.83
C MET A 107 33.30 53.65 35.08
N GLU A 108 32.97 52.37 34.87
CA GLU A 108 32.81 51.41 35.96
C GLU A 108 34.15 51.21 36.67
N SER A 109 35.23 51.12 35.88
CA SER A 109 36.57 50.88 36.39
C SER A 109 37.03 52.05 37.25
N MET A 110 36.72 53.27 36.80
CA MET A 110 37.12 54.48 37.51
C MET A 110 36.34 54.60 38.83
N ASN A 111 35.02 54.48 38.71
CA ASN A 111 34.11 54.75 39.82
C ASN A 111 34.15 53.61 40.84
N GLY A 112 34.09 52.37 40.35
CA GLY A 112 33.96 51.20 41.20
C GLY A 112 35.32 50.67 41.69
N GLY A 113 36.41 51.20 41.15
CA GLY A 113 37.75 50.71 41.46
C GLY A 113 37.94 49.26 40.99
N LYS A 114 37.48 49.01 39.75
CA LYS A 114 37.36 47.66 39.22
C LYS A 114 38.33 47.49 38.04
N LEU A 115 39.07 46.38 38.04
CA LEU A 115 40.04 46.09 36.99
C LEU A 115 39.35 46.25 35.63
N TYR A 116 39.94 47.08 34.76
CA TYR A 116 39.33 47.42 33.47
C TYR A 116 39.03 46.16 32.67
N SER A 117 39.98 45.22 32.67
CA SER A 117 39.84 43.97 31.94
C SER A 117 38.60 43.22 32.43
N ASN A 118 38.48 43.07 33.75
CA ASN A 118 37.32 42.42 34.35
C ASN A 118 36.06 43.20 34.02
N ALA A 119 36.13 44.54 34.14
CA ALA A 119 35.00 45.41 33.87
C ALA A 119 34.50 45.23 32.44
N TYR A 120 35.45 45.10 31.49
CA TYR A 120 35.12 45.00 30.08
C TYR A 120 34.69 43.57 29.73
N LEU A 121 35.40 42.57 30.27
CA LEU A 121 35.24 41.19 29.84
C LEU A 121 34.16 40.47 30.63
N SER A 122 34.01 40.81 31.93
CA SER A 122 33.05 40.14 32.79
C SER A 122 31.76 40.95 32.91
N ASP A 123 31.89 42.18 33.42
CA ASP A 123 30.74 42.98 33.82
C ASP A 123 29.89 43.36 32.59
N LEU A 124 30.54 43.95 31.59
CA LEU A 124 29.84 44.42 30.41
C LEU A 124 29.27 43.26 29.60
N ALA A 125 30.03 42.14 29.56
CA ALA A 125 29.55 40.92 28.93
C ALA A 125 28.32 40.40 29.67
N GLY A 126 28.40 40.42 31.01
CA GLY A 126 27.32 39.96 31.88
C GLY A 126 26.03 40.76 31.68
N CYS A 127 26.17 42.08 31.52
CA CYS A 127 25.02 42.97 31.34
C CYS A 127 24.28 42.64 30.06
N ILE A 128 25.03 42.43 28.97
CA ILE A 128 24.48 42.17 27.66
C ILE A 128 23.78 40.82 27.66
N LYS A 129 24.51 39.78 28.08
CA LYS A 129 24.01 38.41 28.11
C LYS A 129 22.70 38.33 28.90
N THR A 130 22.67 38.99 30.05
CA THR A 130 21.55 38.91 30.98
C THR A 130 20.33 39.64 30.40
N LEU A 131 20.54 40.86 29.89
CA LEU A 131 19.47 41.62 29.26
C LEU A 131 18.83 40.80 28.14
N ARG A 132 19.67 40.16 27.33
CA ARG A 132 19.24 39.39 26.17
C ARG A 132 18.51 38.12 26.63
N TYR A 133 18.98 37.53 27.74
CA TYR A 133 18.26 36.41 28.35
C TYR A 133 16.88 36.85 28.81
N CYS A 134 16.84 38.01 29.49
CA CYS A 134 15.60 38.53 30.06
C CYS A 134 14.62 38.93 28.97
N ALA A 135 15.15 39.42 27.83
CA ALA A 135 14.33 39.74 26.67
C ALA A 135 13.55 38.50 26.23
N GLY A 136 14.21 37.34 26.25
CA GLY A 136 13.63 36.09 25.80
C GLY A 136 12.39 35.68 26.59
N TRP A 137 12.43 35.88 27.91
CA TRP A 137 11.36 35.44 28.80
C TRP A 137 10.08 36.28 28.61
N ALA A 138 10.24 37.53 28.15
CA ALA A 138 9.16 38.50 28.08
C ALA A 138 7.84 37.85 27.64
N ASP A 139 7.86 37.18 26.47
CA ASP A 139 6.65 36.63 25.87
C ASP A 139 6.56 35.13 26.13
N LYS A 140 7.21 34.66 27.20
CA LYS A 140 7.20 33.26 27.59
C LYS A 140 6.83 33.10 29.06
N ILE A 141 6.35 34.19 29.69
CA ILE A 141 5.83 34.14 31.04
C ILE A 141 4.37 33.68 30.96
N GLN A 142 4.17 32.35 31.01
CA GLN A 142 2.85 31.75 30.80
C GLN A 142 2.20 31.40 32.13
N GLY A 143 0.88 31.56 32.20
CA GLY A 143 0.08 31.10 33.33
C GLY A 143 -0.33 29.65 33.14
N ARG A 144 -1.42 29.24 33.82
CA ARG A 144 -1.91 27.87 33.79
C ARG A 144 -3.42 27.87 33.58
N THR A 145 -3.94 26.73 33.13
CA THR A 145 -5.37 26.43 33.17
C THR A 145 -5.57 25.20 34.04
N ILE A 146 -6.29 25.38 35.16
CA ILE A 146 -6.44 24.34 36.16
C ILE A 146 -7.67 23.50 35.86
N PRO A 147 -7.59 22.14 35.92
CA PRO A 147 -8.77 21.28 35.85
C PRO A 147 -9.45 21.19 37.21
N ILE A 148 -10.13 22.27 37.60
CA ILE A 148 -10.67 22.44 38.94
C ILE A 148 -11.90 21.55 39.10
N ASP A 149 -12.25 21.25 40.35
CA ASP A 149 -13.46 20.51 40.68
C ASP A 149 -14.67 21.40 40.40
N GLY A 150 -15.77 20.78 39.98
CA GLY A 150 -17.01 21.49 39.68
C GLY A 150 -17.07 21.94 38.23
N ASN A 151 -18.23 22.48 37.84
CA ASN A 151 -18.45 22.99 36.49
C ASN A 151 -17.91 24.42 36.41
N PHE A 152 -16.59 24.53 36.32
CA PHE A 152 -15.91 25.81 36.27
C PHE A 152 -14.74 25.73 35.29
N PHE A 153 -14.38 26.89 34.72
CA PHE A 153 -13.19 27.04 33.89
C PHE A 153 -12.22 27.99 34.58
N THR A 154 -11.14 27.44 35.12
CA THR A 154 -10.18 28.22 35.88
C THR A 154 -8.91 28.41 35.07
N TYR A 155 -8.34 29.62 35.16
CA TYR A 155 -7.08 29.96 34.52
C TYR A 155 -6.38 31.02 35.36
N THR A 156 -5.04 31.07 35.25
CA THR A 156 -4.25 32.03 36.01
C THR A 156 -3.48 32.93 35.05
N ARG A 157 -3.30 34.19 35.47
CA ARG A 157 -2.49 35.17 34.75
C ARG A 157 -1.29 35.52 35.61
N HIS A 158 -0.08 35.34 35.06
CA HIS A 158 1.14 35.77 35.72
C HIS A 158 1.40 37.23 35.35
N GLU A 159 0.63 38.12 35.99
CA GLU A 159 0.71 39.55 35.76
C GLU A 159 1.98 40.12 36.40
N PRO A 160 2.42 41.34 36.02
CA PRO A 160 3.41 42.08 36.79
C PRO A 160 2.82 42.56 38.12
N ILE A 161 3.72 42.81 39.09
CA ILE A 161 3.32 43.24 40.42
C ILE A 161 2.94 44.71 40.37
N GLY A 162 3.87 45.55 39.86
CA GLY A 162 3.63 46.97 39.72
C GLY A 162 4.92 47.77 39.90
N VAL A 163 4.88 48.76 40.79
CA VAL A 163 6.04 49.59 41.10
C VAL A 163 6.98 48.77 41.98
N CYS A 164 8.22 48.59 41.50
CA CYS A 164 9.23 47.81 42.21
C CYS A 164 10.41 48.72 42.57
N GLY A 165 10.57 48.98 43.87
CA GLY A 165 11.75 49.66 44.38
C GLY A 165 12.96 48.73 44.37
N GLN A 166 14.09 49.20 43.82
CA GLN A 166 15.24 48.36 43.58
C GLN A 166 16.51 49.05 44.07
N ILE A 167 17.18 48.42 45.04
CA ILE A 167 18.34 49.00 45.71
C ILE A 167 19.56 48.11 45.42
N ILE A 168 20.62 48.73 44.89
CA ILE A 168 21.79 48.02 44.41
C ILE A 168 23.01 48.45 45.24
N PRO A 169 24.05 47.58 45.37
CA PRO A 169 25.30 47.95 46.02
C PRO A 169 26.32 48.56 45.06
N TRP A 170 27.60 48.57 45.48
CA TRP A 170 28.67 49.28 44.78
C TRP A 170 29.66 48.31 44.14
N ASN A 171 29.55 47.01 44.46
CA ASN A 171 30.58 46.04 44.10
C ASN A 171 30.50 45.73 42.60
N PHE A 172 29.29 45.52 42.08
CA PHE A 172 29.08 45.32 40.65
C PHE A 172 27.90 46.18 40.18
N PRO A 173 28.05 47.53 40.20
CA PRO A 173 26.92 48.45 39.98
C PRO A 173 26.11 48.22 38.70
N LEU A 174 26.80 47.84 37.62
CA LEU A 174 26.16 47.59 36.34
C LEU A 174 25.42 46.26 36.37
N VAL A 175 26.15 45.18 36.68
CA VAL A 175 25.62 43.84 36.63
C VAL A 175 24.41 43.74 37.56
N MET A 176 24.54 44.33 38.76
CA MET A 176 23.50 44.29 39.79
C MET A 176 22.26 45.01 39.30
N LEU A 177 22.44 46.08 38.52
CA LEU A 177 21.35 46.86 37.96
C LEU A 177 20.54 46.02 36.97
N ILE A 178 21.24 45.35 36.05
CA ILE A 178 20.60 44.56 35.01
C ILE A 178 19.84 43.39 35.65
N TRP A 179 20.38 42.84 36.74
CA TRP A 179 19.75 41.74 37.46
C TRP A 179 18.41 42.17 38.06
N LYS A 180 18.27 43.48 38.32
CA LYS A 180 17.03 44.04 38.84
C LYS A 180 16.06 44.33 37.68
N ILE A 181 16.47 45.24 36.80
CA ILE A 181 15.58 45.79 35.79
C ILE A 181 15.24 44.72 34.75
N GLY A 182 16.24 43.90 34.38
CA GLY A 182 16.07 42.91 33.33
C GLY A 182 14.84 42.03 33.56
N PRO A 183 14.80 41.23 34.65
CA PRO A 183 13.62 40.42 34.98
C PRO A 183 12.36 41.25 35.21
N ALA A 184 12.50 42.36 35.94
CA ALA A 184 11.37 43.20 36.32
C ALA A 184 10.64 43.73 35.09
N LEU A 185 11.39 44.34 34.17
CA LEU A 185 10.84 44.94 32.97
C LEU A 185 10.29 43.87 32.04
N SER A 186 10.96 42.71 31.99
CA SER A 186 10.53 41.60 31.16
C SER A 186 9.11 41.16 31.54
N CYS A 187 8.83 41.17 32.85
CA CYS A 187 7.54 40.75 33.37
C CYS A 187 6.49 41.86 33.25
N GLY A 188 6.93 43.09 32.97
CA GLY A 188 6.04 44.20 32.70
C GLY A 188 5.85 45.12 33.91
N ASN A 189 6.83 45.12 34.83
CA ASN A 189 6.82 45.97 36.00
C ASN A 189 7.46 47.31 35.67
N THR A 190 7.11 48.33 36.46
CA THR A 190 7.82 49.61 36.46
C THR A 190 8.73 49.66 37.69
N VAL A 191 9.89 50.29 37.55
CA VAL A 191 10.94 50.20 38.56
C VAL A 191 11.34 51.59 39.03
N VAL A 192 11.67 51.69 40.32
CA VAL A 192 12.30 52.86 40.90
C VAL A 192 13.64 52.40 41.48
N VAL A 193 14.71 52.61 40.72
CA VAL A 193 16.03 52.12 41.08
C VAL A 193 16.76 53.19 41.90
N LYS A 194 17.32 52.77 43.04
CA LYS A 194 18.24 53.60 43.80
C LYS A 194 19.63 52.97 43.74
N PRO A 195 20.57 53.55 42.96
CA PRO A 195 21.95 53.06 42.95
C PRO A 195 22.71 53.48 44.19
N ALA A 196 23.87 52.85 44.41
CA ALA A 196 24.69 53.13 45.58
C ALA A 196 25.16 54.58 45.56
N GLU A 197 25.43 55.12 46.76
CA GLU A 197 25.93 56.49 46.90
C GLU A 197 27.36 56.58 46.38
N GLN A 198 28.07 55.45 46.32
CA GLN A 198 29.42 55.42 45.82
C GLN A 198 29.45 55.36 44.30
N THR A 199 28.52 54.58 43.70
CA THR A 199 28.62 54.19 42.30
C THR A 199 27.33 54.46 41.53
N PRO A 200 26.86 55.73 41.44
CA PRO A 200 25.66 56.06 40.67
C PRO A 200 25.87 56.27 39.17
N LEU A 201 27.11 56.58 38.78
CA LEU A 201 27.41 57.12 37.46
C LEU A 201 27.02 56.13 36.37
N THR A 202 27.51 54.89 36.50
CA THR A 202 27.28 53.84 35.51
C THR A 202 25.79 53.68 35.22
N ALA A 203 24.99 53.65 36.29
CA ALA A 203 23.56 53.45 36.19
C ALA A 203 22.88 54.59 35.44
N LEU A 204 23.36 55.82 35.65
CA LEU A 204 22.76 57.00 35.07
C LEU A 204 22.99 57.02 33.56
N HIS A 205 24.15 56.55 33.10
CA HIS A 205 24.43 56.45 31.68
C HIS A 205 23.43 55.50 31.02
N VAL A 206 23.16 54.37 31.69
CA VAL A 206 22.23 53.38 31.18
C VAL A 206 20.83 53.99 31.08
N ALA A 207 20.51 54.89 32.00
CA ALA A 207 19.24 55.61 31.98
C ALA A 207 19.05 56.36 30.66
N SER A 208 20.14 56.94 30.13
CA SER A 208 20.11 57.62 28.86
C SER A 208 19.80 56.64 27.73
N LEU A 209 20.37 55.43 27.84
CA LEU A 209 20.19 54.38 26.84
C LEU A 209 18.77 53.84 26.90
N ILE A 210 18.16 53.87 28.09
CA ILE A 210 16.78 53.41 28.28
C ILE A 210 15.83 54.38 27.58
N LYS A 211 16.13 55.67 27.63
CA LYS A 211 15.36 56.67 26.89
C LYS A 211 15.55 56.44 25.40
N GLU A 212 16.81 56.30 24.98
CA GLU A 212 17.17 56.14 23.58
C GLU A 212 16.54 54.89 22.98
N ALA A 213 16.45 53.82 23.78
CA ALA A 213 15.87 52.56 23.36
C ALA A 213 14.36 52.71 23.13
N GLY A 214 13.75 53.70 23.78
CA GLY A 214 12.36 54.05 23.54
C GLY A 214 11.41 53.39 24.54
N PHE A 215 11.90 53.17 25.77
CA PHE A 215 11.04 52.73 26.87
C PHE A 215 10.06 53.85 27.20
N PRO A 216 8.74 53.56 27.36
CA PRO A 216 7.78 54.57 27.78
C PRO A 216 8.26 55.33 29.01
N PRO A 217 8.07 56.67 29.08
CA PRO A 217 8.42 57.44 30.27
C PRO A 217 7.79 56.90 31.54
N GLY A 218 8.62 56.73 32.59
CA GLY A 218 8.14 56.32 33.90
C GLY A 218 8.38 54.84 34.19
N VAL A 219 8.64 54.06 33.13
CA VAL A 219 8.89 52.62 33.28
C VAL A 219 10.13 52.42 34.13
N VAL A 220 11.23 53.05 33.74
CA VAL A 220 12.46 53.05 34.52
C VAL A 220 12.70 54.45 35.07
N ASN A 221 12.92 54.51 36.39
CA ASN A 221 13.28 55.73 37.08
C ASN A 221 14.49 55.44 37.97
N ILE A 222 15.42 56.39 38.06
CA ILE A 222 16.63 56.22 38.83
C ILE A 222 16.82 57.44 39.73
N VAL A 223 16.98 57.18 41.04
CA VAL A 223 17.09 58.23 42.04
C VAL A 223 18.37 58.01 42.85
N PRO A 224 19.53 58.55 42.40
CA PRO A 224 20.76 58.43 43.18
C PRO A 224 20.67 59.22 44.48
N GLY A 225 21.20 58.63 45.56
CA GLY A 225 21.13 59.23 46.88
C GLY A 225 21.76 58.33 47.93
N TYR A 226 21.63 58.72 49.20
CA TYR A 226 22.18 57.95 50.31
C TYR A 226 21.16 56.89 50.75
N GLY A 227 21.67 55.88 51.48
CA GLY A 227 20.88 54.74 51.89
C GLY A 227 19.77 55.10 52.87
N PRO A 228 20.12 55.63 54.08
CA PRO A 228 19.12 55.99 55.09
C PRO A 228 18.05 56.99 54.64
N THR A 229 18.37 57.78 53.60
CA THR A 229 17.47 58.80 53.09
C THR A 229 16.59 58.21 51.99
N ALA A 230 17.18 57.96 50.82
CA ALA A 230 16.44 57.52 49.64
C ALA A 230 16.00 56.06 49.80
N GLY A 231 16.93 55.21 50.28
CA GLY A 231 16.68 53.80 50.44
C GLY A 231 15.54 53.51 51.42
N ALA A 232 15.52 54.26 52.53
CA ALA A 232 14.48 54.12 53.54
C ALA A 232 13.14 54.59 52.99
N ALA A 233 13.18 55.63 52.15
CA ALA A 233 11.98 56.17 51.52
C ALA A 233 11.31 55.10 50.66
N ILE A 234 12.14 54.29 49.97
CA ILE A 234 11.66 53.22 49.11
C ILE A 234 11.07 52.09 49.96
N SER A 235 11.81 51.70 51.00
CA SER A 235 11.45 50.53 51.80
C SER A 235 10.12 50.73 52.53
N SER A 236 9.78 52.00 52.81
CA SER A 236 8.61 52.31 53.63
C SER A 236 7.52 53.00 52.81
N HIS A 237 7.69 53.09 51.48
CA HIS A 237 6.76 53.82 50.63
C HIS A 237 5.46 53.03 50.51
N MET A 238 4.33 53.77 50.45
CA MET A 238 3.00 53.19 50.60
C MET A 238 2.39 52.84 49.25
N ASP A 239 3.08 53.19 48.15
CA ASP A 239 2.60 52.91 46.81
C ASP A 239 3.62 52.07 46.04
N ILE A 240 4.63 51.56 46.75
CA ILE A 240 5.58 50.62 46.17
C ILE A 240 5.15 49.21 46.54
N ASP A 241 4.96 48.35 45.52
CA ASP A 241 4.39 47.03 45.70
C ASP A 241 5.47 46.05 46.13
N LYS A 242 6.69 46.23 45.62
CA LYS A 242 7.80 45.33 45.89
C LYS A 242 9.07 46.13 46.14
N VAL A 243 9.97 45.56 46.96
CA VAL A 243 11.32 46.08 47.11
C VAL A 243 12.31 44.96 46.81
N ALA A 244 13.37 45.29 46.08
CA ALA A 244 14.44 44.35 45.76
C ALA A 244 15.77 44.93 46.25
N PHE A 245 16.40 44.23 47.21
CA PHE A 245 17.57 44.74 47.89
C PHE A 245 18.76 43.80 47.66
N THR A 246 19.96 44.38 47.66
CA THR A 246 21.21 43.63 47.61
C THR A 246 22.27 44.42 48.38
N GLY A 247 22.65 43.93 49.56
CA GLY A 247 23.62 44.60 50.40
C GLY A 247 23.87 43.87 51.72
N SER A 248 24.25 44.62 52.75
CA SER A 248 24.55 44.06 54.05
C SER A 248 23.30 43.42 54.66
N THR A 249 23.52 42.37 55.47
CA THR A 249 22.46 41.71 56.21
C THR A 249 21.84 42.69 57.21
N GLU A 250 22.70 43.53 57.79
CA GLU A 250 22.29 44.56 58.73
C GLU A 250 21.09 45.33 58.19
N VAL A 251 21.20 45.80 56.94
CA VAL A 251 20.20 46.68 56.34
C VAL A 251 19.01 45.86 55.84
N GLY A 252 19.28 44.66 55.31
CA GLY A 252 18.22 43.75 54.88
C GLY A 252 17.12 43.60 55.92
N LYS A 253 17.52 43.60 57.20
CA LYS A 253 16.59 43.44 58.32
C LYS A 253 15.75 44.71 58.51
N LEU A 254 16.32 45.87 58.13
CA LEU A 254 15.62 47.14 58.21
C LEU A 254 14.64 47.26 57.03
N ILE A 255 15.02 46.70 55.88
CA ILE A 255 14.20 46.74 54.68
C ILE A 255 12.93 45.93 54.91
N LYS A 256 13.08 44.71 55.45
CA LYS A 256 11.97 43.83 55.70
C LYS A 256 11.08 44.39 56.81
N GLU A 257 11.72 45.02 57.81
CA GLU A 257 11.03 45.61 58.94
C GLU A 257 10.19 46.80 58.46
N ALA A 258 10.80 47.66 57.63
CA ALA A 258 10.13 48.85 57.11
C ALA A 258 9.01 48.46 56.14
N ALA A 259 9.15 47.30 55.50
CA ALA A 259 8.14 46.77 54.60
C ALA A 259 6.92 46.29 55.39
N GLY A 260 7.16 45.77 56.60
CA GLY A 260 6.10 45.33 57.48
C GLY A 260 5.24 46.49 57.98
N LYS A 261 5.89 47.60 58.36
CA LYS A 261 5.21 48.75 58.93
C LYS A 261 4.45 49.53 57.86
N SER A 262 4.94 49.48 56.60
CA SER A 262 4.36 50.27 55.53
C SER A 262 3.13 49.56 54.94
N ASN A 263 3.33 48.81 53.85
CA ASN A 263 2.23 48.29 53.05
C ASN A 263 2.45 46.83 52.68
N LEU A 264 3.19 46.10 53.53
CA LEU A 264 3.43 44.68 53.35
C LEU A 264 3.92 44.39 51.93
N LYS A 265 4.81 45.25 51.41
CA LYS A 265 5.35 45.12 50.08
C LYS A 265 6.19 43.83 50.01
N ARG A 266 6.30 43.27 48.80
CA ARG A 266 7.05 42.04 48.59
C ARG A 266 8.53 42.35 48.70
N VAL A 267 9.33 41.33 49.08
CA VAL A 267 10.72 41.52 49.42
C VAL A 267 11.56 40.42 48.79
N THR A 268 12.68 40.82 48.16
CA THR A 268 13.73 39.88 47.75
C THR A 268 15.08 40.44 48.20
N LEU A 269 15.73 39.72 49.12
CA LEU A 269 17.02 40.11 49.64
C LEU A 269 18.10 39.27 48.99
N GLU A 270 19.28 39.87 48.78
CA GLU A 270 20.45 39.18 48.27
C GLU A 270 21.65 39.65 49.08
N LEU A 271 21.80 39.06 50.27
CA LEU A 271 22.73 39.54 51.28
C LEU A 271 24.08 38.86 51.10
N GLY A 272 25.04 39.25 51.94
CA GLY A 272 26.37 38.65 51.92
C GLY A 272 26.38 37.25 52.51
N GLY A 273 27.56 36.61 52.48
CA GLY A 273 27.73 35.26 52.98
C GLY A 273 29.15 34.98 53.44
N LYS A 274 29.31 33.91 54.23
CA LYS A 274 30.60 33.38 54.61
C LYS A 274 30.78 32.04 53.91
N SER A 275 30.72 32.08 52.57
CA SER A 275 30.59 30.91 51.74
C SER A 275 31.80 29.99 51.88
N PRO A 276 31.63 28.72 52.35
CA PRO A 276 32.75 27.81 52.56
C PRO A 276 33.13 26.98 51.34
N CYS A 277 34.37 26.46 51.36
CA CYS A 277 34.85 25.51 50.36
C CYS A 277 35.37 24.25 51.05
N ILE A 278 35.03 23.09 50.48
CA ILE A 278 35.48 21.82 51.01
C ILE A 278 36.31 21.11 49.93
N VAL A 279 37.57 20.86 50.24
CA VAL A 279 38.52 20.27 49.31
C VAL A 279 38.96 18.90 49.85
N LEU A 280 38.44 17.83 49.25
CA LEU A 280 38.75 16.48 49.68
C LEU A 280 40.10 16.06 49.10
N ALA A 281 40.63 14.94 49.62
CA ALA A 281 41.92 14.41 49.21
C ALA A 281 41.96 14.19 47.70
N ASP A 282 40.92 13.51 47.20
CA ASP A 282 40.83 13.17 45.78
C ASP A 282 40.32 14.38 45.00
N ALA A 283 41.22 15.35 44.76
CA ALA A 283 40.86 16.58 44.08
C ALA A 283 42.03 17.08 43.25
N ASP A 284 41.73 17.67 42.09
CA ASP A 284 42.72 18.35 41.29
C ASP A 284 43.13 19.62 42.04
N LEU A 285 44.26 19.53 42.76
CA LEU A 285 44.64 20.55 43.72
C LEU A 285 44.78 21.91 43.02
N ASP A 286 45.42 21.91 41.85
CA ASP A 286 45.62 23.13 41.07
C ASP A 286 44.26 23.75 40.75
N ASN A 287 43.31 22.90 40.34
CA ASN A 287 41.95 23.35 40.05
C ASN A 287 41.34 23.97 41.31
N ALA A 288 41.44 23.26 42.43
CA ALA A 288 40.86 23.70 43.70
C ALA A 288 41.52 24.98 44.18
N VAL A 289 42.86 25.02 44.13
CA VAL A 289 43.63 26.15 44.61
C VAL A 289 43.30 27.39 43.79
N GLU A 290 43.18 27.22 42.46
CA GLU A 290 43.00 28.33 41.54
C GLU A 290 41.59 28.92 41.69
N PHE A 291 40.58 28.04 41.79
CA PHE A 291 39.20 28.47 41.89
C PHE A 291 38.90 29.04 43.28
N ALA A 292 39.48 28.42 44.32
CA ALA A 292 39.32 28.90 45.69
C ALA A 292 39.98 30.26 45.84
N HIS A 293 41.15 30.43 45.19
CA HIS A 293 41.86 31.69 45.17
C HIS A 293 41.01 32.75 44.46
N HIS A 294 40.57 32.45 43.23
CA HIS A 294 39.73 33.34 42.46
C HIS A 294 38.47 33.68 43.25
N GLY A 295 37.88 32.67 43.90
CA GLY A 295 36.65 32.84 44.66
C GLY A 295 36.74 33.93 45.71
N VAL A 296 37.85 33.96 46.45
CA VAL A 296 37.98 34.82 47.64
C VAL A 296 38.62 36.15 47.27
N PHE A 297 39.41 36.20 46.17
CA PHE A 297 40.22 37.36 45.85
C PHE A 297 39.69 38.12 44.63
N TYR A 298 38.52 37.73 44.09
CA TYR A 298 37.98 38.38 42.91
C TYR A 298 37.44 39.76 43.29
N HIS A 299 37.81 40.78 42.51
CA HIS A 299 37.42 42.16 42.76
C HIS A 299 37.73 42.54 44.20
N GLN A 300 39.00 42.31 44.60
CA GLN A 300 39.48 42.62 45.94
C GLN A 300 38.62 41.94 47.00
N GLY A 301 38.13 40.73 46.69
CA GLY A 301 37.29 39.96 47.58
C GLY A 301 36.02 40.69 48.02
N GLN A 302 35.48 41.54 47.13
CA GLN A 302 34.28 42.31 47.41
C GLN A 302 33.09 41.66 46.70
N CYS A 303 32.99 40.33 46.85
CA CYS A 303 31.89 39.56 46.27
C CYS A 303 31.06 38.98 47.42
N CYS A 304 29.74 38.92 47.21
CA CYS A 304 28.84 38.25 48.14
C CYS A 304 29.19 36.77 48.21
N ILE A 305 29.59 36.21 47.05
CA ILE A 305 30.02 34.83 46.94
C ILE A 305 31.54 34.77 47.05
N ALA A 306 32.07 35.08 48.25
CA ALA A 306 33.49 35.00 48.51
C ALA A 306 33.79 33.70 49.24
N ALA A 307 34.85 33.00 48.80
CA ALA A 307 35.26 31.73 49.40
C ALA A 307 36.03 32.01 50.70
N SER A 308 35.29 32.43 51.73
CA SER A 308 35.89 32.89 52.97
C SER A 308 36.59 31.74 53.68
N ARG A 309 35.80 30.72 54.07
CA ARG A 309 36.31 29.56 54.78
C ARG A 309 36.66 28.48 53.76
N ILE A 310 37.90 27.99 53.79
CA ILE A 310 38.35 26.97 52.86
C ILE A 310 38.86 25.76 53.67
N PHE A 311 37.99 24.75 53.77
CA PHE A 311 38.29 23.53 54.50
C PHE A 311 39.04 22.57 53.57
N VAL A 312 40.11 21.95 54.09
CA VAL A 312 40.98 21.07 53.31
C VAL A 312 41.30 19.84 54.14
N GLU A 313 41.33 18.67 53.48
CA GLU A 313 41.75 17.42 54.10
C GLU A 313 43.15 17.60 54.68
N GLU A 314 43.43 16.87 55.76
CA GLU A 314 44.72 16.96 56.45
C GLU A 314 45.87 16.65 55.49
N SER A 315 45.72 15.56 54.75
CA SER A 315 46.76 15.04 53.87
C SER A 315 47.31 16.10 52.92
N ILE A 316 46.43 16.99 52.42
CA ILE A 316 46.79 17.94 51.39
C ILE A 316 46.68 19.37 51.91
N TYR A 317 46.61 19.54 53.24
CA TYR A 317 46.40 20.85 53.85
C TYR A 317 47.61 21.74 53.60
N ASP A 318 48.79 21.25 53.98
CA ASP A 318 50.03 22.02 53.92
C ASP A 318 50.35 22.40 52.49
N GLU A 319 50.15 21.45 51.56
CA GLU A 319 50.43 21.67 50.15
C GLU A 319 49.50 22.75 49.60
N PHE A 320 48.23 22.73 50.02
CA PHE A 320 47.24 23.69 49.56
C PHE A 320 47.62 25.10 50.04
N VAL A 321 47.99 25.20 51.33
CA VAL A 321 48.38 26.48 51.92
C VAL A 321 49.59 27.03 51.18
N ARG A 322 50.54 26.14 50.84
CA ARG A 322 51.77 26.53 50.18
C ARG A 322 51.46 27.21 48.85
N ARG A 323 50.59 26.59 48.05
CA ARG A 323 50.29 27.05 46.70
C ARG A 323 49.40 28.29 46.74
N SER A 324 48.53 28.39 47.75
CA SER A 324 47.60 29.50 47.88
C SER A 324 48.35 30.80 48.18
N VAL A 325 49.49 30.69 48.88
CA VAL A 325 50.27 31.85 49.29
C VAL A 325 51.05 32.38 48.10
N GLU A 326 51.79 31.50 47.41
CA GLU A 326 52.63 31.91 46.29
C GLU A 326 51.79 32.56 45.19
N ARG A 327 50.54 32.10 45.05
CA ARG A 327 49.61 32.66 44.08
C ARG A 327 49.22 34.08 44.51
N ALA A 328 49.05 34.29 45.83
CA ALA A 328 48.54 35.54 46.37
C ALA A 328 49.60 36.63 46.39
N LYS A 329 50.88 36.24 46.31
CA LYS A 329 51.98 37.19 46.34
C LYS A 329 52.23 37.79 44.95
N LYS A 330 51.63 37.17 43.92
CA LYS A 330 51.81 37.62 42.54
C LYS A 330 50.72 38.62 42.16
N TYR A 331 50.55 39.67 42.98
CA TYR A 331 49.57 40.71 42.70
C TYR A 331 50.27 42.08 42.70
N ILE A 332 49.82 42.94 41.79
CA ILE A 332 50.39 44.26 41.60
C ILE A 332 49.28 45.29 41.88
N LEU A 333 49.36 45.95 43.04
CA LEU A 333 48.34 46.89 43.46
C LEU A 333 48.61 48.26 42.83
N GLY A 334 47.55 48.88 42.31
CA GLY A 334 47.65 50.19 41.68
C GLY A 334 46.33 50.59 41.02
N ASN A 335 46.41 51.59 40.12
CA ASN A 335 45.24 52.10 39.43
C ASN A 335 44.68 51.00 38.53
N PRO A 336 43.36 50.69 38.59
CA PRO A 336 42.78 49.64 37.76
C PRO A 336 42.78 49.94 36.25
N LEU A 337 42.93 51.21 35.88
CA LEU A 337 43.04 51.61 34.48
C LEU A 337 44.47 51.39 33.97
N THR A 338 45.43 51.31 34.89
CA THR A 338 46.82 51.08 34.53
C THR A 338 46.99 49.65 34.02
N PRO A 339 47.58 49.45 32.80
CA PRO A 339 47.89 48.11 32.32
C PRO A 339 49.00 47.44 33.13
N GLY A 340 48.72 46.21 33.57
CA GLY A 340 49.67 45.44 34.37
C GLY A 340 49.24 45.32 35.83
N VAL A 341 48.31 46.19 36.26
CA VAL A 341 47.77 46.16 37.60
C VAL A 341 46.80 44.97 37.71
N THR A 342 47.04 44.10 38.70
CA THR A 342 46.31 42.86 38.84
C THR A 342 45.35 42.91 40.04
N GLN A 343 45.50 43.92 40.92
CA GLN A 343 44.57 44.14 42.01
C GLN A 343 44.30 45.63 42.17
N GLY A 344 43.04 45.97 42.52
CA GLY A 344 42.61 47.35 42.65
C GLY A 344 42.37 47.75 44.11
N PRO A 345 41.70 48.90 44.34
CA PRO A 345 41.37 49.36 45.70
C PRO A 345 40.00 48.94 46.21
N GLN A 346 39.80 49.12 47.52
CA GLN A 346 38.50 48.97 48.14
C GLN A 346 37.67 50.21 47.80
N ILE A 347 36.34 50.12 47.96
CA ILE A 347 35.43 51.12 47.44
C ILE A 347 35.60 52.44 48.19
N ASP A 348 35.70 52.39 49.53
CA ASP A 348 35.75 53.60 50.34
C ASP A 348 36.54 53.30 51.62
N LYS A 349 36.63 54.30 52.50
CA LYS A 349 37.41 54.22 53.72
C LYS A 349 36.71 53.32 54.74
N GLU A 350 35.38 53.18 54.61
CA GLU A 350 34.59 52.40 55.54
C GLU A 350 35.01 50.93 55.47
N GLN A 351 35.03 50.38 54.25
CA GLN A 351 35.42 48.99 54.02
C GLN A 351 36.90 48.81 54.37
N TYR A 352 37.72 49.74 53.89
CA TYR A 352 39.16 49.75 54.12
C TYR A 352 39.46 49.51 55.61
N ASP A 353 38.83 50.32 56.47
CA ASP A 353 39.06 50.24 57.90
C ASP A 353 38.52 48.93 58.47
N LYS A 354 37.36 48.49 57.95
CA LYS A 354 36.71 47.27 58.43
C LYS A 354 37.58 46.05 58.14
N ILE A 355 38.16 46.01 56.93
CA ILE A 355 38.95 44.88 56.47
C ILE A 355 40.23 44.80 57.32
N LEU A 356 40.88 45.96 57.53
CA LEU A 356 42.09 46.03 58.34
C LEU A 356 41.79 45.61 59.79
N ASP A 357 40.59 45.97 60.27
CA ASP A 357 40.18 45.64 61.63
C ASP A 357 40.10 44.12 61.81
N LEU A 358 39.54 43.43 60.81
CA LEU A 358 39.37 41.98 60.89
C LEU A 358 40.70 41.27 60.69
N ILE A 359 41.61 41.89 59.92
CA ILE A 359 42.94 41.34 59.72
C ILE A 359 43.70 41.35 61.05
N GLU A 360 43.51 42.41 61.85
CA GLU A 360 44.14 42.52 63.15
C GLU A 360 43.62 41.43 64.09
N SER A 361 42.30 41.16 64.04
CA SER A 361 41.69 40.15 64.88
C SER A 361 42.26 38.77 64.56
N GLY A 362 42.57 38.54 63.28
CA GLY A 362 43.19 37.29 62.85
C GLY A 362 44.53 37.03 63.55
N LYS A 363 45.31 38.11 63.73
CA LYS A 363 46.59 38.03 64.41
C LYS A 363 46.37 37.92 65.92
N LYS A 364 45.50 38.78 66.44
CA LYS A 364 45.22 38.88 67.88
C LYS A 364 44.64 37.56 68.40
N GLU A 365 43.74 36.93 67.62
CA GLU A 365 43.11 35.68 68.02
C GLU A 365 44.03 34.50 67.69
N GLY A 366 45.14 34.76 67.00
CA GLY A 366 46.25 33.82 66.89
C GLY A 366 46.12 32.89 65.69
N ALA A 367 45.69 33.43 64.55
CA ALA A 367 45.75 32.73 63.29
C ALA A 367 47.08 33.03 62.62
N LYS A 368 47.63 32.04 61.90
CA LYS A 368 48.94 32.18 61.28
C LYS A 368 48.83 33.02 60.01
N LEU A 369 49.49 34.19 60.03
CA LEU A 369 49.58 35.05 58.86
C LEU A 369 50.62 34.48 57.90
N GLU A 370 50.17 34.02 56.73
CA GLU A 370 51.04 33.39 55.75
C GLU A 370 51.65 34.43 54.83
N CYS A 371 50.85 35.43 54.44
CA CYS A 371 51.34 36.55 53.66
C CYS A 371 50.40 37.74 53.83
N GLY A 372 50.82 38.90 53.29
CA GLY A 372 50.04 40.12 53.38
C GLY A 372 49.84 40.58 54.82
N GLY A 373 48.62 41.02 55.14
CA GLY A 373 48.25 41.37 56.50
C GLY A 373 48.61 42.82 56.84
N GLY A 374 48.17 43.76 55.99
CA GLY A 374 48.43 45.17 56.21
C GLY A 374 48.01 46.01 55.01
N PRO A 375 48.00 47.36 55.13
CA PRO A 375 47.64 48.24 54.02
C PRO A 375 48.76 48.40 53.00
N TRP A 376 48.47 49.12 51.92
CA TRP A 376 49.45 49.38 50.86
C TRP A 376 49.21 50.78 50.30
N GLY A 377 50.31 51.52 50.07
CA GLY A 377 50.26 52.79 49.36
C GLY A 377 49.90 53.95 50.29
N ASN A 378 50.26 55.16 49.84
CA ASN A 378 49.91 56.40 50.52
C ASN A 378 48.52 56.85 50.08
N LYS A 379 48.29 56.76 48.76
CA LYS A 379 47.03 57.16 48.15
C LYS A 379 46.24 55.91 47.75
N GLY A 380 44.91 56.03 47.82
CA GLY A 380 44.00 54.94 47.49
C GLY A 380 43.77 54.04 48.70
N TYR A 381 42.64 53.31 48.68
CA TYR A 381 42.30 52.38 49.74
C TYR A 381 42.68 50.96 49.30
N PHE A 382 43.99 50.68 49.38
CA PHE A 382 44.55 49.41 48.94
C PHE A 382 44.88 48.55 50.14
N VAL A 383 44.46 47.28 50.11
CA VAL A 383 44.80 46.31 51.14
C VAL A 383 45.63 45.20 50.49
N GLN A 384 46.70 44.78 51.19
CA GLN A 384 47.57 43.73 50.71
C GLN A 384 46.79 42.42 50.65
N PRO A 385 46.99 41.57 49.63
CA PRO A 385 46.36 40.25 49.60
C PRO A 385 46.85 39.40 50.76
N THR A 386 45.95 39.13 51.71
CA THR A 386 46.29 38.48 52.96
C THR A 386 45.83 37.03 52.94
N VAL A 387 46.60 36.16 53.60
CA VAL A 387 46.27 34.75 53.72
C VAL A 387 46.50 34.31 55.17
N PHE A 388 45.46 33.74 55.78
CA PHE A 388 45.54 33.17 57.12
C PHE A 388 45.44 31.64 57.02
N SER A 389 46.20 30.96 57.88
CA SER A 389 46.13 29.51 58.00
C SER A 389 46.00 29.15 59.48
N ASN A 390 45.72 27.87 59.76
CA ASN A 390 45.49 27.37 61.11
C ASN A 390 44.36 28.19 61.74
N VAL A 391 43.29 28.39 60.98
CA VAL A 391 42.15 29.18 61.42
C VAL A 391 41.15 28.25 62.09
N THR A 392 40.56 28.72 63.20
CA THR A 392 39.58 27.96 63.96
C THR A 392 38.19 28.53 63.71
N ASP A 393 37.16 27.76 64.11
CA ASP A 393 35.78 28.07 63.80
C ASP A 393 35.30 29.29 64.60
N GLU A 394 35.88 29.50 65.80
CA GLU A 394 35.42 30.54 66.70
C GLU A 394 36.32 31.78 66.61
N MET A 395 36.83 32.05 65.40
CA MET A 395 37.58 33.27 65.13
C MET A 395 36.68 34.24 64.37
N ARG A 396 36.96 35.55 64.51
CA ARG A 396 36.18 36.59 63.86
C ARG A 396 36.30 36.47 62.34
N ILE A 397 37.49 36.09 61.87
CA ILE A 397 37.77 35.99 60.44
C ILE A 397 37.13 34.71 59.87
N ALA A 398 36.67 33.81 60.75
CA ALA A 398 36.02 32.58 60.32
C ALA A 398 34.52 32.65 60.57
N LYS A 399 34.00 33.86 60.81
CA LYS A 399 32.59 34.06 61.15
C LYS A 399 32.04 35.26 60.39
N GLU A 400 32.62 36.43 60.63
CA GLU A 400 32.15 37.68 60.04
C GLU A 400 32.61 37.76 58.58
N GLU A 401 31.74 38.34 57.73
CA GLU A 401 32.09 38.58 56.34
C GLU A 401 33.08 39.73 56.28
N ILE A 402 34.19 39.52 55.56
CA ILE A 402 35.30 40.46 55.51
C ILE A 402 35.05 41.47 54.39
N PHE A 403 34.74 40.94 53.19
CA PHE A 403 34.47 41.74 52.00
C PHE A 403 35.75 42.47 51.58
N GLY A 404 36.88 41.75 51.70
CA GLY A 404 38.20 42.25 51.32
C GLY A 404 39.10 41.10 50.89
N PRO A 405 40.33 41.39 50.40
CA PRO A 405 41.24 40.34 49.92
C PRO A 405 41.92 39.61 51.07
N VAL A 406 41.15 38.73 51.74
CA VAL A 406 41.65 37.95 52.86
C VAL A 406 41.13 36.52 52.71
N GLN A 407 42.05 35.55 52.76
CA GLN A 407 41.72 34.14 52.57
C GLN A 407 41.97 33.38 53.87
N GLN A 408 40.99 32.58 54.29
CA GLN A 408 41.13 31.73 55.47
C GLN A 408 41.17 30.27 55.03
N ILE A 409 42.24 29.57 55.41
CA ILE A 409 42.41 28.16 55.07
C ILE A 409 42.39 27.35 56.36
N MET A 410 41.55 26.31 56.36
CA MET A 410 41.22 25.54 57.55
C MET A 410 41.32 24.06 57.22
N LYS A 411 41.65 23.23 58.22
CA LYS A 411 41.87 21.81 58.00
C LYS A 411 40.71 21.02 58.59
N PHE A 412 40.42 19.86 57.97
CA PHE A 412 39.47 18.90 58.52
C PHE A 412 40.00 17.48 58.34
N LYS A 413 39.28 16.52 58.92
CA LYS A 413 39.61 15.10 58.80
C LYS A 413 38.33 14.30 58.58
N SER A 414 37.28 14.60 59.37
CA SER A 414 35.99 13.96 59.21
C SER A 414 35.15 14.75 58.21
N LEU A 415 34.59 14.03 57.22
CA LEU A 415 33.77 14.63 56.19
C LEU A 415 32.44 15.08 56.79
N ASP A 416 31.88 14.26 57.69
CA ASP A 416 30.59 14.54 58.31
C ASP A 416 30.67 15.81 59.14
N ASP A 417 31.80 16.00 59.82
CA ASP A 417 32.00 17.12 60.74
C ASP A 417 32.10 18.43 59.96
N VAL A 418 32.96 18.44 58.92
CA VAL A 418 33.25 19.66 58.17
C VAL A 418 31.99 20.19 57.50
N ILE A 419 31.09 19.28 57.10
CA ILE A 419 29.81 19.66 56.50
C ILE A 419 28.97 20.41 57.53
N LYS A 420 28.99 19.95 58.78
CA LYS A 420 28.23 20.57 59.85
C LYS A 420 28.88 21.88 60.26
N ARG A 421 30.21 21.95 60.16
CA ARG A 421 30.96 23.17 60.42
C ARG A 421 30.66 24.21 59.33
N ALA A 422 30.55 23.74 58.08
CA ALA A 422 30.26 24.60 56.95
C ALA A 422 28.84 25.16 57.07
N ASN A 423 27.90 24.32 57.51
CA ASN A 423 26.51 24.71 57.64
C ASN A 423 26.28 25.53 58.90
N ASN A 424 27.23 25.44 59.86
CA ASN A 424 27.11 26.15 61.12
C ASN A 424 27.39 27.63 60.90
N THR A 425 26.38 28.34 60.38
CA THR A 425 26.46 29.77 60.13
C THR A 425 25.08 30.28 59.71
N PHE A 426 24.77 31.53 60.07
CA PHE A 426 23.50 32.15 59.73
C PHE A 426 23.46 32.48 58.23
N TYR A 427 24.65 32.60 57.61
CA TYR A 427 24.78 32.81 56.18
C TYR A 427 24.58 31.47 55.45
N GLY A 428 24.51 31.55 54.12
CA GLY A 428 24.41 30.37 53.27
C GLY A 428 24.10 30.74 51.82
N LEU A 429 24.94 31.61 51.24
CA LEU A 429 24.71 32.13 49.90
C LEU A 429 25.26 31.16 48.87
N SER A 430 26.42 30.56 49.15
CA SER A 430 27.05 29.65 48.22
C SER A 430 28.03 28.73 48.96
N ALA A 431 28.62 27.79 48.19
CA ALA A 431 29.63 26.87 48.70
C ALA A 431 30.43 26.30 47.55
N GLY A 432 31.52 25.58 47.87
CA GLY A 432 32.38 24.96 46.87
C GLY A 432 32.81 23.57 47.29
N VAL A 433 32.65 22.59 46.39
CA VAL A 433 33.01 21.21 46.66
C VAL A 433 34.01 20.76 45.58
N PHE A 434 35.16 20.24 46.03
CA PHE A 434 36.23 19.85 45.13
C PHE A 434 36.61 18.39 45.38
N THR A 435 36.11 17.50 44.50
CA THR A 435 36.37 16.08 44.59
C THR A 435 36.12 15.43 43.23
N LYS A 436 36.72 14.26 43.02
CA LYS A 436 36.56 13.50 41.78
C LYS A 436 35.41 12.49 41.91
N ASP A 437 35.06 12.11 43.15
CA ASP A 437 34.06 11.08 43.38
C ASP A 437 32.67 11.68 43.21
N ILE A 438 31.81 10.98 42.46
CA ILE A 438 30.47 11.46 42.15
C ILE A 438 29.63 11.43 43.41
N ASP A 439 29.59 10.26 44.06
CA ASP A 439 28.79 10.04 45.26
C ASP A 439 29.06 11.17 46.25
N LYS A 440 30.35 11.47 46.48
CA LYS A 440 30.76 12.53 47.37
C LYS A 440 30.17 13.86 46.94
N ALA A 441 30.40 14.23 45.67
CA ALA A 441 30.00 15.52 45.15
C ALA A 441 28.51 15.75 45.34
N ILE A 442 27.70 14.76 44.93
CA ILE A 442 26.25 14.88 44.94
C ILE A 442 25.74 14.96 46.39
N THR A 443 26.24 14.06 47.24
CA THR A 443 25.78 13.97 48.62
C THR A 443 26.17 15.23 49.41
N ILE A 444 27.44 15.63 49.28
CA ILE A 444 27.96 16.79 50.01
C ILE A 444 27.16 18.02 49.58
N SER A 445 26.98 18.20 48.27
CA SER A 445 26.27 19.35 47.75
C SER A 445 24.81 19.36 48.23
N SER A 446 24.21 18.17 48.37
CA SER A 446 22.85 18.04 48.87
C SER A 446 22.77 18.41 50.35
N ALA A 447 23.85 18.13 51.10
CA ALA A 447 23.90 18.36 52.54
C ALA A 447 24.11 19.83 52.86
N LEU A 448 25.02 20.48 52.10
CA LEU A 448 25.37 21.87 52.30
C LEU A 448 24.12 22.75 52.16
N GLN A 449 24.00 23.74 53.05
CA GLN A 449 22.86 24.65 53.06
C GLN A 449 23.26 25.95 52.36
N ALA A 450 23.45 25.85 51.04
CA ALA A 450 23.87 26.98 50.23
C ALA A 450 22.94 27.13 49.03
N GLY A 451 22.76 28.39 48.59
CA GLY A 451 21.88 28.70 47.47
C GLY A 451 22.45 28.23 46.15
N THR A 452 23.78 28.31 46.00
CA THR A 452 24.47 27.84 44.82
C THR A 452 25.71 27.06 45.24
N VAL A 453 25.81 25.80 44.78
CA VAL A 453 26.93 24.94 45.13
C VAL A 453 27.71 24.62 43.86
N TRP A 454 29.02 24.95 43.88
CA TRP A 454 29.90 24.70 42.75
C TRP A 454 30.72 23.44 43.00
N VAL A 455 30.81 22.58 41.98
CA VAL A 455 31.57 21.34 42.08
C VAL A 455 32.78 21.43 41.15
N ASN A 456 33.98 21.38 41.74
CA ASN A 456 35.23 21.51 41.03
C ASN A 456 35.27 22.84 40.27
N CYS A 457 34.69 23.88 40.87
CA CYS A 457 34.74 25.24 40.34
C CYS A 457 34.22 26.20 41.42
N TYR A 458 34.21 27.50 41.11
CA TYR A 458 33.68 28.50 42.03
C TYR A 458 33.42 29.81 41.29
N GLY A 459 32.39 30.54 41.75
CA GLY A 459 32.05 31.85 41.21
C GLY A 459 31.54 31.78 39.77
N VAL A 460 30.89 30.67 39.40
CA VAL A 460 30.39 30.47 38.06
C VAL A 460 28.90 30.81 38.04
N VAL A 461 28.61 32.11 37.94
CA VAL A 461 27.24 32.60 37.86
C VAL A 461 26.95 32.96 36.41
N SER A 462 25.75 32.57 35.94
CA SER A 462 25.27 32.93 34.61
C SER A 462 23.81 33.37 34.71
N ALA A 463 23.28 33.87 33.58
CA ALA A 463 21.94 34.44 33.54
C ALA A 463 20.88 33.34 33.63
N GLN A 464 21.21 32.14 33.14
CA GLN A 464 20.25 31.07 32.99
C GLN A 464 19.98 30.40 34.34
N CYS A 465 20.99 30.39 35.23
CA CYS A 465 20.90 29.70 36.51
C CYS A 465 20.30 30.63 37.57
N PRO A 466 19.36 30.16 38.41
CA PRO A 466 18.82 30.97 39.51
C PRO A 466 19.77 31.07 40.69
N PHE A 467 20.01 32.32 41.12
CA PHE A 467 21.04 32.61 42.12
C PHE A 467 20.38 33.30 43.33
N GLY A 468 20.57 32.70 44.50
CA GLY A 468 20.08 33.24 45.76
C GLY A 468 20.82 32.64 46.95
N GLY A 469 20.15 32.61 48.12
CA GLY A 469 20.79 32.17 49.35
C GLY A 469 19.81 31.49 50.31
N PHE A 470 20.36 30.53 51.09
CA PHE A 470 19.66 29.94 52.22
C PHE A 470 19.81 30.84 53.44
N LYS A 471 18.86 30.72 54.38
CA LYS A 471 18.95 31.36 55.69
C LYS A 471 19.08 32.88 55.51
N MET A 472 20.07 33.49 56.18
CA MET A 472 20.18 34.95 56.23
C MET A 472 21.18 35.43 55.17
N SER A 473 21.14 34.81 53.98
CA SER A 473 21.93 35.25 52.84
C SER A 473 21.02 35.68 51.69
N GLY A 474 19.70 35.61 51.89
CA GLY A 474 18.75 36.01 50.87
C GLY A 474 17.31 35.66 51.26
N ASN A 475 16.36 36.22 50.50
CA ASN A 475 14.94 35.96 50.67
C ASN A 475 14.29 35.68 49.32
N GLY A 476 15.08 35.23 48.33
CA GLY A 476 14.55 34.93 47.01
C GLY A 476 15.66 34.70 45.98
N ARG A 477 15.25 34.19 44.81
CA ARG A 477 16.13 33.97 43.67
C ARG A 477 15.94 35.12 42.67
N GLU A 478 16.96 35.38 41.85
CA GLU A 478 17.03 36.59 41.06
C GLU A 478 17.10 36.29 39.55
N LEU A 479 17.66 35.14 39.16
CA LEU A 479 17.91 34.84 37.76
C LEU A 479 17.22 33.53 37.37
N GLY A 480 17.34 33.17 36.09
CA GLY A 480 16.78 31.92 35.57
C GLY A 480 15.26 31.98 35.48
N GLU A 481 14.63 30.81 35.33
CA GLU A 481 13.18 30.71 35.25
C GLU A 481 12.55 31.12 36.57
N TYR A 482 13.18 30.73 37.68
CA TYR A 482 12.60 30.89 39.01
C TYR A 482 12.71 32.33 39.48
N GLY A 483 13.72 33.05 38.97
CA GLY A 483 13.94 34.45 39.34
C GLY A 483 12.80 35.36 38.89
N PHE A 484 12.12 34.96 37.80
CA PHE A 484 11.05 35.75 37.22
C PHE A 484 9.75 35.57 37.99
N HIS A 485 9.63 34.46 38.74
CA HIS A 485 8.44 34.17 39.51
C HIS A 485 8.21 35.23 40.59
N GLU A 486 9.29 35.92 40.99
CA GLU A 486 9.24 36.84 42.12
C GLU A 486 9.06 38.28 41.65
N TYR A 487 8.87 38.46 40.33
CA TYR A 487 8.49 39.75 39.76
C TYR A 487 7.13 39.63 39.07
N THR A 488 6.28 38.72 39.57
CA THR A 488 4.95 38.52 39.02
C THR A 488 3.94 38.30 40.14
N GLU A 489 2.69 38.64 39.86
CA GLU A 489 1.57 38.45 40.79
C GLU A 489 0.53 37.59 40.08
N VAL A 490 0.17 36.47 40.73
CA VAL A 490 -0.65 35.44 40.09
C VAL A 490 -2.12 35.70 40.40
N LYS A 491 -2.88 36.08 39.36
CA LYS A 491 -4.32 36.24 39.45
C LYS A 491 -4.99 34.95 38.98
N THR A 492 -6.00 34.51 39.74
CA THR A 492 -6.76 33.31 39.43
C THR A 492 -8.16 33.72 38.98
N VAL A 493 -8.55 33.31 37.77
CA VAL A 493 -9.85 33.65 37.22
C VAL A 493 -10.66 32.37 37.05
N THR A 494 -11.71 32.22 37.87
CA THR A 494 -12.58 31.05 37.84
C THR A 494 -13.93 31.44 37.26
N VAL A 495 -14.28 30.83 36.12
CA VAL A 495 -15.48 31.17 35.39
C VAL A 495 -16.49 30.03 35.54
N LYS A 496 -17.73 30.37 35.90
CA LYS A 496 -18.80 29.40 36.01
C LYS A 496 -19.28 29.02 34.61
N ILE A 497 -19.47 27.73 34.38
CA ILE A 497 -19.97 27.22 33.11
C ILE A 497 -21.10 26.23 33.38
N SER A 498 -21.84 25.89 32.32
CA SER A 498 -23.00 25.02 32.41
C SER A 498 -22.56 23.58 32.68
N GLN A 499 -21.71 23.06 31.80
CA GLN A 499 -21.16 21.72 31.95
C GLN A 499 -19.68 21.73 31.61
N LYS A 500 -18.89 21.00 32.42
CA LYS A 500 -17.46 20.83 32.21
C LYS A 500 -17.23 19.54 31.44
N ASN A 501 -16.17 19.53 30.61
CA ASN A 501 -15.73 18.34 29.92
C ASN A 501 -14.21 18.31 29.91
N SER A 502 -13.63 17.14 30.21
CA SER A 502 -12.18 16.97 30.28
C SER A 502 -11.57 17.13 28.88
N ASP B 9 -0.34 51.56 0.80
CA ASP B 9 0.75 52.37 0.18
C ASP B 9 2.07 52.08 0.90
N LEU B 10 2.75 51.03 0.45
CA LEU B 10 3.91 50.47 1.13
C LEU B 10 5.14 50.71 0.27
N PRO B 11 6.38 50.65 0.81
CA PRO B 11 7.59 50.82 0.01
C PRO B 11 7.86 49.59 -0.87
N VAL B 12 8.04 49.85 -2.17
CA VAL B 12 8.32 48.78 -3.13
C VAL B 12 9.82 48.77 -3.40
N LEU B 13 10.31 47.66 -3.97
CA LEU B 13 11.72 47.50 -4.31
C LEU B 13 12.11 48.55 -5.35
N LEU B 14 13.13 49.34 -5.02
CA LEU B 14 13.59 50.42 -5.87
C LEU B 14 14.21 49.87 -7.15
N THR B 15 15.13 48.91 -7.00
CA THR B 15 15.74 48.21 -8.12
C THR B 15 14.78 47.17 -8.67
N ASP B 16 15.09 46.63 -9.84
CA ASP B 16 14.38 45.48 -10.40
C ASP B 16 14.96 44.21 -9.76
N LEU B 17 14.07 43.26 -9.41
CA LEU B 17 14.49 42.05 -8.71
C LEU B 17 15.23 41.12 -9.67
N LYS B 18 16.37 40.60 -9.21
CA LYS B 18 17.24 39.75 -10.01
C LYS B 18 17.63 38.55 -9.17
N ILE B 19 17.13 37.37 -9.57
CA ILE B 19 17.34 36.13 -8.84
C ILE B 19 18.82 35.74 -8.94
N GLN B 20 19.33 35.10 -7.89
CA GLN B 20 20.74 34.75 -7.80
C GLN B 20 20.89 33.31 -7.30
N TYR B 21 20.29 33.02 -6.14
CA TYR B 21 20.44 31.73 -5.49
C TYR B 21 19.42 30.74 -6.05
N THR B 22 19.90 29.78 -6.84
CA THR B 22 19.06 28.81 -7.52
C THR B 22 19.74 27.44 -7.51
N LYS B 23 20.37 27.09 -6.39
CA LYS B 23 21.17 25.88 -6.31
C LYS B 23 20.96 25.19 -4.96
N ILE B 24 21.40 23.93 -4.89
CA ILE B 24 21.28 23.11 -3.70
C ILE B 24 22.28 23.62 -2.67
N PHE B 25 21.86 23.63 -1.40
CA PHE B 25 22.64 24.24 -0.32
C PHE B 25 23.05 23.17 0.69
N ILE B 26 24.34 22.81 0.68
CA ILE B 26 24.86 21.80 1.59
C ILE B 26 26.21 22.30 2.13
N ASN B 27 26.40 22.18 3.45
CA ASN B 27 27.59 22.65 4.14
C ASN B 27 27.85 24.11 3.80
N ASN B 28 26.79 24.93 3.84
CA ASN B 28 26.89 26.36 3.62
C ASN B 28 27.65 26.65 2.32
N GLU B 29 27.34 25.90 1.26
CA GLU B 29 27.91 26.12 -0.06
C GLU B 29 26.94 25.59 -1.11
N TRP B 30 27.08 26.10 -2.34
CA TRP B 30 26.11 25.90 -3.40
C TRP B 30 26.52 24.73 -4.28
N HIS B 31 25.77 23.62 -4.21
CA HIS B 31 26.03 22.44 -5.00
C HIS B 31 25.10 22.41 -6.21
N ASP B 32 25.53 21.71 -7.26
CA ASP B 32 24.69 21.40 -8.40
C ASP B 32 23.94 20.10 -8.12
N SER B 33 22.90 19.83 -8.91
CA SER B 33 22.19 18.56 -8.85
C SER B 33 23.10 17.45 -9.36
N VAL B 34 23.12 16.32 -8.64
CA VAL B 34 23.94 15.17 -8.97
C VAL B 34 23.61 14.71 -10.39
N SER B 35 22.31 14.64 -10.70
CA SER B 35 21.84 14.30 -12.03
C SER B 35 22.24 15.37 -13.04
N GLY B 36 22.18 16.63 -12.60
CA GLY B 36 22.50 17.77 -13.44
C GLY B 36 21.24 18.45 -13.97
N LYS B 37 20.09 17.81 -13.75
CA LYS B 37 18.81 18.31 -14.25
C LYS B 37 18.35 19.50 -13.41
N LYS B 38 17.49 20.33 -14.02
CA LYS B 38 17.00 21.55 -13.38
C LYS B 38 15.51 21.72 -13.73
N PHE B 39 14.72 22.07 -12.72
CA PHE B 39 13.29 22.31 -12.92
C PHE B 39 13.03 23.81 -12.98
N PRO B 40 12.01 24.28 -13.74
CA PRO B 40 11.70 25.69 -13.84
C PRO B 40 10.81 26.20 -12.72
N VAL B 41 10.80 27.53 -12.53
CA VAL B 41 9.96 28.18 -11.54
C VAL B 41 9.24 29.34 -12.24
N PHE B 42 7.90 29.34 -12.16
CA PHE B 42 7.09 30.31 -12.87
C PHE B 42 6.46 31.29 -11.89
N ASN B 43 6.12 32.48 -12.41
CA ASN B 43 5.23 33.41 -11.75
C ASN B 43 3.80 32.98 -12.04
N PRO B 44 2.99 32.59 -11.03
CA PRO B 44 1.61 32.15 -11.26
C PRO B 44 0.69 33.21 -11.86
N ALA B 45 1.05 34.49 -11.68
CA ALA B 45 0.28 35.61 -12.19
C ALA B 45 0.45 35.73 -13.71
N THR B 46 1.70 35.70 -14.17
CA THR B 46 2.03 35.97 -15.56
C THR B 46 2.29 34.69 -16.35
N GLU B 47 2.44 33.56 -15.63
CA GLU B 47 2.79 32.27 -16.21
C GLU B 47 4.19 32.30 -16.82
N GLU B 48 4.95 33.37 -16.57
CA GLU B 48 6.29 33.52 -17.12
C GLU B 48 7.25 32.66 -16.31
N GLU B 49 8.31 32.15 -16.95
CA GLU B 49 9.37 31.44 -16.25
C GLU B 49 10.31 32.48 -15.63
N LEU B 50 10.55 32.34 -14.32
CA LEU B 50 11.45 33.23 -13.59
C LEU B 50 12.88 32.74 -13.75
N CYS B 51 13.10 31.44 -13.52
CA CYS B 51 14.42 30.84 -13.62
C CYS B 51 14.29 29.31 -13.57
N GLN B 52 15.44 28.63 -13.55
CA GLN B 52 15.49 27.20 -13.29
C GLN B 52 16.36 26.94 -12.06
N VAL B 53 15.88 26.05 -11.18
CA VAL B 53 16.57 25.67 -9.96
C VAL B 53 17.10 24.24 -10.13
N GLU B 54 18.20 23.94 -9.44
CA GLU B 54 18.78 22.61 -9.45
C GLU B 54 17.78 21.60 -8.88
N GLU B 55 17.55 20.51 -9.61
CA GLU B 55 16.57 19.50 -9.24
C GLU B 55 17.23 18.46 -8.34
N GLY B 56 16.85 18.48 -7.05
CA GLY B 56 17.40 17.55 -6.07
C GLY B 56 16.67 16.21 -6.10
N ASP B 57 17.43 15.11 -5.91
CA ASP B 57 16.88 13.78 -5.75
C ASP B 57 17.58 13.12 -4.57
N LYS B 58 17.56 11.77 -4.51
CA LYS B 58 18.05 11.06 -3.35
C LYS B 58 19.53 11.34 -3.12
N GLU B 59 20.33 11.26 -4.18
CA GLU B 59 21.78 11.42 -4.09
C GLU B 59 22.10 12.75 -3.43
N ASP B 60 21.32 13.79 -3.77
CA ASP B 60 21.49 15.13 -3.23
C ASP B 60 21.10 15.14 -1.74
N VAL B 61 20.01 14.43 -1.41
CA VAL B 61 19.55 14.34 -0.03
C VAL B 61 20.60 13.60 0.80
N ASP B 62 21.13 12.50 0.26
CA ASP B 62 22.11 11.67 0.98
C ASP B 62 23.33 12.50 1.33
N LYS B 63 23.71 13.44 0.44
CA LYS B 63 24.79 14.38 0.71
C LYS B 63 24.40 15.30 1.87
N ALA B 64 23.20 15.87 1.78
CA ALA B 64 22.70 16.82 2.77
C ALA B 64 22.62 16.15 4.15
N VAL B 65 22.14 14.91 4.19
CA VAL B 65 21.96 14.17 5.42
C VAL B 65 23.32 13.95 6.09
N LYS B 66 24.32 13.58 5.28
CA LYS B 66 25.65 13.27 5.80
C LYS B 66 26.36 14.54 6.27
N ALA B 67 25.99 15.69 5.68
CA ALA B 67 26.48 16.98 6.14
C ALA B 67 25.85 17.32 7.49
N ALA B 68 24.54 17.06 7.61
CA ALA B 68 23.79 17.35 8.82
C ALA B 68 24.26 16.45 9.97
N ARG B 69 24.44 15.16 9.67
CA ARG B 69 24.90 14.19 10.66
C ARG B 69 26.29 14.57 11.16
N GLN B 70 27.14 15.02 10.23
CA GLN B 70 28.50 15.45 10.55
C GLN B 70 28.45 16.66 11.48
N ALA B 71 27.52 17.58 11.21
CA ALA B 71 27.37 18.81 11.98
C ALA B 71 26.80 18.52 13.36
N PHE B 72 26.15 17.35 13.51
CA PHE B 72 25.51 16.96 14.77
C PHE B 72 26.42 16.06 15.60
N GLN B 73 27.65 15.79 15.12
CA GLN B 73 28.55 14.88 15.83
C GLN B 73 28.91 15.46 17.19
N ILE B 74 29.12 14.56 18.16
CA ILE B 74 29.51 14.94 19.51
C ILE B 74 30.87 15.61 19.45
N GLY B 75 30.93 16.87 19.90
CA GLY B 75 32.18 17.64 19.90
C GLY B 75 32.23 18.66 18.76
N SER B 76 31.25 18.61 17.86
CA SER B 76 31.15 19.55 16.75
C SER B 76 30.80 20.94 17.28
N PRO B 77 31.08 22.02 16.53
CA PRO B 77 30.73 23.38 16.95
C PRO B 77 29.28 23.55 17.40
N TRP B 78 28.35 22.91 16.68
CA TRP B 78 26.92 23.10 16.90
C TRP B 78 26.49 22.48 18.23
N ARG B 79 27.16 21.41 18.66
CA ARG B 79 26.82 20.69 19.87
C ARG B 79 27.47 21.34 21.08
N THR B 80 28.74 21.75 20.93
CA THR B 80 29.50 22.36 22.01
C THR B 80 29.06 23.80 22.24
N MET B 81 28.67 24.49 21.14
CA MET B 81 28.26 25.88 21.18
C MET B 81 27.22 26.09 22.28
N ASP B 82 27.30 27.26 22.94
CA ASP B 82 26.39 27.60 24.03
C ASP B 82 24.96 27.72 23.50
N ALA B 83 23.99 27.38 24.35
CA ALA B 83 22.58 27.48 23.99
C ALA B 83 22.24 28.93 23.68
N SER B 84 22.79 29.86 24.47
CA SER B 84 22.60 31.29 24.27
C SER B 84 23.07 31.71 22.87
N GLU B 85 24.18 31.11 22.42
CA GLU B 85 24.79 31.47 21.15
C GLU B 85 23.94 30.98 19.98
N ARG B 86 23.29 29.81 20.13
CA ARG B 86 22.42 29.29 19.09
C ARG B 86 21.28 30.28 18.83
N GLY B 87 20.75 30.87 19.91
CA GLY B 87 19.72 31.90 19.82
C GLY B 87 20.23 33.19 19.19
N ARG B 88 21.50 33.51 19.46
CA ARG B 88 22.12 34.72 18.95
C ARG B 88 22.20 34.65 17.42
N LEU B 89 22.52 33.46 16.89
CA LEU B 89 22.58 33.24 15.45
C LEU B 89 21.19 33.35 14.84
N LEU B 90 20.18 32.79 15.53
CA LEU B 90 18.81 32.85 15.10
C LEU B 90 18.32 34.30 15.10
N TYR B 91 18.79 35.09 16.07
CA TYR B 91 18.36 36.48 16.19
C TYR B 91 19.06 37.33 15.14
N LYS B 92 20.33 37.03 14.85
CA LYS B 92 21.05 37.68 13.76
C LYS B 92 20.35 37.40 12.44
N LEU B 93 19.95 36.15 12.22
CA LEU B 93 19.30 35.73 10.99
C LEU B 93 18.02 36.53 10.78
N ALA B 94 17.29 36.77 11.87
CA ALA B 94 16.07 37.55 11.83
C ALA B 94 16.36 38.98 11.37
N ASP B 95 17.50 39.53 11.83
CA ASP B 95 17.91 40.88 11.48
C ASP B 95 18.29 40.94 10.00
N LEU B 96 18.92 39.87 9.49
CA LEU B 96 19.32 39.78 8.09
C LEU B 96 18.09 39.72 7.19
N ILE B 97 17.04 39.01 7.64
CA ILE B 97 15.80 38.90 6.91
C ILE B 97 15.08 40.25 6.92
N GLU B 98 15.18 40.98 8.04
CA GLU B 98 14.56 42.28 8.17
C GLU B 98 15.26 43.28 7.24
N ARG B 99 16.57 43.11 7.06
CA ARG B 99 17.35 43.94 6.15
C ARG B 99 16.88 43.68 4.71
N ASP B 100 16.80 42.40 4.33
CA ASP B 100 16.40 42.01 2.99
C ASP B 100 14.90 41.75 2.95
N ARG B 101 14.12 42.68 3.53
CA ARG B 101 12.69 42.48 3.69
C ARG B 101 11.98 42.76 2.36
N LEU B 102 12.39 43.83 1.67
CA LEU B 102 11.80 44.21 0.40
C LEU B 102 12.14 43.18 -0.66
N LEU B 103 13.38 42.67 -0.61
CA LEU B 103 13.86 41.68 -1.56
C LEU B 103 13.02 40.41 -1.45
N LEU B 104 12.81 39.94 -0.22
CA LEU B 104 12.10 38.70 0.04
C LEU B 104 10.60 38.88 -0.20
N ALA B 105 10.04 40.01 0.26
CA ALA B 105 8.64 40.31 0.10
C ALA B 105 8.27 40.32 -1.38
N THR B 106 9.15 40.91 -2.21
CA THR B 106 8.96 40.99 -3.64
C THR B 106 9.06 39.59 -4.25
N MET B 107 10.08 38.84 -3.83
CA MET B 107 10.38 37.54 -4.39
C MET B 107 9.26 36.55 -4.04
N GLU B 108 8.77 36.63 -2.80
CA GLU B 108 7.68 35.79 -2.33
C GLU B 108 6.41 36.10 -3.12
N SER B 109 6.16 37.39 -3.37
CA SER B 109 4.97 37.86 -4.07
C SER B 109 4.98 37.36 -5.51
N MET B 110 6.15 37.40 -6.15
CA MET B 110 6.30 37.00 -7.54
C MET B 110 6.11 35.49 -7.65
N ASN B 111 6.86 34.75 -6.82
CA ASN B 111 6.94 33.30 -6.92
C ASN B 111 5.65 32.65 -6.40
N GLY B 112 5.19 33.11 -5.23
CA GLY B 112 4.07 32.49 -4.54
C GLY B 112 2.70 33.00 -5.00
N GLY B 113 2.70 34.07 -5.83
CA GLY B 113 1.46 34.70 -6.25
C GLY B 113 0.72 35.32 -5.08
N LYS B 114 1.47 36.02 -4.23
CA LYS B 114 1.01 36.49 -2.93
C LYS B 114 0.99 38.01 -2.92
N LEU B 115 -0.13 38.59 -2.44
CA LEU B 115 -0.29 40.03 -2.39
C LEU B 115 0.93 40.64 -1.69
N TYR B 116 1.58 41.59 -2.36
CA TYR B 116 2.83 42.18 -1.88
C TYR B 116 2.65 42.74 -0.47
N SER B 117 1.51 43.43 -0.25
CA SER B 117 1.22 44.03 1.05
C SER B 117 1.19 42.94 2.13
N ASN B 118 0.46 41.85 1.87
CA ASN B 118 0.39 40.73 2.80
C ASN B 118 1.78 40.12 2.96
N ALA B 119 2.49 39.94 1.85
CA ALA B 119 3.83 39.34 1.86
C ALA B 119 4.77 40.17 2.74
N TYR B 120 4.66 41.50 2.65
CA TYR B 120 5.54 42.40 3.38
C TYR B 120 5.10 42.54 4.83
N LEU B 121 3.78 42.67 5.06
CA LEU B 121 3.24 43.05 6.35
C LEU B 121 2.98 41.83 7.22
N SER B 122 2.57 40.70 6.61
CA SER B 122 2.23 39.49 7.35
C SER B 122 3.41 38.52 7.37
N ASP B 123 3.83 38.07 6.18
CA ASP B 123 4.76 36.97 6.04
C ASP B 123 6.13 37.35 6.60
N LEU B 124 6.68 38.47 6.12
CA LEU B 124 8.02 38.90 6.52
C LEU B 124 8.03 39.29 8.00
N ALA B 125 6.94 39.91 8.48
CA ALA B 125 6.80 40.21 9.89
C ALA B 125 6.76 38.92 10.70
N GLY B 126 6.01 37.93 10.20
CA GLY B 126 5.87 36.64 10.86
C GLY B 126 7.20 35.89 10.98
N CYS B 127 8.04 35.96 9.93
CA CYS B 127 9.33 35.30 9.91
C CYS B 127 10.25 35.86 11.00
N ILE B 128 10.27 37.19 11.12
CA ILE B 128 11.14 37.88 12.05
C ILE B 128 10.69 37.59 13.48
N LYS B 129 9.39 37.81 13.75
CA LYS B 129 8.82 37.61 15.08
C LYS B 129 9.09 36.20 15.57
N THR B 130 8.90 35.21 14.69
CA THR B 130 8.98 33.81 15.04
C THR B 130 10.43 33.42 15.32
N LEU B 131 11.35 33.82 14.43
CA LEU B 131 12.77 33.56 14.61
C LEU B 131 13.24 34.12 15.96
N ARG B 132 12.79 35.34 16.28
CA ARG B 132 13.18 36.02 17.50
C ARG B 132 12.56 35.33 18.71
N TYR B 133 11.34 34.82 18.57
CA TYR B 133 10.71 34.03 19.60
C TYR B 133 11.52 32.75 19.85
N CYS B 134 11.91 32.09 18.75
CA CYS B 134 12.63 30.83 18.81
C CYS B 134 14.03 31.03 19.38
N ALA B 135 14.64 32.18 19.09
CA ALA B 135 15.93 32.55 19.67
C ALA B 135 15.84 32.52 21.19
N GLY B 136 14.73 33.04 21.73
CA GLY B 136 14.53 33.14 23.16
C GLY B 136 14.56 31.80 23.88
N TRP B 137 13.95 30.78 23.27
CA TRP B 137 13.82 29.46 23.88
C TRP B 137 15.16 28.73 23.97
N ALA B 138 16.10 29.06 23.07
CA ALA B 138 17.36 28.35 22.92
C ALA B 138 17.93 27.95 24.28
N ASP B 139 18.14 28.92 25.17
CA ASP B 139 18.81 28.68 26.43
C ASP B 139 17.79 28.59 27.57
N LYS B 140 16.55 28.20 27.23
CA LYS B 140 15.48 28.03 28.20
C LYS B 140 14.81 26.67 28.02
N ILE B 141 15.43 25.79 27.22
CA ILE B 141 14.99 24.41 27.09
C ILE B 141 15.61 23.63 28.24
N GLN B 142 14.89 23.58 29.37
CA GLN B 142 15.39 22.99 30.60
C GLN B 142 14.80 21.59 30.77
N GLY B 143 15.61 20.69 31.34
CA GLY B 143 15.14 19.37 31.74
C GLY B 143 14.57 19.40 33.16
N ARG B 144 14.58 18.25 33.84
CA ARG B 144 14.01 18.11 35.17
C ARG B 144 14.99 17.33 36.05
N THR B 145 14.83 17.48 37.37
CA THR B 145 15.44 16.57 38.34
C THR B 145 14.32 15.91 39.14
N ILE B 146 14.22 14.58 39.01
CA ILE B 146 13.11 13.81 39.56
C ILE B 146 13.46 13.37 40.97
N PRO B 147 12.54 13.51 41.96
CA PRO B 147 12.70 12.91 43.28
C PRO B 147 12.29 11.43 43.27
N ILE B 148 13.14 10.61 42.65
CA ILE B 148 12.84 9.21 42.37
C ILE B 148 12.90 8.41 43.66
N ASP B 149 12.24 7.25 43.66
CA ASP B 149 12.29 6.31 44.78
C ASP B 149 13.68 5.69 44.84
N GLY B 150 14.16 5.40 46.06
CA GLY B 150 15.45 4.79 46.27
C GLY B 150 16.56 5.83 46.42
N ASN B 151 17.76 5.35 46.77
CA ASN B 151 18.93 6.22 46.92
C ASN B 151 19.55 6.45 45.55
N PHE B 152 18.92 7.34 44.78
CA PHE B 152 19.37 7.68 43.43
C PHE B 152 19.18 9.17 43.18
N PHE B 153 20.01 9.71 42.30
CA PHE B 153 19.88 11.08 41.82
C PHE B 153 19.54 11.05 40.33
N THR B 154 18.28 11.37 40.01
CA THR B 154 17.80 11.30 38.64
C THR B 154 17.64 12.70 38.08
N TYR B 155 18.01 12.85 36.80
CA TYR B 155 17.85 14.10 36.07
C TYR B 155 17.65 13.77 34.59
N THR B 156 16.97 14.69 33.88
CA THR B 156 16.70 14.49 32.47
C THR B 156 17.36 15.62 31.66
N ARG B 157 17.81 15.27 30.44
CA ARG B 157 18.33 16.22 29.49
C ARG B 157 17.39 16.27 28.29
N HIS B 158 16.90 17.47 27.97
CA HIS B 158 16.12 17.70 26.77
C HIS B 158 17.07 17.98 25.62
N GLU B 159 17.71 16.91 25.12
CA GLU B 159 18.68 16.99 24.04
C GLU B 159 17.95 17.24 22.72
N PRO B 160 18.67 17.69 21.66
CA PRO B 160 18.14 17.65 20.30
C PRO B 160 18.04 16.21 19.79
N ILE B 161 17.17 16.00 18.80
CA ILE B 161 16.94 14.67 18.24
C ILE B 161 18.11 14.33 17.31
N GLY B 162 18.36 15.22 16.34
CA GLY B 162 19.47 15.05 15.41
C GLY B 162 19.13 15.63 14.04
N VAL B 163 19.29 14.81 13.00
CA VAL B 163 18.99 15.22 11.64
C VAL B 163 17.46 15.20 11.47
N CYS B 164 16.90 16.37 11.11
CA CYS B 164 15.47 16.54 10.94
C CYS B 164 15.16 16.91 9.49
N GLY B 165 14.52 15.98 8.78
CA GLY B 165 14.00 16.26 7.45
C GLY B 165 12.75 17.12 7.52
N GLN B 166 12.70 18.19 6.73
CA GLN B 166 11.65 19.19 6.86
C GLN B 166 11.09 19.53 5.48
N ILE B 167 9.79 19.27 5.28
CA ILE B 167 9.14 19.42 4.00
C ILE B 167 8.05 20.49 4.12
N ILE B 168 8.12 21.50 3.25
CA ILE B 168 7.27 22.68 3.34
C ILE B 168 6.40 22.76 2.08
N PRO B 169 5.20 23.38 2.16
CA PRO B 169 4.36 23.64 0.99
C PRO B 169 4.68 24.97 0.30
N TRP B 170 3.74 25.43 -0.53
CA TRP B 170 3.94 26.58 -1.42
C TRP B 170 3.11 27.79 -0.98
N ASN B 171 2.20 27.60 -0.02
CA ASN B 171 1.21 28.61 0.31
C ASN B 171 1.86 29.75 1.09
N PHE B 172 2.71 29.41 2.07
CA PHE B 172 3.47 30.41 2.82
C PHE B 172 4.93 29.96 2.93
N PRO B 173 5.68 29.90 1.80
CA PRO B 173 7.00 29.28 1.76
C PRO B 173 8.01 29.77 2.80
N LEU B 174 7.96 31.08 3.09
CA LEU B 174 8.87 31.69 4.05
C LEU B 174 8.43 31.34 5.48
N VAL B 175 7.18 31.66 5.81
CA VAL B 175 6.68 31.49 7.17
C VAL B 175 6.80 30.02 7.57
N MET B 176 6.44 29.13 6.64
CA MET B 176 6.46 27.69 6.89
C MET B 176 7.88 27.20 7.16
N LEU B 177 8.86 27.83 6.48
CA LEU B 177 10.27 27.50 6.64
C LEU B 177 10.74 27.84 8.05
N ILE B 178 10.42 29.06 8.51
CA ILE B 178 10.85 29.54 9.81
C ILE B 178 10.22 28.69 10.92
N TRP B 179 8.98 28.23 10.69
CA TRP B 179 8.27 27.39 11.65
C TRP B 179 8.99 26.04 11.82
N LYS B 180 9.73 25.62 10.79
CA LYS B 180 10.50 24.39 10.84
C LYS B 180 11.85 24.65 11.51
N ILE B 181 12.67 25.51 10.88
CA ILE B 181 14.06 25.67 11.27
C ILE B 181 14.15 26.37 12.63
N GLY B 182 13.28 27.36 12.86
CA GLY B 182 13.31 28.16 14.06
C GLY B 182 13.34 27.30 15.33
N PRO B 183 12.28 26.52 15.61
CA PRO B 183 12.27 25.60 16.75
C PRO B 183 13.38 24.55 16.71
N ALA B 184 13.61 23.97 15.54
CA ALA B 184 14.56 22.88 15.35
C ALA B 184 15.96 23.32 15.74
N LEU B 185 16.41 24.45 15.17
CA LEU B 185 17.75 24.96 15.39
C LEU B 185 17.90 25.45 16.82
N SER B 186 16.82 26.02 17.38
CA SER B 186 16.83 26.51 18.76
C SER B 186 17.15 25.37 19.73
N CYS B 187 16.62 24.18 19.44
CA CYS B 187 16.81 23.01 20.28
C CYS B 187 18.15 22.33 20.01
N GLY B 188 18.81 22.71 18.92
CA GLY B 188 20.17 22.25 18.62
C GLY B 188 20.19 21.10 17.60
N ASN B 189 19.14 21.02 16.78
CA ASN B 189 19.03 20.01 15.73
C ASN B 189 19.69 20.53 14.46
N THR B 190 20.09 19.60 13.58
CA THR B 190 20.48 19.92 12.21
C THR B 190 19.34 19.53 11.29
N VAL B 191 19.14 20.30 10.21
CA VAL B 191 17.94 20.19 9.40
C VAL B 191 18.33 19.94 7.94
N VAL B 192 17.50 19.13 7.26
CA VAL B 192 17.56 18.98 5.82
C VAL B 192 16.20 19.40 5.26
N VAL B 193 16.14 20.64 4.78
CA VAL B 193 14.89 21.24 4.34
C VAL B 193 14.69 20.95 2.85
N LYS B 194 13.50 20.47 2.50
CA LYS B 194 13.08 20.37 1.11
C LYS B 194 11.93 21.35 0.87
N PRO B 195 12.18 22.48 0.18
CA PRO B 195 11.10 23.42 -0.17
C PRO B 195 10.26 22.88 -1.31
N ALA B 196 9.09 23.50 -1.52
CA ALA B 196 8.17 23.09 -2.56
C ALA B 196 8.82 23.24 -3.94
N GLU B 197 8.34 22.44 -4.90
CA GLU B 197 8.83 22.51 -6.27
C GLU B 197 8.36 23.80 -6.94
N GLN B 198 7.28 24.40 -6.41
CA GLN B 198 6.76 25.65 -6.95
C GLN B 198 7.54 26.85 -6.40
N THR B 199 7.90 26.79 -5.10
CA THR B 199 8.36 27.98 -4.39
C THR B 199 9.68 27.73 -3.65
N PRO B 200 10.78 27.38 -4.36
CA PRO B 200 12.09 27.20 -3.71
C PRO B 200 12.90 28.47 -3.49
N LEU B 201 12.60 29.53 -4.27
CA LEU B 201 13.48 30.68 -4.41
C LEU B 201 13.68 31.38 -3.07
N THR B 202 12.56 31.71 -2.41
CA THR B 202 12.57 32.43 -1.15
C THR B 202 13.47 31.73 -0.14
N ALA B 203 13.34 30.40 -0.04
CA ALA B 203 14.07 29.60 0.93
C ALA B 203 15.58 29.64 0.64
N LEU B 204 15.95 29.66 -0.64
CA LEU B 204 17.35 29.63 -1.05
C LEU B 204 18.04 30.94 -0.68
N HIS B 205 17.32 32.06 -0.78
CA HIS B 205 17.88 33.34 -0.38
C HIS B 205 18.21 33.32 1.11
N VAL B 206 17.31 32.74 1.91
CA VAL B 206 17.47 32.65 3.35
C VAL B 206 18.72 31.81 3.65
N ALA B 207 18.97 30.79 2.82
CA ALA B 207 20.15 29.93 2.95
C ALA B 207 21.42 30.77 2.90
N SER B 208 21.44 31.80 2.05
CA SER B 208 22.58 32.70 1.95
C SER B 208 22.74 33.48 3.26
N LEU B 209 21.62 33.88 3.85
CA LEU B 209 21.61 34.64 5.10
C LEU B 209 22.04 33.75 6.26
N ILE B 210 21.77 32.44 6.17
CA ILE B 210 22.17 31.49 7.20
C ILE B 210 23.69 31.34 7.19
N LYS B 211 24.30 31.36 6.00
CA LYS B 211 25.75 31.35 5.89
C LYS B 211 26.30 32.65 6.46
N GLU B 212 25.72 33.78 6.04
CA GLU B 212 26.18 35.10 6.43
C GLU B 212 26.08 35.28 7.94
N ALA B 213 25.03 34.72 8.55
CA ALA B 213 24.81 34.81 9.99
C ALA B 213 25.88 34.02 10.75
N GLY B 214 26.49 33.03 10.09
CA GLY B 214 27.63 32.32 10.63
C GLY B 214 27.22 31.01 11.31
N PHE B 215 26.15 30.39 10.83
CA PHE B 215 25.76 29.05 11.26
C PHE B 215 26.84 28.07 10.79
N PRO B 216 27.32 27.15 11.66
CA PRO B 216 28.26 26.12 11.25
C PRO B 216 27.80 25.39 9.99
N PRO B 217 28.70 25.10 9.03
CA PRO B 217 28.35 24.31 7.84
C PRO B 217 27.67 22.98 8.19
N GLY B 218 26.54 22.71 7.54
CA GLY B 218 25.85 21.43 7.67
C GLY B 218 24.64 21.51 8.60
N VAL B 219 24.57 22.57 9.42
CA VAL B 219 23.47 22.75 10.36
C VAL B 219 22.17 22.88 9.57
N VAL B 220 22.16 23.82 8.62
CA VAL B 220 21.04 23.99 7.71
C VAL B 220 21.47 23.57 6.30
N ASN B 221 20.66 22.68 5.69
CA ASN B 221 20.85 22.25 4.32
C ASN B 221 19.50 22.34 3.61
N ILE B 222 19.52 22.77 2.35
CA ILE B 222 18.29 22.95 1.58
C ILE B 222 18.46 22.25 0.23
N VAL B 223 17.52 21.36 -0.09
CA VAL B 223 17.56 20.56 -1.30
C VAL B 223 16.26 20.75 -2.07
N PRO B 224 16.16 21.77 -2.97
CA PRO B 224 14.97 21.95 -3.79
C PRO B 224 14.81 20.82 -4.79
N GLY B 225 13.57 20.37 -4.97
CA GLY B 225 13.26 19.25 -5.86
C GLY B 225 11.77 18.92 -5.82
N TYR B 226 11.40 17.81 -6.47
CA TYR B 226 10.02 17.37 -6.53
C TYR B 226 9.70 16.51 -5.32
N GLY B 227 8.39 16.35 -5.05
CA GLY B 227 7.90 15.67 -3.86
C GLY B 227 8.23 14.16 -3.88
N PRO B 228 7.71 13.41 -4.87
CA PRO B 228 7.95 11.96 -4.95
C PRO B 228 9.42 11.54 -5.02
N THR B 229 10.30 12.46 -5.47
CA THR B 229 11.72 12.19 -5.60
C THR B 229 12.45 12.54 -4.31
N ALA B 230 12.59 13.85 -4.03
CA ALA B 230 13.37 14.34 -2.91
C ALA B 230 12.63 14.09 -1.59
N GLY B 231 11.32 14.39 -1.59
CA GLY B 231 10.50 14.24 -0.40
C GLY B 231 10.44 12.80 0.10
N ALA B 232 10.31 11.85 -0.84
CA ALA B 232 10.27 10.43 -0.51
C ALA B 232 11.63 9.97 0.01
N ALA B 233 12.70 10.54 -0.54
CA ALA B 233 14.06 10.23 -0.11
C ALA B 233 14.23 10.59 1.37
N ILE B 234 13.64 11.71 1.79
CA ILE B 234 13.71 12.18 3.16
C ILE B 234 12.89 11.27 4.06
N SER B 235 11.66 10.96 3.64
CA SER B 235 10.71 10.24 4.47
C SER B 235 11.19 8.82 4.78
N SER B 236 12.03 8.26 3.88
CA SER B 236 12.45 6.87 3.99
C SER B 236 13.94 6.75 4.30
N HIS B 237 14.61 7.88 4.58
CA HIS B 237 16.05 7.88 4.80
C HIS B 237 16.37 7.24 6.14
N MET B 238 17.50 6.51 6.20
CA MET B 238 17.82 5.61 7.30
C MET B 238 18.67 6.31 8.35
N ASP B 239 19.09 7.56 8.08
CA ASP B 239 19.91 8.33 8.99
C ASP B 239 19.23 9.64 9.36
N ILE B 240 17.94 9.78 8.99
CA ILE B 240 17.13 10.91 9.40
C ILE B 240 16.31 10.49 10.61
N ASP B 241 16.43 11.25 11.70
CA ASP B 241 15.84 10.88 12.98
C ASP B 241 14.39 11.32 13.03
N LYS B 242 14.08 12.47 12.39
CA LYS B 242 12.75 13.04 12.42
C LYS B 242 12.38 13.57 11.03
N VAL B 243 11.08 13.55 10.73
CA VAL B 243 10.55 14.22 9.55
C VAL B 243 9.44 15.19 9.99
N ALA B 244 9.45 16.39 9.40
CA ALA B 244 8.43 17.39 9.67
C ALA B 244 7.77 17.79 8.35
N PHE B 245 6.47 17.51 8.24
CA PHE B 245 5.74 17.67 6.98
C PHE B 245 4.61 18.67 7.15
N THR B 246 4.29 19.38 6.06
CA THR B 246 3.13 20.25 5.99
C THR B 246 2.61 20.25 4.56
N GLY B 247 1.46 19.62 4.34
CA GLY B 247 0.89 19.51 3.01
C GLY B 247 -0.43 18.72 3.01
N SER B 248 -0.72 18.07 1.87
CA SER B 248 -1.95 17.31 1.71
C SER B 248 -1.96 16.12 2.66
N THR B 249 -3.17 15.73 3.09
CA THR B 249 -3.38 14.56 3.92
C THR B 249 -2.96 13.31 3.14
N GLU B 250 -3.22 13.31 1.83
CA GLU B 250 -2.85 12.23 0.93
C GLU B 250 -1.40 11.83 1.16
N VAL B 251 -0.50 12.81 1.17
CA VAL B 251 0.94 12.58 1.23
C VAL B 251 1.36 12.30 2.66
N GLY B 252 0.74 12.99 3.63
CA GLY B 252 1.01 12.75 5.03
C GLY B 252 0.97 11.26 5.39
N LYS B 253 0.07 10.52 4.75
CA LYS B 253 -0.10 9.10 4.98
C LYS B 253 1.07 8.30 4.39
N LEU B 254 1.67 8.83 3.31
CA LEU B 254 2.83 8.21 2.69
C LEU B 254 4.09 8.50 3.52
N ILE B 255 4.12 9.68 4.14
CA ILE B 255 5.26 10.10 4.96
C ILE B 255 5.35 9.20 6.19
N LYS B 256 4.21 8.99 6.86
CA LYS B 256 4.15 8.19 8.07
C LYS B 256 4.41 6.72 7.74
N GLU B 257 3.90 6.29 6.57
CA GLU B 257 4.07 4.93 6.09
C GLU B 257 5.54 4.65 5.78
N ALA B 258 6.18 5.59 5.07
CA ALA B 258 7.58 5.46 4.69
C ALA B 258 8.49 5.54 5.92
N ALA B 259 8.03 6.26 6.96
CA ALA B 259 8.75 6.36 8.22
C ALA B 259 8.72 5.04 8.97
N GLY B 260 7.61 4.30 8.84
CA GLY B 260 7.46 2.99 9.45
C GLY B 260 8.41 1.96 8.85
N LYS B 261 8.53 1.97 7.51
CA LYS B 261 9.32 0.99 6.79
C LYS B 261 10.81 1.26 6.97
N SER B 262 11.19 2.54 7.16
CA SER B 262 12.59 2.94 7.21
C SER B 262 13.15 2.70 8.62
N ASN B 263 13.16 3.74 9.46
CA ASN B 263 13.90 3.71 10.71
C ASN B 263 13.05 4.29 11.85
N LEU B 264 11.72 4.16 11.74
CA LEU B 264 10.80 4.61 12.78
C LEU B 264 11.12 6.03 13.21
N LYS B 265 11.42 6.89 12.23
CA LYS B 265 11.74 8.29 12.50
C LYS B 265 10.51 8.99 13.07
N ARG B 266 10.75 10.05 13.85
CA ARG B 266 9.67 10.80 14.48
C ARG B 266 8.97 11.62 13.41
N VAL B 267 7.68 11.92 13.65
CA VAL B 267 6.81 12.50 12.64
C VAL B 267 5.99 13.64 13.27
N THR B 268 5.94 14.78 12.57
CA THR B 268 4.99 15.84 12.85
C THR B 268 4.33 16.27 11.55
N LEU B 269 3.02 16.02 11.44
CA LEU B 269 2.24 16.40 10.27
C LEU B 269 1.46 17.67 10.58
N GLU B 270 1.27 18.49 9.55
CA GLU B 270 0.44 19.68 9.62
C GLU B 270 -0.38 19.75 8.34
N LEU B 271 -1.47 18.97 8.32
CA LEU B 271 -2.23 18.72 7.12
C LEU B 271 -3.34 19.77 6.98
N GLY B 272 -4.09 19.68 5.88
CA GLY B 272 -5.20 20.59 5.63
C GLY B 272 -6.40 20.27 6.52
N GLY B 273 -7.45 21.09 6.40
CA GLY B 273 -8.65 20.94 7.19
C GLY B 273 -9.88 21.50 6.48
N LYS B 274 -11.06 21.09 6.97
CA LYS B 274 -12.33 21.66 6.57
C LYS B 274 -12.90 22.43 7.75
N SER B 275 -12.11 23.42 8.20
CA SER B 275 -12.32 24.09 9.48
C SER B 275 -13.66 24.82 9.49
N PRO B 276 -14.60 24.47 10.41
CA PRO B 276 -15.92 25.09 10.46
C PRO B 276 -16.01 26.35 11.30
N CYS B 277 -17.04 27.16 11.05
CA CYS B 277 -17.37 28.33 11.85
C CYS B 277 -18.83 28.23 12.32
N ILE B 278 -19.05 28.57 13.59
CA ILE B 278 -20.38 28.56 14.17
C ILE B 278 -20.71 29.98 14.64
N VAL B 279 -21.77 30.55 14.05
CA VAL B 279 -22.17 31.92 14.33
C VAL B 279 -23.56 31.91 14.96
N LEU B 280 -23.61 32.15 16.27
CA LEU B 280 -24.87 32.14 17.01
C LEU B 280 -25.58 33.47 16.82
N ALA B 281 -26.86 33.51 17.23
CA ALA B 281 -27.71 34.68 17.08
C ALA B 281 -27.06 35.88 17.75
N ASP B 282 -26.62 35.70 19.00
CA ASP B 282 -26.03 36.77 19.79
C ASP B 282 -24.56 36.93 19.38
N ALA B 283 -24.33 37.59 18.25
CA ALA B 283 -23.00 37.77 17.70
C ALA B 283 -22.91 39.10 16.97
N ASP B 284 -21.75 39.76 17.07
CA ASP B 284 -21.45 40.95 16.28
C ASP B 284 -21.30 40.52 14.82
N LEU B 285 -22.38 40.68 14.05
CA LEU B 285 -22.48 40.11 12.71
C LEU B 285 -21.32 40.59 11.84
N ASP B 286 -21.04 41.91 11.90
CA ASP B 286 -19.98 42.51 11.12
C ASP B 286 -18.64 41.84 11.48
N ASN B 287 -18.42 41.63 12.78
CA ASN B 287 -17.22 40.97 13.25
C ASN B 287 -17.15 39.55 12.67
N ALA B 288 -18.26 38.81 12.78
CA ALA B 288 -18.34 37.43 12.33
C ALA B 288 -18.17 37.35 10.82
N VAL B 289 -18.88 38.23 10.10
CA VAL B 289 -18.88 38.23 8.64
C VAL B 289 -17.46 38.55 8.13
N GLU B 290 -16.80 39.50 8.78
CA GLU B 290 -15.50 40.00 8.33
C GLU B 290 -14.42 38.95 8.57
N PHE B 291 -14.44 38.33 9.76
CA PHE B 291 -13.45 37.34 10.13
C PHE B 291 -13.67 36.02 9.37
N ALA B 292 -14.94 35.64 9.19
CA ALA B 292 -15.27 34.44 8.45
C ALA B 292 -14.89 34.61 6.98
N HIS B 293 -15.10 35.83 6.46
CA HIS B 293 -14.70 36.18 5.10
C HIS B 293 -13.18 36.09 4.97
N HIS B 294 -12.46 36.80 5.86
CA HIS B 294 -11.01 36.79 5.87
C HIS B 294 -10.51 35.34 6.00
N GLY B 295 -11.15 34.57 6.88
CA GLY B 295 -10.75 33.19 7.15
C GLY B 295 -10.69 32.33 5.89
N VAL B 296 -11.70 32.46 5.03
CA VAL B 296 -11.87 31.55 3.90
C VAL B 296 -11.22 32.12 2.64
N PHE B 297 -11.04 33.45 2.57
CA PHE B 297 -10.60 34.11 1.34
C PHE B 297 -9.17 34.65 1.45
N TYR B 298 -8.47 34.37 2.55
CA TYR B 298 -7.12 34.88 2.72
C TYR B 298 -6.15 34.12 1.82
N HIS B 299 -5.32 34.88 1.09
CA HIS B 299 -4.37 34.32 0.14
C HIS B 299 -5.09 33.36 -0.82
N GLN B 300 -6.16 33.86 -1.44
CA GLN B 300 -6.97 33.11 -2.39
C GLN B 300 -7.45 31.81 -1.76
N GLY B 301 -7.76 31.85 -0.46
CA GLY B 301 -8.25 30.70 0.28
C GLY B 301 -7.31 29.50 0.24
N GLN B 302 -6.00 29.78 0.18
CA GLN B 302 -4.98 28.74 0.12
C GLN B 302 -4.33 28.58 1.50
N CYS B 303 -5.18 28.53 2.54
CA CYS B 303 -4.74 28.35 3.92
C CYS B 303 -5.24 27.00 4.43
N CYS B 304 -4.41 26.33 5.24
CA CYS B 304 -4.81 25.11 5.91
C CYS B 304 -5.98 25.41 6.86
N ILE B 305 -5.92 26.60 7.46
CA ILE B 305 -6.97 27.09 8.35
C ILE B 305 -7.94 27.96 7.55
N ALA B 306 -8.68 27.34 6.63
CA ALA B 306 -9.69 28.04 5.85
C ALA B 306 -11.06 27.79 6.44
N ALA B 307 -11.86 28.85 6.58
CA ALA B 307 -13.20 28.76 7.14
C ALA B 307 -14.16 28.22 6.08
N SER B 308 -14.04 26.92 5.79
CA SER B 308 -14.75 26.30 4.69
C SER B 308 -16.26 26.30 4.98
N ARG B 309 -16.64 25.58 6.05
CA ARG B 309 -18.03 25.46 6.44
C ARG B 309 -18.37 26.56 7.44
N ILE B 310 -19.40 27.35 7.15
CA ILE B 310 -19.79 28.46 8.01
C ILE B 310 -21.26 28.26 8.41
N PHE B 311 -21.46 27.73 9.62
CA PHE B 311 -22.78 27.47 10.16
C PHE B 311 -23.32 28.74 10.82
N VAL B 312 -24.58 29.07 10.55
CA VAL B 312 -25.21 30.29 11.03
C VAL B 312 -26.61 29.98 11.54
N GLU B 313 -27.00 30.61 12.65
CA GLU B 313 -28.35 30.51 13.20
C GLU B 313 -29.35 30.93 12.12
N GLU B 314 -30.55 30.34 12.15
CA GLU B 314 -31.58 30.61 11.16
C GLU B 314 -31.92 32.10 11.12
N SER B 315 -32.11 32.69 12.31
CA SER B 315 -32.56 34.07 12.45
C SER B 315 -31.68 35.04 11.66
N ILE B 316 -30.37 34.79 11.61
CA ILE B 316 -29.42 35.73 11.03
C ILE B 316 -28.75 35.12 9.79
N TYR B 317 -29.31 34.03 9.26
CA TYR B 317 -28.71 33.31 8.15
C TYR B 317 -28.71 34.20 6.90
N ASP B 318 -29.89 34.69 6.53
CA ASP B 318 -30.08 35.44 5.28
C ASP B 318 -29.24 36.72 5.31
N GLU B 319 -29.23 37.38 6.48
CA GLU B 319 -28.49 38.62 6.64
C GLU B 319 -27.00 38.37 6.48
N PHE B 320 -26.51 37.25 7.02
CA PHE B 320 -25.11 36.89 6.95
C PHE B 320 -24.71 36.64 5.50
N VAL B 321 -25.54 35.87 4.79
CA VAL B 321 -25.29 35.53 3.39
C VAL B 321 -25.23 36.82 2.57
N ARG B 322 -26.13 37.76 2.87
CA ARG B 322 -26.25 39.01 2.14
C ARG B 322 -24.94 39.78 2.23
N ARG B 323 -24.39 39.90 3.45
CA ARG B 323 -23.21 40.70 3.70
C ARG B 323 -21.95 40.01 3.19
N SER B 324 -21.94 38.67 3.24
CA SER B 324 -20.79 37.89 2.82
C SER B 324 -20.56 38.00 1.31
N VAL B 325 -21.66 38.19 0.57
CA VAL B 325 -21.60 38.26 -0.89
C VAL B 325 -21.07 39.62 -1.31
N GLU B 326 -21.67 40.70 -0.78
CA GLU B 326 -21.30 42.06 -1.17
C GLU B 326 -19.83 42.31 -0.86
N ARG B 327 -19.32 41.68 0.22
CA ARG B 327 -17.92 41.79 0.59
C ARG B 327 -17.04 41.09 -0.44
N ALA B 328 -17.53 39.95 -0.97
CA ALA B 328 -16.75 39.09 -1.84
C ALA B 328 -16.68 39.65 -3.26
N LYS B 329 -17.62 40.55 -3.62
CA LYS B 329 -17.66 41.13 -4.95
C LYS B 329 -16.69 42.31 -5.06
N LYS B 330 -16.18 42.79 -3.92
CA LYS B 330 -15.26 43.93 -3.89
C LYS B 330 -13.81 43.45 -3.97
N TYR B 331 -13.50 42.62 -4.97
CA TYR B 331 -12.14 42.12 -5.17
C TYR B 331 -11.69 42.43 -6.59
N ILE B 332 -10.40 42.79 -6.71
CA ILE B 332 -9.81 43.16 -7.99
C ILE B 332 -8.69 42.15 -8.28
N LEU B 333 -8.95 41.25 -9.24
CA LEU B 333 -8.02 40.19 -9.58
C LEU B 333 -6.98 40.72 -10.56
N GLY B 334 -5.71 40.40 -10.31
CA GLY B 334 -4.62 40.82 -11.17
C GLY B 334 -3.25 40.47 -10.57
N ASN B 335 -2.20 41.12 -11.08
CA ASN B 335 -0.85 40.87 -10.63
C ASN B 335 -0.72 41.30 -9.17
N PRO B 336 -0.19 40.45 -8.26
CA PRO B 336 -0.06 40.83 -6.85
C PRO B 336 0.93 41.96 -6.57
N LEU B 337 1.84 42.22 -7.53
CA LEU B 337 2.78 43.32 -7.41
C LEU B 337 2.11 44.64 -7.81
N THR B 338 1.00 44.56 -8.57
CA THR B 338 0.27 45.74 -8.99
C THR B 338 -0.44 46.37 -7.79
N PRO B 339 -0.24 47.68 -7.53
CA PRO B 339 -0.97 48.36 -6.46
C PRO B 339 -2.46 48.52 -6.80
N GLY B 340 -3.32 48.11 -5.85
CA GLY B 340 -4.76 48.17 -6.02
C GLY B 340 -5.38 46.78 -6.22
N VAL B 341 -4.55 45.80 -6.58
CA VAL B 341 -4.99 44.42 -6.72
C VAL B 341 -5.23 43.84 -5.33
N THR B 342 -6.45 43.31 -5.11
CA THR B 342 -6.87 42.84 -3.79
C THR B 342 -6.94 41.32 -3.73
N GLN B 343 -6.86 40.64 -4.89
CA GLN B 343 -6.80 39.19 -4.95
C GLN B 343 -5.80 38.76 -6.02
N GLY B 344 -5.07 37.68 -5.73
CA GLY B 344 -4.03 37.18 -6.62
C GLY B 344 -4.43 35.86 -7.30
N PRO B 345 -3.45 35.15 -7.91
CA PRO B 345 -3.70 33.85 -8.56
C PRO B 345 -3.46 32.64 -7.68
N GLN B 346 -3.94 31.48 -8.15
CA GLN B 346 -3.62 30.19 -7.54
C GLN B 346 -2.20 29.83 -7.95
N ILE B 347 -1.59 28.88 -7.24
CA ILE B 347 -0.16 28.61 -7.35
C ILE B 347 0.16 28.02 -8.73
N ASP B 348 -0.64 27.05 -9.20
CA ASP B 348 -0.35 26.35 -10.44
C ASP B 348 -1.66 25.89 -11.07
N LYS B 349 -1.56 25.18 -12.20
CA LYS B 349 -2.72 24.75 -12.95
C LYS B 349 -3.44 23.60 -12.23
N GLU B 350 -2.70 22.87 -11.38
CA GLU B 350 -3.24 21.73 -10.66
C GLU B 350 -4.34 22.18 -9.71
N GLN B 351 -4.04 23.18 -8.88
CA GLN B 351 -5.00 23.74 -7.93
C GLN B 351 -6.14 24.41 -8.69
N TYR B 352 -5.77 25.22 -9.69
CA TYR B 352 -6.71 25.94 -10.53
C TYR B 352 -7.83 25.01 -11.01
N ASP B 353 -7.44 23.86 -11.59
CA ASP B 353 -8.38 22.90 -12.14
C ASP B 353 -9.18 22.24 -11.02
N LYS B 354 -8.52 21.96 -9.89
CA LYS B 354 -9.16 21.29 -8.76
C LYS B 354 -10.26 22.17 -8.18
N ILE B 355 -9.97 23.47 -8.04
CA ILE B 355 -10.88 24.42 -7.44
C ILE B 355 -12.12 24.58 -8.34
N LEU B 356 -11.88 24.71 -9.65
CA LEU B 356 -12.96 24.85 -10.63
C LEU B 356 -13.82 23.58 -10.64
N ASP B 357 -13.18 22.42 -10.44
CA ASP B 357 -13.87 21.14 -10.43
C ASP B 357 -14.86 21.09 -9.26
N LEU B 358 -14.44 21.58 -8.08
CA LEU B 358 -15.28 21.54 -6.90
C LEU B 358 -16.39 22.60 -6.99
N ILE B 359 -16.11 23.71 -7.69
CA ILE B 359 -17.11 24.74 -7.91
C ILE B 359 -18.24 24.18 -8.77
N GLU B 360 -17.90 23.35 -9.76
CA GLU B 360 -18.88 22.73 -10.63
C GLU B 360 -19.77 21.77 -9.83
N SER B 361 -19.16 21.02 -8.90
CA SER B 361 -19.88 20.07 -8.08
C SER B 361 -20.90 20.80 -7.21
N GLY B 362 -20.55 22.00 -6.75
CA GLY B 362 -21.44 22.84 -5.97
C GLY B 362 -22.74 23.16 -6.71
N LYS B 363 -22.61 23.42 -8.02
CA LYS B 363 -23.75 23.70 -8.87
C LYS B 363 -24.51 22.40 -9.18
N LYS B 364 -23.76 21.37 -9.56
CA LYS B 364 -24.31 20.09 -9.97
C LYS B 364 -25.07 19.44 -8.83
N GLU B 365 -24.53 19.53 -7.60
CA GLU B 365 -25.17 18.95 -6.43
C GLU B 365 -26.26 19.88 -5.89
N GLY B 366 -26.35 21.09 -6.44
CA GLY B 366 -27.51 21.94 -6.26
C GLY B 366 -27.39 22.88 -5.06
N ALA B 367 -26.19 23.44 -4.88
CA ALA B 367 -25.98 24.52 -3.92
C ALA B 367 -26.20 25.85 -4.64
N LYS B 368 -26.74 26.84 -3.93
CA LYS B 368 -27.08 28.12 -4.51
C LYS B 368 -25.80 28.95 -4.68
N LEU B 369 -25.47 29.26 -5.94
CA LEU B 369 -24.35 30.14 -6.26
C LEU B 369 -24.79 31.59 -6.05
N GLU B 370 -24.19 32.24 -5.04
CA GLU B 370 -24.56 33.60 -4.68
C GLU B 370 -23.76 34.60 -5.51
N CYS B 371 -22.47 34.32 -5.71
CA CYS B 371 -21.64 35.12 -6.59
C CYS B 371 -20.44 34.30 -7.08
N GLY B 372 -19.68 34.87 -8.00
CA GLY B 372 -18.50 34.20 -8.57
C GLY B 372 -18.89 32.92 -9.31
N GLY B 373 -18.09 31.87 -9.12
CA GLY B 373 -18.39 30.55 -9.65
C GLY B 373 -17.88 30.39 -11.08
N GLY B 374 -16.59 30.67 -11.29
CA GLY B 374 -15.98 30.56 -12.61
C GLY B 374 -14.57 31.14 -12.62
N PRO B 375 -13.79 30.92 -13.70
CA PRO B 375 -12.44 31.47 -13.82
C PRO B 375 -12.45 32.94 -14.20
N TRP B 376 -11.24 33.55 -14.23
CA TRP B 376 -11.08 34.94 -14.60
C TRP B 376 -9.77 35.11 -15.37
N GLY B 377 -9.82 35.91 -16.45
CA GLY B 377 -8.62 36.32 -17.17
C GLY B 377 -8.18 35.29 -18.20
N ASN B 378 -7.38 35.78 -19.16
CA ASN B 378 -6.77 34.96 -20.20
C ASN B 378 -5.48 34.36 -19.66
N LYS B 379 -4.67 35.21 -19.00
CA LYS B 379 -3.39 34.84 -18.46
C LYS B 379 -3.51 34.73 -16.93
N GLY B 380 -2.71 33.84 -16.34
CA GLY B 380 -2.70 33.61 -14.90
C GLY B 380 -3.78 32.62 -14.48
N TYR B 381 -3.57 31.99 -13.31
CA TYR B 381 -4.53 31.06 -12.77
C TYR B 381 -5.39 31.77 -11.72
N PHE B 382 -6.35 32.55 -12.21
CA PHE B 382 -7.23 33.36 -11.37
C PHE B 382 -8.61 32.72 -11.29
N VAL B 383 -9.13 32.59 -10.07
CA VAL B 383 -10.48 32.09 -9.84
C VAL B 383 -11.30 33.22 -9.21
N GLN B 384 -12.54 33.39 -9.68
CA GLN B 384 -13.43 34.40 -9.16
C GLN B 384 -13.77 34.06 -7.70
N PRO B 385 -13.87 35.06 -6.80
CA PRO B 385 -14.31 34.82 -5.42
C PRO B 385 -15.75 34.30 -5.43
N THR B 386 -15.92 33.02 -5.05
CA THR B 386 -17.18 32.32 -5.17
C THR B 386 -17.81 32.19 -3.79
N VAL B 387 -19.15 32.25 -3.75
CA VAL B 387 -19.90 32.06 -2.51
C VAL B 387 -21.08 31.13 -2.80
N PHE B 388 -21.17 30.05 -2.00
CA PHE B 388 -22.29 29.12 -2.06
C PHE B 388 -23.13 29.27 -0.79
N SER B 389 -24.45 29.14 -0.95
CA SER B 389 -25.38 29.12 0.16
C SER B 389 -26.32 27.93 0.01
N ASN B 390 -27.11 27.67 1.07
CA ASN B 390 -28.01 26.53 1.12
C ASN B 390 -27.22 25.25 0.87
N VAL B 391 -26.06 25.15 1.54
CA VAL B 391 -25.16 24.03 1.38
C VAL B 391 -25.53 22.96 2.40
N THR B 392 -25.50 21.68 1.97
CA THR B 392 -25.82 20.55 2.82
C THR B 392 -24.53 19.84 3.21
N ASP B 393 -24.64 18.95 4.21
CA ASP B 393 -23.48 18.29 4.80
C ASP B 393 -22.90 17.26 3.85
N GLU B 394 -23.72 16.69 2.97
CA GLU B 394 -23.30 15.60 2.10
C GLU B 394 -22.99 16.13 0.70
N MET B 395 -22.46 17.35 0.62
CA MET B 395 -21.98 17.92 -0.64
C MET B 395 -20.46 17.85 -0.66
N ARG B 396 -19.88 17.81 -1.86
CA ARG B 396 -18.43 17.72 -2.03
C ARG B 396 -17.76 18.98 -1.49
N ILE B 397 -18.42 20.13 -1.67
CA ILE B 397 -17.88 21.42 -1.25
C ILE B 397 -18.01 21.58 0.27
N ALA B 398 -18.79 20.69 0.92
CA ALA B 398 -18.95 20.72 2.36
C ALA B 398 -18.19 19.58 3.02
N LYS B 399 -17.27 18.94 2.28
CA LYS B 399 -16.53 17.79 2.76
C LYS B 399 -15.05 17.91 2.38
N GLU B 400 -14.78 18.00 1.07
CA GLU B 400 -13.43 18.05 0.56
C GLU B 400 -12.85 19.45 0.75
N GLU B 401 -11.54 19.51 1.06
CA GLU B 401 -10.84 20.78 1.15
C GLU B 401 -10.65 21.35 -0.26
N ILE B 402 -11.03 22.62 -0.43
CA ILE B 402 -11.04 23.26 -1.74
C ILE B 402 -9.68 23.89 -2.00
N PHE B 403 -9.20 24.67 -1.03
CA PHE B 403 -7.91 25.35 -1.10
C PHE B 403 -7.96 26.40 -2.20
N GLY B 404 -9.11 27.10 -2.28
CA GLY B 404 -9.33 28.17 -3.24
C GLY B 404 -10.34 29.18 -2.68
N PRO B 405 -10.60 30.30 -3.40
CA PRO B 405 -11.51 31.33 -2.90
C PRO B 405 -12.98 30.94 -3.08
N VAL B 406 -13.44 30.02 -2.22
CA VAL B 406 -14.81 29.53 -2.26
C VAL B 406 -15.33 29.45 -0.82
N GLN B 407 -16.49 30.08 -0.57
CA GLN B 407 -17.07 30.15 0.76
C GLN B 407 -18.39 29.37 0.77
N GLN B 408 -18.56 28.50 1.78
CA GLN B 408 -19.79 27.75 1.96
C GLN B 408 -20.49 28.24 3.22
N ILE B 409 -21.74 28.69 3.07
CA ILE B 409 -22.53 29.19 4.18
C ILE B 409 -23.71 28.24 4.39
N MET B 410 -23.89 27.82 5.64
CA MET B 410 -24.83 26.76 6.00
C MET B 410 -25.64 27.23 7.21
N LYS B 411 -26.88 26.74 7.33
CA LYS B 411 -27.77 27.17 8.39
C LYS B 411 -27.93 26.06 9.42
N PHE B 412 -28.16 26.46 10.68
CA PHE B 412 -28.50 25.52 11.74
C PHE B 412 -29.59 26.14 12.62
N LYS B 413 -30.11 25.32 13.54
CA LYS B 413 -31.11 25.74 14.50
C LYS B 413 -30.77 25.19 15.89
N SER B 414 -30.41 23.90 15.94
CA SER B 414 -30.00 23.26 17.18
C SER B 414 -28.49 23.45 17.37
N LEU B 415 -28.09 23.92 18.56
CA LEU B 415 -26.69 24.14 18.88
C LEU B 415 -25.98 22.81 19.04
N ASP B 416 -26.66 21.84 19.66
CA ASP B 416 -26.09 20.53 19.92
C ASP B 416 -25.78 19.82 18.61
N ASP B 417 -26.66 19.98 17.62
CA ASP B 417 -26.57 19.30 16.35
C ASP B 417 -25.38 19.85 15.54
N VAL B 418 -25.31 21.18 15.43
CA VAL B 418 -24.32 21.83 14.58
C VAL B 418 -22.90 21.51 15.08
N ILE B 419 -22.75 21.34 16.40
CA ILE B 419 -21.48 20.97 16.99
C ILE B 419 -21.07 19.58 16.51
N LYS B 420 -22.05 18.67 16.43
CA LYS B 420 -21.80 17.30 15.99
C LYS B 420 -21.56 17.27 14.49
N ARG B 421 -22.22 18.18 13.76
CA ARG B 421 -22.02 18.34 12.33
C ARG B 421 -20.62 18.90 12.04
N ALA B 422 -20.19 19.84 12.90
CA ALA B 422 -18.87 20.45 12.78
C ALA B 422 -17.78 19.41 13.04
N ASN B 423 -18.00 18.56 14.05
CA ASN B 423 -17.04 17.54 14.45
C ASN B 423 -17.08 16.35 13.50
N ASN B 424 -18.19 16.21 12.74
CA ASN B 424 -18.36 15.09 11.82
C ASN B 424 -17.46 15.30 10.59
N THR B 425 -16.17 15.01 10.76
CA THR B 425 -15.18 15.11 9.70
C THR B 425 -13.85 14.52 10.19
N PHE B 426 -13.10 13.94 9.26
CA PHE B 426 -11.79 13.36 9.57
C PHE B 426 -10.78 14.47 9.85
N TYR B 427 -11.04 15.68 9.33
CA TYR B 427 -10.23 16.84 9.60
C TYR B 427 -10.55 17.41 10.98
N GLY B 428 -9.74 18.38 11.42
CA GLY B 428 -9.97 19.08 12.66
C GLY B 428 -8.78 19.97 13.03
N LEU B 429 -8.40 20.86 12.10
CA LEU B 429 -7.23 21.71 12.26
C LEU B 429 -7.59 22.94 13.09
N SER B 430 -8.78 23.50 12.84
CA SER B 430 -9.22 24.71 13.52
C SER B 430 -10.74 24.83 13.48
N ALA B 431 -11.25 25.88 14.13
CA ALA B 431 -12.66 26.21 14.13
C ALA B 431 -12.85 27.67 14.55
N GLY B 432 -14.09 28.16 14.41
CA GLY B 432 -14.44 29.53 14.78
C GLY B 432 -15.78 29.60 15.49
N VAL B 433 -15.81 30.28 16.64
CA VAL B 433 -17.02 30.44 17.42
C VAL B 433 -17.29 31.94 17.60
N PHE B 434 -18.51 32.36 17.24
CA PHE B 434 -18.88 33.76 17.28
C PHE B 434 -20.14 33.94 18.13
N THR B 435 -19.94 34.39 19.38
CA THR B 435 -21.03 34.61 20.31
C THR B 435 -20.56 35.56 21.41
N LYS B 436 -21.52 36.21 22.08
CA LYS B 436 -21.24 37.14 23.17
C LYS B 436 -21.28 36.41 24.52
N ASP B 437 -21.99 35.28 24.57
CA ASP B 437 -22.20 34.56 25.83
C ASP B 437 -20.94 33.76 26.16
N ILE B 438 -20.49 33.87 27.42
CA ILE B 438 -19.26 33.23 27.87
C ILE B 438 -19.48 31.71 27.91
N ASP B 439 -20.54 31.30 28.63
CA ASP B 439 -20.86 29.90 28.80
C ASP B 439 -20.84 29.20 27.45
N LYS B 440 -21.50 29.80 26.46
CA LYS B 440 -21.56 29.27 25.11
C LYS B 440 -20.15 29.11 24.55
N ALA B 441 -19.38 30.20 24.56
CA ALA B 441 -18.06 30.23 23.95
C ALA B 441 -17.17 29.13 24.50
N ILE B 442 -17.12 29.03 25.84
CA ILE B 442 -16.23 28.09 26.52
C ILE B 442 -16.67 26.66 26.23
N THR B 443 -17.96 26.39 26.37
CA THR B 443 -18.50 25.04 26.21
C THR B 443 -18.36 24.57 24.76
N ILE B 444 -18.76 25.43 23.82
CA ILE B 444 -18.70 25.10 22.40
C ILE B 444 -17.26 24.80 22.01
N SER B 445 -16.34 25.68 22.42
CA SER B 445 -14.93 25.54 22.10
C SER B 445 -14.37 24.24 22.70
N SER B 446 -14.86 23.86 23.89
CA SER B 446 -14.43 22.64 24.54
C SER B 446 -14.95 21.41 23.79
N ALA B 447 -16.13 21.54 23.17
CA ALA B 447 -16.79 20.44 22.50
C ALA B 447 -16.16 20.19 21.12
N LEU B 448 -15.87 21.29 20.40
CA LEU B 448 -15.30 21.21 19.06
C LEU B 448 -13.96 20.46 19.09
N GLN B 449 -13.75 19.60 18.10
CA GLN B 449 -12.55 18.79 18.00
C GLN B 449 -11.58 19.46 17.01
N ALA B 450 -11.05 20.61 17.43
CA ALA B 450 -10.14 21.41 16.60
C ALA B 450 -8.87 21.73 17.39
N GLY B 451 -7.75 21.84 16.66
CA GLY B 451 -6.46 22.13 17.27
C GLY B 451 -6.36 23.56 17.79
N THR B 452 -7.00 24.49 17.06
CA THR B 452 -7.05 25.89 17.45
C THR B 452 -8.47 26.42 17.25
N VAL B 453 -9.06 26.94 18.32
CA VAL B 453 -10.43 27.46 18.29
C VAL B 453 -10.39 28.96 18.55
N TRP B 454 -10.93 29.73 17.60
CA TRP B 454 -10.98 31.18 17.70
C TRP B 454 -12.37 31.62 18.15
N VAL B 455 -12.42 32.54 19.12
CA VAL B 455 -13.67 33.05 19.64
C VAL B 455 -13.79 34.52 19.24
N ASN B 456 -14.82 34.81 18.44
CA ASN B 456 -15.08 36.15 17.91
C ASN B 456 -13.86 36.65 17.13
N CYS B 457 -13.21 35.71 16.42
CA CYS B 457 -12.10 36.03 15.52
C CYS B 457 -11.78 34.79 14.69
N TYR B 458 -10.79 34.90 13.80
CA TYR B 458 -10.38 33.77 12.98
C TYR B 458 -9.01 34.05 12.36
N GLY B 459 -8.21 32.99 12.19
CA GLY B 459 -6.92 33.06 11.54
C GLY B 459 -5.89 33.86 12.34
N VAL B 460 -6.03 33.84 13.67
CA VAL B 460 -5.14 34.58 14.56
C VAL B 460 -4.07 33.63 15.09
N VAL B 461 -3.04 33.40 14.27
CA VAL B 461 -1.91 32.57 14.65
C VAL B 461 -0.75 33.49 14.99
N SER B 462 -0.04 33.16 16.08
CA SER B 462 1.16 33.86 16.49
C SER B 462 2.23 32.84 16.90
N ALA B 463 3.44 33.33 17.16
CA ALA B 463 4.59 32.47 17.46
C ALA B 463 4.47 31.85 18.85
N GLN B 464 3.79 32.55 19.77
CA GLN B 464 3.75 32.15 21.17
C GLN B 464 2.76 31.01 21.38
N CYS B 465 1.71 30.96 20.55
CA CYS B 465 0.65 29.97 20.71
C CYS B 465 0.99 28.69 19.95
N PRO B 466 0.77 27.49 20.53
CA PRO B 466 0.99 26.23 19.84
C PRO B 466 -0.12 25.91 18.84
N PHE B 467 0.28 25.59 17.60
CA PHE B 467 -0.67 25.41 16.50
C PHE B 467 -0.51 24.01 15.92
N GLY B 468 -1.63 23.26 15.90
CA GLY B 468 -1.68 21.93 15.30
C GLY B 468 -3.11 21.52 14.95
N GLY B 469 -3.38 20.21 14.94
CA GLY B 469 -4.67 19.69 14.53
C GLY B 469 -5.07 18.40 15.24
N PHE B 470 -6.38 18.22 15.43
CA PHE B 470 -6.96 16.96 15.88
C PHE B 470 -7.14 16.03 14.69
N LYS B 471 -7.18 14.72 14.97
CA LYS B 471 -7.54 13.71 13.99
C LYS B 471 -6.58 13.77 12.80
N MET B 472 -7.11 13.82 11.57
CA MET B 472 -6.31 13.72 10.36
C MET B 472 -6.00 15.11 9.81
N SER B 473 -5.73 16.06 10.71
CA SER B 473 -5.29 17.40 10.34
C SER B 473 -3.88 17.68 10.88
N GLY B 474 -3.28 16.70 11.56
CA GLY B 474 -1.95 16.87 12.11
C GLY B 474 -1.54 15.71 13.02
N ASN B 475 -0.24 15.67 13.36
CA ASN B 475 0.30 14.67 14.26
C ASN B 475 1.21 15.34 15.30
N GLY B 476 1.03 16.64 15.55
CA GLY B 476 1.86 17.36 16.50
C GLY B 476 1.65 18.87 16.44
N ARG B 477 2.19 19.57 17.45
CA ARG B 477 2.16 21.03 17.54
C ARG B 477 3.53 21.57 17.11
N GLU B 478 3.55 22.81 16.60
CA GLU B 478 4.73 23.36 15.94
C GLU B 478 5.28 24.62 16.61
N LEU B 479 4.43 25.36 17.33
CA LEU B 479 4.84 26.64 17.89
C LEU B 479 4.65 26.65 19.40
N GLY B 480 5.05 27.75 20.04
CA GLY B 480 4.89 27.93 21.48
C GLY B 480 5.83 27.04 22.28
N GLU B 481 5.54 26.88 23.58
CA GLU B 481 6.36 26.05 24.46
C GLU B 481 6.26 24.59 24.04
N TYR B 482 5.04 24.16 23.65
CA TYR B 482 4.76 22.76 23.39
C TYR B 482 5.35 22.32 22.05
N GLY B 483 5.49 23.27 21.11
CA GLY B 483 6.03 22.99 19.80
C GLY B 483 7.49 22.55 19.84
N PHE B 484 8.21 23.00 20.86
CA PHE B 484 9.63 22.71 21.02
C PHE B 484 9.84 21.32 21.60
N HIS B 485 8.81 20.77 22.28
CA HIS B 485 8.91 19.44 22.87
C HIS B 485 9.11 18.37 21.81
N GLU B 486 8.70 18.66 20.56
CA GLU B 486 8.69 17.68 19.49
C GLU B 486 9.94 17.80 18.63
N TYR B 487 10.87 18.68 19.03
CA TYR B 487 12.19 18.75 18.42
C TYR B 487 13.27 18.45 19.46
N THR B 488 12.92 17.62 20.46
CA THR B 488 13.84 17.24 21.51
C THR B 488 13.68 15.76 21.84
N GLU B 489 14.77 15.16 22.33
CA GLU B 489 14.78 13.77 22.77
C GLU B 489 15.21 13.74 24.24
N VAL B 490 14.37 13.15 25.10
CA VAL B 490 14.54 13.23 26.54
C VAL B 490 15.36 12.05 27.04
N LYS B 491 16.59 12.33 27.48
CA LYS B 491 17.46 11.34 28.08
C LYS B 491 17.32 11.42 29.60
N THR B 492 17.20 10.25 30.24
CA THR B 492 17.07 10.15 31.69
C THR B 492 18.36 9.58 32.27
N VAL B 493 18.98 10.32 33.19
CA VAL B 493 20.23 9.89 33.79
C VAL B 493 20.00 9.66 35.28
N THR B 494 20.07 8.38 35.68
CA THR B 494 19.86 7.99 37.07
C THR B 494 21.18 7.54 37.68
N VAL B 495 21.62 8.27 38.71
CA VAL B 495 22.92 8.05 39.33
C VAL B 495 22.71 7.43 40.70
N LYS B 496 23.42 6.33 40.98
CA LYS B 496 23.36 5.68 42.28
C LYS B 496 24.17 6.50 43.28
N ILE B 497 23.59 6.71 44.47
CA ILE B 497 24.26 7.43 45.54
C ILE B 497 24.14 6.62 46.83
N SER B 498 24.92 7.03 47.84
CA SER B 498 24.98 6.34 49.12
C SER B 498 23.69 6.57 49.90
N GLN B 499 23.37 7.86 50.13
CA GLN B 499 22.15 8.23 50.82
C GLN B 499 21.50 9.42 50.11
N LYS B 500 20.17 9.35 49.98
CA LYS B 500 19.37 10.42 49.40
C LYS B 500 18.83 11.29 50.54
N ASN B 501 18.68 12.59 50.25
CA ASN B 501 18.03 13.53 51.16
C ASN B 501 17.16 14.49 50.35
N SER B 502 15.94 14.75 50.84
CA SER B 502 14.99 15.61 50.15
C SER B 502 15.50 17.05 50.15
N ASP C 9 11.83 -15.78 51.61
CA ASP C 9 10.71 -16.30 52.44
C ASP C 9 9.57 -15.28 52.44
N LEU C 10 8.68 -15.41 51.45
CA LEU C 10 7.55 -14.51 51.26
C LEU C 10 6.28 -15.26 51.61
N PRO C 11 5.14 -14.58 51.91
CA PRO C 11 3.86 -15.27 52.09
C PRO C 11 3.31 -15.78 50.77
N VAL C 12 2.96 -17.08 50.73
CA VAL C 12 2.43 -17.71 49.54
C VAL C 12 0.92 -17.80 49.70
N LEU C 13 0.22 -18.02 48.57
CA LEU C 13 -1.23 -18.15 48.57
C LEU C 13 -1.63 -19.38 49.38
N LEU C 14 -2.49 -19.17 50.38
CA LEU C 14 -2.90 -20.22 51.29
C LEU C 14 -3.76 -21.25 50.54
N THR C 15 -4.77 -20.76 49.80
CA THR C 15 -5.61 -21.61 48.97
C THR C 15 -4.85 -21.98 47.69
N ASP C 16 -5.39 -22.93 46.93
CA ASP C 16 -4.90 -23.24 45.59
C ASP C 16 -5.55 -22.26 44.62
N LEU C 17 -4.76 -21.75 43.65
CA LEU C 17 -5.24 -20.73 42.73
C LEU C 17 -6.20 -21.36 41.72
N LYS C 18 -7.33 -20.65 41.51
CA LYS C 18 -8.39 -21.12 40.64
C LYS C 18 -8.81 -19.96 39.73
N ILE C 19 -8.53 -20.12 38.44
CA ILE C 19 -8.77 -19.08 37.44
C ILE C 19 -10.28 -18.90 37.28
N GLN C 20 -10.70 -17.67 36.98
CA GLN C 20 -12.11 -17.32 36.89
C GLN C 20 -12.37 -16.47 35.65
N TYR C 21 -11.63 -15.35 35.54
CA TYR C 21 -11.84 -14.38 34.47
C TYR C 21 -11.05 -14.79 33.24
N THR C 22 -11.76 -15.27 32.21
CA THR C 22 -11.14 -15.78 30.99
C THR C 22 -11.97 -15.35 29.78
N LYS C 23 -12.48 -14.11 29.80
CA LYS C 23 -13.40 -13.65 28.79
C LYS C 23 -13.09 -12.21 28.40
N ILE C 24 -13.67 -11.79 27.27
CA ILE C 24 -13.49 -10.44 26.73
C ILE C 24 -14.26 -9.46 27.62
N PHE C 25 -13.66 -8.28 27.85
CA PHE C 25 -14.17 -7.32 28.80
C PHE C 25 -14.56 -6.04 28.06
N ILE C 26 -15.87 -5.81 27.91
CA ILE C 26 -16.39 -4.63 27.24
C ILE C 26 -17.57 -4.08 28.04
N ASN C 27 -17.57 -2.76 28.25
CA ASN C 27 -18.59 -2.07 29.05
C ASN C 27 -18.71 -2.73 30.42
N ASN C 28 -17.56 -3.01 31.05
CA ASN C 28 -17.52 -3.58 32.40
C ASN C 28 -18.42 -4.81 32.50
N GLU C 29 -18.37 -5.67 31.47
CA GLU C 29 -19.07 -6.94 31.49
C GLU C 29 -18.35 -7.93 30.58
N TRP C 30 -18.59 -9.22 30.82
CA TRP C 30 -17.83 -10.30 30.22
C TRP C 30 -18.51 -10.82 28.96
N HIS C 31 -17.90 -10.55 27.80
CA HIS C 31 -18.41 -11.00 26.52
C HIS C 31 -17.68 -12.27 26.09
N ASP C 32 -18.34 -13.05 25.23
CA ASP C 32 -17.72 -14.18 24.54
C ASP C 32 -17.12 -13.66 23.25
N SER C 33 -16.25 -14.47 22.64
CA SER C 33 -15.70 -14.18 21.33
C SER C 33 -16.80 -14.29 20.29
N VAL C 34 -16.85 -13.30 19.37
CA VAL C 34 -17.86 -13.26 18.32
C VAL C 34 -17.79 -14.54 17.49
N SER C 35 -16.56 -14.97 17.15
CA SER C 35 -16.35 -16.21 16.44
C SER C 35 -16.75 -17.40 17.31
N GLY C 36 -16.48 -17.31 18.62
CA GLY C 36 -16.76 -18.36 19.56
C GLY C 36 -15.53 -19.18 19.90
N LYS C 37 -14.44 -18.94 19.15
CA LYS C 37 -13.19 -19.67 19.30
C LYS C 37 -12.48 -19.22 20.58
N LYS C 38 -11.61 -20.10 21.10
CA LYS C 38 -10.89 -19.85 22.33
C LYS C 38 -9.47 -20.39 22.19
N PHE C 39 -8.48 -19.59 22.64
CA PHE C 39 -7.08 -20.00 22.60
C PHE C 39 -6.65 -20.45 23.99
N PRO C 40 -5.71 -21.42 24.09
CA PRO C 40 -5.24 -21.91 25.39
C PRO C 40 -4.14 -21.04 26.01
N VAL C 41 -3.95 -21.20 27.32
CA VAL C 41 -2.91 -20.51 28.06
C VAL C 41 -2.16 -21.55 28.88
N PHE C 42 -0.83 -21.62 28.69
CA PHE C 42 -0.02 -22.64 29.32
C PHE C 42 0.86 -22.02 30.40
N ASN C 43 1.26 -22.85 31.37
CA ASN C 43 2.36 -22.54 32.28
C ASN C 43 3.65 -22.88 31.57
N PRO C 44 4.55 -21.90 31.31
CA PRO C 44 5.81 -22.16 30.61
C PRO C 44 6.76 -23.11 31.34
N ALA C 45 6.60 -23.22 32.67
CA ALA C 45 7.41 -24.09 33.50
C ALA C 45 7.04 -25.55 33.28
N THR C 46 5.74 -25.85 33.35
CA THR C 46 5.26 -27.23 33.33
C THR C 46 4.72 -27.62 31.96
N GLU C 47 4.53 -26.63 31.07
CA GLU C 47 3.94 -26.82 29.75
C GLU C 47 2.48 -27.26 29.85
N GLU C 48 1.90 -27.20 31.05
CA GLU C 48 0.54 -27.63 31.29
C GLU C 48 -0.40 -26.51 30.81
N GLU C 49 -1.60 -26.90 30.34
CA GLU C 49 -2.63 -25.92 30.00
C GLU C 49 -3.32 -25.49 31.28
N LEU C 50 -3.39 -24.17 31.49
CA LEU C 50 -4.04 -23.58 32.64
C LEU C 50 -5.54 -23.46 32.36
N CYS C 51 -5.88 -22.88 31.20
CA CYS C 51 -7.25 -22.67 30.80
C CYS C 51 -7.31 -22.27 29.33
N GLN C 52 -8.51 -21.94 28.85
CA GLN C 52 -8.70 -21.32 27.55
C GLN C 52 -9.41 -19.99 27.71
N VAL C 53 -8.91 -18.97 27.00
CA VAL C 53 -9.47 -17.62 27.03
C VAL C 53 -10.18 -17.38 25.69
N GLU C 54 -11.20 -16.51 25.73
CA GLU C 54 -11.94 -16.13 24.53
C GLU C 54 -10.98 -15.45 23.55
N GLU C 55 -11.01 -15.91 22.30
CA GLU C 55 -10.12 -15.40 21.26
C GLU C 55 -10.77 -14.20 20.58
N GLY C 56 -10.21 -13.01 20.82
CA GLY C 56 -10.71 -11.78 20.23
C GLY C 56 -10.17 -11.57 18.82
N ASP C 57 -11.02 -11.03 17.95
CA ASP C 57 -10.61 -10.62 16.61
C ASP C 57 -11.19 -9.23 16.36
N LYS C 58 -11.31 -8.84 15.08
CA LYS C 58 -11.72 -7.49 14.71
C LYS C 58 -13.12 -7.18 15.27
N GLU C 59 -14.07 -8.10 15.08
CA GLU C 59 -15.45 -7.89 15.47
C GLU C 59 -15.51 -7.53 16.96
N ASP C 60 -14.68 -8.21 17.75
CA ASP C 60 -14.60 -7.99 19.19
C ASP C 60 -13.99 -6.62 19.47
N VAL C 61 -12.96 -6.24 18.70
CA VAL C 61 -12.31 -4.95 18.85
C VAL C 61 -13.31 -3.85 18.51
N ASP C 62 -14.05 -4.03 17.40
CA ASP C 62 -14.99 -3.03 16.92
C ASP C 62 -16.04 -2.75 17.99
N LYS C 63 -16.44 -3.79 18.74
CA LYS C 63 -17.33 -3.65 19.88
C LYS C 63 -16.68 -2.80 20.96
N ALA C 64 -15.44 -3.16 21.31
CA ALA C 64 -14.69 -2.50 22.37
C ALA C 64 -14.49 -1.02 22.03
N VAL C 65 -14.17 -0.74 20.76
CA VAL C 65 -13.90 0.62 20.31
C VAL C 65 -15.17 1.47 20.46
N LYS C 66 -16.31 0.89 20.08
CA LYS C 66 -17.58 1.61 20.09
C LYS C 66 -18.04 1.84 21.54
N ALA C 67 -17.63 0.95 22.45
CA ALA C 67 -17.89 1.13 23.88
C ALA C 67 -17.03 2.27 24.42
N ALA C 68 -15.76 2.31 23.99
CA ALA C 68 -14.81 3.32 24.44
C ALA C 68 -15.21 4.69 23.90
N ARG C 69 -15.60 4.74 22.61
CA ARG C 69 -16.02 5.98 21.99
C ARG C 69 -17.26 6.52 22.68
N GLN C 70 -18.19 5.62 23.03
CA GLN C 70 -19.41 5.98 23.72
C GLN C 70 -19.08 6.58 25.09
N ALA C 71 -18.09 5.98 25.77
CA ALA C 71 -17.69 6.40 27.10
C ALA C 71 -16.95 7.74 27.05
N PHE C 72 -16.44 8.10 25.86
CA PHE C 72 -15.68 9.33 25.68
C PHE C 72 -16.55 10.46 25.14
N GLN C 73 -17.86 10.20 24.95
CA GLN C 73 -18.75 11.19 24.39
C GLN C 73 -18.85 12.41 25.31
N ILE C 74 -19.01 13.59 24.70
CA ILE C 74 -19.15 14.84 25.43
C ILE C 74 -20.42 14.77 26.28
N GLY C 75 -20.26 14.89 27.59
CA GLY C 75 -21.39 14.84 28.52
C GLY C 75 -21.48 13.50 29.24
N SER C 76 -20.65 12.53 28.84
CA SER C 76 -20.62 11.22 29.49
C SER C 76 -20.02 11.36 30.89
N PRO C 77 -20.27 10.39 31.79
CA PRO C 77 -19.69 10.43 33.15
C PRO C 77 -18.19 10.67 33.20
N TRP C 78 -17.46 10.02 32.28
CA TRP C 78 -16.00 10.04 32.28
C TRP C 78 -15.45 11.41 31.93
N ARG C 79 -16.19 12.16 31.09
CA ARG C 79 -15.75 13.47 30.63
C ARG C 79 -16.14 14.55 31.64
N THR C 80 -17.36 14.44 32.18
CA THR C 80 -17.88 15.42 33.13
C THR C 80 -17.24 15.23 34.51
N MET C 81 -16.93 13.97 34.85
CA MET C 81 -16.35 13.61 36.14
C MET C 81 -15.14 14.51 36.43
N ASP C 82 -14.97 14.87 37.70
CA ASP C 82 -13.88 15.71 38.15
C ASP C 82 -12.54 15.01 37.92
N ALA C 83 -11.51 15.81 37.64
CA ALA C 83 -10.17 15.29 37.45
C ALA C 83 -9.70 14.58 38.72
N SER C 84 -10.02 15.18 39.88
CA SER C 84 -9.69 14.61 41.18
C SER C 84 -10.29 13.21 41.33
N GLU C 85 -11.53 13.05 40.83
CA GLU C 85 -12.27 11.81 40.97
C GLU C 85 -11.67 10.71 40.10
N ARG C 86 -11.15 11.06 38.92
CA ARG C 86 -10.50 10.10 38.05
C ARG C 86 -9.31 9.47 38.77
N GLY C 87 -8.56 10.31 39.50
CA GLY C 87 -7.44 9.84 40.30
C GLY C 87 -7.87 8.99 41.49
N ARG C 88 -9.04 9.30 42.05
CA ARG C 88 -9.58 8.58 43.19
C ARG C 88 -9.89 7.14 42.79
N LEU C 89 -10.42 6.96 41.57
CA LEU C 89 -10.73 5.63 41.04
C LEU C 89 -9.43 4.86 40.80
N LEU C 90 -8.42 5.56 40.25
CA LEU C 90 -7.12 4.96 40.01
C LEU C 90 -6.46 4.55 41.32
N TYR C 91 -6.68 5.35 42.38
CA TYR C 91 -6.07 5.08 43.68
C TYR C 91 -6.80 3.92 44.35
N LYS C 92 -8.13 3.87 44.19
CA LYS C 92 -8.91 2.74 44.70
C LYS C 92 -8.47 1.45 44.02
N LEU C 93 -8.27 1.52 42.70
CA LEU C 93 -7.86 0.35 41.91
C LEU C 93 -6.53 -0.19 42.43
N ALA C 94 -5.62 0.72 42.81
CA ALA C 94 -4.33 0.34 43.36
C ALA C 94 -4.51 -0.42 44.67
N ASP C 95 -5.49 0.01 45.47
CA ASP C 95 -5.78 -0.60 46.76
C ASP C 95 -6.36 -2.01 46.53
N LEU C 96 -7.18 -2.16 45.50
CA LEU C 96 -7.79 -3.43 45.16
C LEU C 96 -6.73 -4.42 44.69
N ILE C 97 -5.72 -3.93 43.96
CA ILE C 97 -4.62 -4.75 43.49
C ILE C 97 -3.75 -5.16 44.68
N GLU C 98 -3.60 -4.25 45.64
CA GLU C 98 -2.81 -4.51 46.84
C GLU C 98 -3.50 -5.58 47.70
N ARG C 99 -4.84 -5.56 47.69
CA ARG C 99 -5.63 -6.55 48.39
C ARG C 99 -5.42 -7.93 47.75
N ASP C 100 -5.56 -7.99 46.42
CA ASP C 100 -5.41 -9.23 45.68
C ASP C 100 -3.98 -9.38 45.18
N ARG C 101 -3.01 -9.14 46.09
CA ARG C 101 -1.61 -9.10 45.71
C ARG C 101 -1.07 -10.53 45.56
N LEU C 102 -1.45 -11.41 46.50
CA LEU C 102 -1.00 -12.79 46.49
C LEU C 102 -1.62 -13.52 45.30
N LEU C 103 -2.89 -13.20 45.02
CA LEU C 103 -3.62 -13.82 43.92
C LEU C 103 -2.94 -13.50 42.60
N LEU C 104 -2.61 -12.22 42.39
CA LEU C 104 -2.02 -11.75 41.15
C LEU C 104 -0.56 -12.20 41.04
N ALA C 105 0.19 -12.09 42.15
CA ALA C 105 1.59 -12.48 42.18
C ALA C 105 1.72 -13.96 41.80
N THR C 106 0.81 -14.79 42.31
CA THR C 106 0.80 -16.21 42.02
C THR C 106 0.44 -16.44 40.54
N MET C 107 -0.59 -15.73 40.08
CA MET C 107 -1.13 -15.90 38.74
C MET C 107 -0.10 -15.45 37.71
N GLU C 108 0.58 -14.34 37.99
CA GLU C 108 1.61 -13.81 37.13
C GLU C 108 2.78 -14.79 37.05
N SER C 109 3.15 -15.37 38.20
CA SER C 109 4.26 -16.29 38.30
C SER C 109 3.99 -17.57 37.49
N MET C 110 2.75 -18.05 37.57
CA MET C 110 2.34 -19.27 36.88
C MET C 110 2.33 -19.02 35.37
N ASN C 111 1.64 -17.95 34.96
CA ASN C 111 1.37 -17.69 33.56
C ASN C 111 2.62 -17.17 32.85
N GLY C 112 3.31 -16.21 33.50
CA GLY C 112 4.43 -15.51 32.89
C GLY C 112 5.77 -16.24 33.07
N GLY C 113 5.77 -17.30 33.90
CA GLY C 113 7.00 -18.02 34.23
C GLY C 113 7.98 -17.12 34.97
N LYS C 114 7.45 -16.39 35.96
CA LYS C 114 8.17 -15.31 36.63
C LYS C 114 8.37 -15.69 38.10
N LEU C 115 9.61 -15.50 38.59
CA LEU C 115 9.94 -15.83 39.97
C LEU C 115 8.92 -15.17 40.90
N TYR C 116 8.30 -15.98 41.77
CA TYR C 116 7.22 -15.52 42.62
C TYR C 116 7.67 -14.32 43.46
N SER C 117 8.89 -14.40 44.01
CA SER C 117 9.45 -13.33 44.82
C SER C 117 9.50 -12.03 44.03
N ASN C 118 10.05 -12.09 42.81
CA ASN C 118 10.12 -10.93 41.93
C ASN C 118 8.70 -10.46 41.60
N ALA C 119 7.82 -11.41 41.27
CA ALA C 119 6.44 -11.10 40.92
C ALA C 119 5.75 -10.35 42.05
N TYR C 120 6.00 -10.78 43.29
CA TYR C 120 5.35 -10.20 44.47
C TYR C 120 6.02 -8.88 44.87
N LEU C 121 7.36 -8.85 44.84
CA LEU C 121 8.13 -7.75 45.41
C LEU C 121 8.36 -6.64 44.40
N SER C 122 8.53 -7.00 43.11
CA SER C 122 8.83 -6.03 42.07
C SER C 122 7.56 -5.63 41.31
N ASP C 123 6.93 -6.63 40.68
CA ASP C 123 5.84 -6.38 39.72
C ASP C 123 4.63 -5.78 40.43
N LEU C 124 4.16 -6.45 41.49
CA LEU C 124 2.96 -6.02 42.20
C LEU C 124 3.21 -4.68 42.91
N ALA C 125 4.42 -4.50 43.44
CA ALA C 125 4.81 -3.24 44.03
C ALA C 125 4.81 -2.14 42.97
N GLY C 126 5.35 -2.46 41.79
CA GLY C 126 5.42 -1.53 40.67
C GLY C 126 4.04 -1.07 40.19
N CYS C 127 3.08 -2.01 40.15
CA CYS C 127 1.73 -1.72 39.71
C CYS C 127 1.06 -0.71 40.63
N ILE C 128 1.22 -0.92 41.95
CA ILE C 128 0.58 -0.10 42.96
C ILE C 128 1.20 1.30 42.93
N LYS C 129 2.53 1.37 43.02
CA LYS C 129 3.27 2.62 43.04
C LYS C 129 2.91 3.48 41.83
N THR C 130 2.84 2.85 40.65
CA THR C 130 2.63 3.56 39.40
C THR C 130 1.20 4.08 39.31
N LEU C 131 0.22 3.23 39.63
CA LEU C 131 -1.18 3.64 39.65
C LEU C 131 -1.36 4.85 40.56
N ARG C 132 -0.73 4.80 41.74
CA ARG C 132 -0.86 5.85 42.74
C ARG C 132 -0.15 7.12 42.26
N TYR C 133 0.97 6.96 41.55
CA TYR C 133 1.64 8.09 40.93
C TYR C 133 0.72 8.73 39.89
N CYS C 134 0.10 7.88 39.06
CA CYS C 134 -0.76 8.33 37.96
C CYS C 134 -2.02 9.00 38.50
N ALA C 135 -2.52 8.49 39.64
CA ALA C 135 -3.66 9.11 40.31
C ALA C 135 -3.36 10.57 40.63
N GLY C 136 -2.12 10.84 41.07
CA GLY C 136 -1.70 12.16 41.48
C GLY C 136 -1.78 13.20 40.35
N TRP C 137 -1.40 12.79 39.13
CA TRP C 137 -1.33 13.69 37.99
C TRP C 137 -2.73 14.10 37.52
N ALA C 138 -3.74 13.26 37.77
CA ALA C 138 -5.09 13.44 37.24
C ALA C 138 -5.51 14.91 37.24
N ASP C 139 -5.46 15.55 38.43
CA ASP C 139 -5.96 16.90 38.59
C ASP C 139 -4.80 17.91 38.59
N LYS C 140 -3.68 17.53 37.95
CA LYS C 140 -2.50 18.38 37.86
C LYS C 140 -2.03 18.47 36.40
N ILE C 141 -2.86 17.99 35.46
CA ILE C 141 -2.60 18.15 34.04
C ILE C 141 -3.11 19.53 33.63
N GLN C 142 -2.25 20.54 33.75
CA GLN C 142 -2.62 21.93 33.54
C GLN C 142 -2.17 22.38 32.16
N GLY C 143 -2.98 23.24 31.53
CA GLY C 143 -2.61 23.90 30.29
C GLY C 143 -1.82 25.19 30.57
N ARG C 144 -1.85 26.12 29.60
CA ARG C 144 -1.13 27.37 29.70
C ARG C 144 -2.02 28.52 29.29
N THR C 145 -1.64 29.74 29.71
CA THR C 145 -2.19 30.97 29.17
C THR C 145 -1.05 31.77 28.53
N ILE C 146 -1.14 31.96 27.20
CA ILE C 146 -0.05 32.55 26.43
C ILE C 146 -0.24 34.07 26.38
N PRO C 147 0.83 34.87 26.61
CA PRO C 147 0.78 36.31 26.37
C PRO C 147 1.02 36.63 24.89
N ILE C 148 0.00 36.34 24.08
CA ILE C 148 0.09 36.38 22.63
C ILE C 148 0.13 37.84 22.18
N ASP C 149 0.65 38.07 20.96
CA ASP C 149 0.65 39.38 20.34
C ASP C 149 -0.79 39.75 19.96
N GLY C 150 -1.10 41.06 20.03
CA GLY C 150 -2.41 41.57 19.68
C GLY C 150 -3.35 41.57 20.88
N ASN C 151 -4.54 42.17 20.69
CA ASN C 151 -5.56 42.23 21.73
C ASN C 151 -6.35 40.91 21.73
N PHE C 152 -5.74 39.88 22.32
CA PHE C 152 -6.33 38.56 22.38
C PHE C 152 -6.01 37.91 23.73
N PHE C 153 -6.89 37.02 24.17
CA PHE C 153 -6.67 36.21 25.35
C PHE C 153 -6.58 34.74 24.93
N THR C 154 -5.34 34.20 24.98
CA THR C 154 -5.09 32.85 24.51
C THR C 154 -4.86 31.93 25.71
N TYR C 155 -5.40 30.72 25.62
CA TYR C 155 -5.21 29.69 26.63
C TYR C 155 -5.28 28.33 25.96
N THR C 156 -4.63 27.33 26.56
CA THR C 156 -4.60 25.98 26.01
C THR C 156 -5.22 25.00 27.00
N ARG C 157 -5.89 23.98 26.46
CA ARG C 157 -6.45 22.89 27.23
C ARG C 157 -5.73 21.60 26.87
N HIS C 158 -5.16 20.93 27.87
CA HIS C 158 -4.55 19.62 27.68
C HIS C 158 -5.63 18.56 27.84
N GLU C 159 -6.46 18.43 26.80
CA GLU C 159 -7.57 17.48 26.79
C GLU C 159 -7.04 16.07 26.61
N PRO C 160 -7.85 15.03 26.91
CA PRO C 160 -7.54 13.66 26.47
C PRO C 160 -7.70 13.51 24.96
N ILE C 161 -7.01 12.51 24.40
CA ILE C 161 -7.03 12.27 22.96
C ILE C 161 -8.36 11.59 22.60
N GLY C 162 -8.65 10.48 23.27
CA GLY C 162 -9.88 9.74 23.06
C GLY C 162 -9.69 8.24 23.25
N VAL C 163 -10.09 7.46 22.26
CA VAL C 163 -9.93 6.01 22.30
C VAL C 163 -8.48 5.68 22.01
N CYS C 164 -7.83 4.99 22.95
CA CYS C 164 -6.43 4.63 22.86
C CYS C 164 -6.30 3.10 22.84
N GLY C 165 -5.89 2.57 21.68
CA GLY C 165 -5.54 1.16 21.57
C GLY C 165 -4.19 0.88 22.21
N GLN C 166 -4.13 -0.16 23.06
CA GLN C 166 -2.96 -0.40 23.88
C GLN C 166 -2.57 -1.87 23.81
N ILE C 167 -1.35 -2.14 23.31
CA ILE C 167 -0.88 -3.49 23.06
C ILE C 167 0.33 -3.75 23.96
N ILE C 168 0.26 -4.83 24.74
CA ILE C 168 1.25 -5.13 25.77
C ILE C 168 1.93 -6.46 25.43
N PRO C 169 3.20 -6.68 25.87
CA PRO C 169 3.87 -7.97 25.71
C PRO C 169 3.62 -8.92 26.87
N TRP C 170 4.48 -9.95 26.99
CA TRP C 170 4.29 -11.05 27.91
C TRP C 170 5.32 -11.03 29.05
N ASN C 171 6.32 -10.16 28.95
CA ASN C 171 7.47 -10.21 29.85
C ASN C 171 7.08 -9.66 31.22
N PHE C 172 6.36 -8.54 31.26
CA PHE C 172 5.85 -7.98 32.50
C PHE C 172 4.37 -7.60 32.32
N PRO C 173 3.47 -8.59 32.12
CA PRO C 173 2.08 -8.32 31.71
C PRO C 173 1.31 -7.34 32.59
N LEU C 174 1.55 -7.38 33.90
CA LEU C 174 0.88 -6.52 34.85
C LEU C 174 1.47 -5.11 34.76
N VAL C 175 2.79 -5.00 34.96
CA VAL C 175 3.46 -3.71 35.02
C VAL C 175 3.22 -2.94 33.73
N MET C 176 3.32 -3.65 32.60
CA MET C 176 3.18 -3.07 31.27
C MET C 176 1.75 -2.53 31.08
N LEU C 177 0.77 -3.22 31.69
CA LEU C 177 -0.63 -2.83 31.62
C LEU C 177 -0.85 -1.50 32.33
N ILE C 178 -0.32 -1.39 33.56
CA ILE C 178 -0.49 -0.20 34.39
C ILE C 178 0.19 0.99 33.71
N TRP C 179 1.32 0.75 33.05
CA TRP C 179 2.05 1.79 32.34
C TRP C 179 1.22 2.37 31.20
N LYS C 180 0.28 1.56 30.67
CA LYS C 180 -0.62 2.02 29.63
C LYS C 180 -1.82 2.75 30.24
N ILE C 181 -2.60 2.02 31.04
CA ILE C 181 -3.90 2.51 31.50
C ILE C 181 -3.70 3.66 32.49
N GLY C 182 -2.69 3.53 33.37
CA GLY C 182 -2.45 4.50 34.42
C GLY C 182 -2.40 5.94 33.89
N PRO C 183 -1.42 6.28 33.04
CA PRO C 183 -1.35 7.60 32.42
C PRO C 183 -2.57 7.96 31.57
N ALA C 184 -3.03 6.98 30.77
CA ALA C 184 -4.13 7.18 29.83
C ALA C 184 -5.39 7.62 30.56
N LEU C 185 -5.78 6.82 31.57
CA LEU C 185 -7.01 7.07 32.33
C LEU C 185 -6.88 8.36 33.15
N SER C 186 -5.67 8.62 33.66
CA SER C 186 -5.41 9.83 34.45
C SER C 186 -5.73 11.08 33.63
N CYS C 187 -5.39 11.04 32.32
CA CYS C 187 -5.59 12.16 31.42
C CYS C 187 -7.03 12.22 30.92
N GLY C 188 -7.80 11.15 31.12
CA GLY C 188 -9.22 11.13 30.82
C GLY C 188 -9.54 10.44 29.49
N ASN C 189 -8.63 9.54 29.06
CA ASN C 189 -8.80 8.77 27.84
C ASN C 189 -9.58 7.49 28.15
N THR C 190 -10.22 6.92 27.12
CA THR C 190 -10.75 5.57 27.18
C THR C 190 -9.81 4.65 26.41
N VAL C 191 -9.69 3.40 26.88
CA VAL C 191 -8.65 2.51 26.39
C VAL C 191 -9.27 1.21 25.89
N VAL C 192 -8.66 0.68 24.82
CA VAL C 192 -8.95 -0.68 24.35
C VAL C 192 -7.64 -1.46 24.43
N VAL C 193 -7.49 -2.25 25.50
CA VAL C 193 -6.26 -2.96 25.78
C VAL C 193 -6.32 -4.34 25.13
N LYS C 194 -5.26 -4.70 24.40
CA LYS C 194 -5.07 -6.06 23.93
C LYS C 194 -3.85 -6.65 24.63
N PRO C 195 -4.05 -7.57 25.61
CA PRO C 195 -2.94 -8.26 26.25
C PRO C 195 -2.34 -9.33 25.36
N ALA C 196 -1.15 -9.81 25.72
CA ALA C 196 -0.44 -10.81 24.95
C ALA C 196 -1.27 -12.10 24.89
N GLU C 197 -1.04 -12.89 23.82
CA GLU C 197 -1.72 -14.16 23.64
C GLU C 197 -1.19 -15.17 24.66
N GLN C 198 0.02 -14.94 25.19
CA GLN C 198 0.60 -15.82 26.19
C GLN C 198 0.06 -15.50 27.57
N THR C 199 -0.12 -14.21 27.89
CA THR C 199 -0.31 -13.77 29.26
C THR C 199 -1.52 -12.85 29.39
N PRO C 200 -2.75 -13.31 29.07
CA PRO C 200 -3.96 -12.49 29.24
C PRO C 200 -4.57 -12.51 30.64
N LEU C 201 -4.26 -13.54 31.43
CA LEU C 201 -5.00 -13.87 32.63
C LEU C 201 -4.92 -12.73 33.65
N THR C 202 -3.68 -12.30 33.94
CA THR C 202 -3.42 -11.26 34.93
C THR C 202 -4.24 -10.01 34.63
N ALA C 203 -4.26 -9.60 33.36
CA ALA C 203 -4.94 -8.39 32.92
C ALA C 203 -6.45 -8.51 33.13
N LEU C 204 -7.00 -9.71 32.91
CA LEU C 204 -8.43 -9.92 33.00
C LEU C 204 -8.90 -9.83 34.44
N HIS C 205 -8.07 -10.29 35.39
CA HIS C 205 -8.41 -10.15 36.80
C HIS C 205 -8.52 -8.67 37.18
N VAL C 206 -7.58 -7.86 36.67
CA VAL C 206 -7.57 -6.43 36.93
C VAL C 206 -8.84 -5.80 36.38
N ALA C 207 -9.33 -6.32 35.26
CA ALA C 207 -10.56 -5.86 34.64
C ALA C 207 -11.73 -5.96 35.63
N SER C 208 -11.75 -7.04 36.43
CA SER C 208 -12.77 -7.22 37.45
C SER C 208 -12.64 -6.15 38.51
N LEU C 209 -11.40 -5.79 38.86
CA LEU C 209 -11.11 -4.79 39.87
C LEU C 209 -11.49 -3.40 39.35
N ILE C 210 -11.38 -3.19 38.03
CA ILE C 210 -11.75 -1.93 37.41
C ILE C 210 -13.25 -1.73 37.50
N LYS C 211 -14.02 -2.81 37.34
CA LYS C 211 -15.46 -2.75 37.53
C LYS C 211 -15.77 -2.46 39.00
N GLU C 212 -15.13 -3.21 39.90
CA GLU C 212 -15.35 -3.11 41.33
C GLU C 212 -15.01 -1.71 41.83
N ALA C 213 -13.96 -1.10 41.26
CA ALA C 213 -13.53 0.24 41.64
C ALA C 213 -14.57 1.28 41.24
N GLY C 214 -15.38 0.95 40.22
CA GLY C 214 -16.51 1.79 39.83
C GLY C 214 -16.16 2.72 38.67
N PHE C 215 -15.25 2.29 37.79
CA PHE C 215 -14.98 2.99 36.55
C PHE C 215 -16.21 2.91 35.66
N PRO C 216 -16.67 4.03 35.05
CA PRO C 216 -17.79 3.99 34.10
C PRO C 216 -17.60 2.91 33.04
N PRO C 217 -18.67 2.16 32.68
CA PRO C 217 -18.58 1.17 31.61
C PRO C 217 -18.03 1.76 30.30
N GLY C 218 -17.05 1.06 29.71
CA GLY C 218 -16.51 1.43 28.42
C GLY C 218 -15.18 2.17 28.51
N VAL C 219 -14.85 2.69 29.71
CA VAL C 219 -13.62 3.42 29.93
C VAL C 219 -12.44 2.48 29.68
N VAL C 220 -12.46 1.33 30.36
CA VAL C 220 -11.47 0.29 30.14
C VAL C 220 -12.15 -0.91 29.48
N ASN C 221 -11.56 -1.36 28.37
CA ASN C 221 -11.99 -2.55 27.66
C ASN C 221 -10.75 -3.41 27.39
N ILE C 222 -10.90 -4.74 27.51
CA ILE C 222 -9.79 -5.66 27.32
C ILE C 222 -10.24 -6.76 26.37
N VAL C 223 -9.47 -6.95 25.29
CA VAL C 223 -9.80 -7.92 24.25
C VAL C 223 -8.60 -8.85 24.06
N PRO C 224 -8.51 -9.97 24.82
CA PRO C 224 -7.44 -10.95 24.62
C PRO C 224 -7.57 -11.64 23.27
N GLY C 225 -6.44 -11.85 22.60
CA GLY C 225 -6.40 -12.45 21.28
C GLY C 225 -4.97 -12.50 20.74
N TYR C 226 -4.85 -12.90 19.47
CA TYR C 226 -3.55 -13.01 18.82
C TYR C 226 -3.15 -11.66 18.22
N GLY C 227 -1.85 -11.51 17.94
CA GLY C 227 -1.29 -10.25 17.47
C GLY C 227 -1.78 -9.87 16.07
N PRO C 228 -1.52 -10.70 15.03
CA PRO C 228 -1.93 -10.39 13.67
C PRO C 228 -3.44 -10.19 13.47
N THR C 229 -4.26 -10.74 14.39
CA THR C 229 -5.70 -10.65 14.32
C THR C 229 -6.19 -9.41 15.06
N ALA C 230 -6.13 -9.46 16.40
CA ALA C 230 -6.67 -8.40 17.25
C ALA C 230 -5.79 -7.17 17.19
N GLY C 231 -4.46 -7.38 17.28
CA GLY C 231 -3.49 -6.29 17.29
C GLY C 231 -3.54 -5.47 16.01
N ALA C 232 -3.67 -6.14 14.86
CA ALA C 232 -3.75 -5.48 13.57
C ALA C 232 -5.06 -4.71 13.45
N ALA C 233 -6.13 -5.26 14.04
CA ALA C 233 -7.43 -4.62 14.04
C ALA C 233 -7.35 -3.25 14.75
N ILE C 234 -6.57 -3.21 15.83
CA ILE C 234 -6.38 -1.99 16.61
C ILE C 234 -5.55 -0.99 15.81
N SER C 235 -4.44 -1.46 15.24
CA SER C 235 -3.47 -0.59 14.59
C SER C 235 -4.07 0.11 13.37
N SER C 236 -5.09 -0.52 12.75
CA SER C 236 -5.66 -0.03 11.50
C SER C 236 -7.08 0.48 11.69
N HIS C 237 -7.57 0.55 12.94
CA HIS C 237 -8.95 0.91 13.22
C HIS C 237 -9.15 2.40 12.95
N MET C 238 -10.33 2.76 12.44
CA MET C 238 -10.59 4.07 11.88
C MET C 238 -11.20 5.01 12.93
N ASP C 239 -11.49 4.49 14.12
CA ASP C 239 -12.08 5.27 15.20
C ASP C 239 -11.18 5.23 16.43
N ILE C 240 -9.97 4.68 16.29
CA ILE C 240 -8.97 4.71 17.36
C ILE C 240 -8.04 5.88 17.10
N ASP C 241 -7.91 6.77 18.10
CA ASP C 241 -7.18 8.01 17.94
C ASP C 241 -5.69 7.79 18.15
N LYS C 242 -5.36 6.86 19.06
CA LYS C 242 -3.97 6.59 19.43
C LYS C 242 -3.75 5.09 19.55
N VAL C 243 -2.52 4.65 19.27
CA VAL C 243 -2.09 3.29 19.57
C VAL C 243 -0.83 3.37 20.42
N ALA C 244 -0.77 2.49 21.45
CA ALA C 244 0.39 2.39 22.32
C ALA C 244 0.90 0.95 22.30
N PHE C 245 2.13 0.76 21.80
CA PHE C 245 2.67 -0.56 21.56
C PHE C 245 3.94 -0.77 22.39
N THR C 246 4.18 -2.04 22.76
CA THR C 246 5.41 -2.45 23.42
C THR C 246 5.71 -3.89 23.01
N GLY C 247 6.73 -4.07 22.17
CA GLY C 247 7.10 -5.39 21.66
C GLY C 247 8.29 -5.32 20.71
N SER C 248 8.34 -6.28 19.79
CA SER C 248 9.44 -6.39 18.83
C SER C 248 9.44 -5.17 17.91
N THR C 249 10.65 -4.81 17.45
CA THR C 249 10.83 -3.74 16.49
C THR C 249 10.16 -4.12 15.17
N GLU C 250 10.23 -5.42 14.83
CA GLU C 250 9.62 -5.96 13.64
C GLU C 250 8.17 -5.48 13.52
N VAL C 251 7.40 -5.63 14.60
CA VAL C 251 5.97 -5.36 14.61
C VAL C 251 5.72 -3.85 14.74
N GLY C 252 6.55 -3.16 15.52
CA GLY C 252 6.46 -1.72 15.66
C GLY C 252 6.36 -1.01 14.32
N LYS C 253 7.08 -1.54 13.32
CA LYS C 253 7.11 -0.98 11.98
C LYS C 253 5.79 -1.23 11.25
N LEU C 254 5.11 -2.32 11.61
CA LEU C 254 3.80 -2.66 11.03
C LEU C 254 2.72 -1.80 11.69
N ILE C 255 2.90 -1.48 12.98
CA ILE C 255 1.96 -0.68 13.74
C ILE C 255 1.93 0.74 13.17
N LYS C 256 3.12 1.32 12.96
CA LYS C 256 3.26 2.67 12.46
C LYS C 256 2.78 2.74 11.01
N GLU C 257 3.05 1.68 10.25
CA GLU C 257 2.67 1.58 8.86
C GLU C 257 1.14 1.50 8.74
N ALA C 258 0.52 0.65 9.58
CA ALA C 258 -0.92 0.47 9.58
C ALA C 258 -1.63 1.73 10.07
N ALA C 259 -0.94 2.51 10.92
CA ALA C 259 -1.46 3.76 11.43
C ALA C 259 -1.48 4.82 10.33
N GLY C 260 -0.50 4.75 9.42
CA GLY C 260 -0.42 5.66 8.29
C GLY C 260 -1.56 5.43 7.29
N LYS C 261 -1.86 4.16 7.01
CA LYS C 261 -2.87 3.80 6.03
C LYS C 261 -4.28 4.05 6.56
N SER C 262 -4.46 3.96 7.88
CA SER C 262 -5.78 4.07 8.48
C SER C 262 -6.17 5.54 8.66
N ASN C 263 -5.93 6.10 9.86
CA ASN C 263 -6.47 7.40 10.23
C ASN C 263 -5.41 8.25 10.92
N LEU C 264 -4.13 8.03 10.57
CA LEU C 264 -3.03 8.82 11.10
C LEU C 264 -3.10 8.91 12.62
N LYS C 265 -3.44 7.79 13.27
CA LYS C 265 -3.54 7.74 14.72
C LYS C 265 -2.17 7.97 15.33
N ARG C 266 -2.16 8.49 16.57
CA ARG C 266 -0.92 8.79 17.27
C ARG C 266 -0.28 7.47 17.71
N VAL C 267 1.06 7.49 17.85
CA VAL C 267 1.82 6.27 18.06
C VAL C 267 2.86 6.49 19.15
N THR C 268 2.94 5.54 20.09
CA THR C 268 4.04 5.46 21.03
C THR C 268 4.57 4.02 21.06
N LEU C 269 5.81 3.84 20.61
CA LEU C 269 6.44 2.54 20.56
C LEU C 269 7.42 2.43 21.73
N GLU C 270 7.54 1.20 22.27
CA GLU C 270 8.51 0.88 23.30
C GLU C 270 9.15 -0.46 22.95
N LEU C 271 10.12 -0.39 22.04
CA LEU C 271 10.67 -1.59 21.40
C LEU C 271 11.85 -2.10 22.22
N GLY C 272 12.43 -3.22 21.76
CA GLY C 272 13.59 -3.80 22.41
C GLY C 272 14.86 -3.00 22.12
N GLY C 273 15.97 -3.45 22.72
CA GLY C 273 17.25 -2.78 22.57
C GLY C 273 18.42 -3.73 22.76
N LYS C 274 19.60 -3.29 22.30
CA LYS C 274 20.86 -3.97 22.56
C LYS C 274 21.67 -3.09 23.50
N SER C 275 21.10 -2.81 24.67
CA SER C 275 21.57 -1.78 25.58
C SER C 275 22.98 -2.11 26.08
N PRO C 276 23.99 -1.24 25.83
CA PRO C 276 25.37 -1.51 26.23
C PRO C 276 25.73 -1.02 27.63
N CYS C 277 26.81 -1.59 28.19
CA CYS C 277 27.38 -1.14 29.44
C CYS C 277 28.86 -0.83 29.24
N ILE C 278 29.32 0.28 29.83
CA ILE C 278 30.72 0.69 29.75
C ILE C 278 31.27 0.74 31.18
N VAL C 279 32.29 -0.08 31.43
CA VAL C 279 32.89 -0.22 32.74
C VAL C 279 34.34 0.24 32.66
N LEU C 280 34.62 1.43 33.20
CA LEU C 280 35.96 2.00 33.18
C LEU C 280 36.80 1.40 34.29
N ALA C 281 38.12 1.64 34.22
CA ALA C 281 39.07 1.10 35.18
C ALA C 281 38.68 1.51 36.60
N ASP C 282 38.41 2.82 36.78
CA ASP C 282 38.07 3.37 38.08
C ASP C 282 36.59 3.10 38.37
N ALA C 283 36.28 1.87 38.76
CA ALA C 283 34.91 1.46 39.03
C ALA C 283 34.89 0.43 40.15
N ASP C 284 33.83 0.50 40.98
CA ASP C 284 33.56 -0.52 41.98
C ASP C 284 33.15 -1.79 41.24
N LEU C 285 34.11 -2.70 41.05
CA LEU C 285 33.94 -3.84 40.15
C LEU C 285 32.75 -4.68 40.59
N ASP C 286 32.64 -4.94 41.91
CA ASP C 286 31.55 -5.72 42.46
C ASP C 286 30.23 -5.06 42.12
N ASN C 287 30.16 -3.73 42.26
CA ASN C 287 28.97 -2.97 41.92
C ASN C 287 28.64 -3.17 40.43
N ALA C 288 29.67 -2.99 39.58
CA ALA C 288 29.51 -3.09 38.14
C ALA C 288 29.12 -4.51 37.73
N VAL C 289 29.81 -5.51 38.29
CA VAL C 289 29.59 -6.91 37.96
C VAL C 289 28.18 -7.32 38.36
N GLU C 290 27.72 -6.85 39.53
CA GLU C 290 26.45 -7.27 40.10
C GLU C 290 25.29 -6.65 39.31
N PHE C 291 25.41 -5.35 38.99
CA PHE C 291 24.37 -4.63 38.27
C PHE C 291 24.32 -5.06 36.81
N ALA C 292 25.49 -5.28 36.20
CA ALA C 292 25.58 -5.73 34.82
C ALA C 292 25.01 -7.14 34.70
N HIS C 293 25.27 -7.98 35.71
CA HIS C 293 24.73 -9.32 35.79
C HIS C 293 23.21 -9.25 35.91
N HIS C 294 22.71 -8.50 36.91
CA HIS C 294 21.29 -8.31 37.11
C HIS C 294 20.64 -7.77 35.85
N GLY C 295 21.31 -6.80 35.20
CA GLY C 295 20.79 -6.14 34.01
C GLY C 295 20.44 -7.12 32.90
N VAL C 296 21.32 -8.10 32.66
CA VAL C 296 21.21 -8.98 31.50
C VAL C 296 20.45 -10.25 31.85
N PHE C 297 20.43 -10.64 33.13
CA PHE C 297 19.89 -11.94 33.55
C PHE C 297 18.58 -11.81 34.31
N TYR C 298 18.01 -10.60 34.40
CA TYR C 298 16.77 -10.41 35.15
C TYR C 298 15.60 -10.98 34.35
N HIS C 299 14.76 -11.78 35.03
CA HIS C 299 13.61 -12.44 34.41
C HIS C 299 14.07 -13.20 33.17
N GLN C 300 15.09 -14.04 33.34
CA GLN C 300 15.65 -14.86 32.27
C GLN C 300 16.07 -13.98 31.09
N GLY C 301 16.57 -12.78 31.39
CA GLY C 301 17.02 -11.83 30.38
C GLY C 301 15.94 -11.46 29.37
N GLN C 302 14.67 -11.45 29.82
CA GLN C 302 13.54 -11.12 28.96
C GLN C 302 13.10 -9.68 29.24
N CYS C 303 14.07 -8.77 29.30
CA CYS C 303 13.82 -7.35 29.52
C CYS C 303 14.23 -6.57 28.27
N CYS C 304 13.46 -5.53 27.95
CA CYS C 304 13.80 -4.62 26.87
C CYS C 304 15.11 -3.91 27.21
N ILE C 305 15.30 -3.63 28.50
CA ILE C 305 16.52 -3.01 29.01
C ILE C 305 17.46 -4.11 29.51
N ALA C 306 17.97 -4.93 28.59
CA ALA C 306 18.92 -5.98 28.92
C ALA C 306 20.33 -5.48 28.61
N ALA C 307 21.27 -5.71 29.54
CA ALA C 307 22.66 -5.31 29.38
C ALA C 307 23.38 -6.31 28.46
N SER C 308 23.06 -6.24 27.17
CA SER C 308 23.52 -7.22 26.20
C SER C 308 25.04 -7.11 26.04
N ARG C 309 25.49 -5.95 25.55
CA ARG C 309 26.90 -5.70 25.31
C ARG C 309 27.51 -5.05 26.55
N ILE C 310 28.57 -5.66 27.10
CA ILE C 310 29.22 -5.14 28.29
C ILE C 310 30.68 -4.88 27.98
N PHE C 311 31.00 -3.60 27.72
CA PHE C 311 32.35 -3.17 27.40
C PHE C 311 33.12 -2.91 28.70
N VAL C 312 34.36 -3.41 28.75
CA VAL C 312 35.19 -3.31 29.95
C VAL C 312 36.61 -2.91 29.54
N GLU C 313 37.23 -2.04 30.36
CA GLU C 313 38.62 -1.65 30.18
C GLU C 313 39.50 -2.91 30.18
N GLU C 314 40.61 -2.86 29.43
CA GLU C 314 41.52 -3.99 29.31
C GLU C 314 42.02 -4.44 30.67
N SER C 315 42.45 -3.48 31.50
CA SER C 315 43.07 -3.74 32.79
C SER C 315 42.22 -4.66 33.66
N ILE C 316 40.89 -4.49 33.61
CA ILE C 316 39.99 -5.19 34.51
C ILE C 316 39.08 -6.14 33.73
N TYR C 317 39.42 -6.44 32.48
CA TYR C 317 38.58 -7.26 31.62
C TYR C 317 38.50 -8.68 32.16
N ASP C 318 39.67 -9.31 32.37
CA ASP C 318 39.75 -10.70 32.77
C ASP C 318 39.09 -10.90 34.13
N GLU C 319 39.34 -9.96 35.04
CA GLU C 319 38.78 -10.03 36.39
C GLU C 319 37.25 -9.96 36.33
N PHE C 320 36.73 -9.08 35.46
CA PHE C 320 35.30 -8.90 35.31
C PHE C 320 34.66 -10.19 34.80
N VAL C 321 35.27 -10.78 33.75
CA VAL C 321 34.78 -12.00 33.15
C VAL C 321 34.76 -13.11 34.20
N ARG C 322 35.81 -13.17 35.03
CA ARG C 322 35.96 -14.19 36.04
C ARG C 322 34.78 -14.15 37.01
N ARG C 323 34.44 -12.95 37.50
CA ARG C 323 33.41 -12.78 38.51
C ARG C 323 32.02 -12.94 37.91
N SER C 324 31.85 -12.56 36.64
CA SER C 324 30.57 -12.62 35.97
C SER C 324 30.13 -14.08 35.76
N VAL C 325 31.12 -14.98 35.60
CA VAL C 325 30.85 -16.38 35.32
C VAL C 325 30.44 -17.08 36.61
N GLU C 326 31.23 -16.91 37.68
CA GLU C 326 30.99 -17.58 38.94
C GLU C 326 29.61 -17.18 39.49
N ARG C 327 29.21 -15.94 39.22
CA ARG C 327 27.90 -15.44 39.64
C ARG C 327 26.80 -16.15 38.84
N ALA C 328 27.06 -16.41 37.55
CA ALA C 328 26.06 -16.96 36.64
C ALA C 328 25.85 -18.46 36.85
N LYS C 329 26.82 -19.13 37.48
CA LYS C 329 26.74 -20.57 37.72
C LYS C 329 25.91 -20.86 38.97
N LYS C 330 25.63 -19.82 39.79
CA LYS C 330 24.88 -19.99 41.02
C LYS C 330 23.39 -19.77 40.76
N TYR C 331 22.83 -20.49 39.79
CA TYR C 331 21.42 -20.40 39.47
C TYR C 331 20.80 -21.78 39.51
N ILE C 332 19.56 -21.85 40.02
CA ILE C 332 18.82 -23.10 40.17
C ILE C 332 17.57 -23.00 39.31
N LEU C 333 17.57 -23.71 38.18
CA LEU C 333 16.47 -23.67 37.22
C LEU C 333 15.37 -24.64 37.67
N GLY C 334 14.12 -24.16 37.61
CA GLY C 334 12.97 -24.97 37.99
C GLY C 334 11.69 -24.15 38.00
N ASN C 335 10.65 -24.68 38.66
CA ASN C 335 9.36 -24.03 38.73
C ASN C 335 9.50 -22.73 39.53
N PRO C 336 9.02 -21.58 39.01
CA PRO C 336 9.15 -20.29 39.72
C PRO C 336 8.35 -20.21 41.03
N LEU C 337 7.35 -21.08 41.19
CA LEU C 337 6.58 -21.16 42.42
C LEU C 337 7.34 -21.95 43.49
N THR C 338 8.30 -22.78 43.05
CA THR C 338 9.10 -23.59 43.96
C THR C 338 10.03 -22.67 44.74
N PRO C 339 10.05 -22.74 46.09
CA PRO C 339 11.01 -21.97 46.89
C PRO C 339 12.45 -22.49 46.72
N GLY C 340 13.37 -21.58 46.42
CA GLY C 340 14.77 -21.92 46.22
C GLY C 340 15.18 -21.82 44.75
N VAL C 341 14.19 -21.80 43.85
CA VAL C 341 14.44 -21.64 42.41
C VAL C 341 14.82 -20.19 42.16
N THR C 342 15.97 -19.98 41.51
CA THR C 342 16.53 -18.65 41.30
C THR C 342 16.42 -18.22 39.84
N GLN C 343 16.09 -19.15 38.94
CA GLN C 343 15.85 -18.82 37.54
C GLN C 343 14.66 -19.63 37.02
N GLY C 344 13.85 -19.00 36.16
CA GLY C 344 12.64 -19.61 35.64
C GLY C 344 12.77 -19.98 34.16
N PRO C 345 11.64 -20.28 33.49
CA PRO C 345 11.63 -20.59 32.06
C PRO C 345 11.37 -19.41 31.12
N GLN C 346 11.63 -19.63 29.83
CA GLN C 346 11.26 -18.69 28.78
C GLN C 346 9.75 -18.84 28.55
N ILE C 347 9.15 -17.84 27.90
CA ILE C 347 7.70 -17.72 27.83
C ILE C 347 7.11 -18.86 27.00
N ASP C 348 7.70 -19.15 25.84
CA ASP C 348 7.16 -20.13 24.92
C ASP C 348 8.30 -20.77 24.12
N LYS C 349 7.94 -21.66 23.19
CA LYS C 349 8.91 -22.41 22.41
C LYS C 349 9.57 -21.51 21.37
N GLU C 350 8.89 -20.42 20.99
CA GLU C 350 9.38 -19.50 19.98
C GLU C 350 10.67 -18.83 20.47
N GLN C 351 10.61 -18.25 21.67
CA GLN C 351 11.77 -17.59 22.27
C GLN C 351 12.86 -18.62 22.57
N TYR C 352 12.45 -19.74 23.17
CA TYR C 352 13.34 -20.84 23.51
C TYR C 352 14.24 -21.19 22.33
N ASP C 353 13.62 -21.42 21.16
CA ASP C 353 14.36 -21.81 19.96
C ASP C 353 15.24 -20.66 19.47
N LYS C 354 14.72 -19.43 19.56
CA LYS C 354 15.43 -18.24 19.09
C LYS C 354 16.71 -18.04 19.91
N ILE C 355 16.60 -18.20 21.23
CA ILE C 355 17.71 -17.97 22.15
C ILE C 355 18.79 -19.01 21.89
N LEU C 356 18.39 -20.29 21.75
CA LEU C 356 19.32 -21.37 21.48
C LEU C 356 20.01 -21.16 20.13
N ASP C 357 19.27 -20.60 19.17
CA ASP C 357 19.79 -20.34 17.83
C ASP C 357 20.94 -19.33 17.90
N LEU C 358 20.75 -18.27 18.71
CA LEU C 358 21.75 -17.21 18.83
C LEU C 358 22.95 -17.70 19.65
N ILE C 359 22.71 -18.62 20.59
CA ILE C 359 23.78 -19.21 21.38
C ILE C 359 24.70 -20.03 20.47
N GLU C 360 24.11 -20.72 19.49
CA GLU C 360 24.87 -21.50 18.53
C GLU C 360 25.75 -20.59 17.67
N SER C 361 25.19 -19.45 17.26
CA SER C 361 25.92 -18.50 16.42
C SER C 361 27.14 -17.96 17.18
N GLY C 362 27.00 -17.78 18.50
CA GLY C 362 28.10 -17.35 19.35
C GLY C 362 29.30 -18.29 19.28
N LYS C 363 29.01 -19.60 19.25
CA LYS C 363 30.04 -20.63 19.14
C LYS C 363 30.58 -20.66 17.71
N LYS C 364 29.65 -20.68 16.74
CA LYS C 364 29.98 -20.83 15.33
C LYS C 364 30.83 -19.65 14.85
N GLU C 365 30.49 -18.43 15.32
CA GLU C 365 31.22 -17.23 14.93
C GLU C 365 32.48 -17.07 15.79
N GLY C 366 32.63 -17.92 16.81
CA GLY C 366 33.90 -18.09 17.49
C GLY C 366 34.06 -17.17 18.68
N ALA C 367 32.99 -16.98 19.46
CA ALA C 367 33.05 -16.32 20.75
C ALA C 367 33.33 -17.38 21.82
N LYS C 368 34.08 -16.99 22.86
CA LYS C 368 34.48 -17.93 23.91
C LYS C 368 33.31 -18.15 24.86
N LEU C 369 32.83 -19.40 24.91
CA LEU C 369 31.79 -19.80 25.84
C LEU C 369 32.42 -20.02 27.22
N GLU C 370 32.07 -19.15 28.17
CA GLU C 370 32.64 -19.19 29.51
C GLU C 370 31.86 -20.14 30.40
N CYS C 371 30.52 -20.13 30.26
CA CYS C 371 29.67 -21.08 30.96
C CYS C 371 28.33 -21.19 30.24
N GLY C 372 27.50 -22.15 30.69
CA GLY C 372 26.20 -22.40 30.09
C GLY C 372 26.31 -22.83 28.62
N GLY C 373 25.43 -22.28 27.79
CA GLY C 373 25.48 -22.49 26.35
C GLY C 373 24.75 -23.77 25.93
N GLY C 374 23.48 -23.89 26.35
CA GLY C 374 22.66 -25.03 26.00
C GLY C 374 21.35 -25.05 26.80
N PRO C 375 20.41 -25.96 26.45
CA PRO C 375 19.13 -26.04 27.17
C PRO C 375 19.26 -26.79 28.50
N TRP C 376 18.15 -26.84 29.25
CA TRP C 376 18.10 -27.52 30.53
C TRP C 376 16.72 -28.15 30.72
N GLY C 377 16.70 -29.39 31.22
CA GLY C 377 15.47 -30.05 31.62
C GLY C 377 14.77 -30.74 30.44
N ASN C 378 13.91 -31.71 30.78
CA ASN C 378 13.06 -32.40 29.82
C ASN C 378 11.78 -31.59 29.60
N LYS C 379 11.21 -31.10 30.72
CA LYS C 379 9.99 -30.32 30.72
C LYS C 379 10.32 -28.84 30.96
N GLY C 380 9.51 -27.96 30.36
CA GLY C 380 9.68 -26.52 30.49
C GLY C 380 10.68 -25.98 29.47
N TYR C 381 10.58 -24.68 29.17
CA TYR C 381 11.49 -24.02 28.25
C TYR C 381 12.57 -23.29 29.05
N PHE C 382 13.54 -24.07 29.53
CA PHE C 382 14.61 -23.58 30.37
C PHE C 382 15.90 -23.49 29.55
N VAL C 383 16.58 -22.35 29.63
CA VAL C 383 17.88 -22.17 29.00
C VAL C 383 18.90 -21.94 30.11
N GLN C 384 20.07 -22.57 29.97
CA GLN C 384 21.16 -22.42 30.92
C GLN C 384 21.66 -20.99 30.89
N PRO C 385 22.01 -20.38 32.05
CA PRO C 385 22.62 -19.05 32.06
C PRO C 385 23.97 -19.09 31.34
N THR C 386 24.03 -18.42 30.19
CA THR C 386 25.17 -18.49 29.29
C THR C 386 25.98 -17.21 29.40
N VAL C 387 27.31 -17.34 29.24
CA VAL C 387 28.20 -16.20 29.25
C VAL C 387 29.20 -16.36 28.11
N PHE C 388 29.28 -15.33 27.25
CA PHE C 388 30.26 -15.27 26.18
C PHE C 388 31.29 -14.19 26.48
N SER C 389 32.55 -14.46 26.12
CA SER C 389 33.63 -13.49 26.22
C SER C 389 34.38 -13.44 24.89
N ASN C 390 35.28 -12.46 24.78
CA ASN C 390 36.03 -12.22 23.55
C ASN C 390 35.05 -12.05 22.39
N VAL C 391 34.01 -11.24 22.62
CA VAL C 391 32.97 -11.01 21.65
C VAL C 391 33.36 -9.79 20.80
N THR C 392 33.10 -9.89 19.50
CA THR C 392 33.41 -8.83 18.56
C THR C 392 32.12 -8.12 18.15
N ASP C 393 32.27 -6.94 17.52
CA ASP C 393 31.14 -6.07 17.20
C ASP C 393 30.30 -6.66 16.08
N GLU C 394 30.92 -7.46 15.20
CA GLU C 394 30.25 -7.97 14.01
C GLU C 394 29.80 -9.43 14.23
N MET C 395 29.41 -9.74 15.47
CA MET C 395 28.82 -11.04 15.80
C MET C 395 27.31 -10.87 15.96
N ARG C 396 26.56 -11.95 15.72
CA ARG C 396 25.10 -11.93 15.82
C ARG C 396 24.68 -11.65 17.26
N ILE C 397 25.44 -12.20 18.23
CA ILE C 397 25.12 -12.05 19.64
C ILE C 397 25.50 -10.65 20.13
N ALA C 398 26.25 -9.89 19.31
CA ALA C 398 26.63 -8.52 19.65
C ALA C 398 25.84 -7.51 18.82
N LYS C 399 24.75 -7.97 18.19
CA LYS C 399 23.95 -7.12 17.31
C LYS C 399 22.47 -7.35 17.57
N GLU C 400 22.02 -8.60 17.38
CA GLU C 400 20.61 -8.95 17.51
C GLU C 400 20.25 -9.05 19.00
N GLU C 401 19.02 -8.63 19.33
CA GLU C 401 18.49 -8.78 20.68
C GLU C 401 18.17 -10.26 20.93
N ILE C 402 18.67 -10.79 22.05
CA ILE C 402 18.57 -12.21 22.35
C ILE C 402 17.26 -12.47 23.09
N PHE C 403 17.03 -11.68 24.15
CA PHE C 403 15.84 -11.77 24.98
C PHE C 403 15.85 -13.10 25.73
N GLY C 404 17.04 -13.48 26.20
CA GLY C 404 17.26 -14.70 26.96
C GLY C 404 18.45 -14.55 27.91
N PRO C 405 18.73 -15.53 28.78
CA PRO C 405 19.83 -15.42 29.74
C PRO C 405 21.19 -15.66 29.10
N VAL C 406 21.67 -14.66 28.35
CA VAL C 406 22.94 -14.73 27.66
C VAL C 406 23.66 -13.38 27.84
N GLN C 407 24.90 -13.43 28.32
CA GLN C 407 25.69 -12.24 28.63
C GLN C 407 26.88 -12.18 27.68
N GLN C 408 27.09 -11.01 27.05
CA GLN C 408 28.23 -10.77 26.18
C GLN C 408 29.17 -9.77 26.85
N ILE C 409 30.43 -10.18 27.06
CA ILE C 409 31.43 -9.33 27.67
C ILE C 409 32.50 -9.02 26.64
N MET C 410 32.81 -7.73 26.50
CA MET C 410 33.65 -7.22 25.43
C MET C 410 34.68 -6.27 26.04
N LYS C 411 35.86 -6.16 25.41
CA LYS C 411 36.94 -5.35 25.94
C LYS C 411 37.10 -4.09 25.09
N PHE C 412 37.56 -3.01 25.74
CA PHE C 412 37.95 -1.79 25.04
C PHE C 412 39.23 -1.24 25.66
N LYS C 413 39.78 -0.20 25.02
CA LYS C 413 40.95 0.50 25.50
C LYS C 413 40.76 2.01 25.34
N SER C 414 40.26 2.43 24.17
CA SER C 414 39.95 3.83 23.90
C SER C 414 38.52 4.13 24.35
N LEU C 415 38.38 5.20 25.15
CA LEU C 415 37.08 5.61 25.66
C LEU C 415 36.24 6.18 24.52
N ASP C 416 36.87 6.95 23.63
CA ASP C 416 36.20 7.60 22.52
C ASP C 416 35.62 6.55 21.58
N ASP C 417 36.36 5.46 21.37
CA ASP C 417 35.99 4.42 20.42
C ASP C 417 34.78 3.65 20.95
N VAL C 418 34.85 3.21 22.21
CA VAL C 418 33.83 2.34 22.79
C VAL C 418 32.47 3.06 22.81
N ILE C 419 32.49 4.39 22.99
CA ILE C 419 31.28 5.19 22.97
C ILE C 419 30.64 5.12 21.58
N LYS C 420 31.48 5.17 20.54
CA LYS C 420 31.01 5.13 19.16
C LYS C 420 30.55 3.71 18.81
N ARG C 421 31.21 2.71 19.41
CA ARG C 421 30.81 1.32 19.25
C ARG C 421 29.47 1.06 19.94
N ALA C 422 29.28 1.69 21.11
CA ALA C 422 28.04 1.57 21.87
C ALA C 422 26.88 2.20 21.10
N ASN C 423 27.15 3.36 20.49
CA ASN C 423 26.14 4.11 19.76
C ASN C 423 25.91 3.50 18.38
N ASN C 424 26.87 2.69 17.90
CA ASN C 424 26.77 2.06 16.59
C ASN C 424 25.73 0.93 16.62
N THR C 425 24.46 1.32 16.58
CA THR C 425 23.34 0.38 16.58
C THR C 425 22.05 1.14 16.34
N PHE C 426 21.08 0.50 15.67
CA PHE C 426 19.79 1.09 15.39
C PHE C 426 18.96 1.18 16.67
N TYR C 427 19.29 0.34 17.66
CA TYR C 427 18.66 0.39 18.97
C TYR C 427 19.26 1.54 19.79
N GLY C 428 18.64 1.80 20.94
CA GLY C 428 19.13 2.81 21.88
C GLY C 428 18.11 3.06 23.00
N LEU C 429 17.72 1.99 23.70
CA LEU C 429 16.69 2.07 24.73
C LEU C 429 17.32 2.51 26.05
N SER C 430 18.52 1.98 26.35
CA SER C 430 19.19 2.29 27.60
C SER C 430 20.69 2.04 27.48
N ALA C 431 21.41 2.36 28.56
CA ALA C 431 22.84 2.12 28.66
C ALA C 431 23.27 2.13 30.13
N GLY C 432 24.51 1.73 30.38
CA GLY C 432 25.08 1.70 31.73
C GLY C 432 26.51 2.21 31.76
N VAL C 433 26.79 3.14 32.69
CA VAL C 433 28.12 3.72 32.84
C VAL C 433 28.60 3.48 34.26
N PHE C 434 29.79 2.89 34.41
CA PHE C 434 30.33 2.53 35.71
C PHE C 434 31.71 3.16 35.88
N THR C 435 31.75 4.26 36.63
CA THR C 435 32.98 4.98 36.90
C THR C 435 32.80 5.84 38.15
N LYS C 436 33.92 6.21 38.78
CA LYS C 436 33.92 7.05 39.97
C LYS C 436 34.07 8.53 39.59
N ASP C 437 34.64 8.79 38.40
CA ASP C 437 34.95 10.16 37.98
C ASP C 437 33.67 10.82 37.48
N ILE C 438 33.42 12.05 37.95
CA ILE C 438 32.21 12.79 37.61
C ILE C 438 32.26 13.19 36.14
N ASP C 439 33.35 13.85 35.75
CA ASP C 439 33.52 14.34 34.39
C ASP C 439 33.21 13.22 33.40
N LYS C 440 33.79 12.04 33.65
CA LYS C 440 33.58 10.87 32.83
C LYS C 440 32.10 10.53 32.75
N ALA C 441 31.47 10.37 33.93
CA ALA C 441 30.09 9.92 34.02
C ALA C 441 29.16 10.83 33.22
N ILE C 442 29.30 12.15 33.44
CA ILE C 442 28.42 13.14 32.83
C ILE C 442 28.63 13.17 31.33
N THR C 443 29.90 13.22 30.90
CA THR C 443 30.23 13.35 29.49
C THR C 443 29.81 12.09 28.72
N ILE C 444 30.17 10.92 29.25
CA ILE C 444 29.87 9.65 28.61
C ILE C 444 28.35 9.51 28.47
N SER C 445 27.62 9.79 29.55
CA SER C 445 26.18 9.68 29.55
C SER C 445 25.56 10.65 28.53
N SER C 446 26.16 11.83 28.38
CA SER C 446 25.69 12.82 27.42
C SER C 446 25.93 12.35 25.98
N ALA C 447 27.02 11.59 25.78
CA ALA C 447 27.43 11.14 24.46
C ALA C 447 26.58 9.95 24.00
N LEU C 448 26.32 9.02 24.93
CA LEU C 448 25.55 7.82 24.63
C LEU C 448 24.16 8.19 24.12
N GLN C 449 23.69 7.47 23.09
CA GLN C 449 22.40 7.71 22.48
C GLN C 449 21.39 6.71 23.03
N ALA C 450 21.06 6.88 24.32
CA ALA C 450 20.15 5.98 25.02
C ALA C 450 19.05 6.80 25.69
N GLY C 451 17.86 6.20 25.81
CA GLY C 451 16.72 6.85 26.41
C GLY C 451 16.86 7.00 27.94
N THR C 452 17.49 5.99 28.56
CA THR C 452 17.77 6.01 29.99
C THR C 452 19.20 5.54 30.23
N VAL C 453 20.01 6.37 30.89
CA VAL C 453 21.40 6.04 31.17
C VAL C 453 21.59 5.92 32.68
N TRP C 454 22.07 4.76 33.12
CA TRP C 454 22.30 4.48 34.53
C TRP C 454 23.79 4.65 34.84
N VAL C 455 24.08 5.34 35.94
CA VAL C 455 25.46 5.57 36.37
C VAL C 455 25.70 4.81 37.67
N ASN C 456 26.63 3.85 37.61
CA ASN C 456 26.96 2.96 38.73
C ASN C 456 25.71 2.23 39.20
N CYS C 457 24.84 1.85 38.25
CA CYS C 457 23.67 1.04 38.50
C CYS C 457 23.09 0.59 37.17
N TYR C 458 21.99 -0.19 37.21
CA TYR C 458 21.33 -0.64 36.00
C TYR C 458 19.93 -1.15 36.33
N GLY C 459 19.00 -0.96 35.39
CA GLY C 459 17.64 -1.46 35.51
C GLY C 459 16.84 -0.78 36.61
N VAL C 460 17.17 0.50 36.89
CA VAL C 460 16.52 1.26 37.95
C VAL C 460 15.43 2.13 37.31
N VAL C 461 14.28 1.51 37.05
CA VAL C 461 13.13 2.23 36.51
C VAL C 461 12.13 2.47 37.65
N SER C 462 11.57 3.69 37.68
CA SER C 462 10.52 4.05 38.63
C SER C 462 9.42 4.82 37.90
N ALA C 463 8.32 5.09 38.61
CA ALA C 463 7.15 5.71 38.03
C ALA C 463 7.39 7.19 37.73
N GLN C 464 8.27 7.82 38.52
CA GLN C 464 8.47 9.25 38.45
C GLN C 464 9.33 9.63 37.25
N CYS C 465 10.25 8.74 36.84
CA CYS C 465 11.18 9.01 35.78
C CYS C 465 10.58 8.63 34.42
N PRO C 466 10.74 9.46 33.36
CA PRO C 466 10.26 9.12 32.03
C PRO C 466 11.18 8.12 31.32
N PHE C 467 10.56 7.04 30.80
CA PHE C 467 11.30 5.92 30.23
C PHE C 467 10.89 5.74 28.77
N GLY C 468 11.89 5.78 27.88
CA GLY C 468 11.70 5.55 26.46
C GLY C 468 13.01 5.16 25.78
N GLY C 469 13.11 5.44 24.48
CA GLY C 469 14.27 5.03 23.69
C GLY C 469 14.61 6.00 22.56
N PHE C 470 15.90 6.08 22.24
CA PHE C 470 16.39 6.77 21.05
C PHE C 470 16.27 5.84 19.84
N LYS C 471 16.20 6.43 18.65
CA LYS C 471 16.29 5.70 17.39
C LYS C 471 15.18 4.65 17.33
N MET C 472 15.53 3.40 17.00
CA MET C 472 14.54 2.35 16.74
C MET C 472 14.33 1.51 18.01
N SER C 473 14.31 2.17 19.17
CA SER C 473 13.98 1.51 20.43
C SER C 473 12.72 2.13 21.05
N GLY C 474 12.12 3.09 20.35
CA GLY C 474 10.89 3.72 20.83
C GLY C 474 10.50 4.92 19.99
N ASN C 475 9.26 5.40 20.21
CA ASN C 475 8.73 6.58 19.54
C ASN C 475 8.07 7.51 20.56
N GLY C 476 8.45 7.40 21.84
CA GLY C 476 7.86 8.23 22.87
C GLY C 476 8.24 7.78 24.29
N ARG C 477 7.95 8.63 25.27
CA ARG C 477 8.15 8.36 26.69
C ARG C 477 6.81 7.95 27.31
N GLU C 478 6.86 7.15 28.39
CA GLU C 478 5.67 6.53 28.94
C GLU C 478 5.39 6.92 30.39
N LEU C 479 6.42 7.34 31.15
CA LEU C 479 6.25 7.60 32.57
C LEU C 479 6.66 9.04 32.89
N GLY C 480 6.50 9.43 34.15
CA GLY C 480 6.90 10.74 34.63
C GLY C 480 5.98 11.84 34.10
N GLU C 481 6.43 13.09 34.19
CA GLU C 481 5.67 14.23 33.73
C GLU C 481 5.52 14.18 32.21
N TYR C 482 6.60 13.77 31.52
CA TYR C 482 6.66 13.84 30.06
C TYR C 482 5.84 12.72 29.43
N GLY C 483 5.68 11.61 30.15
CA GLY C 483 4.92 10.47 29.66
C GLY C 483 3.44 10.79 29.47
N PHE C 484 2.93 11.75 30.25
CA PHE C 484 1.53 12.13 30.22
C PHE C 484 1.24 13.05 29.03
N HIS C 485 2.28 13.72 28.52
CA HIS C 485 2.12 14.64 27.40
C HIS C 485 1.64 13.90 26.15
N GLU C 486 1.88 12.58 26.09
CA GLU C 486 1.62 11.79 24.90
C GLU C 486 0.28 11.08 25.00
N TYR C 487 -0.47 11.35 26.08
CA TYR C 487 -1.85 10.88 26.21
C TYR C 487 -2.78 12.09 26.32
N THR C 488 -2.39 13.21 25.70
CA THR C 488 -3.19 14.43 25.70
C THR C 488 -3.16 15.09 24.32
N GLU C 489 -4.22 15.84 24.02
CA GLU C 489 -4.34 16.61 22.79
C GLU C 489 -4.53 18.08 23.18
N VAL C 490 -3.64 18.94 22.66
CA VAL C 490 -3.57 20.32 23.11
C VAL C 490 -4.43 21.20 22.21
N LYS C 491 -5.53 21.71 22.78
CA LYS C 491 -6.39 22.66 22.09
C LYS C 491 -6.00 24.07 22.49
N THR C 492 -5.93 24.96 21.49
CA THR C 492 -5.58 26.36 21.71
C THR C 492 -6.83 27.22 21.49
N VAL C 493 -7.22 28.00 22.51
CA VAL C 493 -8.40 28.83 22.43
C VAL C 493 -7.97 30.29 22.51
N THR C 494 -8.12 31.01 21.39
CA THR C 494 -7.74 32.41 21.28
C THR C 494 -9.00 33.27 21.20
N VAL C 495 -9.19 34.13 22.21
CA VAL C 495 -10.40 34.94 22.33
C VAL C 495 -10.05 36.38 22.01
N LYS C 496 -10.84 37.00 21.13
CA LYS C 496 -10.66 38.41 20.80
C LYS C 496 -11.21 39.27 21.94
N ILE C 497 -10.45 40.29 22.32
CA ILE C 497 -10.85 41.22 23.37
C ILE C 497 -10.64 42.65 22.88
N SER C 498 -11.21 43.61 23.62
CA SER C 498 -11.16 45.01 23.27
C SER C 498 -9.75 45.56 23.48
N GLN C 499 -9.24 45.41 24.71
CA GLN C 499 -7.90 45.85 25.06
C GLN C 499 -7.23 44.80 25.93
N LYS C 500 -5.96 44.54 25.64
CA LYS C 500 -5.13 43.62 26.41
C LYS C 500 -4.34 44.41 27.45
N ASN C 501 -4.09 43.78 28.61
CA ASN C 501 -3.22 44.34 29.63
C ASN C 501 -2.39 43.21 30.23
N SER C 502 -1.08 43.46 30.41
CA SER C 502 -0.15 42.47 30.92
C SER C 502 -0.49 42.14 32.39
N ASP D 9 -27.30 13.57 52.27
CA ASP D 9 -27.02 12.52 53.28
C ASP D 9 -26.24 13.13 54.44
N LEU D 10 -26.98 13.65 55.43
CA LEU D 10 -26.39 14.26 56.62
C LEU D 10 -26.57 13.35 57.83
N PRO D 11 -25.68 12.33 58.03
CA PRO D 11 -25.66 11.58 59.28
C PRO D 11 -25.09 12.42 60.42
N VAL D 12 -25.79 12.43 61.57
CA VAL D 12 -25.31 13.12 62.76
C VAL D 12 -24.65 12.09 63.68
N LEU D 13 -23.84 12.59 64.62
CA LEU D 13 -23.11 11.73 65.54
C LEU D 13 -24.12 11.03 66.45
N LEU D 14 -24.08 9.69 66.47
CA LEU D 14 -25.03 8.89 67.22
C LEU D 14 -24.82 9.09 68.72
N THR D 15 -23.56 8.94 69.16
CA THR D 15 -23.20 9.17 70.56
C THR D 15 -23.05 10.67 70.80
N ASP D 16 -22.93 11.06 72.07
CA ASP D 16 -22.58 12.42 72.44
C ASP D 16 -21.06 12.57 72.36
N LEU D 17 -20.60 13.72 71.85
CA LEU D 17 -19.20 13.97 71.62
C LEU D 17 -18.47 14.19 72.94
N LYS D 18 -17.31 13.55 73.06
CA LYS D 18 -16.49 13.62 74.26
C LYS D 18 -15.04 13.94 73.86
N ILE D 19 -14.59 15.14 74.25
CA ILE D 19 -13.27 15.64 73.92
C ILE D 19 -12.22 14.80 74.65
N GLN D 20 -11.04 14.66 74.03
CA GLN D 20 -9.96 13.86 74.59
C GLN D 20 -8.64 14.61 74.48
N TYR D 21 -8.28 15.04 73.28
CA TYR D 21 -6.99 15.65 73.00
C TYR D 21 -7.04 17.14 73.29
N THR D 22 -6.39 17.54 74.39
CA THR D 22 -6.40 18.93 74.86
C THR D 22 -5.01 19.33 75.36
N LYS D 23 -3.97 18.88 74.66
CA LYS D 23 -2.60 19.07 75.13
C LYS D 23 -1.68 19.43 73.97
N ILE D 24 -0.49 19.91 74.32
CA ILE D 24 0.52 20.31 73.36
C ILE D 24 1.11 19.06 72.72
N PHE D 25 1.37 19.13 71.41
CA PHE D 25 1.77 17.97 70.61
C PHE D 25 3.18 18.19 70.07
N ILE D 26 4.16 17.48 70.66
CA ILE D 26 5.55 17.57 70.24
C ILE D 26 6.14 16.16 70.18
N ASN D 27 6.86 15.85 69.10
CA ASN D 27 7.45 14.54 68.84
C ASN D 27 6.37 13.46 68.96
N ASN D 28 5.21 13.70 68.36
CA ASN D 28 4.11 12.73 68.33
C ASN D 28 3.81 12.22 69.74
N GLU D 29 3.79 13.13 70.72
CA GLU D 29 3.41 12.81 72.08
C GLU D 29 2.85 14.06 72.76
N TRP D 30 2.06 13.85 73.82
CA TRP D 30 1.26 14.89 74.43
C TRP D 30 2.00 15.51 75.62
N HIS D 31 2.43 16.77 75.46
CA HIS D 31 3.12 17.50 76.50
C HIS D 31 2.15 18.41 77.24
N ASP D 32 2.49 18.74 78.48
CA ASP D 32 1.80 19.77 79.24
C ASP D 32 2.46 21.11 78.95
N SER D 33 1.77 22.21 79.30
CA SER D 33 2.33 23.54 79.21
C SER D 33 3.46 23.68 80.24
N VAL D 34 4.58 24.27 79.80
CA VAL D 34 5.75 24.48 80.65
C VAL D 34 5.34 25.29 81.88
N SER D 35 4.55 26.35 81.66
CA SER D 35 4.03 27.16 82.75
C SER D 35 3.06 26.35 83.59
N GLY D 36 2.27 25.48 82.95
CA GLY D 36 1.28 24.67 83.62
C GLY D 36 -0.12 25.25 83.47
N LYS D 37 -0.21 26.47 82.95
CA LYS D 37 -1.47 27.18 82.79
C LYS D 37 -2.27 26.59 81.64
N LYS D 38 -3.59 26.78 81.69
CA LYS D 38 -4.51 26.25 80.70
C LYS D 38 -5.59 27.28 80.40
N PHE D 39 -5.90 27.48 79.12
CA PHE D 39 -6.93 28.39 78.70
C PHE D 39 -8.20 27.62 78.37
N PRO D 40 -9.41 28.21 78.57
CA PRO D 40 -10.67 27.52 78.28
C PRO D 40 -11.10 27.64 76.81
N VAL D 41 -12.00 26.75 76.40
CA VAL D 41 -12.55 26.75 75.06
C VAL D 41 -14.08 26.66 75.18
N PHE D 42 -14.78 27.63 74.59
CA PHE D 42 -16.23 27.73 74.73
C PHE D 42 -16.91 27.37 73.42
N ASN D 43 -18.18 26.94 73.53
CA ASN D 43 -19.08 26.87 72.39
C ASN D 43 -19.68 28.26 72.19
N PRO D 44 -19.44 28.93 71.04
CA PRO D 44 -19.98 30.27 70.80
C PRO D 44 -21.50 30.35 70.77
N ALA D 45 -22.16 29.23 70.50
CA ALA D 45 -23.61 29.15 70.45
C ALA D 45 -24.21 29.22 71.85
N THR D 46 -23.69 28.39 72.76
CA THR D 46 -24.26 28.23 74.09
C THR D 46 -23.48 29.00 75.14
N GLU D 47 -22.29 29.51 74.78
CA GLU D 47 -21.38 30.20 75.68
C GLU D 47 -20.87 29.27 76.77
N GLU D 48 -21.12 27.95 76.63
CA GLU D 48 -20.70 26.98 77.63
C GLU D 48 -19.22 26.68 77.45
N GLU D 49 -18.53 26.35 78.54
CA GLU D 49 -17.14 25.90 78.44
C GLU D 49 -17.13 24.43 78.06
N LEU D 50 -16.38 24.11 76.99
CA LEU D 50 -16.25 22.74 76.51
C LEU D 50 -15.15 22.04 77.32
N CYS D 51 -13.99 22.68 77.44
CA CYS D 51 -12.85 22.13 78.16
C CYS D 51 -11.79 23.20 78.35
N GLN D 52 -10.64 22.80 78.91
CA GLN D 52 -9.45 23.66 78.95
C GLN D 52 -8.29 22.97 78.25
N VAL D 53 -7.56 23.74 77.43
CA VAL D 53 -6.43 23.24 76.67
C VAL D 53 -5.15 23.82 77.29
N GLU D 54 -4.04 23.08 77.15
CA GLU D 54 -2.75 23.53 77.66
C GLU D 54 -2.35 24.81 76.94
N GLU D 55 -1.95 25.83 77.71
CA GLU D 55 -1.61 27.14 77.19
C GLU D 55 -0.12 27.17 76.82
N GLY D 56 0.17 27.20 75.52
CA GLY D 56 1.54 27.23 75.03
C GLY D 56 2.12 28.64 75.03
N ASP D 57 3.41 28.75 75.35
CA ASP D 57 4.14 30.01 75.26
C ASP D 57 5.48 29.71 74.58
N LYS D 58 6.47 30.59 74.77
CA LYS D 58 7.74 30.48 74.06
C LYS D 58 8.43 29.17 74.39
N GLU D 59 8.50 28.82 75.68
CA GLU D 59 9.22 27.64 76.12
C GLU D 59 8.69 26.42 75.39
N ASP D 60 7.36 26.37 75.20
CA ASP D 60 6.69 25.28 74.52
C ASP D 60 7.06 25.29 73.04
N VAL D 61 7.11 26.49 72.44
CA VAL D 61 7.47 26.65 71.04
C VAL D 61 8.91 26.20 70.84
N ASP D 62 9.81 26.62 71.74
CA ASP D 62 11.23 26.32 71.64
C ASP D 62 11.43 24.80 71.63
N LYS D 63 10.61 24.07 72.40
CA LYS D 63 10.62 22.62 72.41
C LYS D 63 10.19 22.10 71.03
N ALA D 64 9.06 22.63 70.54
CA ALA D 64 8.49 22.20 69.27
C ALA D 64 9.48 22.44 68.12
N VAL D 65 10.14 23.60 68.14
CA VAL D 65 11.08 23.98 67.10
C VAL D 65 12.24 23.01 67.07
N LYS D 66 12.75 22.66 68.26
CA LYS D 66 13.91 21.79 68.37
C LYS D 66 13.55 20.36 67.98
N ALA D 67 12.27 19.99 68.15
CA ALA D 67 11.78 18.70 67.68
C ALA D 67 11.71 18.70 66.14
N ALA D 68 11.23 19.81 65.58
CA ALA D 68 11.07 19.95 64.14
C ALA D 68 12.44 19.98 63.45
N ARG D 69 13.38 20.73 64.04
CA ARG D 69 14.72 20.85 63.52
C ARG D 69 15.41 19.49 63.54
N GLN D 70 15.19 18.73 64.62
CA GLN D 70 15.75 17.39 64.77
C GLN D 70 15.20 16.48 63.68
N ALA D 71 13.90 16.62 63.40
CA ALA D 71 13.22 15.79 62.41
C ALA D 71 13.66 16.15 60.99
N PHE D 72 14.23 17.36 60.82
CA PHE D 72 14.65 17.84 59.52
C PHE D 72 16.15 17.62 59.30
N GLN D 73 16.83 16.98 60.26
CA GLN D 73 18.27 16.77 60.16
C GLN D 73 18.59 15.88 58.96
N ILE D 74 19.75 16.14 58.35
CA ILE D 74 20.22 15.37 57.21
C ILE D 74 20.45 13.94 57.65
N GLY D 75 19.73 12.99 57.04
CA GLY D 75 19.85 11.58 57.37
C GLY D 75 18.69 11.08 58.23
N SER D 76 17.82 12.00 58.66
CA SER D 76 16.65 11.65 59.45
C SER D 76 15.64 10.91 58.56
N PRO D 77 14.69 10.14 59.14
CA PRO D 77 13.68 9.44 58.36
C PRO D 77 12.93 10.31 57.36
N TRP D 78 12.59 11.55 57.77
CA TRP D 78 11.76 12.44 56.97
C TRP D 78 12.50 12.92 55.72
N ARG D 79 13.83 13.04 55.81
CA ARG D 79 14.65 13.55 54.72
C ARG D 79 15.00 12.41 53.76
N THR D 80 15.34 11.25 54.32
CA THR D 80 15.74 10.09 53.52
C THR D 80 14.53 9.44 52.87
N MET D 81 13.38 9.47 53.57
CA MET D 81 12.14 8.88 53.11
C MET D 81 11.85 9.30 51.67
N ASP D 82 11.30 8.37 50.88
CA ASP D 82 10.97 8.62 49.49
C ASP D 82 9.89 9.69 49.40
N ALA D 83 9.93 10.48 48.31
CA ALA D 83 8.93 11.50 48.06
C ALA D 83 7.55 10.87 47.95
N SER D 84 7.48 9.71 47.27
CA SER D 84 6.25 8.95 47.12
C SER D 84 5.66 8.60 48.48
N GLU D 85 6.53 8.24 49.44
CA GLU D 85 6.11 7.79 50.75
C GLU D 85 5.55 8.95 51.57
N ARG D 86 6.10 10.16 51.39
CA ARG D 86 5.59 11.33 52.08
C ARG D 86 4.13 11.57 51.70
N GLY D 87 3.82 11.37 50.40
CA GLY D 87 2.47 11.49 49.90
C GLY D 87 1.56 10.38 50.41
N ARG D 88 2.13 9.18 50.61
CA ARG D 88 1.38 8.03 51.09
C ARG D 88 0.88 8.30 52.51
N LEU D 89 1.72 8.94 53.33
CA LEU D 89 1.35 9.30 54.69
C LEU D 89 0.26 10.37 54.68
N LEU D 90 0.40 11.35 53.78
CA LEU D 90 -0.59 12.39 53.61
C LEU D 90 -1.93 11.81 53.15
N TYR D 91 -1.87 10.77 52.31
CA TYR D 91 -3.07 10.15 51.77
C TYR D 91 -3.72 9.29 52.84
N LYS D 92 -2.91 8.59 53.65
CA LYS D 92 -3.42 7.84 54.78
C LYS D 92 -4.13 8.77 55.76
N LEU D 93 -3.50 9.92 56.03
CA LEU D 93 -4.05 10.89 56.97
C LEU D 93 -5.42 11.36 56.51
N ALA D 94 -5.58 11.54 55.19
CA ALA D 94 -6.85 11.94 54.61
C ALA D 94 -7.91 10.88 54.86
N ASP D 95 -7.50 9.60 54.79
CA ASP D 95 -8.40 8.48 55.01
C ASP D 95 -8.83 8.44 56.48
N LEU D 96 -7.89 8.76 57.38
CA LEU D 96 -8.16 8.77 58.82
C LEU D 96 -9.14 9.89 59.16
N ILE D 97 -9.01 11.03 58.48
CA ILE D 97 -9.92 12.16 58.68
C ILE D 97 -11.30 11.81 58.13
N GLU D 98 -11.34 11.06 57.03
CA GLU D 98 -12.60 10.64 56.42
C GLU D 98 -13.31 9.64 57.33
N ARG D 99 -12.53 8.83 58.04
CA ARG D 99 -13.06 7.88 59.01
C ARG D 99 -13.70 8.65 60.17
N ASP D 100 -12.94 9.61 60.73
CA ASP D 100 -13.40 10.40 61.86
C ASP D 100 -14.06 11.69 61.35
N ARG D 101 -14.95 11.56 60.35
CA ARG D 101 -15.53 12.72 59.68
C ARG D 101 -16.64 13.29 60.55
N LEU D 102 -17.48 12.41 61.12
CA LEU D 102 -18.58 12.83 61.97
C LEU D 102 -18.05 13.45 63.26
N LEU D 103 -16.97 12.86 63.79
CA LEU D 103 -16.35 13.33 65.02
C LEU D 103 -15.83 14.74 64.84
N LEU D 104 -15.12 14.99 63.74
CA LEU D 104 -14.50 16.27 63.45
C LEU D 104 -15.55 17.30 63.06
N ALA D 105 -16.50 16.89 62.20
CA ALA D 105 -17.57 17.76 61.74
C ALA D 105 -18.36 18.29 62.94
N THR D 106 -18.63 17.41 63.90
CA THR D 106 -19.36 17.76 65.11
C THR D 106 -18.53 18.70 65.97
N MET D 107 -17.24 18.37 66.13
CA MET D 107 -16.34 19.10 67.00
C MET D 107 -16.10 20.50 66.44
N GLU D 108 -15.94 20.59 65.11
CA GLU D 108 -15.74 21.86 64.42
C GLU D 108 -16.98 22.73 64.58
N SER D 109 -18.16 22.11 64.45
CA SER D 109 -19.43 22.81 64.52
C SER D 109 -19.65 23.39 65.93
N MET D 110 -19.28 22.61 66.95
CA MET D 110 -19.45 23.02 68.33
C MET D 110 -18.49 24.15 68.66
N ASN D 111 -17.21 23.95 68.34
CA ASN D 111 -16.14 24.85 68.74
C ASN D 111 -16.17 26.12 67.90
N GLY D 112 -16.30 25.95 66.57
CA GLY D 112 -16.20 27.06 65.63
C GLY D 112 -17.51 27.82 65.42
N GLY D 113 -18.62 27.27 65.96
CA GLY D 113 -19.93 27.84 65.75
C GLY D 113 -20.33 27.77 64.28
N LYS D 114 -20.09 26.60 63.66
CA LYS D 114 -20.18 26.43 62.22
C LYS D 114 -21.31 25.44 61.91
N LEU D 115 -22.15 25.80 60.93
CA LEU D 115 -23.28 24.96 60.56
C LEU D 115 -22.79 23.54 60.29
N TYR D 116 -23.39 22.55 60.97
CA TYR D 116 -22.93 21.18 60.90
C TYR D 116 -22.89 20.69 59.45
N SER D 117 -23.93 21.03 58.69
CA SER D 117 -24.03 20.63 57.29
C SER D 117 -22.82 21.16 56.51
N ASN D 118 -22.53 22.46 56.67
CA ASN D 118 -21.39 23.08 56.02
C ASN D 118 -20.10 22.43 56.52
N ALA D 119 -20.01 22.21 57.84
CA ALA D 119 -18.84 21.61 58.46
C ALA D 119 -18.57 20.23 57.88
N TYR D 120 -19.64 19.45 57.66
CA TYR D 120 -19.52 18.08 57.18
C TYR D 120 -19.31 18.06 55.67
N LEU D 121 -20.04 18.90 54.94
CA LEU D 121 -20.11 18.82 53.48
C LEU D 121 -19.02 19.66 52.83
N SER D 122 -18.66 20.80 53.44
CA SER D 122 -17.66 21.70 52.86
C SER D 122 -16.29 21.48 53.50
N ASP D 123 -16.20 21.67 54.82
CA ASP D 123 -14.92 21.72 55.52
C ASP D 123 -14.24 20.37 55.48
N LEU D 124 -14.95 19.32 55.90
CA LEU D 124 -14.36 17.98 55.99
C LEU D 124 -14.06 17.44 54.60
N ALA D 125 -14.92 17.76 53.62
CA ALA D 125 -14.68 17.41 52.23
C ALA D 125 -13.42 18.13 51.73
N GLY D 126 -13.30 19.42 52.07
CA GLY D 126 -12.17 20.24 51.68
C GLY D 126 -10.85 19.72 52.24
N CYS D 127 -10.86 19.25 53.49
CA CYS D 127 -9.67 18.72 54.14
C CYS D 127 -9.14 17.50 53.42
N ILE D 128 -10.06 16.59 53.08
CA ILE D 128 -9.73 15.32 52.44
C ILE D 128 -9.19 15.59 51.04
N LYS D 129 -9.97 16.34 50.23
CA LYS D 129 -9.62 16.65 48.85
C LYS D 129 -8.23 17.29 48.78
N THR D 130 -7.97 18.23 49.69
CA THR D 130 -6.73 19.02 49.67
C THR D 130 -5.54 18.15 50.06
N LEU D 131 -5.68 17.37 51.14
CA LEU D 131 -4.64 16.46 51.57
C LEU D 131 -4.27 15.51 50.44
N ARG D 132 -5.28 14.99 49.75
CA ARG D 132 -5.08 14.03 48.68
C ARG D 132 -4.45 14.71 47.46
N TYR D 133 -4.81 15.98 47.22
CA TYR D 133 -4.17 16.77 46.19
C TYR D 133 -2.70 16.95 46.53
N CYS D 134 -2.43 17.30 47.79
CA CYS D 134 -1.07 17.59 48.25
C CYS D 134 -0.22 16.32 48.24
N ALA D 135 -0.84 15.16 48.52
CA ALA D 135 -0.17 13.88 48.44
C ALA D 135 0.40 13.68 47.04
N GLY D 136 -0.38 14.06 46.02
CA GLY D 136 -0.02 13.88 44.63
C GLY D 136 1.27 14.61 44.25
N TRP D 137 1.44 15.83 44.75
CA TRP D 137 2.57 16.68 44.39
C TRP D 137 3.88 16.16 44.97
N ALA D 138 3.81 15.42 46.08
CA ALA D 138 4.98 14.99 46.84
C ALA D 138 6.14 14.58 45.92
N ASP D 139 5.88 13.63 45.02
CA ASP D 139 6.91 13.06 44.17
C ASP D 139 6.86 13.67 42.77
N LYS D 140 6.32 14.90 42.67
CA LYS D 140 6.24 15.61 41.41
C LYS D 140 6.78 17.03 41.56
N ILE D 141 7.46 17.30 42.69
CA ILE D 141 8.17 18.57 42.88
C ILE D 141 9.55 18.42 42.23
N GLN D 142 9.61 18.76 40.94
CA GLN D 142 10.81 18.54 40.13
C GLN D 142 11.59 19.83 40.00
N GLY D 143 12.93 19.72 39.97
CA GLY D 143 13.80 20.85 39.67
C GLY D 143 14.01 20.98 38.17
N ARG D 144 15.13 21.62 37.78
CA ARG D 144 15.45 21.86 36.38
C ARG D 144 16.90 21.50 36.11
N THR D 145 17.23 21.29 34.83
CA THR D 145 18.60 21.24 34.35
C THR D 145 18.78 22.36 33.33
N ILE D 146 19.66 23.32 33.67
CA ILE D 146 19.82 24.54 32.88
C ILE D 146 20.89 24.31 31.82
N PRO D 147 20.66 24.71 30.55
CA PRO D 147 21.71 24.73 29.53
C PRO D 147 22.56 26.00 29.65
N ILE D 148 23.42 26.02 30.69
CA ILE D 148 24.16 27.20 31.07
C ILE D 148 25.30 27.43 30.08
N ASP D 149 25.79 28.67 30.02
CA ASP D 149 26.94 29.02 29.20
C ASP D 149 28.20 28.39 29.81
N GLY D 150 29.14 28.00 28.94
CA GLY D 150 30.39 27.40 29.36
C GLY D 150 30.29 25.88 29.47
N ASN D 151 31.44 25.24 29.72
CA ASN D 151 31.50 23.79 29.88
C ASN D 151 31.14 23.44 31.32
N PHE D 152 29.84 23.47 31.61
CA PHE D 152 29.31 23.19 32.93
C PHE D 152 28.00 22.40 32.82
N PHE D 153 27.71 21.61 33.85
CA PHE D 153 26.45 20.92 33.98
C PHE D 153 25.71 21.46 35.20
N THR D 154 24.66 22.23 34.94
CA THR D 154 23.91 22.89 36.00
C THR D 154 22.56 22.20 36.19
N TYR D 155 22.16 22.06 37.46
CA TYR D 155 20.86 21.49 37.82
C TYR D 155 20.42 22.11 39.13
N THR D 156 19.09 22.15 39.35
CA THR D 156 18.53 22.74 40.56
C THR D 156 17.74 21.68 41.32
N ARG D 157 17.77 21.80 42.65
CA ARG D 157 16.99 20.96 43.55
C ARG D 157 15.98 21.82 44.27
N HIS D 158 14.69 21.46 44.14
CA HIS D 158 13.63 22.13 44.88
C HIS D 158 13.49 21.45 46.24
N GLU D 159 14.43 21.76 47.14
CA GLU D 159 14.48 21.19 48.47
C GLU D 159 13.39 21.81 49.34
N PRO D 160 13.04 21.18 50.49
CA PRO D 160 12.25 21.85 51.53
C PRO D 160 13.06 22.94 52.22
N ILE D 161 12.34 23.89 52.82
CA ILE D 161 12.97 25.03 53.49
C ILE D 161 13.50 24.56 54.84
N GLY D 162 12.61 23.97 55.64
CA GLY D 162 12.97 23.43 56.95
C GLY D 162 11.83 23.55 57.95
N VAL D 163 12.11 24.16 59.11
CA VAL D 163 11.09 24.36 60.13
C VAL D 163 10.20 25.52 59.70
N CYS D 164 8.90 25.25 59.58
CA CYS D 164 7.92 26.23 59.14
C CYS D 164 6.91 26.48 60.26
N GLY D 165 6.95 27.68 60.83
CA GLY D 165 5.94 28.13 61.79
C GLY D 165 4.64 28.48 61.06
N GLN D 166 3.51 27.96 61.55
CA GLN D 166 2.25 28.07 60.84
C GLN D 166 1.15 28.50 61.80
N ILE D 167 0.55 29.66 61.52
CA ILE D 167 -0.44 30.28 62.39
C ILE D 167 -1.78 30.37 61.66
N ILE D 168 -2.82 29.82 62.28
CA ILE D 168 -4.13 29.67 61.65
C ILE D 168 -5.16 30.48 62.43
N PRO D 169 -6.25 30.95 61.78
CA PRO D 169 -7.36 31.62 62.47
C PRO D 169 -8.44 30.65 62.97
N TRP D 170 -9.63 31.19 63.26
CA TRP D 170 -10.70 30.44 63.92
C TRP D 170 -11.87 30.18 62.97
N ASN D 171 -11.86 30.80 61.78
CA ASN D 171 -13.03 30.81 60.91
C ASN D 171 -13.19 29.45 60.23
N PHE D 172 -12.08 28.87 59.74
CA PHE D 172 -12.10 27.53 59.17
C PHE D 172 -10.92 26.73 59.73
N PRO D 173 -10.91 26.42 61.05
CA PRO D 173 -9.73 25.85 61.71
C PRO D 173 -9.14 24.60 61.07
N LEU D 174 -10.00 23.74 60.55
CA LEU D 174 -9.57 22.49 59.92
C LEU D 174 -8.99 22.78 58.54
N VAL D 175 -9.80 23.44 57.69
CA VAL D 175 -9.42 23.67 56.30
C VAL D 175 -8.11 24.46 56.27
N MET D 176 -8.01 25.48 57.13
CA MET D 176 -6.85 26.36 57.19
C MET D 176 -5.61 25.57 57.59
N LEU D 177 -5.79 24.57 58.45
CA LEU D 177 -4.71 23.72 58.92
C LEU D 177 -4.14 22.89 57.77
N ILE D 178 -5.03 22.25 57.01
CA ILE D 178 -4.63 21.38 55.92
C ILE D 178 -3.93 22.20 54.83
N TRP D 179 -4.37 23.45 54.63
CA TRP D 179 -3.76 24.35 53.66
C TRP D 179 -2.31 24.67 54.04
N LYS D 180 -2.00 24.59 55.34
CA LYS D 180 -0.64 24.79 55.82
C LYS D 180 0.17 23.51 55.69
N ILE D 181 -0.24 22.47 56.41
CA ILE D 181 0.54 21.26 56.58
C ILE D 181 0.62 20.50 55.26
N GLY D 182 -0.50 20.45 54.52
CA GLY D 182 -0.59 19.68 53.29
C GLY D 182 0.55 19.99 52.33
N PRO D 183 0.65 21.23 51.82
CA PRO D 183 1.77 21.62 50.95
C PRO D 183 3.14 21.50 51.61
N ALA D 184 3.23 21.93 52.88
CA ALA D 184 4.48 21.97 53.61
C ALA D 184 5.08 20.57 53.72
N LEU D 185 4.27 19.62 54.21
CA LEU D 185 4.74 18.25 54.43
C LEU D 185 5.02 17.56 53.10
N SER D 186 4.23 17.88 52.07
CA SER D 186 4.40 17.32 50.74
C SER D 186 5.80 17.65 50.21
N CYS D 187 6.27 18.86 50.49
CA CYS D 187 7.57 19.34 50.02
C CYS D 187 8.70 18.84 50.91
N GLY D 188 8.36 18.30 52.09
CA GLY D 188 9.33 17.66 52.97
C GLY D 188 9.79 18.57 54.12
N ASN D 189 8.94 19.55 54.46
CA ASN D 189 9.22 20.48 55.55
C ASN D 189 8.69 19.88 56.86
N THR D 190 9.25 20.35 57.99
CA THR D 190 8.69 20.10 59.30
C THR D 190 7.98 21.37 59.77
N VAL D 191 6.88 21.20 60.51
CA VAL D 191 5.99 22.31 60.81
C VAL D 191 5.81 22.45 62.32
N VAL D 192 5.68 23.71 62.76
CA VAL D 192 5.27 24.03 64.11
C VAL D 192 3.98 24.85 64.00
N VAL D 193 2.84 24.19 64.18
CA VAL D 193 1.54 24.79 63.97
C VAL D 193 1.05 25.39 65.29
N LYS D 194 0.61 26.65 65.24
CA LYS D 194 -0.10 27.27 66.35
C LYS D 194 -1.54 27.52 65.93
N PRO D 195 -2.51 26.73 66.44
CA PRO D 195 -3.93 26.98 66.15
C PRO D 195 -4.46 28.17 66.97
N ALA D 196 -5.64 28.66 66.58
CA ALA D 196 -6.25 29.79 67.24
C ALA D 196 -6.55 29.47 68.70
N GLU D 197 -6.61 30.51 69.52
CA GLU D 197 -6.91 30.35 70.94
C GLU D 197 -8.39 29.98 71.11
N GLN D 198 -9.23 30.29 70.11
CA GLN D 198 -10.64 29.95 70.15
C GLN D 198 -10.86 28.51 69.74
N THR D 199 -10.12 28.03 68.73
CA THR D 199 -10.45 26.80 68.03
C THR D 199 -9.26 25.86 67.93
N PRO D 200 -8.67 25.40 69.06
CA PRO D 200 -7.56 24.44 69.02
C PRO D 200 -7.95 22.97 68.89
N LEU D 201 -9.20 22.64 69.27
CA LEU D 201 -9.61 21.27 69.53
C LEU D 201 -9.50 20.43 68.26
N THR D 202 -10.09 20.91 67.16
CA THR D 202 -10.12 20.21 65.89
C THR D 202 -8.70 19.81 65.46
N ALA D 203 -7.77 20.77 65.58
CA ALA D 203 -6.39 20.57 65.15
C ALA D 203 -5.70 19.48 65.98
N LEU D 204 -6.02 19.43 67.28
CA LEU D 204 -5.38 18.49 68.19
C LEU D 204 -5.82 17.07 67.90
N HIS D 205 -7.08 16.88 67.48
CA HIS D 205 -7.56 15.57 67.11
C HIS D 205 -6.77 15.06 65.90
N VAL D 206 -6.53 15.95 64.93
CA VAL D 206 -5.80 15.63 63.71
C VAL D 206 -4.37 15.22 64.09
N ALA D 207 -3.83 15.84 65.13
CA ALA D 207 -2.49 15.50 65.64
C ALA D 207 -2.42 14.03 66.02
N SER D 208 -3.49 13.50 66.61
CA SER D 208 -3.58 12.09 66.96
C SER D 208 -3.54 11.23 65.70
N LEU D 209 -4.21 11.69 64.64
CA LEU D 209 -4.28 10.98 63.38
C LEU D 209 -2.93 11.02 62.67
N ILE D 210 -2.16 12.09 62.89
CA ILE D 210 -0.85 12.23 62.31
C ILE D 210 0.11 11.21 62.92
N LYS D 211 -0.04 10.97 64.23
CA LYS D 211 0.72 9.93 64.92
C LYS D 211 0.30 8.56 64.37
N GLU D 212 -1.02 8.33 64.31
CA GLU D 212 -1.59 7.06 63.88
C GLU D 212 -1.17 6.74 62.44
N ALA D 213 -1.10 7.77 61.59
CA ALA D 213 -0.72 7.62 60.19
C ALA D 213 0.74 7.19 60.06
N GLY D 214 1.55 7.51 61.09
CA GLY D 214 2.92 7.04 61.18
C GLY D 214 3.92 8.07 60.65
N PHE D 215 3.59 9.36 60.78
CA PHE D 215 4.53 10.43 60.50
C PHE D 215 5.67 10.36 61.52
N PRO D 216 6.95 10.45 61.09
CA PRO D 216 8.07 10.50 62.03
C PRO D 216 7.85 11.55 63.12
N PRO D 217 8.19 11.25 64.40
CA PRO D 217 8.09 12.24 65.47
C PRO D 217 8.83 13.53 65.15
N GLY D 218 8.15 14.67 65.36
CA GLY D 218 8.76 15.98 65.21
C GLY D 218 8.40 16.66 63.89
N VAL D 219 7.91 15.88 62.92
CA VAL D 219 7.54 16.39 61.61
C VAL D 219 6.41 17.41 61.80
N VAL D 220 5.34 16.98 62.47
CA VAL D 220 4.24 17.87 62.81
C VAL D 220 4.24 18.07 64.33
N ASN D 221 4.21 19.35 64.73
CA ASN D 221 4.08 19.74 66.12
C ASN D 221 2.99 20.81 66.21
N ILE D 222 2.18 20.75 67.28
CA ILE D 222 1.07 21.66 67.47
C ILE D 222 1.14 22.24 68.87
N VAL D 223 1.14 23.58 68.96
CA VAL D 223 1.28 24.29 70.22
C VAL D 223 0.12 25.26 70.37
N PRO D 224 -1.04 24.83 70.95
CA PRO D 224 -2.15 25.74 71.19
C PRO D 224 -1.80 26.78 72.24
N GLY D 225 -2.22 28.02 72.01
CA GLY D 225 -1.92 29.13 72.90
C GLY D 225 -2.47 30.45 72.36
N TYR D 226 -2.11 31.56 73.01
CA TYR D 226 -2.57 32.88 72.60
C TYR D 226 -1.64 33.46 71.55
N GLY D 227 -2.15 34.46 70.83
CA GLY D 227 -1.44 35.05 69.70
C GLY D 227 -0.18 35.79 70.11
N PRO D 228 -0.29 36.85 70.95
CA PRO D 228 0.88 37.63 71.39
C PRO D 228 1.96 36.84 72.11
N THR D 229 1.60 35.68 72.67
CA THR D 229 2.53 34.83 73.41
C THR D 229 3.18 33.82 72.46
N ALA D 230 2.41 32.82 72.02
CA ALA D 230 2.93 31.73 71.22
C ALA D 230 3.22 32.20 69.80
N GLY D 231 2.28 32.96 69.23
CA GLY D 231 2.40 33.44 67.86
C GLY D 231 3.63 34.34 67.66
N ALA D 232 3.88 35.22 68.63
CA ALA D 232 5.02 36.11 68.59
C ALA D 232 6.32 35.32 68.74
N ALA D 233 6.27 34.25 69.54
CA ALA D 233 7.44 33.38 69.74
C ALA D 233 7.85 32.75 68.42
N ILE D 234 6.86 32.38 67.60
CA ILE D 234 7.10 31.77 66.31
C ILE D 234 7.67 32.80 65.35
N SER D 235 7.04 33.99 65.30
CA SER D 235 7.38 35.00 64.31
C SER D 235 8.81 35.51 64.50
N SER D 236 9.33 35.43 65.73
CA SER D 236 10.63 36.01 66.06
C SER D 236 11.66 34.93 66.39
N HIS D 237 11.31 33.65 66.18
CA HIS D 237 12.19 32.55 66.55
C HIS D 237 13.37 32.49 65.58
N MET D 238 14.54 32.13 66.12
CA MET D 238 15.82 32.27 65.41
C MET D 238 16.19 30.99 64.67
N ASP D 239 15.39 29.92 64.85
CA ASP D 239 15.64 28.65 64.19
C ASP D 239 14.44 28.23 63.34
N ILE D 240 13.48 29.15 63.16
CA ILE D 240 12.36 28.93 62.26
C ILE D 240 12.70 29.60 60.92
N ASP D 241 12.65 28.81 59.84
CA ASP D 241 13.08 29.26 58.53
C ASP D 241 11.97 30.04 57.83
N LYS D 242 10.71 29.63 58.07
CA LYS D 242 9.55 30.23 57.42
C LYS D 242 8.43 30.42 58.43
N VAL D 243 7.60 31.45 58.20
CA VAL D 243 6.35 31.60 58.93
C VAL D 243 5.21 31.71 57.91
N ALA D 244 4.10 31.04 58.22
CA ALA D 244 2.90 31.08 57.40
C ALA D 244 1.72 31.55 58.25
N PHE D 245 1.16 32.72 57.91
CA PHE D 245 0.16 33.38 58.73
C PHE D 245 -1.14 33.53 57.94
N THR D 246 -2.26 33.51 58.66
CA THR D 246 -3.58 33.80 58.12
C THR D 246 -4.42 34.44 59.21
N GLY D 247 -4.68 35.76 59.08
CA GLY D 247 -5.43 36.49 60.08
C GLY D 247 -5.57 37.97 59.72
N SER D 248 -5.71 38.81 60.76
CA SER D 248 -5.88 40.24 60.57
C SER D 248 -4.65 40.85 59.92
N THR D 249 -4.87 41.91 59.14
CA THR D 249 -3.79 42.68 58.52
C THR D 249 -2.94 43.33 59.61
N GLU D 250 -3.60 43.76 60.69
CA GLU D 250 -2.95 44.36 61.85
C GLU D 250 -1.76 43.51 62.29
N VAL D 251 -2.00 42.20 62.45
CA VAL D 251 -1.01 41.28 63.00
C VAL D 251 0.00 40.89 61.91
N GLY D 252 -0.47 40.72 60.67
CA GLY D 252 0.41 40.42 59.55
C GLY D 252 1.62 41.35 59.49
N LYS D 253 1.41 42.62 59.86
CA LYS D 253 2.46 43.63 59.85
C LYS D 253 3.45 43.39 60.98
N LEU D 254 2.98 42.80 62.09
CA LEU D 254 3.82 42.46 63.23
C LEU D 254 4.63 41.21 62.92
N ILE D 255 4.04 40.29 62.14
CA ILE D 255 4.68 39.03 61.77
C ILE D 255 5.87 39.33 60.87
N LYS D 256 5.66 40.17 59.86
CA LYS D 256 6.69 40.53 58.89
C LYS D 256 7.78 41.34 59.58
N GLU D 257 7.36 42.21 60.51
CA GLU D 257 8.27 43.07 61.26
C GLU D 257 9.16 42.21 62.17
N ALA D 258 8.54 41.26 62.88
CA ALA D 258 9.26 40.38 63.80
C ALA D 258 10.19 39.43 63.02
N ALA D 259 9.82 39.13 61.77
CA ALA D 259 10.62 38.29 60.90
C ALA D 259 11.88 39.03 60.46
N GLY D 260 11.75 40.35 60.28
CA GLY D 260 12.88 41.20 59.91
C GLY D 260 13.92 41.29 61.03
N LYS D 261 13.46 41.44 62.27
CA LYS D 261 14.34 41.62 63.42
C LYS D 261 15.02 40.30 63.80
N SER D 262 14.36 39.17 63.53
CA SER D 262 14.87 37.88 63.95
C SER D 262 15.91 37.36 62.95
N ASN D 263 15.48 36.51 62.00
CA ASN D 263 16.39 35.76 61.16
C ASN D 263 15.95 35.80 59.70
N LEU D 264 15.27 36.88 59.30
CA LEU D 264 14.84 37.08 57.92
C LEU D 264 14.13 35.85 57.38
N LYS D 265 13.28 35.24 58.22
CA LYS D 265 12.54 34.05 57.85
C LYS D 265 11.57 34.40 56.72
N ARG D 266 11.22 33.39 55.91
CA ARG D 266 10.32 33.57 54.78
C ARG D 266 8.91 33.77 55.32
N VAL D 267 8.07 34.49 54.55
CA VAL D 267 6.76 34.91 55.02
C VAL D 267 5.72 34.67 53.92
N THR D 268 4.58 34.09 54.30
CA THR D 268 3.38 34.05 53.48
C THR D 268 2.18 34.48 54.31
N LEU D 269 1.60 35.63 53.94
CA LEU D 269 0.44 36.19 54.62
C LEU D 269 -0.81 35.89 53.81
N GLU D 270 -1.92 35.66 54.52
CA GLU D 270 -3.23 35.49 53.90
C GLU D 270 -4.24 36.29 54.72
N LEU D 271 -4.28 37.59 54.46
CA LEU D 271 -4.99 38.54 55.31
C LEU D 271 -6.43 38.70 54.80
N GLY D 272 -7.21 39.51 55.52
CA GLY D 272 -8.59 39.79 55.14
C GLY D 272 -8.67 40.72 53.94
N GLY D 273 -9.91 40.97 53.49
CA GLY D 273 -10.14 41.82 52.33
C GLY D 273 -11.51 42.48 52.37
N LYS D 274 -11.66 43.53 51.56
CA LYS D 274 -12.95 44.18 51.32
C LYS D 274 -13.37 43.87 49.89
N SER D 275 -13.49 42.57 49.60
CA SER D 275 -13.61 42.05 48.24
C SER D 275 -14.88 42.56 47.58
N PRO D 276 -14.78 43.30 46.45
CA PRO D 276 -15.95 43.87 45.78
C PRO D 276 -16.60 42.96 44.74
N CYS D 277 -17.87 43.25 44.42
CA CYS D 277 -18.58 42.58 43.34
C CYS D 277 -19.13 43.62 42.37
N ILE D 278 -19.01 43.33 41.07
CA ILE D 278 -19.51 44.22 40.03
C ILE D 278 -20.55 43.46 39.22
N VAL D 279 -21.79 43.96 39.23
CA VAL D 279 -22.91 43.33 38.56
C VAL D 279 -23.42 44.24 37.45
N LEU D 280 -23.10 43.88 36.20
CA LEU D 280 -23.49 44.67 35.04
C LEU D 280 -24.94 44.38 34.69
N ALA D 281 -25.51 45.23 33.81
CA ALA D 281 -26.90 45.13 33.40
C ALA D 281 -27.16 43.74 32.81
N ASP D 282 -26.29 43.31 31.89
CA ASP D 282 -26.44 42.03 31.21
C ASP D 282 -25.92 40.92 32.12
N ALA D 283 -26.74 40.53 33.11
CA ALA D 283 -26.35 39.52 34.07
C ALA D 283 -27.57 38.72 34.51
N ASP D 284 -27.37 37.42 34.75
CA ASP D 284 -28.39 36.58 35.35
C ASP D 284 -28.56 37.01 36.80
N LEU D 285 -29.57 37.85 37.05
CA LEU D 285 -29.71 38.55 38.32
C LEU D 285 -29.79 37.54 39.46
N ASP D 286 -30.59 36.48 39.27
CA ASP D 286 -30.75 35.44 40.29
C ASP D 286 -29.40 34.82 40.61
N ASN D 287 -28.60 34.55 39.57
CA ASN D 287 -27.26 34.01 39.73
C ASN D 287 -26.42 34.98 40.56
N ALA D 288 -26.43 36.26 40.15
CA ALA D 288 -25.64 37.29 40.79
C ALA D 288 -26.09 37.51 42.24
N VAL D 289 -27.40 37.59 42.44
CA VAL D 289 -27.98 37.85 43.76
C VAL D 289 -27.63 36.70 44.71
N GLU D 290 -27.71 35.45 44.20
CA GLU D 290 -27.54 34.26 45.03
C GLU D 290 -26.07 34.11 45.43
N PHE D 291 -25.16 34.32 44.47
CA PHE D 291 -23.74 34.15 44.71
C PHE D 291 -23.19 35.31 45.54
N ALA D 292 -23.67 36.53 45.28
CA ALA D 292 -23.27 37.70 46.05
C ALA D 292 -23.76 37.58 47.49
N HIS D 293 -24.97 37.03 47.65
CA HIS D 293 -25.53 36.76 48.96
C HIS D 293 -24.69 35.72 49.69
N HIS D 294 -24.46 34.56 49.03
CA HIS D 294 -23.64 33.50 49.59
C HIS D 294 -22.26 34.03 49.94
N GLY D 295 -21.70 34.85 49.04
CA GLY D 295 -20.37 35.40 49.21
C GLY D 295 -20.18 36.14 50.53
N VAL D 296 -21.17 36.97 50.90
CA VAL D 296 -21.04 37.89 52.02
C VAL D 296 -21.59 37.26 53.30
N PHE D 297 -22.49 36.28 53.18
CA PHE D 297 -23.22 35.76 54.33
C PHE D 297 -22.78 34.33 54.69
N TYR D 298 -21.75 33.79 54.03
CA TYR D 298 -21.31 32.43 54.28
C TYR D 298 -20.57 32.39 55.62
N HIS D 299 -20.94 31.41 56.47
CA HIS D 299 -20.36 31.24 57.79
C HIS D 299 -20.44 32.56 58.56
N GLN D 300 -21.65 33.14 58.61
CA GLN D 300 -21.92 34.40 59.30
C GLN D 300 -20.99 35.50 58.79
N GLY D 301 -20.67 35.46 57.49
CA GLY D 301 -19.81 36.44 56.85
C GLY D 301 -18.42 36.53 57.48
N GLN D 302 -17.93 35.40 58.01
CA GLN D 302 -16.63 35.34 58.65
C GLN D 302 -15.62 34.70 57.69
N CYS D 303 -15.64 35.18 56.44
CA CYS D 303 -14.72 34.72 55.41
C CYS D 303 -13.80 35.88 55.01
N CYS D 304 -12.54 35.55 54.72
CA CYS D 304 -11.61 36.53 54.19
C CYS D 304 -12.09 37.00 52.83
N ILE D 305 -12.70 36.08 52.07
CA ILE D 305 -13.29 36.37 50.78
C ILE D 305 -14.78 36.66 50.95
N ALA D 306 -15.10 37.78 51.61
CA ALA D 306 -16.48 38.20 51.79
C ALA D 306 -16.82 39.27 50.76
N ALA D 307 -18.00 39.15 50.13
CA ALA D 307 -18.45 40.09 49.13
C ALA D 307 -19.00 41.34 49.82
N SER D 308 -18.08 42.16 50.37
CA SER D 308 -18.45 43.29 51.20
C SER D 308 -19.17 44.34 50.35
N ARG D 309 -18.45 44.90 49.38
CA ARG D 309 -18.97 45.93 48.50
C ARG D 309 -19.56 45.28 47.26
N ILE D 310 -20.83 45.57 46.97
CA ILE D 310 -21.52 44.99 45.83
C ILE D 310 -22.03 46.12 44.94
N PHE D 311 -21.28 46.39 43.86
CA PHE D 311 -21.60 47.44 42.92
C PHE D 311 -22.57 46.88 41.87
N VAL D 312 -23.62 47.66 41.56
CA VAL D 312 -24.67 47.24 40.64
C VAL D 312 -25.01 48.39 39.70
N GLU D 313 -25.25 48.05 38.42
CA GLU D 313 -25.71 49.01 37.43
C GLU D 313 -26.99 49.68 37.93
N GLU D 314 -27.20 50.95 37.54
CA GLU D 314 -28.36 51.72 37.98
C GLU D 314 -29.65 51.01 37.61
N SER D 315 -29.74 50.55 36.34
CA SER D 315 -30.94 49.96 35.78
C SER D 315 -31.48 48.83 36.65
N ILE D 316 -30.60 48.03 37.25
CA ILE D 316 -31.01 46.84 37.97
C ILE D 316 -30.67 46.95 39.46
N TYR D 317 -30.39 48.17 39.93
CA TYR D 317 -29.96 48.40 41.31
C TYR D 317 -31.10 48.05 42.27
N ASP D 318 -32.26 48.68 42.05
CA ASP D 318 -33.40 48.56 42.95
C ASP D 318 -33.87 47.11 43.01
N GLU D 319 -33.91 46.46 41.85
CA GLU D 319 -34.36 45.08 41.74
C GLU D 319 -33.41 44.16 42.52
N PHE D 320 -32.11 44.44 42.42
CA PHE D 320 -31.09 43.64 43.10
C PHE D 320 -31.25 43.77 44.62
N VAL D 321 -31.43 45.01 45.09
CA VAL D 321 -31.58 45.30 46.51
C VAL D 321 -32.82 44.57 47.02
N ARG D 322 -33.89 44.58 46.22
CA ARG D 322 -35.17 43.98 46.60
C ARG D 322 -34.97 42.49 46.89
N ARG D 323 -34.29 41.80 45.97
CA ARG D 323 -34.14 40.35 46.04
C ARG D 323 -33.12 39.96 47.12
N SER D 324 -32.12 40.82 47.34
CA SER D 324 -31.07 40.55 48.31
C SER D 324 -31.61 40.57 49.73
N VAL D 325 -32.65 41.39 49.95
CA VAL D 325 -33.24 41.57 51.27
C VAL D 325 -34.12 40.37 51.61
N GLU D 326 -35.03 40.02 50.69
CA GLU D 326 -35.98 38.93 50.93
C GLU D 326 -35.23 37.62 51.16
N ARG D 327 -34.07 37.46 50.50
CA ARG D 327 -33.23 36.29 50.69
C ARG D 327 -32.62 36.29 52.08
N ALA D 328 -32.25 37.48 52.59
CA ALA D 328 -31.54 37.62 53.85
C ALA D 328 -32.47 37.46 55.05
N LYS D 329 -33.78 37.63 54.84
CA LYS D 329 -34.76 37.51 55.91
C LYS D 329 -35.13 36.05 56.17
N LYS D 330 -34.75 35.16 55.24
CA LYS D 330 -35.06 33.74 55.34
C LYS D 330 -33.91 33.01 56.04
N TYR D 331 -33.54 33.47 57.22
CA TYR D 331 -32.49 32.82 58.02
C TYR D 331 -33.05 32.50 59.40
N ILE D 332 -32.62 31.34 59.92
CA ILE D 332 -33.05 30.86 61.23
C ILE D 332 -31.81 30.77 62.12
N LEU D 333 -31.69 31.73 63.06
CA LEU D 333 -30.53 31.80 63.94
C LEU D 333 -30.74 30.85 65.12
N GLY D 334 -29.70 30.09 65.45
CA GLY D 334 -29.75 29.15 66.56
C GLY D 334 -28.51 28.26 66.62
N ASN D 335 -28.65 27.12 67.32
CA ASN D 335 -27.54 26.20 67.50
C ASN D 335 -27.18 25.58 66.15
N PRO D 336 -25.88 25.63 65.74
CA PRO D 336 -25.48 25.09 64.45
C PRO D 336 -25.59 23.57 64.33
N LEU D 337 -25.71 22.86 65.47
CA LEU D 337 -25.89 21.43 65.46
C LEU D 337 -27.34 21.06 65.14
N THR D 338 -28.28 22.01 65.26
CA THR D 338 -29.61 21.82 64.67
C THR D 338 -29.52 21.90 63.16
N PRO D 339 -29.99 20.88 62.40
CA PRO D 339 -29.82 20.85 60.95
C PRO D 339 -30.64 21.88 60.19
N GLY D 340 -31.76 22.41 60.72
CA GLY D 340 -32.57 23.38 60.02
C GLY D 340 -32.34 24.82 60.48
N VAL D 341 -31.38 25.01 61.40
CA VAL D 341 -30.75 26.31 61.64
C VAL D 341 -29.89 26.65 60.42
N THR D 342 -30.12 27.84 59.88
CA THR D 342 -29.48 28.25 58.63
C THR D 342 -28.39 29.30 58.87
N GLN D 343 -28.34 29.88 60.08
CA GLN D 343 -27.27 30.79 60.45
C GLN D 343 -26.84 30.52 61.89
N GLY D 344 -25.54 30.64 62.16
CA GLY D 344 -24.95 30.34 63.45
C GLY D 344 -24.47 31.60 64.16
N PRO D 345 -23.66 31.46 65.23
CA PRO D 345 -23.11 32.59 65.97
C PRO D 345 -21.73 33.06 65.50
N GLN D 346 -21.34 34.25 65.97
CA GLN D 346 -19.97 34.74 65.80
C GLN D 346 -19.08 34.02 66.79
N ILE D 347 -17.76 34.06 66.56
CA ILE D 347 -16.82 33.20 67.27
C ILE D 347 -16.76 33.59 68.75
N ASP D 348 -16.67 34.90 69.04
CA ASP D 348 -16.49 35.36 70.41
C ASP D 348 -17.14 36.75 70.55
N LYS D 349 -17.01 37.33 71.75
CA LYS D 349 -17.65 38.61 72.06
C LYS D 349 -16.91 39.76 71.36
N GLU D 350 -15.63 39.53 71.03
CA GLU D 350 -14.80 40.55 70.40
C GLU D 350 -15.37 40.90 69.03
N GLN D 351 -15.60 39.87 68.20
CA GLN D 351 -16.16 40.05 66.86
C GLN D 351 -17.59 40.58 66.97
N TYR D 352 -18.37 39.97 67.85
CA TYR D 352 -19.76 40.34 68.10
C TYR D 352 -19.88 41.85 68.28
N ASP D 353 -19.06 42.41 69.17
CA ASP D 353 -19.10 43.84 69.49
C ASP D 353 -18.61 44.66 68.30
N LYS D 354 -17.59 44.16 67.59
CA LYS D 354 -17.00 44.85 66.46
C LYS D 354 -18.02 44.98 65.33
N ILE D 355 -18.76 43.90 65.07
CA ILE D 355 -19.73 43.85 63.99
C ILE D 355 -20.88 44.82 64.29
N LEU D 356 -21.37 44.79 65.53
CA LEU D 356 -22.44 45.68 65.95
C LEU D 356 -21.99 47.14 65.88
N ASP D 357 -20.71 47.38 66.17
CA ASP D 357 -20.14 48.72 66.13
C ASP D 357 -20.19 49.29 64.72
N LEU D 358 -19.85 48.44 63.73
CA LEU D 358 -19.82 48.86 62.33
C LEU D 358 -21.24 49.01 61.78
N ILE D 359 -22.18 48.22 62.31
CA ILE D 359 -23.58 48.31 61.93
C ILE D 359 -24.12 49.67 62.36
N GLU D 360 -23.71 50.14 63.56
CA GLU D 360 -24.14 51.42 64.07
C GLU D 360 -23.61 52.55 63.18
N SER D 361 -22.35 52.43 62.73
CA SER D 361 -21.73 53.45 61.88
C SER D 361 -22.49 53.56 60.55
N GLY D 362 -22.99 52.42 60.05
CA GLY D 362 -23.79 52.40 58.85
C GLY D 362 -25.04 53.29 58.95
N LYS D 363 -25.68 53.26 60.12
CA LYS D 363 -26.86 54.06 60.40
C LYS D 363 -26.45 55.52 60.63
N LYS D 364 -25.41 55.71 61.46
CA LYS D 364 -24.95 57.02 61.87
C LYS D 364 -24.42 57.81 60.66
N GLU D 365 -23.72 57.13 59.75
CA GLU D 365 -23.18 57.77 58.56
C GLU D 365 -24.25 57.87 57.46
N GLY D 366 -25.41 57.24 57.70
CA GLY D 366 -26.61 57.51 56.92
C GLY D 366 -26.75 56.59 55.72
N ALA D 367 -26.42 55.31 55.90
CA ALA D 367 -26.73 54.28 54.91
C ALA D 367 -28.12 53.71 55.23
N LYS D 368 -28.86 53.33 54.18
CA LYS D 368 -30.22 52.85 54.35
C LYS D 368 -30.19 51.40 54.84
N LEU D 369 -30.73 51.18 56.05
CA LEU D 369 -30.88 49.85 56.60
C LEU D 369 -32.10 49.18 55.96
N GLU D 370 -31.86 48.14 55.17
CA GLU D 370 -32.92 47.46 54.45
C GLU D 370 -33.54 46.37 55.31
N CYS D 371 -32.70 45.63 56.05
CA CYS D 371 -33.18 44.65 57.02
C CYS D 371 -32.10 44.39 58.07
N GLY D 372 -32.46 43.62 59.10
CA GLY D 372 -31.55 43.30 60.18
C GLY D 372 -31.12 44.55 60.95
N GLY D 373 -29.83 44.60 61.29
CA GLY D 373 -29.23 45.77 61.91
C GLY D 373 -29.38 45.76 63.44
N GLY D 374 -28.98 44.65 64.07
CA GLY D 374 -29.09 44.50 65.51
C GLY D 374 -28.75 43.08 65.96
N PRO D 375 -28.58 42.84 67.28
CA PRO D 375 -28.28 41.50 67.79
C PRO D 375 -29.51 40.60 67.85
N TRP D 376 -29.30 39.33 68.22
CA TRP D 376 -30.38 38.35 68.34
C TRP D 376 -30.08 37.41 69.49
N GLY D 377 -31.11 37.09 70.29
CA GLY D 377 -31.03 36.08 71.32
C GLY D 377 -30.46 36.61 72.63
N ASN D 378 -30.75 35.88 73.72
CA ASN D 378 -30.22 36.18 75.04
C ASN D 378 -28.85 35.51 75.19
N LYS D 379 -28.78 34.25 74.74
CA LYS D 379 -27.57 33.44 74.81
C LYS D 379 -26.96 33.34 73.41
N GLY D 380 -25.63 33.24 73.36
CA GLY D 380 -24.88 33.12 72.12
C GLY D 380 -24.59 34.49 71.51
N TYR D 381 -23.55 34.55 70.66
CA TYR D 381 -23.18 35.78 69.99
C TYR D 381 -23.76 35.75 68.57
N PHE D 382 -25.06 36.03 68.47
CA PHE D 382 -25.80 35.99 67.22
C PHE D 382 -26.07 37.42 66.75
N VAL D 383 -25.77 37.69 65.47
CA VAL D 383 -26.08 38.97 64.85
C VAL D 383 -27.11 38.72 63.74
N GLN D 384 -28.09 39.61 63.65
CA GLN D 384 -29.13 39.53 62.63
C GLN D 384 -28.49 39.73 61.26
N PRO D 385 -28.92 38.99 60.22
CA PRO D 385 -28.45 39.24 58.85
C PRO D 385 -28.86 40.64 58.41
N THR D 386 -27.87 41.52 58.25
CA THR D 386 -28.09 42.94 57.99
C THR D 386 -27.80 43.25 56.53
N VAL D 387 -28.57 44.19 55.96
CA VAL D 387 -28.37 44.64 54.60
C VAL D 387 -28.45 46.16 54.56
N PHE D 388 -27.39 46.79 54.01
CA PHE D 388 -27.35 48.22 53.80
C PHE D 388 -27.43 48.52 52.31
N SER D 389 -28.12 49.62 51.97
CA SER D 389 -28.19 50.10 50.60
C SER D 389 -27.88 51.60 50.59
N ASN D 390 -27.72 52.16 49.39
CA ASN D 390 -27.35 53.56 49.21
C ASN D 390 -26.07 53.85 49.99
N VAL D 391 -25.09 52.94 49.86
CA VAL D 391 -23.83 53.04 50.57
C VAL D 391 -22.85 53.83 49.70
N THR D 392 -22.07 54.71 50.34
CA THR D 392 -21.08 55.53 49.66
C THR D 392 -19.68 54.98 49.94
N ASP D 393 -18.70 55.46 49.17
CA ASP D 393 -17.35 54.93 49.20
C ASP D 393 -16.63 55.33 50.49
N GLU D 394 -17.02 56.49 51.07
CA GLU D 394 -16.33 57.04 52.22
C GLU D 394 -17.09 56.71 53.51
N MET D 395 -17.73 55.54 53.56
CA MET D 395 -18.37 55.05 54.76
C MET D 395 -17.49 53.97 55.39
N ARG D 396 -17.61 53.79 56.71
CA ARG D 396 -16.82 52.81 57.44
C ARG D 396 -17.16 51.40 56.97
N ILE D 397 -18.44 51.16 56.66
CA ILE D 397 -18.92 49.85 56.25
C ILE D 397 -18.52 49.57 54.79
N ALA D 398 -18.04 50.59 54.08
CA ALA D 398 -17.59 50.44 52.71
C ALA D 398 -16.06 50.50 52.62
N LYS D 399 -15.38 50.36 53.77
CA LYS D 399 -13.93 50.48 53.84
C LYS D 399 -13.36 49.38 54.74
N GLU D 400 -13.78 49.38 56.01
CA GLU D 400 -13.28 48.43 56.99
C GLU D 400 -13.91 47.06 56.78
N GLU D 401 -13.12 46.00 57.00
CA GLU D 401 -13.63 44.64 56.95
C GLU D 401 -14.49 44.38 58.18
N ILE D 402 -15.70 43.87 57.95
CA ILE D 402 -16.71 43.70 58.99
C ILE D 402 -16.51 42.33 59.65
N PHE D 403 -16.43 41.29 58.82
CA PHE D 403 -16.25 39.92 59.25
C PHE D 403 -17.49 39.46 60.02
N GLY D 404 -18.65 39.87 59.51
CA GLY D 404 -19.94 39.51 60.08
C GLY D 404 -21.02 39.50 59.01
N PRO D 405 -22.27 39.08 59.33
CA PRO D 405 -23.34 38.99 58.34
C PRO D 405 -23.93 40.37 58.00
N VAL D 406 -23.18 41.15 57.22
CA VAL D 406 -23.59 42.49 56.82
C VAL D 406 -23.26 42.66 55.33
N GLN D 407 -24.25 43.06 54.54
CA GLN D 407 -24.12 43.20 53.10
C GLN D 407 -24.26 44.68 52.73
N GLN D 408 -23.32 45.18 51.92
CA GLN D 408 -23.37 46.55 51.42
C GLN D 408 -23.63 46.50 49.91
N ILE D 409 -24.71 47.18 49.48
CA ILE D 409 -25.09 47.23 48.08
C ILE D 409 -24.95 48.68 47.61
N MET D 410 -24.24 48.86 46.49
CA MET D 410 -23.84 50.17 46.01
C MET D 410 -24.15 50.24 44.51
N LYS D 411 -24.42 51.45 44.01
CA LYS D 411 -24.82 51.64 42.62
C LYS D 411 -23.67 52.29 41.84
N PHE D 412 -23.60 51.96 40.54
CA PHE D 412 -22.69 52.63 39.62
C PHE D 412 -23.39 52.88 38.30
N LYS D 413 -22.71 53.63 37.42
CA LYS D 413 -23.20 53.91 36.08
C LYS D 413 -22.07 53.77 35.07
N SER D 414 -20.88 54.33 35.40
CA SER D 414 -19.71 54.20 34.56
C SER D 414 -18.94 52.93 34.95
N LEU D 415 -18.62 52.11 33.94
CA LEU D 415 -17.88 50.86 34.15
C LEU D 415 -16.44 51.18 34.55
N ASP D 416 -15.85 52.19 33.90
CA ASP D 416 -14.47 52.57 34.13
C ASP D 416 -14.29 53.05 35.56
N ASP D 417 -15.29 53.79 36.07
CA ASP D 417 -15.22 54.39 37.39
C ASP D 417 -15.30 53.31 38.47
N VAL D 418 -16.28 52.42 38.36
CA VAL D 418 -16.55 51.42 39.39
C VAL D 418 -15.35 50.49 39.56
N ILE D 419 -14.62 50.25 38.46
CA ILE D 419 -13.41 49.43 38.50
C ILE D 419 -12.35 50.13 39.35
N LYS D 420 -12.24 51.45 39.21
CA LYS D 420 -11.27 52.24 39.95
C LYS D 420 -11.70 52.36 41.41
N ARG D 421 -13.03 52.39 41.63
CA ARG D 421 -13.59 52.41 42.97
C ARG D 421 -13.35 51.07 43.66
N ALA D 422 -13.46 49.98 42.90
CA ALA D 422 -13.24 48.64 43.41
C ALA D 422 -11.77 48.46 43.79
N ASN D 423 -10.87 48.98 42.96
CA ASN D 423 -9.43 48.85 43.16
C ASN D 423 -8.95 49.85 44.21
N ASN D 424 -9.75 50.89 44.49
CA ASN D 424 -9.38 51.92 45.46
C ASN D 424 -9.52 51.35 46.87
N THR D 425 -8.53 50.55 47.29
CA THR D 425 -8.47 49.95 48.61
C THR D 425 -7.12 49.27 48.78
N PHE D 426 -6.62 49.25 50.03
CA PHE D 426 -5.36 48.61 50.35
C PHE D 426 -5.50 47.09 50.30
N TYR D 427 -6.74 46.61 50.45
CA TYR D 427 -7.06 45.20 50.31
C TYR D 427 -7.12 44.81 48.83
N GLY D 428 -7.22 43.50 48.57
CA GLY D 428 -7.37 42.98 47.22
C GLY D 428 -7.21 41.46 47.19
N LEU D 429 -8.03 40.77 48.00
CA LEU D 429 -7.94 39.33 48.16
C LEU D 429 -8.73 38.65 47.04
N SER D 430 -9.90 39.21 46.70
CA SER D 430 -10.76 38.61 45.69
C SER D 430 -11.72 39.65 45.12
N ALA D 431 -12.50 39.24 44.12
CA ALA D 431 -13.53 40.07 43.53
C ALA D 431 -14.54 39.18 42.79
N GLY D 432 -15.65 39.80 42.34
CA GLY D 432 -16.69 39.09 41.63
C GLY D 432 -17.22 39.90 40.45
N VAL D 433 -17.29 39.27 39.27
CA VAL D 433 -17.77 39.91 38.06
C VAL D 433 -18.95 39.12 37.52
N PHE D 434 -20.07 39.81 37.29
CA PHE D 434 -21.30 39.16 36.84
C PHE D 434 -21.78 39.82 35.56
N THR D 435 -21.52 39.15 34.43
CA THR D 435 -21.91 39.64 33.11
C THR D 435 -21.93 38.47 32.13
N LYS D 436 -22.67 38.64 31.03
CA LYS D 436 -22.78 37.62 29.98
C LYS D 436 -21.73 37.87 28.90
N ASP D 437 -21.26 39.11 28.77
CA ASP D 437 -20.35 39.49 27.70
C ASP D 437 -18.94 39.02 28.04
N ILE D 438 -18.28 38.37 27.07
CA ILE D 438 -16.95 37.80 27.28
C ILE D 438 -15.95 38.94 27.42
N ASP D 439 -15.94 39.85 26.45
CA ASP D 439 -15.02 40.97 26.41
C ASP D 439 -15.01 41.66 27.77
N LYS D 440 -16.21 41.95 28.29
CA LYS D 440 -16.38 42.59 29.59
C LYS D 440 -15.71 41.76 30.68
N ALA D 441 -16.08 40.48 30.76
CA ALA D 441 -15.62 39.60 31.82
C ALA D 441 -14.10 39.56 31.88
N ILE D 442 -13.47 39.34 30.72
CA ILE D 442 -12.03 39.16 30.63
C ILE D 442 -11.32 40.47 30.98
N THR D 443 -11.79 41.58 30.40
CA THR D 443 -11.15 42.88 30.57
C THR D 443 -11.29 43.35 32.02
N ILE D 444 -12.51 43.27 32.56
CA ILE D 444 -12.80 43.72 33.92
C ILE D 444 -11.94 42.92 34.89
N SER D 445 -11.92 41.59 34.72
CA SER D 445 -11.15 40.71 35.59
C SER D 445 -9.66 41.03 35.51
N SER D 446 -9.17 41.41 34.32
CA SER D 446 -7.78 41.77 34.12
C SER D 446 -7.47 43.10 34.82
N ALA D 447 -8.45 43.99 34.89
CA ALA D 447 -8.28 45.32 35.46
C ALA D 447 -8.30 45.27 36.99
N LEU D 448 -9.22 44.48 37.55
CA LEU D 448 -9.37 44.35 38.99
C LEU D 448 -8.07 43.85 39.62
N GLN D 449 -7.71 44.44 40.76
CA GLN D 449 -6.49 44.09 41.47
C GLN D 449 -6.83 43.11 42.61
N ALA D 450 -7.22 41.89 42.22
CA ALA D 450 -7.64 40.87 43.16
C ALA D 450 -6.86 39.59 42.89
N GLY D 451 -6.62 38.82 43.96
CA GLY D 451 -5.88 37.57 43.86
C GLY D 451 -6.68 36.47 43.17
N THR D 452 -7.99 36.46 43.41
CA THR D 452 -8.90 35.52 42.78
C THR D 452 -10.15 36.26 42.30
N VAL D 453 -10.44 36.16 41.00
CA VAL D 453 -11.60 36.83 40.41
C VAL D 453 -12.58 35.78 39.91
N TRP D 454 -13.82 35.85 40.42
CA TRP D 454 -14.87 34.93 40.03
C TRP D 454 -15.78 35.59 39.00
N VAL D 455 -16.10 34.84 37.94
CA VAL D 455 -16.97 35.34 36.87
C VAL D 455 -18.28 34.55 36.92
N ASN D 456 -19.38 35.26 37.18
CA ASN D 456 -20.71 34.69 37.31
C ASN D 456 -20.71 33.61 38.40
N CYS D 457 -19.95 33.86 39.46
CA CYS D 457 -19.92 33.00 40.65
C CYS D 457 -19.16 33.73 41.75
N TYR D 458 -19.04 33.09 42.93
CA TYR D 458 -18.29 33.66 44.03
C TYR D 458 -17.98 32.59 45.07
N GLY D 459 -16.83 32.73 45.74
CA GLY D 459 -16.42 31.84 46.82
C GLY D 459 -16.13 30.42 46.34
N VAL D 460 -15.67 30.29 45.10
CA VAL D 460 -15.38 28.99 44.51
C VAL D 460 -13.89 28.71 44.63
N VAL D 461 -13.46 28.27 45.82
CA VAL D 461 -12.07 27.90 46.05
C VAL D 461 -11.96 26.39 46.02
N SER D 462 -10.89 25.89 45.37
CA SER D 462 -10.57 24.47 45.34
C SER D 462 -9.07 24.28 45.57
N ALA D 463 -8.65 23.02 45.71
CA ALA D 463 -7.28 22.68 46.06
C ALA D 463 -6.34 22.93 44.87
N GLN D 464 -6.88 22.80 43.65
CA GLN D 464 -6.07 22.82 42.45
C GLN D 464 -5.68 24.26 42.09
N CYS D 465 -6.55 25.23 42.43
CA CYS D 465 -6.35 26.62 42.06
C CYS D 465 -5.52 27.34 43.12
N PRO D 466 -4.53 28.18 42.72
CA PRO D 466 -3.75 28.97 43.68
C PRO D 466 -4.53 30.17 44.21
N PHE D 467 -4.56 30.31 45.55
CA PHE D 467 -5.37 31.31 46.21
C PHE D 467 -4.48 32.22 47.06
N GLY D 468 -4.56 33.53 46.79
CA GLY D 468 -3.84 34.54 47.53
C GLY D 468 -4.48 35.92 47.37
N GLY D 469 -3.66 36.98 47.52
CA GLY D 469 -4.17 38.34 47.49
C GLY D 469 -3.14 39.34 46.93
N PHE D 470 -3.66 40.40 46.28
CA PHE D 470 -2.89 41.56 45.88
C PHE D 470 -2.76 42.50 47.07
N LYS D 471 -1.71 43.34 47.04
CA LYS D 471 -1.54 44.44 47.98
C LYS D 471 -1.53 43.90 49.41
N MET D 472 -2.34 44.50 50.30
CA MET D 472 -2.28 44.18 51.72
C MET D 472 -3.36 43.16 52.08
N SER D 473 -3.56 42.18 51.20
CA SER D 473 -4.45 41.05 51.46
C SER D 473 -3.67 39.73 51.45
N GLY D 474 -2.35 39.81 51.26
CA GLY D 474 -1.52 38.61 51.24
C GLY D 474 -0.09 38.90 50.80
N ASN D 475 0.79 37.92 51.01
CA ASN D 475 2.19 38.00 50.58
C ASN D 475 2.60 36.70 49.89
N GLY D 476 1.63 35.95 49.36
CA GLY D 476 1.94 34.70 48.69
C GLY D 476 0.69 33.87 48.36
N ARG D 477 0.88 32.84 47.53
CA ARG D 477 -0.17 31.89 47.17
C ARG D 477 0.02 30.62 48.00
N GLU D 478 -1.08 29.89 48.23
CA GLU D 478 -1.07 28.78 49.18
C GLU D 478 -1.43 27.44 48.55
N LEU D 479 -2.17 27.45 47.43
CA LEU D 479 -2.67 26.21 46.84
C LEU D 479 -2.18 26.08 45.40
N GLY D 480 -2.53 24.93 44.77
CA GLY D 480 -2.19 24.69 43.38
C GLY D 480 -0.70 24.42 43.19
N GLU D 481 -0.23 24.50 41.95
CA GLU D 481 1.17 24.28 41.62
C GLU D 481 2.03 25.38 42.23
N TYR D 482 1.52 26.62 42.20
CA TYR D 482 2.30 27.80 42.58
C TYR D 482 2.41 27.90 44.10
N GLY D 483 1.43 27.34 44.82
CA GLY D 483 1.43 27.37 46.28
C GLY D 483 2.57 26.57 46.88
N PHE D 484 3.04 25.55 46.15
CA PHE D 484 4.10 24.68 46.62
C PHE D 484 5.47 25.33 46.44
N HIS D 485 5.56 26.32 45.55
CA HIS D 485 6.82 27.01 45.28
C HIS D 485 7.31 27.76 46.52
N GLU D 486 6.38 28.08 47.43
CA GLU D 486 6.68 28.93 48.57
C GLU D 486 6.96 28.08 49.82
N TYR D 487 6.97 26.76 49.66
CA TYR D 487 7.41 25.84 50.71
C TYR D 487 8.63 25.06 50.24
N THR D 488 9.44 25.68 49.36
CA THR D 488 10.66 25.06 48.84
C THR D 488 11.78 26.08 48.76
N GLU D 489 13.03 25.58 48.84
CA GLU D 489 14.22 26.39 48.72
C GLU D 489 15.05 25.83 47.56
N VAL D 490 15.37 26.68 46.57
CA VAL D 490 15.96 26.23 45.32
C VAL D 490 17.48 26.29 45.42
N LYS D 491 18.12 25.11 45.43
CA LYS D 491 19.57 25.02 45.39
C LYS D 491 20.01 24.80 43.94
N THR D 492 21.06 25.53 43.55
CA THR D 492 21.64 25.44 42.21
C THR D 492 22.99 24.75 42.30
N VAL D 493 23.16 23.65 41.57
CA VAL D 493 24.40 22.89 41.59
C VAL D 493 25.02 22.94 40.20
N THR D 494 26.16 23.65 40.09
CA THR D 494 26.87 23.81 38.83
C THR D 494 28.17 23.01 38.87
N VAL D 495 28.27 22.01 37.98
CA VAL D 495 29.39 21.08 37.96
C VAL D 495 30.27 21.40 36.76
N LYS D 496 31.59 21.53 36.98
CA LYS D 496 32.53 21.75 35.90
C LYS D 496 32.76 20.44 35.16
N ILE D 497 32.76 20.51 33.82
CA ILE D 497 33.01 19.35 32.99
C ILE D 497 34.04 19.71 31.93
N SER D 498 34.56 18.67 31.25
CA SER D 498 35.60 18.84 30.24
C SER D 498 35.02 19.49 28.99
N GLN D 499 33.99 18.85 28.42
CA GLN D 499 33.31 19.38 27.24
C GLN D 499 31.80 19.22 27.42
N LYS D 500 31.06 20.26 27.02
CA LYS D 500 29.61 20.27 27.04
C LYS D 500 29.09 19.86 25.67
N ASN D 501 27.94 19.18 25.65
CA ASN D 501 27.23 18.85 24.42
C ASN D 501 25.73 19.01 24.66
N SER D 502 25.05 19.63 23.69
CA SER D 502 23.61 19.84 23.76
C SER D 502 22.87 18.50 23.70
N ASP E 9 -51.75 -33.86 -32.85
CA ASP E 9 -50.30 -33.97 -32.54
C ASP E 9 -49.56 -32.79 -33.17
N LEU E 10 -49.19 -32.93 -34.44
CA LEU E 10 -48.25 -32.02 -35.10
C LEU E 10 -48.99 -31.26 -36.18
N PRO E 11 -48.61 -30.00 -36.52
CA PRO E 11 -49.37 -29.22 -37.49
C PRO E 11 -49.15 -29.70 -38.91
N VAL E 12 -50.24 -29.98 -39.63
CA VAL E 12 -50.18 -30.47 -40.99
C VAL E 12 -50.43 -29.30 -41.95
N LEU E 13 -50.07 -29.50 -43.22
CA LEU E 13 -50.27 -28.49 -44.26
C LEU E 13 -51.77 -28.26 -44.43
N LEU E 14 -52.18 -26.99 -44.29
CA LEU E 14 -53.58 -26.59 -44.35
C LEU E 14 -54.11 -26.79 -45.77
N THR E 15 -53.36 -26.26 -46.76
CA THR E 15 -53.70 -26.42 -48.17
C THR E 15 -53.27 -27.81 -48.63
N ASP E 16 -53.71 -28.21 -49.83
CA ASP E 16 -53.21 -29.41 -50.48
C ASP E 16 -51.91 -29.06 -51.20
N LEU E 17 -50.93 -29.97 -51.12
CA LEU E 17 -49.60 -29.70 -51.69
C LEU E 17 -49.66 -29.76 -53.21
N LYS E 18 -49.03 -28.77 -53.85
CA LYS E 18 -49.03 -28.65 -55.30
C LYS E 18 -47.60 -28.36 -55.75
N ILE E 19 -47.00 -29.33 -56.45
CA ILE E 19 -45.62 -29.24 -56.92
C ILE E 19 -45.54 -28.15 -57.98
N GLN E 20 -44.38 -27.48 -58.04
CA GLN E 20 -44.18 -26.35 -58.94
C GLN E 20 -42.82 -26.46 -59.61
N TYR E 21 -41.76 -26.57 -58.80
CA TYR E 21 -40.39 -26.57 -59.30
C TYR E 21 -39.99 -27.97 -59.69
N THR E 22 -39.87 -28.20 -61.01
CA THR E 22 -39.57 -29.51 -61.56
C THR E 22 -38.62 -29.37 -62.75
N LYS E 23 -37.65 -28.46 -62.64
CA LYS E 23 -36.79 -28.12 -63.76
C LYS E 23 -35.36 -27.94 -63.29
N ILE E 24 -34.43 -27.93 -64.27
CA ILE E 24 -33.01 -27.77 -64.01
C ILE E 24 -32.75 -26.32 -63.61
N PHE E 25 -31.85 -26.12 -62.63
CA PHE E 25 -31.62 -24.83 -62.03
C PHE E 25 -30.19 -24.38 -62.32
N ILE E 26 -30.04 -23.40 -63.22
CA ILE E 26 -28.73 -22.87 -63.59
C ILE E 26 -28.82 -21.35 -63.67
N ASN E 27 -27.85 -20.66 -63.07
CA ASN E 27 -27.81 -19.20 -62.99
C ASN E 27 -29.13 -18.67 -62.43
N ASN E 28 -29.60 -19.29 -61.34
CA ASN E 28 -30.80 -18.86 -60.64
C ASN E 28 -31.96 -18.69 -61.62
N GLU E 29 -32.11 -19.63 -62.55
CA GLU E 29 -33.23 -19.65 -63.48
C GLU E 29 -33.49 -21.09 -63.92
N TRP E 30 -34.71 -21.34 -64.39
CA TRP E 30 -35.21 -22.68 -64.63
C TRP E 30 -35.01 -23.07 -66.09
N HIS E 31 -34.09 -24.02 -66.33
CA HIS E 31 -33.81 -24.51 -67.67
C HIS E 31 -34.55 -25.83 -67.91
N ASP E 32 -34.80 -26.12 -69.19
CA ASP E 32 -35.29 -27.43 -69.60
C ASP E 32 -34.09 -28.34 -69.85
N SER E 33 -34.36 -29.65 -69.94
CA SER E 33 -33.34 -30.61 -70.32
C SER E 33 -32.96 -30.41 -71.78
N VAL E 34 -31.64 -30.43 -72.06
CA VAL E 34 -31.11 -30.24 -73.40
C VAL E 34 -31.72 -31.28 -74.34
N SER E 35 -31.77 -32.54 -73.88
CA SER E 35 -32.41 -33.61 -74.64
C SER E 35 -33.91 -33.38 -74.76
N GLY E 36 -34.51 -32.84 -73.70
CA GLY E 36 -35.94 -32.58 -73.66
C GLY E 36 -36.69 -33.67 -72.89
N LYS E 37 -35.98 -34.75 -72.55
CA LYS E 37 -36.57 -35.89 -71.86
C LYS E 37 -36.82 -35.54 -70.40
N LYS E 38 -37.77 -36.27 -69.79
CA LYS E 38 -38.17 -36.04 -68.42
C LYS E 38 -38.40 -37.38 -67.73
N PHE E 39 -37.90 -37.53 -66.50
CA PHE E 39 -38.09 -38.75 -65.72
C PHE E 39 -39.18 -38.52 -64.69
N PRO E 40 -39.96 -39.57 -64.32
CA PRO E 40 -41.03 -39.44 -63.33
C PRO E 40 -40.56 -39.55 -61.89
N VAL E 41 -41.39 -39.05 -60.96
CA VAL E 41 -41.12 -39.13 -59.54
C VAL E 41 -42.37 -39.68 -58.86
N PHE E 42 -42.20 -40.79 -58.11
CA PHE E 42 -43.33 -41.48 -57.51
C PHE E 42 -43.33 -41.28 -55.99
N ASN E 43 -44.51 -41.43 -55.40
CA ASN E 43 -44.66 -41.60 -53.97
C ASN E 43 -44.43 -43.08 -53.66
N PRO E 44 -43.39 -43.45 -52.87
CA PRO E 44 -43.13 -44.85 -52.56
C PRO E 44 -44.23 -45.56 -51.78
N ALA E 45 -45.06 -44.77 -51.07
CA ALA E 45 -46.17 -45.31 -50.29
C ALA E 45 -47.29 -45.78 -51.20
N THR E 46 -47.70 -44.92 -52.14
CA THR E 46 -48.88 -45.16 -52.97
C THR E 46 -48.49 -45.67 -54.36
N GLU E 47 -47.21 -45.58 -54.71
CA GLU E 47 -46.69 -45.94 -56.02
C GLU E 47 -47.24 -45.02 -57.11
N GLU E 48 -47.90 -43.93 -56.70
CA GLU E 48 -48.50 -42.99 -57.63
C GLU E 48 -47.40 -42.09 -58.19
N GLU E 49 -47.56 -41.63 -59.43
CA GLU E 49 -46.66 -40.64 -60.00
C GLU E 49 -47.06 -39.26 -59.49
N LEU E 50 -46.09 -38.53 -58.93
CA LEU E 50 -46.30 -37.19 -58.43
C LEU E 50 -46.18 -36.19 -59.58
N CYS E 51 -45.09 -36.31 -60.35
CA CYS E 51 -44.82 -35.43 -61.47
C CYS E 51 -43.68 -35.99 -62.32
N GLN E 52 -43.26 -35.22 -63.33
CA GLN E 52 -42.05 -35.51 -64.08
C GLN E 52 -41.10 -34.33 -63.98
N VAL E 53 -39.81 -34.65 -63.75
CA VAL E 53 -38.76 -33.64 -63.63
C VAL E 53 -37.89 -33.71 -64.89
N GLU E 54 -37.28 -32.58 -65.24
CA GLU E 54 -36.38 -32.50 -66.39
C GLU E 54 -35.19 -33.43 -66.14
N GLU E 55 -34.87 -34.27 -67.13
CA GLU E 55 -33.81 -35.25 -67.02
C GLU E 55 -32.49 -34.63 -67.48
N GLY E 56 -31.59 -34.39 -66.51
CA GLY E 56 -30.29 -33.81 -66.81
C GLY E 56 -29.28 -34.85 -67.27
N ASP E 57 -28.44 -34.46 -68.23
CA ASP E 57 -27.33 -35.29 -68.68
C ASP E 57 -26.08 -34.40 -68.77
N LYS E 58 -25.08 -34.80 -69.55
CA LYS E 58 -23.79 -34.12 -69.56
C LYS E 58 -23.96 -32.67 -70.03
N GLU E 59 -24.71 -32.47 -71.13
CA GLU E 59 -24.87 -31.16 -71.72
C GLU E 59 -25.41 -30.18 -70.67
N ASP E 60 -26.33 -30.67 -69.84
CA ASP E 60 -26.93 -29.88 -68.77
C ASP E 60 -25.89 -29.57 -67.69
N VAL E 61 -25.06 -30.57 -67.38
CA VAL E 61 -24.01 -30.41 -66.38
C VAL E 61 -22.99 -29.39 -66.88
N ASP E 62 -22.60 -29.50 -68.17
CA ASP E 62 -21.60 -28.64 -68.76
C ASP E 62 -22.06 -27.18 -68.67
N LYS E 63 -23.37 -26.95 -68.82
CA LYS E 63 -23.96 -25.63 -68.64
C LYS E 63 -23.79 -25.18 -67.19
N ALA E 64 -24.17 -26.06 -66.26
CA ALA E 64 -24.13 -25.76 -64.84
C ALA E 64 -22.70 -25.45 -64.39
N VAL E 65 -21.73 -26.23 -64.90
CA VAL E 65 -20.34 -26.08 -64.52
C VAL E 65 -19.83 -24.71 -64.99
N LYS E 66 -20.20 -24.31 -66.22
CA LYS E 66 -19.74 -23.07 -66.80
C LYS E 66 -20.39 -21.88 -66.10
N ALA E 67 -21.59 -22.08 -65.54
CA ALA E 67 -22.25 -21.06 -64.73
C ALA E 67 -21.51 -20.91 -63.40
N ALA E 68 -21.14 -22.05 -62.80
CA ALA E 68 -20.45 -22.08 -61.52
C ALA E 68 -19.06 -21.47 -61.64
N ARG E 69 -18.35 -21.84 -62.72
CA ARG E 69 -17.01 -21.33 -62.97
C ARG E 69 -17.06 -19.81 -63.18
N GLN E 70 -18.09 -19.35 -63.90
CA GLN E 70 -18.29 -17.93 -64.15
C GLN E 70 -18.52 -17.19 -62.83
N ALA E 71 -19.29 -17.82 -61.94
CA ALA E 71 -19.64 -17.23 -60.65
C ALA E 71 -18.44 -17.21 -59.72
N PHE E 72 -17.43 -18.06 -60.01
CA PHE E 72 -16.24 -18.17 -59.18
C PHE E 72 -15.08 -17.33 -59.72
N GLN E 73 -15.32 -16.58 -60.82
CA GLN E 73 -14.27 -15.79 -61.45
C GLN E 73 -13.78 -14.72 -60.48
N ILE E 74 -12.48 -14.41 -60.58
CA ILE E 74 -11.86 -13.38 -59.76
C ILE E 74 -12.50 -12.04 -60.10
N GLY E 75 -13.11 -11.40 -59.08
CA GLY E 75 -13.77 -10.12 -59.26
C GLY E 75 -15.30 -10.24 -59.34
N SER E 76 -15.80 -11.48 -59.37
CA SER E 76 -17.23 -11.74 -59.39
C SER E 76 -17.83 -11.38 -58.04
N PRO E 77 -19.16 -11.14 -57.95
CA PRO E 77 -19.82 -10.83 -56.68
C PRO E 77 -19.51 -11.81 -55.55
N TRP E 78 -19.46 -13.11 -55.88
CA TRP E 78 -19.33 -14.16 -54.89
C TRP E 78 -17.92 -14.15 -54.25
N ARG E 79 -16.91 -13.73 -55.03
CA ARG E 79 -15.53 -13.72 -54.58
C ARG E 79 -15.24 -12.42 -53.81
N THR E 80 -15.75 -11.30 -54.32
CA THR E 80 -15.51 -9.99 -53.71
C THR E 80 -16.36 -9.82 -52.45
N MET E 81 -17.57 -10.42 -52.46
CA MET E 81 -18.51 -10.32 -51.36
C MET E 81 -17.82 -10.66 -50.04
N ASP E 82 -18.21 -9.95 -48.98
CA ASP E 82 -17.64 -10.14 -47.64
C ASP E 82 -17.97 -11.53 -47.14
N ALA E 83 -17.06 -12.11 -46.34
CA ALA E 83 -17.27 -13.42 -45.74
C ALA E 83 -18.51 -13.38 -44.85
N SER E 84 -18.68 -12.28 -44.12
CA SER E 84 -19.83 -12.08 -43.25
C SER E 84 -21.13 -12.16 -44.05
N GLU E 85 -21.11 -11.60 -45.27
CA GLU E 85 -22.30 -11.53 -46.12
C GLU E 85 -22.67 -12.91 -46.66
N ARG E 86 -21.66 -13.75 -46.94
CA ARG E 86 -21.92 -15.10 -47.41
C ARG E 86 -22.72 -15.87 -46.35
N GLY E 87 -22.37 -15.66 -45.08
CA GLY E 87 -23.08 -16.26 -43.97
C GLY E 87 -24.49 -15.69 -43.80
N ARG E 88 -24.64 -14.40 -44.11
CA ARG E 88 -25.93 -13.72 -43.99
C ARG E 88 -26.93 -14.33 -44.97
N LEU E 89 -26.46 -14.66 -46.19
CA LEU E 89 -27.29 -15.29 -47.19
C LEU E 89 -27.67 -16.70 -46.76
N LEU E 90 -26.71 -17.43 -46.18
CA LEU E 90 -26.94 -18.77 -45.65
C LEU E 90 -27.95 -18.73 -44.51
N TYR E 91 -27.89 -17.67 -43.70
CA TYR E 91 -28.77 -17.53 -42.54
C TYR E 91 -30.17 -17.15 -43.01
N LYS E 92 -30.25 -16.28 -44.03
CA LYS E 92 -31.52 -15.93 -44.63
C LYS E 92 -32.19 -17.18 -45.22
N LEU E 93 -31.39 -17.99 -45.92
CA LEU E 93 -31.88 -19.20 -46.56
C LEU E 93 -32.49 -20.14 -45.51
N ALA E 94 -31.86 -20.21 -44.33
CA ALA E 94 -32.36 -21.02 -43.24
C ALA E 94 -33.73 -20.53 -42.78
N ASP E 95 -33.90 -19.19 -42.77
CA ASP E 95 -35.15 -18.57 -42.36
C ASP E 95 -36.24 -18.86 -43.39
N LEU E 96 -35.87 -18.89 -44.68
CA LEU E 96 -36.80 -19.16 -45.76
C LEU E 96 -37.28 -20.61 -45.69
N ILE E 97 -36.37 -21.53 -45.31
CA ILE E 97 -36.69 -22.94 -45.16
C ILE E 97 -37.60 -23.12 -43.94
N GLU E 98 -37.37 -22.32 -42.89
CA GLU E 98 -38.17 -22.39 -41.68
C GLU E 98 -39.59 -21.88 -41.97
N ARG E 99 -39.69 -20.90 -42.86
CA ARG E 99 -40.98 -20.38 -43.30
C ARG E 99 -41.74 -21.46 -44.06
N ASP E 100 -41.07 -22.09 -45.04
CA ASP E 100 -41.68 -23.13 -45.86
C ASP E 100 -41.39 -24.50 -45.25
N ARG E 101 -41.60 -24.63 -43.94
CA ARG E 101 -41.23 -25.83 -43.21
C ARG E 101 -42.29 -26.92 -43.45
N LEU E 102 -43.56 -26.52 -43.40
CA LEU E 102 -44.68 -27.44 -43.59
C LEU E 102 -44.69 -27.93 -45.04
N LEU E 103 -44.37 -27.02 -45.98
CA LEU E 103 -44.36 -27.33 -47.40
C LEU E 103 -43.30 -28.39 -47.68
N LEU E 104 -42.10 -28.19 -47.13
CA LEU E 104 -40.97 -29.07 -47.37
C LEU E 104 -41.14 -30.39 -46.62
N ALA E 105 -41.59 -30.31 -45.36
CA ALA E 105 -41.80 -31.49 -44.54
C ALA E 105 -42.80 -32.42 -45.21
N THR E 106 -43.87 -31.85 -45.78
CA THR E 106 -44.89 -32.60 -46.48
C THR E 106 -44.31 -33.21 -47.76
N MET E 107 -43.56 -32.40 -48.50
CA MET E 107 -43.03 -32.79 -49.80
C MET E 107 -41.98 -33.89 -49.61
N GLU E 108 -41.15 -33.76 -48.58
CA GLU E 108 -40.13 -34.75 -48.25
C GLU E 108 -40.80 -36.07 -47.86
N SER E 109 -41.87 -35.97 -47.07
CA SER E 109 -42.60 -37.13 -46.58
C SER E 109 -43.24 -37.91 -47.73
N MET E 110 -43.79 -37.17 -48.70
CA MET E 110 -44.46 -37.77 -49.84
C MET E 110 -43.43 -38.45 -50.75
N ASN E 111 -42.38 -37.69 -51.10
CA ASN E 111 -41.42 -38.12 -52.09
C ASN E 111 -40.49 -39.19 -51.51
N GLY E 112 -39.98 -38.94 -50.30
CA GLY E 112 -38.97 -39.78 -49.69
C GLY E 112 -39.54 -40.98 -48.92
N GLY E 113 -40.87 -41.00 -48.75
CA GLY E 113 -41.53 -42.03 -47.97
C GLY E 113 -41.10 -41.96 -46.50
N LYS E 114 -41.10 -40.74 -45.96
CA LYS E 114 -40.50 -40.44 -44.67
C LYS E 114 -41.60 -39.98 -43.71
N LEU E 115 -41.60 -40.54 -42.49
CA LEU E 115 -42.59 -40.20 -41.49
C LEU E 115 -42.65 -38.68 -41.35
N TYR E 116 -43.86 -38.12 -41.48
CA TYR E 116 -44.04 -36.67 -41.50
C TYR E 116 -43.46 -36.05 -40.23
N SER E 117 -43.72 -36.69 -39.08
CA SER E 117 -43.24 -36.19 -37.81
C SER E 117 -41.72 -36.10 -37.82
N ASN E 118 -41.05 -37.18 -38.26
CA ASN E 118 -39.60 -37.19 -38.37
C ASN E 118 -39.15 -36.13 -39.38
N ALA E 119 -39.84 -36.06 -40.52
CA ALA E 119 -39.51 -35.10 -41.58
C ALA E 119 -39.57 -33.67 -41.05
N TYR E 120 -40.59 -33.39 -40.21
CA TYR E 120 -40.82 -32.04 -39.71
C TYR E 120 -39.88 -31.76 -38.53
N LEU E 121 -39.72 -32.74 -37.63
CA LEU E 121 -39.06 -32.52 -36.35
C LEU E 121 -37.55 -32.75 -36.46
N SER E 122 -37.13 -33.71 -37.29
CA SER E 122 -35.72 -34.05 -37.43
C SER E 122 -35.10 -33.36 -38.63
N ASP E 123 -35.63 -33.65 -39.83
CA ASP E 123 -35.00 -33.26 -41.08
C ASP E 123 -35.01 -31.75 -41.23
N LEU E 124 -36.18 -31.13 -41.10
CA LEU E 124 -36.32 -29.70 -41.31
C LEU E 124 -35.59 -28.93 -40.21
N ALA E 125 -35.62 -29.45 -38.98
CA ALA E 125 -34.86 -28.88 -37.88
C ALA E 125 -33.37 -28.96 -38.19
N GLY E 126 -32.93 -30.12 -38.69
CA GLY E 126 -31.54 -30.36 -39.04
C GLY E 126 -31.03 -29.41 -40.13
N CYS E 127 -31.86 -29.14 -41.13
CA CYS E 127 -31.51 -28.26 -42.23
C CYS E 127 -31.23 -26.85 -41.73
N ILE E 128 -32.12 -26.35 -40.85
CA ILE E 128 -32.05 -25.00 -40.34
C ILE E 128 -30.81 -24.87 -39.44
N LYS E 129 -30.69 -25.77 -38.47
CA LYS E 129 -29.58 -25.75 -37.51
C LYS E 129 -28.25 -25.76 -38.23
N THR E 130 -28.13 -26.61 -39.26
CA THR E 130 -26.87 -26.82 -39.97
C THR E 130 -26.52 -25.59 -40.80
N LEU E 131 -27.49 -25.08 -41.56
CA LEU E 131 -27.31 -23.86 -42.35
C LEU E 131 -26.81 -22.72 -41.47
N ARG E 132 -27.44 -22.58 -40.29
CA ARG E 132 -27.13 -21.50 -39.36
C ARG E 132 -25.74 -21.73 -38.75
N TYR E 133 -25.38 -23.00 -38.50
CA TYR E 133 -24.04 -23.33 -38.05
C TYR E 133 -23.02 -22.92 -39.12
N CYS E 134 -23.33 -23.28 -40.38
CA CYS E 134 -22.44 -23.04 -41.50
C CYS E 134 -22.29 -21.54 -41.78
N ALA E 135 -23.38 -20.79 -41.55
CA ALA E 135 -23.36 -19.34 -41.67
C ALA E 135 -22.28 -18.76 -40.75
N GLY E 136 -22.20 -19.32 -39.53
CA GLY E 136 -21.28 -18.83 -38.50
C GLY E 136 -19.82 -18.92 -38.94
N TRP E 137 -19.45 -20.02 -39.60
CA TRP E 137 -18.06 -20.27 -39.97
C TRP E 137 -17.59 -19.32 -41.08
N ALA E 138 -18.53 -18.82 -41.90
CA ALA E 138 -18.20 -18.04 -43.09
C ALA E 138 -17.03 -17.09 -42.84
N ASP E 139 -17.15 -16.23 -41.83
CA ASP E 139 -16.16 -15.19 -41.58
C ASP E 139 -15.23 -15.60 -40.44
N LYS E 140 -15.08 -16.91 -40.22
CA LYS E 140 -14.21 -17.45 -39.20
C LYS E 140 -13.30 -18.52 -39.77
N ILE E 141 -13.25 -18.63 -41.11
CA ILE E 141 -12.30 -19.49 -41.80
C ILE E 141 -10.99 -18.72 -41.92
N GLN E 142 -10.14 -18.85 -40.90
CA GLN E 142 -8.92 -18.07 -40.79
C GLN E 142 -7.73 -18.92 -41.23
N GLY E 143 -6.76 -18.27 -41.87
CA GLY E 143 -5.48 -18.90 -42.20
C GLY E 143 -4.50 -18.76 -41.04
N ARG E 144 -3.20 -18.82 -41.35
CA ARG E 144 -2.14 -18.76 -40.35
C ARG E 144 -1.04 -17.82 -40.83
N THR E 145 -0.23 -17.33 -39.88
CA THR E 145 1.03 -16.68 -40.17
C THR E 145 2.14 -17.50 -39.51
N ILE E 146 3.03 -18.05 -40.34
CA ILE E 146 4.04 -18.99 -39.88
C ILE E 146 5.31 -18.21 -39.50
N PRO E 147 5.94 -18.51 -38.33
CA PRO E 147 7.26 -17.96 -38.01
C PRO E 147 8.37 -18.78 -38.67
N ILE E 148 8.49 -18.60 -39.99
CA ILE E 148 9.35 -19.43 -40.83
C ILE E 148 10.81 -19.04 -40.58
N ASP E 149 11.72 -19.98 -40.90
CA ASP E 149 13.15 -19.72 -40.82
C ASP E 149 13.54 -18.74 -41.94
N GLY E 150 14.54 -17.91 -41.65
CA GLY E 150 15.05 -16.92 -42.60
C GLY E 150 14.30 -15.59 -42.49
N ASN E 151 14.78 -14.59 -43.23
CA ASN E 151 14.17 -13.27 -43.25
C ASN E 151 13.01 -13.28 -44.24
N PHE E 152 11.89 -13.87 -43.81
CA PHE E 152 10.70 -13.99 -44.65
C PHE E 152 9.46 -13.78 -43.79
N PHE E 153 8.38 -13.32 -44.44
CA PHE E 153 7.07 -13.20 -43.83
C PHE E 153 6.11 -14.15 -44.54
N THR E 154 5.75 -15.25 -43.86
CA THR E 154 4.91 -16.27 -44.45
C THR E 154 3.51 -16.20 -43.86
N TYR E 155 2.50 -16.40 -44.72
CA TYR E 155 1.11 -16.44 -44.30
C TYR E 155 0.34 -17.35 -45.27
N THR E 156 -0.76 -17.93 -44.77
CA THR E 156 -1.57 -18.84 -45.58
C THR E 156 -2.98 -18.29 -45.71
N ARG E 157 -3.60 -18.55 -46.88
CA ARG E 157 -4.98 -18.19 -47.15
C ARG E 157 -5.78 -19.47 -47.35
N HIS E 158 -6.84 -19.64 -46.55
CA HIS E 158 -7.76 -20.75 -46.70
C HIS E 158 -8.83 -20.36 -47.72
N GLU E 159 -8.44 -20.36 -49.00
CA GLU E 159 -9.32 -19.98 -50.10
C GLU E 159 -10.34 -21.08 -50.36
N PRO E 160 -11.45 -20.79 -51.06
CA PRO E 160 -12.32 -21.83 -51.63
C PRO E 160 -11.62 -22.58 -52.77
N ILE E 161 -12.07 -23.81 -53.02
CA ILE E 161 -11.48 -24.65 -54.05
C ILE E 161 -11.97 -24.18 -55.41
N GLY E 162 -13.30 -24.09 -55.58
CA GLY E 162 -13.90 -23.62 -56.81
C GLY E 162 -15.24 -24.31 -57.08
N VAL E 163 -15.38 -24.88 -58.27
CA VAL E 163 -16.58 -25.60 -58.66
C VAL E 163 -16.57 -26.96 -57.98
N CYS E 164 -17.61 -27.22 -57.17
CA CYS E 164 -17.72 -28.47 -56.42
C CYS E 164 -18.96 -29.23 -56.88
N GLY E 165 -18.74 -30.37 -57.53
CA GLY E 165 -19.80 -31.30 -57.88
C GLY E 165 -20.27 -32.06 -56.63
N GLN E 166 -21.59 -32.10 -56.41
CA GLN E 166 -22.13 -32.63 -55.17
C GLN E 166 -23.28 -33.59 -55.49
N ILE E 167 -23.11 -34.86 -55.08
CA ILE E 167 -24.05 -35.92 -55.40
C ILE E 167 -24.65 -36.45 -54.09
N ILE E 168 -25.99 -36.45 -54.02
CA ILE E 168 -26.71 -36.77 -52.79
C ILE E 168 -27.56 -38.01 -53.02
N PRO E 169 -27.87 -38.81 -51.96
CA PRO E 169 -28.79 -39.94 -52.06
C PRO E 169 -30.25 -39.55 -51.81
N TRP E 170 -31.08 -40.56 -51.51
CA TRP E 170 -32.53 -40.41 -51.43
C TRP E 170 -33.04 -40.53 -50.00
N ASN E 171 -32.17 -40.95 -49.07
CA ASN E 171 -32.60 -41.34 -47.73
C ASN E 171 -32.94 -40.09 -46.91
N PHE E 172 -32.09 -39.05 -46.98
CA PHE E 172 -32.36 -37.79 -46.34
C PHE E 172 -32.08 -36.64 -47.31
N PRO E 173 -32.88 -36.51 -48.40
CA PRO E 173 -32.56 -35.60 -49.50
C PRO E 173 -32.29 -34.15 -49.12
N LEU E 174 -33.02 -33.65 -48.12
CA LEU E 174 -32.88 -32.28 -47.65
C LEU E 174 -31.61 -32.15 -46.80
N VAL E 175 -31.51 -32.96 -45.76
CA VAL E 175 -30.42 -32.86 -44.81
C VAL E 175 -29.09 -33.04 -45.53
N MET E 176 -29.05 -34.02 -46.44
CA MET E 176 -27.85 -34.36 -47.21
C MET E 176 -27.43 -33.19 -48.09
N LEU E 177 -28.42 -32.46 -48.60
CA LEU E 177 -28.18 -31.30 -49.45
C LEU E 177 -27.50 -30.19 -48.67
N ILE E 178 -28.04 -29.88 -47.48
CA ILE E 178 -27.52 -28.81 -46.65
C ILE E 178 -26.10 -29.14 -46.19
N TRP E 179 -25.83 -30.43 -45.95
CA TRP E 179 -24.50 -30.88 -45.55
C TRP E 179 -23.47 -30.62 -46.64
N LYS E 180 -23.94 -30.57 -47.90
CA LYS E 180 -23.07 -30.26 -49.03
C LYS E 180 -22.91 -28.76 -49.18
N ILE E 181 -24.03 -28.07 -49.46
CA ILE E 181 -23.99 -26.67 -49.86
C ILE E 181 -23.57 -25.79 -48.67
N GLY E 182 -24.06 -26.12 -47.47
CA GLY E 182 -23.81 -25.33 -46.29
C GLY E 182 -22.32 -25.02 -46.09
N PRO E 183 -21.47 -26.05 -45.86
CA PRO E 183 -20.03 -25.85 -45.74
C PRO E 183 -19.39 -25.26 -46.99
N ALA E 184 -19.80 -25.76 -48.17
CA ALA E 184 -19.21 -25.36 -49.44
C ALA E 184 -19.37 -23.86 -49.67
N LEU E 185 -20.63 -23.39 -49.55
CA LEU E 185 -20.96 -22.00 -49.81
C LEU E 185 -20.32 -21.09 -48.74
N SER E 186 -20.27 -21.59 -47.49
CA SER E 186 -19.68 -20.85 -46.39
C SER E 186 -18.22 -20.50 -46.69
N CYS E 187 -17.51 -21.45 -47.32
CA CYS E 187 -16.11 -21.30 -47.65
C CYS E 187 -15.91 -20.49 -48.93
N GLY E 188 -16.99 -20.29 -49.69
CA GLY E 188 -16.97 -19.41 -50.85
C GLY E 188 -16.84 -20.18 -52.17
N ASN E 189 -17.26 -21.46 -52.16
CA ASN E 189 -17.24 -22.31 -53.33
C ASN E 189 -18.54 -22.13 -54.11
N THR E 190 -18.50 -22.46 -55.41
CA THR E 190 -19.71 -22.61 -56.21
C THR E 190 -19.96 -24.10 -56.40
N VAL E 191 -21.25 -24.49 -56.44
CA VAL E 191 -21.63 -25.89 -56.38
C VAL E 191 -22.48 -26.27 -57.58
N VAL E 192 -22.29 -27.51 -58.04
CA VAL E 192 -23.17 -28.14 -59.02
C VAL E 192 -23.75 -29.39 -58.37
N VAL E 193 -24.98 -29.27 -57.85
CA VAL E 193 -25.62 -30.33 -57.09
C VAL E 193 -26.41 -31.22 -58.04
N LYS E 194 -26.20 -32.54 -57.91
CA LYS E 194 -27.05 -33.51 -58.58
C LYS E 194 -27.83 -34.29 -57.51
N PRO E 195 -29.14 -34.02 -57.34
CA PRO E 195 -29.96 -34.79 -56.40
C PRO E 195 -30.30 -36.17 -56.97
N ALA E 196 -30.79 -37.05 -56.09
CA ALA E 196 -31.13 -38.41 -56.47
C ALA E 196 -32.25 -38.39 -57.52
N GLU E 197 -32.29 -39.46 -58.34
CA GLU E 197 -33.31 -39.62 -59.36
C GLU E 197 -34.67 -39.88 -58.70
N GLN E 198 -34.65 -40.39 -57.45
CA GLN E 198 -35.88 -40.68 -56.73
C GLN E 198 -36.43 -39.40 -56.08
N THR E 199 -35.54 -38.55 -55.54
CA THR E 199 -35.95 -37.49 -54.63
C THR E 199 -35.37 -36.13 -55.04
N PRO E 200 -35.69 -35.62 -56.25
CA PRO E 200 -35.22 -34.29 -56.66
C PRO E 200 -36.06 -33.11 -56.17
N LEU E 201 -37.33 -33.37 -55.82
CA LEU E 201 -38.33 -32.32 -55.66
C LEU E 201 -37.93 -31.36 -54.54
N THR E 202 -37.62 -31.92 -53.36
CA THR E 202 -37.28 -31.15 -52.18
C THR E 202 -36.15 -30.17 -52.50
N ALA E 203 -35.11 -30.65 -53.18
CA ALA E 203 -33.93 -29.86 -53.50
C ALA E 203 -34.28 -28.70 -54.43
N LEU E 204 -35.21 -28.93 -55.36
CA LEU E 204 -35.57 -27.93 -56.36
C LEU E 204 -36.33 -26.77 -55.70
N HIS E 205 -37.15 -27.07 -54.69
CA HIS E 205 -37.84 -26.03 -53.95
C HIS E 205 -36.84 -25.12 -53.27
N VAL E 206 -35.80 -25.72 -52.67
CA VAL E 206 -34.75 -24.98 -51.99
C VAL E 206 -34.03 -24.07 -52.98
N ALA E 207 -33.90 -24.54 -54.23
CA ALA E 207 -33.29 -23.75 -55.29
C ALA E 207 -34.02 -22.43 -55.48
N SER E 208 -35.35 -22.45 -55.36
CA SER E 208 -36.17 -21.25 -55.45
C SER E 208 -35.85 -20.30 -54.29
N LEU E 209 -35.63 -20.88 -53.10
CA LEU E 209 -35.32 -20.12 -51.91
C LEU E 209 -33.92 -19.51 -52.00
N ILE E 210 -33.02 -20.20 -52.71
CA ILE E 210 -31.66 -19.72 -52.91
C ILE E 210 -31.68 -18.48 -53.80
N LYS E 211 -32.56 -18.47 -54.81
CA LYS E 211 -32.75 -17.30 -55.64
C LYS E 211 -33.35 -16.17 -54.80
N GLU E 212 -34.40 -16.50 -54.05
CA GLU E 212 -35.12 -15.52 -53.23
C GLU E 212 -34.21 -14.90 -52.19
N ALA E 213 -33.29 -15.70 -51.62
CA ALA E 213 -32.35 -15.25 -50.62
C ALA E 213 -31.35 -14.26 -51.21
N GLY E 214 -31.14 -14.33 -52.53
CA GLY E 214 -30.34 -13.37 -53.25
C GLY E 214 -28.89 -13.82 -53.45
N PHE E 215 -28.70 -15.15 -53.54
CA PHE E 215 -27.40 -15.70 -53.91
C PHE E 215 -27.09 -15.30 -55.35
N PRO E 216 -25.87 -14.80 -55.66
CA PRO E 216 -25.49 -14.51 -57.04
C PRO E 216 -25.79 -15.67 -57.99
N PRO E 217 -26.31 -15.41 -59.20
CA PRO E 217 -26.53 -16.46 -60.19
C PRO E 217 -25.28 -17.29 -60.46
N GLY E 218 -25.44 -18.62 -60.42
CA GLY E 218 -24.37 -19.55 -60.76
C GLY E 218 -23.68 -20.15 -59.54
N VAL E 219 -23.87 -19.53 -58.37
CA VAL E 219 -23.28 -20.00 -57.13
C VAL E 219 -23.80 -21.40 -56.82
N VAL E 220 -25.14 -21.53 -56.80
CA VAL E 220 -25.79 -22.82 -56.64
C VAL E 220 -26.48 -23.18 -57.96
N ASN E 221 -26.19 -24.40 -58.43
CA ASN E 221 -26.84 -24.97 -59.60
C ASN E 221 -27.28 -26.39 -59.25
N ILE E 222 -28.47 -26.78 -59.74
CA ILE E 222 -29.02 -28.09 -59.45
C ILE E 222 -29.45 -28.74 -60.75
N VAL E 223 -28.95 -29.96 -60.99
CA VAL E 223 -29.20 -30.69 -62.22
C VAL E 223 -29.77 -32.07 -61.86
N PRO E 224 -31.11 -32.21 -61.72
CA PRO E 224 -31.71 -33.52 -61.46
C PRO E 224 -31.56 -34.44 -62.67
N GLY E 225 -31.25 -35.71 -62.40
CA GLY E 225 -31.03 -36.68 -63.45
C GLY E 225 -30.65 -38.04 -62.86
N TYR E 226 -30.26 -38.98 -63.74
CA TYR E 226 -29.88 -40.32 -63.32
C TYR E 226 -28.39 -40.34 -62.97
N GLY E 227 -27.99 -41.38 -62.21
CA GLY E 227 -26.64 -41.49 -61.69
C GLY E 227 -25.60 -41.70 -62.79
N PRO E 228 -25.69 -42.80 -63.58
CA PRO E 228 -24.72 -43.08 -64.64
C PRO E 228 -24.58 -41.99 -65.71
N THR E 229 -25.62 -41.16 -65.86
CA THR E 229 -25.64 -40.09 -66.85
C THR E 229 -25.07 -38.81 -66.26
N ALA E 230 -25.83 -38.17 -65.38
CA ALA E 230 -25.47 -36.87 -64.82
C ALA E 230 -24.34 -37.02 -63.82
N GLY E 231 -24.43 -38.03 -62.94
CA GLY E 231 -23.45 -38.26 -61.90
C GLY E 231 -22.06 -38.54 -62.47
N ALA E 232 -22.00 -39.35 -63.54
CA ALA E 232 -20.76 -39.70 -64.19
C ALA E 232 -20.17 -38.46 -64.88
N ALA E 233 -21.04 -37.60 -65.42
CA ALA E 233 -20.63 -36.37 -66.07
C ALA E 233 -19.89 -35.47 -65.08
N ILE E 234 -20.37 -35.45 -63.83
CA ILE E 234 -19.77 -34.64 -62.77
C ILE E 234 -18.43 -35.24 -62.37
N SER E 235 -18.40 -36.56 -62.15
CA SER E 235 -17.23 -37.23 -61.62
C SER E 235 -16.03 -37.14 -62.56
N SER E 236 -16.31 -36.99 -63.88
CA SER E 236 -15.26 -37.02 -64.88
C SER E 236 -15.08 -35.67 -65.56
N HIS E 237 -15.76 -34.62 -65.05
CA HIS E 237 -15.73 -33.31 -65.67
C HIS E 237 -14.37 -32.66 -65.45
N MET E 238 -13.90 -31.91 -66.46
CA MET E 238 -12.53 -31.45 -66.53
C MET E 238 -12.38 -30.05 -65.93
N ASP E 239 -13.50 -29.43 -65.54
CA ASP E 239 -13.49 -28.09 -64.96
C ASP E 239 -14.12 -28.11 -63.57
N ILE E 240 -14.38 -29.31 -63.04
CA ILE E 240 -14.85 -29.47 -61.67
C ILE E 240 -13.65 -29.78 -60.79
N ASP E 241 -13.46 -28.97 -59.75
CA ASP E 241 -12.27 -29.04 -58.91
C ASP E 241 -12.44 -30.11 -57.84
N LYS E 242 -13.67 -30.28 -57.35
CA LYS E 242 -13.97 -31.22 -56.28
C LYS E 242 -15.27 -31.97 -56.58
N VAL E 243 -15.36 -33.21 -56.08
CA VAL E 243 -16.61 -33.95 -56.09
C VAL E 243 -16.91 -34.39 -54.65
N ALA E 244 -18.19 -34.27 -54.26
CA ALA E 244 -18.65 -34.71 -52.95
C ALA E 244 -19.78 -35.70 -53.12
N PHE E 245 -19.55 -36.95 -52.68
CA PHE E 245 -20.47 -38.05 -52.93
C PHE E 245 -20.98 -38.62 -51.62
N THR E 246 -22.21 -39.14 -51.66
CA THR E 246 -22.81 -39.88 -50.56
C THR E 246 -23.75 -40.94 -51.13
N GLY E 247 -23.34 -42.21 -51.04
CA GLY E 247 -24.12 -43.30 -51.59
C GLY E 247 -23.44 -44.66 -51.39
N SER E 248 -23.73 -45.59 -52.29
CA SER E 248 -23.19 -46.95 -52.21
C SER E 248 -21.67 -46.92 -52.37
N THR E 249 -21.01 -47.88 -51.72
CA THR E 249 -19.58 -48.07 -51.84
C THR E 249 -19.23 -48.43 -53.29
N GLU E 250 -20.11 -49.22 -53.92
CA GLU E 250 -19.95 -49.63 -55.30
C GLU E 250 -19.63 -48.42 -56.18
N VAL E 251 -20.42 -47.35 -56.05
CA VAL E 251 -20.32 -46.19 -56.91
C VAL E 251 -19.17 -45.30 -56.47
N GLY E 252 -18.96 -45.19 -55.15
CA GLY E 252 -17.84 -44.43 -54.61
C GLY E 252 -16.51 -44.76 -55.30
N LYS E 253 -16.35 -46.04 -55.66
CA LYS E 253 -15.13 -46.53 -56.30
C LYS E 253 -15.06 -46.04 -57.75
N LEU E 254 -16.23 -45.83 -58.37
CA LEU E 254 -16.31 -45.33 -59.73
C LEU E 254 -16.06 -43.82 -59.74
N ILE E 255 -16.49 -43.13 -58.66
CA ILE E 255 -16.33 -41.69 -58.53
C ILE E 255 -14.85 -41.36 -58.42
N LYS E 256 -14.14 -42.10 -57.54
CA LYS E 256 -12.73 -41.88 -57.30
C LYS E 256 -11.92 -42.26 -58.53
N GLU E 257 -12.36 -43.32 -59.22
CA GLU E 257 -11.70 -43.81 -60.42
C GLU E 257 -11.85 -42.80 -61.55
N ALA E 258 -13.07 -42.27 -61.73
CA ALA E 258 -13.36 -41.29 -62.77
C ALA E 258 -12.65 -39.97 -62.48
N ALA E 259 -12.41 -39.69 -61.19
CA ALA E 259 -11.70 -38.49 -60.77
C ALA E 259 -10.21 -38.62 -61.13
N GLY E 260 -9.68 -39.83 -61.07
CA GLY E 260 -8.29 -40.10 -61.44
C GLY E 260 -8.04 -39.89 -62.93
N LYS E 261 -8.97 -40.36 -63.76
CA LYS E 261 -8.82 -40.30 -65.21
C LYS E 261 -9.04 -38.89 -65.73
N SER E 262 -9.86 -38.09 -65.02
CA SER E 262 -10.21 -36.75 -65.47
C SER E 262 -9.13 -35.74 -65.10
N ASN E 263 -9.31 -35.05 -63.97
CA ASN E 263 -8.49 -33.90 -63.64
C ASN E 263 -8.05 -33.94 -62.17
N LEU E 264 -7.93 -35.15 -61.61
CA LEU E 264 -7.46 -35.35 -60.25
C LEU E 264 -8.23 -34.45 -59.28
N LYS E 265 -9.54 -34.34 -59.48
CA LYS E 265 -10.39 -33.52 -58.63
C LYS E 265 -10.41 -34.10 -57.22
N ARG E 266 -10.66 -33.24 -56.23
CA ARG E 266 -10.68 -33.64 -54.84
C ARG E 266 -11.95 -34.45 -54.58
N VAL E 267 -11.89 -35.35 -53.60
CA VAL E 267 -12.95 -36.33 -53.37
C VAL E 267 -13.27 -36.41 -51.88
N THR E 268 -14.57 -36.39 -51.55
CA THR E 268 -15.06 -36.73 -50.22
C THR E 268 -16.22 -37.72 -50.36
N LEU E 269 -16.00 -38.95 -49.87
CA LEU E 269 -17.00 -40.00 -49.94
C LEU E 269 -17.65 -40.14 -48.57
N GLU E 270 -18.95 -40.48 -48.57
CA GLU E 270 -19.69 -40.78 -47.36
C GLU E 270 -20.55 -42.01 -47.63
N LEU E 271 -19.92 -43.18 -47.54
CA LEU E 271 -20.50 -44.43 -48.00
C LEU E 271 -21.27 -45.09 -46.85
N GLY E 272 -21.90 -46.23 -47.16
CA GLY E 272 -22.63 -47.00 -46.16
C GLY E 272 -21.70 -47.72 -45.20
N GLY E 273 -22.31 -48.40 -44.21
CA GLY E 273 -21.54 -49.14 -43.21
C GLY E 273 -22.35 -50.30 -42.62
N LYS E 274 -21.62 -51.22 -41.97
CA LYS E 274 -22.21 -52.30 -41.19
C LYS E 274 -21.92 -52.01 -39.73
N SER E 275 -22.39 -50.85 -39.26
CA SER E 275 -21.99 -50.26 -37.99
C SER E 275 -22.40 -51.17 -36.82
N PRO E 276 -21.44 -51.67 -36.01
CA PRO E 276 -21.77 -52.58 -34.90
C PRO E 276 -22.09 -51.89 -33.58
N CYS E 277 -22.77 -52.62 -32.69
CA CYS E 277 -23.04 -52.19 -31.33
C CYS E 277 -22.53 -53.25 -30.34
N ILE E 278 -21.89 -52.79 -29.27
CA ILE E 278 -21.38 -53.67 -28.24
C ILE E 278 -22.06 -53.29 -26.91
N VAL E 279 -22.80 -54.26 -26.34
CA VAL E 279 -23.57 -54.05 -25.14
C VAL E 279 -23.01 -54.95 -24.04
N LEU E 280 -22.28 -54.36 -23.09
CA LEU E 280 -21.67 -55.10 -22.00
C LEU E 280 -22.71 -55.37 -20.91
N ALA E 281 -22.35 -56.26 -19.99
CA ALA E 281 -23.23 -56.67 -18.90
C ALA E 281 -23.69 -55.45 -18.11
N ASP E 282 -22.74 -54.61 -17.72
CA ASP E 282 -23.02 -53.42 -16.92
C ASP E 282 -23.54 -52.30 -17.83
N ALA E 283 -24.81 -52.41 -18.21
CA ALA E 283 -25.41 -51.44 -19.11
C ALA E 283 -26.89 -51.26 -18.77
N ASP E 284 -27.40 -50.03 -18.93
CA ASP E 284 -28.82 -49.74 -18.82
C ASP E 284 -29.51 -50.39 -20.01
N LEU E 285 -30.07 -51.58 -19.81
CA LEU E 285 -30.53 -52.41 -20.91
C LEU E 285 -31.60 -51.67 -21.72
N ASP E 286 -32.53 -51.01 -21.03
CA ASP E 286 -33.59 -50.26 -21.69
C ASP E 286 -32.99 -49.18 -22.58
N ASN E 287 -31.96 -48.49 -22.06
CA ASN E 287 -31.24 -47.48 -22.83
C ASN E 287 -30.63 -48.12 -24.07
N ALA E 288 -29.92 -49.24 -23.87
CA ALA E 288 -29.22 -49.93 -24.95
C ALA E 288 -30.22 -50.47 -25.97
N VAL E 289 -31.29 -51.11 -25.48
CA VAL E 289 -32.30 -51.73 -26.34
C VAL E 289 -32.99 -50.66 -27.19
N GLU E 290 -33.28 -49.50 -26.57
CA GLU E 290 -34.05 -48.46 -27.22
C GLU E 290 -33.21 -47.76 -28.28
N PHE E 291 -31.94 -47.47 -27.96
CA PHE E 291 -31.05 -46.78 -28.88
C PHE E 291 -30.61 -47.71 -30.01
N ALA E 292 -30.34 -48.98 -29.68
CA ALA E 292 -29.97 -49.97 -30.68
C ALA E 292 -31.12 -50.23 -31.64
N HIS E 293 -32.35 -50.23 -31.09
CA HIS E 293 -33.57 -50.37 -31.88
C HIS E 293 -33.70 -49.17 -32.81
N HIS E 294 -33.67 -47.97 -32.24
CA HIS E 294 -33.76 -46.74 -33.01
C HIS E 294 -32.67 -46.70 -34.07
N GLY E 295 -31.45 -47.11 -33.70
CA GLY E 295 -30.30 -47.10 -34.59
C GLY E 295 -30.55 -47.85 -35.89
N VAL E 296 -31.15 -49.03 -35.79
CA VAL E 296 -31.25 -49.95 -36.92
C VAL E 296 -32.57 -49.76 -37.66
N PHE E 297 -33.60 -49.22 -36.98
CA PHE E 297 -34.95 -49.17 -37.52
C PHE E 297 -35.38 -47.75 -37.88
N TYR E 298 -34.47 -46.77 -37.78
CA TYR E 298 -34.83 -45.39 -38.07
C TYR E 298 -34.98 -45.21 -39.58
N HIS E 299 -36.08 -44.57 -39.99
CA HIS E 299 -36.40 -44.35 -41.40
C HIS E 299 -36.32 -45.67 -42.16
N GLN E 300 -37.03 -46.69 -41.65
CA GLN E 300 -37.06 -48.02 -42.25
C GLN E 300 -35.65 -48.57 -42.42
N GLY E 301 -34.77 -48.26 -41.47
CA GLY E 301 -33.38 -48.71 -41.48
C GLY E 301 -32.62 -48.31 -42.74
N GLN E 302 -32.97 -47.14 -43.30
CA GLN E 302 -32.33 -46.64 -44.51
C GLN E 302 -31.33 -45.54 -44.12
N CYS E 303 -30.51 -45.82 -43.10
CA CYS E 303 -29.48 -44.92 -42.64
C CYS E 303 -28.11 -45.54 -42.90
N CYS E 304 -27.13 -44.70 -43.28
CA CYS E 304 -25.76 -45.14 -43.42
C CYS E 304 -25.23 -45.61 -42.06
N ILE E 305 -25.68 -44.94 -40.99
CA ILE E 305 -25.35 -45.29 -39.62
C ILE E 305 -26.44 -46.18 -39.05
N ALA E 306 -26.57 -47.40 -39.58
CA ALA E 306 -27.54 -48.36 -39.08
C ALA E 306 -26.84 -49.35 -38.16
N ALA E 307 -27.45 -49.64 -37.00
CA ALA E 307 -26.91 -50.56 -36.03
C ALA E 307 -27.16 -52.00 -36.47
N SER E 308 -26.43 -52.43 -37.50
CA SER E 308 -26.68 -53.70 -38.16
C SER E 308 -26.36 -54.85 -37.20
N ARG E 309 -25.08 -54.94 -36.81
CA ARG E 309 -24.62 -56.00 -35.92
C ARG E 309 -24.70 -55.49 -34.48
N ILE E 310 -25.40 -56.23 -33.62
CA ILE E 310 -25.57 -55.85 -32.23
C ILE E 310 -25.05 -56.98 -31.34
N PHE E 311 -23.82 -56.80 -30.84
CA PHE E 311 -23.15 -57.77 -29.99
C PHE E 311 -23.58 -57.53 -28.54
N VAL E 312 -23.90 -58.62 -27.83
CA VAL E 312 -24.41 -58.55 -26.47
C VAL E 312 -23.72 -59.62 -25.62
N GLU E 313 -23.38 -59.27 -24.38
CA GLU E 313 -22.82 -60.21 -23.41
C GLU E 313 -23.79 -61.38 -23.25
N GLU E 314 -23.25 -62.57 -22.95
CA GLU E 314 -24.04 -63.78 -22.82
C GLU E 314 -25.12 -63.60 -21.76
N SER E 315 -24.73 -63.07 -20.59
CA SER E 315 -25.59 -62.95 -19.43
C SER E 315 -26.91 -62.24 -19.76
N ILE E 316 -26.86 -61.24 -20.64
CA ILE E 316 -28.01 -60.39 -20.91
C ILE E 316 -28.47 -60.54 -22.37
N TYR E 317 -28.00 -61.60 -23.04
CA TYR E 317 -28.29 -61.80 -24.45
C TYR E 317 -29.79 -62.06 -24.66
N ASP E 318 -30.30 -63.07 -23.95
CA ASP E 318 -31.67 -63.53 -24.11
C ASP E 318 -32.65 -62.41 -23.76
N GLU E 319 -32.34 -61.69 -22.68
CA GLU E 319 -33.20 -60.60 -22.21
C GLU E 319 -33.24 -59.49 -23.25
N PHE E 320 -32.09 -59.20 -23.86
CA PHE E 320 -31.99 -58.15 -24.87
C PHE E 320 -32.84 -58.52 -26.09
N VAL E 321 -32.70 -59.78 -26.55
CA VAL E 321 -33.43 -60.27 -27.70
C VAL E 321 -34.93 -60.17 -27.42
N ARG E 322 -35.33 -60.51 -26.20
CA ARG E 322 -36.72 -60.53 -25.80
C ARG E 322 -37.33 -59.13 -25.96
N ARG E 323 -36.62 -58.11 -25.46
CA ARG E 323 -37.13 -56.75 -25.44
C ARG E 323 -37.08 -56.12 -26.82
N SER E 324 -36.08 -56.52 -27.62
CA SER E 324 -35.88 -55.97 -28.96
C SER E 324 -37.02 -56.38 -29.90
N VAL E 325 -37.58 -57.57 -29.64
CA VAL E 325 -38.63 -58.12 -30.49
C VAL E 325 -39.96 -57.43 -30.18
N GLU E 326 -40.32 -57.38 -28.89
CA GLU E 326 -41.60 -56.80 -28.48
C GLU E 326 -41.69 -55.34 -28.92
N ARG E 327 -40.54 -54.65 -28.94
CA ARG E 327 -40.47 -53.27 -29.39
C ARG E 327 -40.74 -53.19 -30.90
N ALA E 328 -40.22 -54.19 -31.64
CA ALA E 328 -40.26 -54.18 -33.10
C ALA E 328 -41.66 -54.56 -33.62
N LYS E 329 -42.47 -55.22 -32.79
CA LYS E 329 -43.79 -55.65 -33.19
C LYS E 329 -44.80 -54.51 -33.06
N LYS E 330 -44.42 -53.43 -32.37
CA LYS E 330 -45.29 -52.29 -32.14
C LYS E 330 -45.11 -51.25 -33.23
N TYR E 331 -45.22 -51.67 -34.51
CA TYR E 331 -45.10 -50.77 -35.63
C TYR E 331 -46.34 -50.90 -36.52
N ILE E 332 -46.79 -49.76 -37.06
CA ILE E 332 -47.97 -49.68 -37.90
C ILE E 332 -47.53 -49.18 -39.27
N LEU E 333 -47.50 -50.09 -40.25
CA LEU E 333 -47.04 -49.78 -41.59
C LEU E 333 -48.18 -49.15 -42.39
N GLY E 334 -47.88 -48.06 -43.11
CA GLY E 334 -48.86 -47.37 -43.93
C GLY E 334 -48.29 -46.07 -44.52
N ASN E 335 -49.19 -45.19 -44.97
CA ASN E 335 -48.80 -43.93 -45.57
C ASN E 335 -48.15 -43.07 -44.50
N PRO E 336 -46.94 -42.49 -44.76
CA PRO E 336 -46.26 -41.66 -43.76
C PRO E 336 -46.97 -40.35 -43.41
N LEU E 337 -47.87 -39.90 -44.30
CA LEU E 337 -48.68 -38.71 -44.05
C LEU E 337 -49.85 -39.03 -43.13
N THR E 338 -50.23 -40.32 -43.06
CA THR E 338 -51.32 -40.76 -42.21
C THR E 338 -50.90 -40.65 -40.74
N PRO E 339 -51.68 -39.96 -39.88
CA PRO E 339 -51.40 -39.93 -38.44
C PRO E 339 -51.62 -41.28 -37.77
N GLY E 340 -50.62 -41.73 -37.02
CA GLY E 340 -50.67 -43.01 -36.32
C GLY E 340 -49.75 -44.05 -36.95
N VAL E 341 -49.34 -43.81 -38.21
CA VAL E 341 -48.40 -44.67 -38.91
C VAL E 341 -47.01 -44.45 -38.31
N THR E 342 -46.38 -45.55 -37.86
CA THR E 342 -45.11 -45.49 -37.15
C THR E 342 -43.96 -46.00 -38.01
N GLN E 343 -44.27 -46.64 -39.15
CA GLN E 343 -43.25 -47.07 -40.10
C GLN E 343 -43.74 -46.81 -41.53
N GLY E 344 -42.81 -46.41 -42.41
CA GLY E 344 -43.14 -46.07 -43.79
C GLY E 344 -42.62 -47.10 -44.78
N PRO E 345 -42.61 -46.78 -46.09
CA PRO E 345 -42.09 -47.66 -47.13
C PRO E 345 -40.62 -47.46 -47.49
N GLN E 346 -40.06 -48.44 -48.22
CA GLN E 346 -38.75 -48.31 -48.83
C GLN E 346 -38.87 -47.39 -50.05
N ILE E 347 -37.74 -46.88 -50.53
CA ILE E 347 -37.74 -45.80 -51.51
C ILE E 347 -38.28 -46.30 -52.84
N ASP E 348 -37.83 -47.48 -53.30
CA ASP E 348 -38.20 -48.00 -54.61
C ASP E 348 -38.18 -49.53 -54.57
N LYS E 349 -38.45 -50.15 -55.72
CA LYS E 349 -38.56 -51.60 -55.83
C LYS E 349 -37.18 -52.25 -55.73
N GLU E 350 -36.12 -51.48 -56.07
CA GLU E 350 -34.77 -52.00 -56.06
C GLU E 350 -34.36 -52.38 -54.64
N GLN E 351 -34.53 -51.45 -53.69
CA GLN E 351 -34.21 -51.68 -52.29
C GLN E 351 -35.13 -52.76 -51.73
N TYR E 352 -36.44 -52.62 -52.01
CA TYR E 352 -37.46 -53.56 -51.56
C TYR E 352 -37.03 -55.00 -51.84
N ASP E 353 -36.62 -55.27 -53.09
CA ASP E 353 -36.24 -56.61 -53.50
C ASP E 353 -34.94 -57.03 -52.83
N LYS E 354 -34.00 -56.07 -52.68
CA LYS E 354 -32.70 -56.34 -52.09
C LYS E 354 -32.84 -56.74 -50.62
N ILE E 355 -33.72 -56.02 -49.90
CA ILE E 355 -33.93 -56.24 -48.48
C ILE E 355 -34.56 -57.62 -48.26
N LEU E 356 -35.58 -57.94 -49.08
CA LEU E 356 -36.26 -59.23 -49.00
C LEU E 356 -35.28 -60.36 -49.33
N ASP E 357 -34.35 -60.10 -50.26
CA ASP E 357 -33.36 -61.08 -50.67
C ASP E 357 -32.46 -61.44 -49.50
N LEU E 358 -32.03 -60.43 -48.73
CA LEU E 358 -31.13 -60.64 -47.60
C LEU E 358 -31.87 -61.29 -46.44
N ILE E 359 -33.18 -61.00 -46.31
CA ILE E 359 -34.00 -61.61 -45.28
C ILE E 359 -34.10 -63.11 -45.54
N GLU E 360 -34.20 -63.50 -46.81
CA GLU E 360 -34.26 -64.91 -47.19
C GLU E 360 -32.95 -65.61 -46.83
N SER E 361 -31.82 -64.94 -47.06
CA SER E 361 -30.51 -65.51 -46.78
C SER E 361 -30.35 -65.76 -45.28
N GLY E 362 -30.95 -64.88 -44.45
CA GLY E 362 -30.95 -65.04 -43.00
C GLY E 362 -31.60 -66.36 -42.58
N LYS E 363 -32.69 -66.72 -43.24
CA LYS E 363 -33.39 -67.97 -42.98
C LYS E 363 -32.60 -69.15 -43.55
N LYS E 364 -32.17 -69.00 -44.81
CA LYS E 364 -31.49 -70.05 -45.55
C LYS E 364 -30.17 -70.42 -44.87
N GLU E 365 -29.44 -69.40 -44.38
CA GLU E 365 -28.16 -69.62 -43.70
C GLU E 365 -28.38 -70.02 -42.25
N GLY E 366 -29.63 -69.95 -41.78
CA GLY E 366 -30.04 -70.58 -40.54
C GLY E 366 -29.90 -69.67 -39.33
N ALA E 367 -30.27 -68.39 -39.50
CA ALA E 367 -30.41 -67.47 -38.39
C ALA E 367 -31.86 -67.55 -37.88
N LYS E 368 -32.03 -67.37 -36.57
CA LYS E 368 -33.34 -67.51 -35.95
C LYS E 368 -34.16 -66.25 -36.21
N LEU E 369 -35.26 -66.40 -36.94
CA LEU E 369 -36.21 -65.32 -37.18
C LEU E 369 -37.08 -65.14 -35.94
N GLU E 370 -36.92 -64.00 -35.26
CA GLU E 370 -37.63 -63.73 -34.02
C GLU E 370 -38.98 -63.09 -34.32
N CYS E 371 -39.02 -62.17 -35.30
CA CYS E 371 -40.27 -61.59 -35.76
C CYS E 371 -40.09 -61.06 -37.18
N GLY E 372 -41.20 -60.63 -37.79
CA GLY E 372 -41.20 -60.10 -39.14
C GLY E 372 -40.75 -61.15 -40.16
N GLY E 373 -39.91 -60.71 -41.11
CA GLY E 373 -39.30 -61.60 -42.08
C GLY E 373 -40.20 -61.84 -43.29
N GLY E 374 -40.65 -60.75 -43.92
CA GLY E 374 -41.48 -60.83 -45.11
C GLY E 374 -42.05 -59.47 -45.49
N PRO E 375 -42.70 -59.35 -46.67
CA PRO E 375 -43.29 -58.08 -47.11
C PRO E 375 -44.62 -57.79 -46.44
N TRP E 376 -45.17 -56.59 -46.72
CA TRP E 376 -46.44 -56.16 -46.17
C TRP E 376 -47.20 -55.33 -47.21
N GLY E 377 -48.51 -55.59 -47.32
CA GLY E 377 -49.39 -54.76 -48.13
C GLY E 377 -49.39 -55.16 -49.60
N ASN E 378 -50.45 -54.74 -50.31
CA ASN E 378 -50.58 -54.94 -51.74
C ASN E 378 -49.88 -53.79 -52.46
N LYS E 379 -50.13 -52.57 -51.97
CA LYS E 379 -49.58 -51.35 -52.54
C LYS E 379 -48.47 -50.82 -51.64
N GLY E 380 -47.47 -50.17 -52.26
CA GLY E 380 -46.34 -49.61 -51.55
C GLY E 380 -45.24 -50.65 -51.34
N TYR E 381 -44.00 -50.17 -51.14
CA TYR E 381 -42.87 -51.04 -50.89
C TYR E 381 -42.60 -51.09 -49.39
N PHE E 382 -43.43 -51.89 -48.69
CA PHE E 382 -43.39 -52.02 -47.25
C PHE E 382 -42.76 -53.36 -46.87
N VAL E 383 -41.78 -53.31 -45.96
CA VAL E 383 -41.17 -54.52 -45.42
C VAL E 383 -41.48 -54.58 -43.92
N GLN E 384 -41.83 -55.78 -43.45
CA GLN E 384 -42.13 -56.00 -42.04
C GLN E 384 -40.87 -55.76 -41.21
N PRO E 385 -40.97 -55.13 -40.02
CA PRO E 385 -39.81 -55.01 -39.14
C PRO E 385 -39.33 -56.38 -38.69
N THR E 386 -38.14 -56.76 -39.16
CA THR E 386 -37.61 -58.10 -38.99
C THR E 386 -36.52 -58.08 -37.92
N VAL E 387 -36.42 -59.18 -37.16
CA VAL E 387 -35.39 -59.34 -36.15
C VAL E 387 -34.81 -60.76 -36.27
N PHE E 388 -33.48 -60.83 -36.41
CA PHE E 388 -32.77 -62.09 -36.42
C PHE E 388 -31.94 -62.21 -35.14
N SER E 389 -31.85 -63.43 -34.62
CA SER E 389 -31.00 -63.74 -33.48
C SER E 389 -30.17 -64.98 -33.80
N ASN E 390 -29.20 -65.27 -32.93
CA ASN E 390 -28.26 -66.37 -33.12
C ASN E 390 -27.57 -66.21 -34.48
N VAL E 391 -27.13 -64.98 -34.75
CA VAL E 391 -26.49 -64.63 -36.02
C VAL E 391 -24.99 -64.85 -35.87
N THR E 392 -24.37 -65.41 -36.93
CA THR E 392 -22.94 -65.67 -36.95
C THR E 392 -22.24 -64.65 -37.84
N ASP E 393 -20.91 -64.60 -37.74
CA ASP E 393 -20.11 -63.57 -38.40
C ASP E 393 -20.07 -63.81 -39.91
N GLU E 394 -20.19 -65.07 -40.34
CA GLU E 394 -20.04 -65.43 -41.74
C GLU E 394 -21.40 -65.60 -42.40
N MET E 395 -22.39 -64.80 -41.98
CA MET E 395 -23.69 -64.75 -42.62
C MET E 395 -23.78 -63.49 -43.47
N ARG E 396 -24.62 -63.54 -44.52
CA ARG E 396 -24.79 -62.41 -45.43
C ARG E 396 -25.37 -61.21 -44.69
N ILE E 397 -26.29 -61.48 -43.75
CA ILE E 397 -26.97 -60.44 -43.00
C ILE E 397 -26.04 -59.85 -41.94
N ALA E 398 -24.89 -60.50 -41.69
CA ALA E 398 -23.91 -60.01 -40.73
C ALA E 398 -22.68 -59.45 -41.45
N LYS E 399 -22.81 -59.17 -42.76
CA LYS E 399 -21.70 -58.71 -43.57
C LYS E 399 -22.16 -57.58 -44.50
N GLU E 400 -23.13 -57.90 -45.36
CA GLU E 400 -23.64 -56.95 -46.35
C GLU E 400 -24.57 -55.94 -45.68
N GLU E 401 -24.51 -54.69 -46.15
CA GLU E 401 -25.41 -53.65 -45.68
C GLU E 401 -26.80 -53.91 -46.26
N ILE E 402 -27.82 -53.91 -45.38
CA ILE E 402 -29.17 -54.28 -45.75
C ILE E 402 -29.90 -53.04 -46.25
N PHE E 403 -29.85 -51.97 -45.45
CA PHE E 403 -30.49 -50.70 -45.75
C PHE E 403 -32.00 -50.88 -45.72
N GLY E 404 -32.47 -51.66 -44.75
CA GLY E 404 -33.88 -51.94 -44.53
C GLY E 404 -34.17 -52.23 -43.06
N PRO E 405 -35.44 -52.40 -42.65
CA PRO E 405 -35.78 -52.64 -41.25
C PRO E 405 -35.50 -54.08 -40.83
N VAL E 406 -34.21 -54.39 -40.64
CA VAL E 406 -33.78 -55.73 -40.23
C VAL E 406 -32.69 -55.57 -39.16
N GLN E 407 -32.89 -56.24 -38.02
CA GLN E 407 -31.98 -56.14 -36.88
C GLN E 407 -31.31 -57.49 -36.66
N GLN E 408 -29.98 -57.47 -36.52
CA GLN E 408 -29.21 -58.67 -36.21
C GLN E 408 -28.64 -58.57 -34.80
N ILE E 409 -28.98 -59.55 -33.96
CA ILE E 409 -28.52 -59.59 -32.57
C ILE E 409 -27.60 -60.79 -32.41
N MET E 410 -26.42 -60.54 -31.85
CA MET E 410 -25.34 -61.51 -31.79
C MET E 410 -24.78 -61.52 -30.37
N LYS E 411 -24.24 -62.67 -29.95
CA LYS E 411 -23.75 -62.84 -28.59
C LYS E 411 -22.22 -62.86 -28.58
N PHE E 412 -21.64 -62.41 -27.47
CA PHE E 412 -20.21 -62.54 -27.23
C PHE E 412 -19.97 -62.90 -25.78
N LYS E 413 -18.71 -63.19 -25.46
CA LYS E 413 -18.26 -63.51 -24.10
C LYS E 413 -16.95 -62.78 -23.82
N SER E 414 -15.99 -62.86 -24.76
CA SER E 414 -14.73 -62.17 -24.64
C SER E 414 -14.86 -60.75 -25.22
N LEU E 415 -14.42 -59.76 -24.43
CA LEU E 415 -14.46 -58.36 -24.84
C LEU E 415 -13.45 -58.11 -25.95
N ASP E 416 -12.26 -58.72 -25.82
CA ASP E 416 -11.18 -58.53 -26.77
C ASP E 416 -11.59 -59.06 -28.13
N ASP E 417 -12.31 -60.19 -28.15
CA ASP E 417 -12.70 -60.87 -29.38
C ASP E 417 -13.74 -60.04 -30.13
N VAL E 418 -14.79 -59.61 -29.42
CA VAL E 418 -15.91 -58.94 -30.04
C VAL E 418 -15.45 -57.63 -30.70
N ILE E 419 -14.45 -56.98 -30.10
CA ILE E 419 -13.88 -55.76 -30.66
C ILE E 419 -13.23 -56.06 -32.01
N LYS E 420 -12.54 -57.21 -32.10
CA LYS E 420 -11.87 -57.61 -33.32
C LYS E 420 -12.90 -58.07 -34.36
N ARG E 421 -14.00 -58.67 -33.87
CA ARG E 421 -15.11 -59.06 -34.72
C ARG E 421 -15.83 -57.82 -35.28
N ALA E 422 -15.95 -56.79 -34.44
CA ALA E 422 -16.59 -55.54 -34.84
C ALA E 422 -15.73 -54.83 -35.88
N ASN E 423 -14.41 -54.85 -35.70
CA ASN E 423 -13.48 -54.18 -36.59
C ASN E 423 -13.26 -55.01 -37.86
N ASN E 424 -13.59 -56.30 -37.81
CA ASN E 424 -13.40 -57.19 -38.94
C ASN E 424 -14.46 -56.90 -40.01
N THR E 425 -14.23 -55.82 -40.77
CA THR E 425 -15.11 -55.41 -41.86
C THR E 425 -14.45 -54.27 -42.62
N PHE E 426 -14.71 -54.19 -43.93
CA PHE E 426 -14.17 -53.14 -44.78
C PHE E 426 -14.87 -51.81 -44.48
N TYR E 427 -16.08 -51.89 -43.91
CA TYR E 427 -16.81 -50.71 -43.46
C TYR E 427 -16.24 -50.22 -42.13
N GLY E 428 -16.72 -49.04 -41.71
CA GLY E 428 -16.35 -48.47 -40.43
C GLY E 428 -16.84 -47.03 -40.29
N LEU E 429 -18.15 -46.84 -40.49
CA LEU E 429 -18.75 -45.51 -40.49
C LEU E 429 -19.05 -45.08 -39.05
N SER E 430 -19.54 -46.01 -38.24
CA SER E 430 -19.90 -45.70 -36.86
C SER E 430 -19.91 -46.98 -36.01
N ALA E 431 -20.17 -46.79 -34.72
CA ALA E 431 -20.30 -47.90 -33.77
C ALA E 431 -21.06 -47.42 -32.54
N GLY E 432 -21.41 -48.37 -31.65
CA GLY E 432 -22.13 -48.07 -30.42
C GLY E 432 -21.59 -48.88 -29.24
N VAL E 433 -21.29 -48.19 -28.14
CA VAL E 433 -20.78 -48.84 -26.94
C VAL E 433 -21.72 -48.52 -25.77
N PHE E 434 -22.18 -49.57 -25.08
CA PHE E 434 -23.13 -49.42 -24.01
C PHE E 434 -22.57 -50.07 -22.74
N THR E 435 -22.06 -49.21 -21.83
CA THR E 435 -21.49 -49.66 -20.57
C THR E 435 -21.47 -48.49 -19.59
N LYS E 436 -21.40 -48.81 -18.30
CA LYS E 436 -21.35 -47.81 -17.23
C LYS E 436 -19.89 -47.49 -16.87
N ASP E 437 -18.98 -48.43 -17.15
CA ASP E 437 -17.58 -48.29 -16.75
C ASP E 437 -16.86 -47.33 -17.70
N ILE E 438 -16.12 -46.39 -17.14
CA ILE E 438 -15.44 -45.35 -17.91
C ILE E 438 -14.30 -46.00 -18.69
N ASP E 439 -13.43 -46.73 -17.98
CA ASP E 439 -12.27 -47.35 -18.56
C ASP E 439 -12.69 -48.14 -19.80
N LYS E 440 -13.75 -48.95 -19.66
CA LYS E 440 -14.29 -49.73 -20.75
C LYS E 440 -14.67 -48.83 -21.92
N ALA E 441 -15.51 -47.82 -21.65
CA ALA E 441 -16.07 -46.96 -22.68
C ALA E 441 -14.95 -46.32 -23.51
N ILE E 442 -13.97 -45.74 -22.82
CA ILE E 442 -12.89 -44.99 -23.46
C ILE E 442 -12.01 -45.93 -24.28
N THR E 443 -11.63 -47.06 -23.67
CA THR E 443 -10.72 -48.01 -24.31
C THR E 443 -11.38 -48.66 -25.52
N ILE E 444 -12.62 -49.13 -25.34
CA ILE E 444 -13.35 -49.80 -26.41
C ILE E 444 -13.52 -48.84 -27.58
N SER E 445 -13.95 -47.61 -27.28
CA SER E 445 -14.18 -46.60 -28.31
C SER E 445 -12.88 -46.28 -29.04
N SER E 446 -11.75 -46.30 -28.32
CA SER E 446 -10.44 -46.04 -28.92
C SER E 446 -10.03 -47.18 -29.84
N ALA E 447 -10.45 -48.42 -29.49
CA ALA E 447 -10.08 -49.62 -30.23
C ALA E 447 -10.89 -49.75 -31.51
N LEU E 448 -12.19 -49.46 -31.42
CA LEU E 448 -13.10 -49.58 -32.55
C LEU E 448 -12.64 -48.67 -33.68
N GLN E 449 -12.72 -49.19 -34.92
CA GLN E 449 -12.30 -48.46 -36.11
C GLN E 449 -13.52 -47.84 -36.78
N ALA E 450 -14.11 -46.86 -36.11
CA ALA E 450 -15.33 -46.20 -36.59
C ALA E 450 -15.12 -44.69 -36.60
N GLY E 451 -15.79 -44.02 -37.54
CA GLY E 451 -15.69 -42.58 -37.70
C GLY E 451 -16.39 -41.81 -36.57
N THR E 452 -17.50 -42.37 -36.09
CA THR E 452 -18.25 -41.81 -34.96
C THR E 452 -18.65 -42.92 -34.02
N VAL E 453 -18.24 -42.81 -32.75
CA VAL E 453 -18.54 -43.82 -31.74
C VAL E 453 -19.46 -43.21 -30.69
N TRP E 454 -20.62 -43.83 -30.48
CA TRP E 454 -21.59 -43.37 -29.50
C TRP E 454 -21.49 -44.21 -28.24
N VAL E 455 -21.49 -43.55 -27.08
CA VAL E 455 -21.41 -44.22 -25.80
C VAL E 455 -22.74 -44.04 -25.06
N ASN E 456 -23.42 -45.16 -24.81
CA ASN E 456 -24.72 -45.18 -24.17
C ASN E 456 -25.72 -44.33 -24.97
N CYS E 457 -25.58 -44.38 -26.30
CA CYS E 457 -26.51 -43.73 -27.22
C CYS E 457 -26.20 -44.20 -28.64
N TYR E 458 -26.98 -43.72 -29.61
CA TYR E 458 -26.74 -44.07 -31.01
C TYR E 458 -27.48 -43.09 -31.92
N GLY E 459 -26.90 -42.83 -33.10
CA GLY E 459 -27.50 -41.99 -34.12
C GLY E 459 -27.61 -40.53 -33.70
N VAL E 460 -26.67 -40.07 -32.86
CA VAL E 460 -26.68 -38.71 -32.35
C VAL E 460 -25.71 -37.88 -33.19
N VAL E 461 -26.18 -37.44 -34.37
CA VAL E 461 -25.40 -36.58 -35.25
C VAL E 461 -25.92 -35.16 -35.10
N SER E 462 -24.99 -34.20 -35.03
CA SER E 462 -25.30 -32.78 -34.99
C SER E 462 -24.37 -32.03 -35.93
N ALA E 463 -24.63 -30.74 -36.12
CA ALA E 463 -23.91 -29.91 -37.07
C ALA E 463 -22.49 -29.62 -36.56
N GLN E 464 -22.32 -29.57 -35.24
CA GLN E 464 -21.07 -29.13 -34.64
C GLN E 464 -20.02 -30.24 -34.69
N CYS E 465 -20.45 -31.51 -34.66
CA CYS E 465 -19.55 -32.65 -34.62
C CYS E 465 -19.17 -33.07 -36.04
N PRO E 466 -17.88 -33.39 -36.31
CA PRO E 466 -17.47 -33.89 -37.62
C PRO E 466 -17.83 -35.36 -37.82
N PHE E 467 -18.49 -35.65 -38.95
CA PHE E 467 -19.04 -36.97 -39.21
C PHE E 467 -18.44 -37.53 -40.50
N GLY E 468 -17.83 -38.72 -40.38
CA GLY E 468 -17.27 -39.44 -41.52
C GLY E 468 -17.10 -40.92 -41.20
N GLY E 469 -16.13 -41.57 -41.88
CA GLY E 469 -15.93 -43.00 -41.75
C GLY E 469 -14.48 -43.43 -41.91
N PHE E 470 -14.12 -44.52 -41.21
CA PHE E 470 -12.85 -45.21 -41.41
C PHE E 470 -12.98 -46.17 -42.59
N LYS E 471 -11.84 -46.49 -43.21
CA LYS E 471 -11.74 -47.54 -44.22
C LYS E 471 -12.68 -47.20 -45.38
N MET E 472 -13.51 -48.18 -45.80
CA MET E 472 -14.33 -48.04 -47.00
C MET E 472 -15.74 -47.58 -46.63
N SER E 473 -15.84 -46.66 -45.66
CA SER E 473 -17.10 -46.03 -45.30
C SER E 473 -17.04 -44.52 -45.54
N GLY E 474 -15.91 -44.02 -46.04
CA GLY E 474 -15.77 -42.61 -46.34
C GLY E 474 -14.33 -42.24 -46.73
N ASN E 475 -14.17 -41.01 -47.24
CA ASN E 475 -12.87 -40.48 -47.61
C ASN E 475 -12.72 -39.05 -47.08
N GLY E 476 -13.48 -38.70 -46.03
CA GLY E 476 -13.40 -37.36 -45.45
C GLY E 476 -14.52 -37.09 -44.46
N ARG E 477 -14.37 -35.98 -43.72
CA ARG E 477 -15.37 -35.51 -42.77
C ARG E 477 -16.17 -34.36 -43.41
N GLU E 478 -17.42 -34.17 -42.96
CA GLU E 478 -18.35 -33.28 -43.64
C GLU E 478 -18.85 -32.14 -42.75
N LEU E 479 -18.83 -32.31 -41.42
CA LEU E 479 -19.40 -31.33 -40.53
C LEU E 479 -18.35 -30.83 -39.53
N GLY E 480 -18.74 -29.88 -38.67
CA GLY E 480 -17.87 -29.35 -37.64
C GLY E 480 -16.75 -28.49 -38.22
N GLU E 481 -15.73 -28.23 -37.40
CA GLU E 481 -14.60 -27.40 -37.82
C GLU E 481 -13.81 -28.13 -38.92
N TYR E 482 -13.68 -29.45 -38.78
CA TYR E 482 -12.81 -30.24 -39.65
C TYR E 482 -13.46 -30.46 -41.01
N GLY E 483 -14.81 -30.44 -41.05
CA GLY E 483 -15.55 -30.64 -42.28
C GLY E 483 -15.32 -29.53 -43.29
N PHE E 484 -15.00 -28.33 -42.79
CA PHE E 484 -14.80 -27.15 -43.62
C PHE E 484 -13.41 -27.17 -44.26
N HIS E 485 -12.47 -27.91 -43.66
CA HIS E 485 -11.11 -27.99 -44.17
C HIS E 485 -11.08 -28.62 -45.56
N GLU E 486 -12.11 -29.40 -45.90
CA GLU E 486 -12.13 -30.18 -47.12
C GLU E 486 -12.91 -29.45 -48.21
N TYR E 487 -13.35 -28.22 -47.93
CA TYR E 487 -13.94 -27.34 -48.94
C TYR E 487 -13.08 -26.08 -49.07
N THR E 488 -11.78 -26.20 -48.81
CA THR E 488 -10.84 -25.08 -48.91
C THR E 488 -9.53 -25.54 -49.54
N GLU E 489 -8.84 -24.59 -50.19
CA GLU E 489 -7.53 -24.82 -50.78
C GLU E 489 -6.55 -23.85 -50.14
N VAL E 490 -5.47 -24.38 -49.55
CA VAL E 490 -4.57 -23.59 -48.72
C VAL E 490 -3.42 -23.06 -49.58
N LYS E 491 -3.41 -21.74 -49.79
CA LYS E 491 -2.33 -21.07 -50.49
C LYS E 491 -1.33 -20.53 -49.46
N THR E 492 -0.03 -20.74 -49.73
CA THR E 492 1.04 -20.26 -48.87
C THR E 492 1.76 -19.11 -49.56
N VAL E 493 1.81 -17.94 -48.91
CA VAL E 493 2.45 -16.77 -49.47
C VAL E 493 3.65 -16.40 -48.61
N THR E 494 4.85 -16.58 -49.17
CA THR E 494 6.10 -16.29 -48.48
C THR E 494 6.74 -15.04 -49.10
N VAL E 495 6.87 -13.98 -48.28
CA VAL E 495 7.35 -12.70 -48.74
C VAL E 495 8.76 -12.48 -48.21
N LYS E 496 9.70 -12.10 -49.09
CA LYS E 496 11.06 -11.79 -48.68
C LYS E 496 11.08 -10.41 -48.03
N ILE E 497 11.77 -10.30 -46.90
CA ILE E 497 11.93 -9.03 -46.19
C ILE E 497 13.40 -8.82 -45.87
N SER E 498 13.73 -7.59 -45.46
CA SER E 498 15.10 -7.19 -45.17
C SER E 498 15.57 -7.85 -43.87
N GLN E 499 14.83 -7.61 -42.78
CA GLN E 499 15.15 -8.20 -41.50
C GLN E 499 13.86 -8.68 -40.82
N LYS E 500 13.93 -9.88 -40.22
CA LYS E 500 12.83 -10.46 -39.46
C LYS E 500 13.02 -10.11 -37.99
N ASN E 501 11.90 -9.94 -37.29
CA ASN E 501 11.88 -9.75 -35.84
C ASN E 501 10.70 -10.51 -35.25
N SER E 502 10.95 -11.22 -34.14
CA SER E 502 9.96 -12.07 -33.51
C SER E 502 8.83 -11.21 -32.92
N LEU F 10 -30.56 7.94 -46.03
CA LEU F 10 -30.47 8.23 -44.57
C LEU F 10 -31.87 8.59 -44.05
N PRO F 11 -32.72 7.59 -43.73
CA PRO F 11 -34.04 7.86 -43.18
C PRO F 11 -33.97 8.33 -41.73
N VAL F 12 -34.65 9.45 -41.44
CA VAL F 12 -34.69 10.01 -40.10
C VAL F 12 -35.99 9.57 -39.42
N LEU F 13 -36.01 9.66 -38.08
CA LEU F 13 -37.14 9.21 -37.29
C LEU F 13 -38.34 10.10 -37.62
N LEU F 14 -39.45 9.46 -38.04
CA LEU F 14 -40.65 10.16 -38.46
C LEU F 14 -41.30 10.85 -37.26
N THR F 15 -41.49 10.09 -36.18
CA THR F 15 -42.02 10.61 -34.93
C THR F 15 -40.92 11.36 -34.18
N ASP F 16 -41.31 12.10 -33.14
CA ASP F 16 -40.36 12.70 -32.21
C ASP F 16 -39.97 11.64 -31.17
N LEU F 17 -38.69 11.60 -30.82
CA LEU F 17 -38.16 10.57 -29.92
C LEU F 17 -38.63 10.85 -28.49
N LYS F 18 -39.08 9.78 -27.82
CA LYS F 18 -39.58 9.86 -26.47
C LYS F 18 -38.93 8.75 -25.63
N ILE F 19 -38.10 9.17 -24.66
CA ILE F 19 -37.37 8.28 -23.79
C ILE F 19 -38.35 7.52 -22.90
N GLN F 20 -37.99 6.27 -22.56
CA GLN F 20 -38.86 5.41 -21.77
C GLN F 20 -38.03 4.70 -20.68
N TYR F 21 -36.98 3.99 -21.09
CA TYR F 21 -36.20 3.15 -20.19
C TYR F 21 -35.12 4.00 -19.52
N THR F 22 -35.31 4.26 -18.22
CA THR F 22 -34.42 5.11 -17.44
C THR F 22 -34.22 4.54 -16.05
N LYS F 23 -34.11 3.20 -15.95
CA LYS F 23 -34.07 2.53 -14.66
C LYS F 23 -33.04 1.41 -14.68
N ILE F 24 -32.71 0.92 -13.48
CA ILE F 24 -31.74 -0.16 -13.30
C ILE F 24 -32.39 -1.46 -13.75
N PHE F 25 -31.58 -2.31 -14.41
CA PHE F 25 -32.08 -3.52 -15.05
C PHE F 25 -31.46 -4.75 -14.39
N ILE F 26 -32.27 -5.46 -13.60
CA ILE F 26 -31.82 -6.66 -12.91
C ILE F 26 -32.91 -7.73 -13.03
N ASN F 27 -32.49 -8.96 -13.37
CA ASN F 27 -33.38 -10.08 -13.59
C ASN F 27 -34.46 -9.71 -14.61
N ASN F 28 -34.05 -9.07 -15.70
CA ASN F 28 -34.96 -8.71 -16.79
C ASN F 28 -36.18 -7.96 -16.25
N GLU F 29 -35.95 -7.04 -15.31
CA GLU F 29 -37.01 -6.18 -14.77
C GLU F 29 -36.39 -4.88 -14.27
N TRP F 30 -37.22 -3.84 -14.18
CA TRP F 30 -36.77 -2.48 -13.96
C TRP F 30 -36.82 -2.14 -12.47
N HIS F 31 -35.64 -1.98 -11.86
CA HIS F 31 -35.53 -1.63 -10.45
C HIS F 31 -35.27 -0.13 -10.31
N ASP F 32 -35.64 0.41 -9.14
CA ASP F 32 -35.26 1.76 -8.76
C ASP F 32 -33.91 1.69 -8.05
N SER F 33 -33.27 2.86 -7.90
CA SER F 33 -32.06 2.98 -7.12
C SER F 33 -32.38 2.76 -5.65
N VAL F 34 -31.53 1.96 -4.97
CA VAL F 34 -31.69 1.64 -3.56
C VAL F 34 -31.73 2.94 -2.76
N SER F 35 -30.81 3.86 -3.06
CA SER F 35 -30.78 5.17 -2.43
C SER F 35 -32.02 5.98 -2.79
N GLY F 36 -32.47 5.83 -4.05
CA GLY F 36 -33.62 6.56 -4.56
C GLY F 36 -33.21 7.76 -5.40
N LYS F 37 -31.91 8.08 -5.37
CA LYS F 37 -31.37 9.23 -6.07
C LYS F 37 -31.31 8.95 -7.57
N LYS F 38 -31.30 10.03 -8.36
CA LYS F 38 -31.31 9.95 -9.81
C LYS F 38 -30.39 11.03 -10.37
N PHE F 39 -29.56 10.66 -11.36
CA PHE F 39 -28.66 11.61 -12.01
C PHE F 39 -29.26 12.02 -13.35
N PRO F 40 -28.99 13.27 -13.83
CA PRO F 40 -29.53 13.74 -15.10
C PRO F 40 -28.68 13.33 -16.31
N VAL F 41 -29.30 13.40 -17.50
CA VAL F 41 -28.62 13.11 -18.75
C VAL F 41 -28.93 14.25 -19.72
N PHE F 42 -27.86 14.87 -20.25
CA PHE F 42 -28.01 16.05 -21.10
C PHE F 42 -27.68 15.70 -22.55
N ASN F 43 -28.23 16.51 -23.48
CA ASN F 43 -27.79 16.54 -24.85
C ASN F 43 -26.58 17.48 -24.92
N PRO F 44 -25.37 16.98 -25.30
CA PRO F 44 -24.17 17.82 -25.36
C PRO F 44 -24.25 18.95 -26.38
N ALA F 45 -25.12 18.81 -27.39
CA ALA F 45 -25.31 19.82 -28.42
C ALA F 45 -26.07 21.02 -27.86
N THR F 46 -27.20 20.76 -27.19
CA THR F 46 -28.12 21.81 -26.76
C THR F 46 -27.94 22.14 -25.28
N GLU F 47 -27.20 21.28 -24.55
CA GLU F 47 -27.01 21.39 -23.11
C GLU F 47 -28.33 21.19 -22.36
N GLU F 48 -29.37 20.73 -23.07
CA GLU F 48 -30.69 20.53 -22.47
C GLU F 48 -30.65 19.22 -21.68
N GLU F 49 -31.44 19.14 -20.60
CA GLU F 49 -31.63 17.89 -19.89
C GLU F 49 -32.65 17.04 -20.63
N LEU F 50 -32.27 15.79 -20.94
CA LEU F 50 -33.14 14.86 -21.63
C LEU F 50 -34.05 14.17 -20.62
N CYS F 51 -33.46 13.66 -19.54
CA CYS F 51 -34.19 12.96 -18.50
C CYS F 51 -33.29 12.75 -17.28
N GLN F 52 -33.81 12.02 -16.28
CA GLN F 52 -33.01 11.55 -15.17
C GLN F 52 -33.09 10.02 -15.10
N VAL F 53 -31.92 9.39 -14.87
CA VAL F 53 -31.81 7.95 -14.77
C VAL F 53 -31.54 7.59 -13.31
N GLU F 54 -31.97 6.39 -12.91
CA GLU F 54 -31.73 5.89 -11.57
C GLU F 54 -30.23 5.78 -11.32
N GLU F 55 -29.77 6.33 -10.19
CA GLU F 55 -28.36 6.37 -9.85
C GLU F 55 -27.99 5.10 -9.08
N GLY F 56 -27.22 4.22 -9.74
CA GLY F 56 -26.78 2.98 -9.13
C GLY F 56 -25.55 3.16 -8.25
N ASP F 57 -25.50 2.43 -7.14
CA ASP F 57 -24.33 2.39 -6.27
C ASP F 57 -24.08 0.93 -5.90
N LYS F 58 -23.36 0.68 -4.80
CA LYS F 58 -22.92 -0.67 -4.45
C LYS F 58 -24.11 -1.59 -4.24
N GLU F 59 -25.10 -1.12 -3.46
CA GLU F 59 -26.26 -1.94 -3.10
C GLU F 59 -26.94 -2.44 -4.37
N ASP F 60 -27.00 -1.58 -5.39
CA ASP F 60 -27.61 -1.92 -6.66
C ASP F 60 -26.76 -2.96 -7.39
N VAL F 61 -25.44 -2.79 -7.33
CA VAL F 61 -24.50 -3.71 -7.95
C VAL F 61 -24.62 -5.08 -7.27
N ASP F 62 -24.66 -5.08 -5.93
CA ASP F 62 -24.72 -6.30 -5.15
C ASP F 62 -25.96 -7.12 -5.54
N LYS F 63 -27.06 -6.42 -5.84
CA LYS F 63 -28.28 -7.05 -6.34
C LYS F 63 -28.00 -7.68 -7.70
N ALA F 64 -27.42 -6.89 -8.60
CA ALA F 64 -27.14 -7.32 -9.97
C ALA F 64 -26.21 -8.53 -9.97
N VAL F 65 -25.19 -8.51 -9.11
CA VAL F 65 -24.20 -9.58 -9.03
C VAL F 65 -24.89 -10.88 -8.60
N LYS F 66 -25.79 -10.78 -7.60
CA LYS F 66 -26.46 -11.94 -7.04
C LYS F 66 -27.46 -12.50 -8.04
N ALA F 67 -28.00 -11.64 -8.92
CA ALA F 67 -28.86 -12.07 -10.01
C ALA F 67 -28.03 -12.83 -11.05
N ALA F 68 -26.85 -12.30 -11.36
CA ALA F 68 -25.96 -12.88 -12.36
C ALA F 68 -25.43 -14.22 -11.87
N ARG F 69 -25.03 -14.27 -10.60
CA ARG F 69 -24.51 -15.50 -9.99
C ARG F 69 -25.59 -16.57 -9.98
N GLN F 70 -26.83 -16.17 -9.69
CA GLN F 70 -27.96 -17.07 -9.68
C GLN F 70 -28.19 -17.64 -11.08
N ALA F 71 -28.05 -16.78 -12.10
CA ALA F 71 -28.28 -17.16 -13.48
C ALA F 71 -27.16 -18.07 -13.99
N PHE F 72 -26.01 -18.06 -13.30
CA PHE F 72 -24.84 -18.84 -13.70
C PHE F 72 -24.76 -20.15 -12.91
N GLN F 73 -25.75 -20.42 -12.04
CA GLN F 73 -25.73 -21.62 -11.21
C GLN F 73 -25.78 -22.86 -12.08
N ILE F 74 -25.11 -23.92 -11.61
CA ILE F 74 -25.09 -25.21 -12.30
C ILE F 74 -26.51 -25.75 -12.34
N GLY F 75 -27.03 -25.97 -13.55
CA GLY F 75 -28.37 -26.49 -13.75
C GLY F 75 -29.37 -25.41 -14.16
N SER F 76 -28.92 -24.14 -14.14
CA SER F 76 -29.76 -23.03 -14.54
C SER F 76 -29.99 -23.07 -16.05
N PRO F 77 -31.05 -22.42 -16.57
CA PRO F 77 -31.30 -22.38 -18.02
C PRO F 77 -30.10 -21.98 -18.87
N TRP F 78 -29.34 -20.99 -18.40
CA TRP F 78 -28.25 -20.41 -19.17
C TRP F 78 -27.09 -21.39 -19.32
N ARG F 79 -26.90 -22.26 -18.33
CA ARG F 79 -25.80 -23.21 -18.32
C ARG F 79 -26.18 -24.48 -19.10
N THR F 80 -27.42 -24.93 -18.91
CA THR F 80 -27.91 -26.15 -19.56
C THR F 80 -28.22 -25.89 -21.03
N MET F 81 -28.69 -24.67 -21.32
CA MET F 81 -29.08 -24.26 -22.67
C MET F 81 -27.96 -24.62 -23.66
N ASP F 82 -28.36 -25.03 -24.87
CA ASP F 82 -27.44 -25.41 -25.93
C ASP F 82 -26.60 -24.21 -26.35
N ALA F 83 -25.35 -24.47 -26.75
CA ALA F 83 -24.46 -23.42 -27.23
C ALA F 83 -25.07 -22.75 -28.45
N SER F 84 -25.67 -23.56 -29.34
CA SER F 84 -26.33 -23.07 -30.53
C SER F 84 -27.44 -22.08 -30.17
N GLU F 85 -28.16 -22.36 -29.08
CA GLU F 85 -29.31 -21.56 -28.66
C GLU F 85 -28.83 -20.22 -28.11
N ARG F 86 -27.68 -20.19 -27.42
CA ARG F 86 -27.13 -18.94 -26.92
C ARG F 86 -26.86 -17.98 -28.07
N GLY F 87 -26.36 -18.52 -29.19
CA GLY F 87 -26.12 -17.74 -30.40
C GLY F 87 -27.42 -17.28 -31.05
N ARG F 88 -28.46 -18.12 -30.95
CA ARG F 88 -29.76 -17.82 -31.54
C ARG F 88 -30.37 -16.59 -30.86
N LEU F 89 -30.20 -16.49 -29.53
CA LEU F 89 -30.68 -15.35 -28.77
C LEU F 89 -29.89 -14.10 -29.14
N LEU F 90 -28.57 -14.25 -29.30
CA LEU F 90 -27.71 -13.15 -29.71
C LEU F 90 -28.09 -12.67 -31.11
N TYR F 91 -28.48 -13.61 -31.99
CA TYR F 91 -28.82 -13.28 -33.36
C TYR F 91 -30.19 -12.62 -33.40
N LYS F 92 -31.12 -13.08 -32.56
CA LYS F 92 -32.43 -12.45 -32.44
C LYS F 92 -32.26 -11.01 -31.94
N LEU F 93 -31.38 -10.83 -30.94
CA LEU F 93 -31.14 -9.52 -30.35
C LEU F 93 -30.64 -8.55 -31.42
N ALA F 94 -29.79 -9.05 -32.33
CA ALA F 94 -29.28 -8.24 -33.43
C ALA F 94 -30.41 -7.79 -34.35
N ASP F 95 -31.38 -8.68 -34.56
CA ASP F 95 -32.54 -8.40 -35.40
C ASP F 95 -33.41 -7.34 -34.74
N LEU F 96 -33.55 -7.41 -33.41
CA LEU F 96 -34.35 -6.46 -32.65
C LEU F 96 -33.71 -5.07 -32.70
N ILE F 97 -32.38 -5.03 -32.67
CA ILE F 97 -31.64 -3.77 -32.75
C ILE F 97 -31.77 -3.20 -34.16
N GLU F 98 -31.80 -4.08 -35.16
CA GLU F 98 -31.95 -3.66 -36.55
C GLU F 98 -33.35 -3.09 -36.78
N ARG F 99 -34.34 -3.65 -36.07
CA ARG F 99 -35.71 -3.16 -36.12
C ARG F 99 -35.77 -1.76 -35.52
N ASP F 100 -35.19 -1.59 -34.32
CA ASP F 100 -35.19 -0.31 -33.62
C ASP F 100 -33.91 0.45 -33.94
N ARG F 101 -33.57 0.52 -35.24
CA ARG F 101 -32.31 1.10 -35.67
C ARG F 101 -32.42 2.63 -35.66
N LEU F 102 -33.55 3.14 -36.15
CA LEU F 102 -33.80 4.57 -36.20
C LEU F 102 -33.91 5.13 -34.78
N LEU F 103 -34.58 4.36 -33.90
CA LEU F 103 -34.80 4.76 -32.53
C LEU F 103 -33.47 4.91 -31.81
N LEU F 104 -32.59 3.92 -31.98
CA LEU F 104 -31.30 3.88 -31.29
C LEU F 104 -30.34 4.88 -31.92
N ALA F 105 -30.32 4.95 -33.25
CA ALA F 105 -29.46 5.88 -33.97
C ALA F 105 -29.74 7.31 -33.54
N THR F 106 -31.05 7.63 -33.40
CA THR F 106 -31.48 8.95 -32.98
C THR F 106 -31.07 9.20 -31.52
N MET F 107 -31.31 8.20 -30.67
CA MET F 107 -31.07 8.31 -29.24
C MET F 107 -29.58 8.45 -28.96
N GLU F 108 -28.77 7.68 -29.69
CA GLU F 108 -27.32 7.72 -29.58
C GLU F 108 -26.80 9.09 -30.00
N SER F 109 -27.38 9.62 -31.10
CA SER F 109 -26.98 10.90 -31.67
C SER F 109 -27.28 12.04 -30.69
N MET F 110 -28.44 11.96 -30.04
CA MET F 110 -28.87 12.99 -29.10
C MET F 110 -27.99 12.96 -27.85
N ASN F 111 -27.86 11.76 -27.27
CA ASN F 111 -27.21 11.59 -25.98
C ASN F 111 -25.69 11.71 -26.13
N GLY F 112 -25.13 11.04 -27.14
CA GLY F 112 -23.69 10.94 -27.30
C GLY F 112 -23.08 12.12 -28.08
N GLY F 113 -23.94 12.97 -28.65
CA GLY F 113 -23.50 14.08 -29.49
C GLY F 113 -22.79 13.57 -30.74
N LYS F 114 -23.41 12.56 -31.38
CA LYS F 114 -22.80 11.79 -32.45
C LYS F 114 -23.56 12.02 -33.75
N LEU F 115 -22.83 12.29 -34.83
CA LEU F 115 -23.43 12.54 -36.13
C LEU F 115 -24.41 11.42 -36.45
N TYR F 116 -25.67 11.79 -36.76
CA TYR F 116 -26.74 10.82 -36.96
C TYR F 116 -26.34 9.82 -38.05
N SER F 117 -25.75 10.33 -39.14
CA SER F 117 -25.33 9.48 -40.25
C SER F 117 -24.34 8.43 -39.77
N ASN F 118 -23.31 8.87 -39.03
CA ASN F 118 -22.33 7.96 -38.46
C ASN F 118 -23.00 7.00 -37.49
N ALA F 119 -23.89 7.53 -36.64
CA ALA F 119 -24.60 6.73 -35.65
C ALA F 119 -25.41 5.63 -36.33
N TYR F 120 -26.05 5.97 -37.46
CA TYR F 120 -26.91 5.03 -38.17
C TYR F 120 -26.08 4.06 -39.01
N LEU F 121 -25.06 4.59 -39.70
CA LEU F 121 -24.34 3.83 -40.71
C LEU F 121 -23.17 3.05 -40.12
N SER F 122 -22.51 3.62 -39.09
CA SER F 122 -21.35 2.98 -38.49
C SER F 122 -21.73 2.21 -37.23
N ASP F 123 -22.28 2.93 -36.23
CA ASP F 123 -22.49 2.39 -34.89
C ASP F 123 -23.52 1.26 -34.92
N LEU F 124 -24.70 1.55 -35.48
CA LEU F 124 -25.79 0.58 -35.48
C LEU F 124 -25.45 -0.61 -36.39
N ALA F 125 -24.75 -0.35 -37.50
CA ALA F 125 -24.26 -1.41 -38.36
C ALA F 125 -23.24 -2.26 -37.60
N GLY F 126 -22.35 -1.62 -36.85
CA GLY F 126 -21.33 -2.28 -36.06
C GLY F 126 -21.92 -3.19 -34.98
N CYS F 127 -23.00 -2.73 -34.33
CA CYS F 127 -23.66 -3.49 -33.29
C CYS F 127 -24.23 -4.79 -33.83
N ILE F 128 -24.89 -4.70 -34.99
CA ILE F 128 -25.57 -5.82 -35.61
C ILE F 128 -24.52 -6.84 -36.09
N LYS F 129 -23.55 -6.36 -36.87
CA LYS F 129 -22.50 -7.20 -37.42
C LYS F 129 -21.78 -7.98 -36.33
N THR F 130 -21.47 -7.29 -35.22
CA THR F 130 -20.67 -7.86 -34.14
C THR F 130 -21.49 -8.90 -33.38
N LEU F 131 -22.73 -8.57 -33.03
CA LEU F 131 -23.63 -9.50 -32.37
C LEU F 131 -23.75 -10.78 -33.17
N ARG F 132 -23.92 -10.63 -34.50
CA ARG F 132 -24.11 -11.76 -35.41
C ARG F 132 -22.82 -12.56 -35.52
N TYR F 133 -21.67 -11.87 -35.49
CA TYR F 133 -20.37 -12.54 -35.46
C TYR F 133 -20.26 -13.37 -34.17
N CYS F 134 -20.63 -12.75 -33.05
CA CYS F 134 -20.51 -13.37 -31.74
C CYS F 134 -21.47 -14.55 -31.60
N ALA F 135 -22.65 -14.45 -32.24
CA ALA F 135 -23.61 -15.54 -32.29
C ALA F 135 -22.94 -16.78 -32.88
N GLY F 136 -22.15 -16.58 -33.94
CA GLY F 136 -21.50 -17.66 -34.68
C GLY F 136 -20.56 -18.48 -33.80
N TRP F 137 -19.80 -17.81 -32.92
CA TRP F 137 -18.78 -18.46 -32.11
C TRP F 137 -19.40 -19.35 -31.03
N ALA F 138 -20.64 -19.03 -30.61
CA ALA F 138 -21.29 -19.67 -29.48
C ALA F 138 -21.01 -21.17 -29.44
N ASP F 139 -21.33 -21.87 -30.54
CA ASP F 139 -21.24 -23.32 -30.59
C ASP F 139 -19.98 -23.75 -31.32
N LYS F 140 -18.96 -22.89 -31.33
CA LYS F 140 -17.68 -23.17 -31.97
C LYS F 140 -16.52 -22.89 -31.00
N ILE F 141 -16.84 -22.67 -29.72
CA ILE F 141 -15.83 -22.54 -28.68
C ILE F 141 -15.44 -23.95 -28.23
N GLN F 142 -14.45 -24.52 -28.91
CA GLN F 142 -14.06 -25.91 -28.71
C GLN F 142 -12.82 -25.99 -27.82
N GLY F 143 -12.77 -27.03 -26.98
CA GLY F 143 -11.59 -27.33 -26.19
C GLY F 143 -10.63 -28.22 -26.98
N ARG F 144 -9.78 -28.96 -26.27
CA ARG F 144 -8.78 -29.82 -26.88
C ARG F 144 -8.78 -31.18 -26.20
N THR F 145 -8.23 -32.19 -26.89
CA THR F 145 -7.87 -33.46 -26.29
C THR F 145 -6.36 -33.64 -26.45
N ILE F 146 -5.65 -33.69 -25.32
CA ILE F 146 -4.19 -33.69 -25.31
C ILE F 146 -3.69 -35.13 -25.35
N PRO F 147 -2.69 -35.46 -26.21
CA PRO F 147 -2.01 -36.75 -26.15
C PRO F 147 -0.92 -36.77 -25.07
N ILE F 148 -1.37 -36.81 -23.82
CA ILE F 148 -0.52 -36.63 -22.65
C ILE F 148 0.34 -37.88 -22.45
N ASP F 149 1.46 -37.71 -21.73
CA ASP F 149 2.33 -38.83 -21.37
C ASP F 149 1.60 -39.70 -20.33
N GLY F 150 1.86 -41.01 -20.40
CA GLY F 150 1.27 -41.96 -19.47
C GLY F 150 -0.07 -42.50 -19.99
N ASN F 151 -0.61 -43.49 -19.27
CA ASN F 151 -1.88 -44.09 -19.60
C ASN F 151 -3.01 -43.22 -19.05
N PHE F 152 -3.29 -42.12 -19.74
CA PHE F 152 -4.31 -41.17 -19.33
C PHE F 152 -5.04 -40.63 -20.56
N PHE F 153 -6.29 -40.22 -20.34
CA PHE F 153 -7.08 -39.54 -21.36
C PHE F 153 -7.37 -38.12 -20.88
N THR F 154 -6.69 -37.14 -21.49
CA THR F 154 -6.82 -35.75 -21.08
C THR F 154 -7.64 -34.97 -22.09
N TYR F 155 -8.49 -34.08 -21.59
CA TYR F 155 -9.29 -33.20 -22.41
C TYR F 155 -9.54 -31.90 -21.64
N THR F 156 -9.77 -30.81 -22.38
CA THR F 156 -10.01 -29.51 -21.78
C THR F 156 -11.39 -28.99 -22.16
N ARG F 157 -12.02 -28.27 -21.24
CA ARG F 157 -13.29 -27.60 -21.48
C ARG F 157 -13.07 -26.10 -21.39
N HIS F 158 -13.43 -25.38 -22.46
CA HIS F 158 -13.40 -23.92 -22.46
C HIS F 158 -14.72 -23.41 -21.91
N GLU F 159 -14.85 -23.49 -20.58
CA GLU F 159 -16.06 -23.07 -19.87
C GLU F 159 -16.12 -21.55 -19.83
N PRO F 160 -17.31 -20.97 -19.52
CA PRO F 160 -17.40 -19.56 -19.15
C PRO F 160 -16.78 -19.31 -17.78
N ILE F 161 -16.38 -18.05 -17.53
CA ILE F 161 -15.74 -17.67 -16.29
C ILE F 161 -16.82 -17.55 -15.20
N GLY F 162 -17.84 -16.74 -15.49
CA GLY F 162 -18.96 -16.55 -14.57
C GLY F 162 -19.51 -15.13 -14.66
N VAL F 163 -19.61 -14.46 -13.50
CA VAL F 163 -20.10 -13.09 -13.44
C VAL F 163 -18.99 -12.17 -13.92
N CYS F 164 -19.29 -11.39 -14.97
CA CYS F 164 -18.34 -10.48 -15.58
C CYS F 164 -18.83 -9.05 -15.44
N GLY F 165 -18.14 -8.25 -14.62
CA GLY F 165 -18.40 -6.82 -14.53
C GLY F 165 -17.83 -6.10 -15.75
N GLN F 166 -18.65 -5.24 -16.38
CA GLN F 166 -18.30 -4.65 -17.65
C GLN F 166 -18.58 -3.14 -17.61
N ILE F 167 -17.52 -2.34 -17.80
CA ILE F 167 -17.59 -0.89 -17.67
C ILE F 167 -17.25 -0.26 -19.02
N ILE F 168 -18.15 0.61 -19.50
CA ILE F 168 -18.08 1.16 -20.85
C ILE F 168 -17.93 2.68 -20.75
N PRO F 169 -17.31 3.33 -21.77
CA PRO F 169 -17.23 4.78 -21.84
C PRO F 169 -18.43 5.41 -22.58
N TRP F 170 -18.25 6.66 -23.01
CA TRP F 170 -19.34 7.48 -23.55
C TRP F 170 -19.17 7.72 -25.05
N ASN F 171 -18.02 7.36 -25.61
CA ASN F 171 -17.64 7.75 -26.97
C ASN F 171 -18.44 6.93 -27.99
N PHE F 172 -18.54 5.61 -27.76
CA PHE F 172 -19.35 4.74 -28.60
C PHE F 172 -20.19 3.82 -27.71
N PRO F 173 -21.17 4.38 -26.96
CA PRO F 173 -21.88 3.63 -25.92
C PRO F 173 -22.52 2.31 -26.36
N LEU F 174 -23.04 2.29 -27.59
CA LEU F 174 -23.69 1.10 -28.15
C LEU F 174 -22.63 0.08 -28.56
N VAL F 175 -21.71 0.51 -29.43
CA VAL F 175 -20.72 -0.40 -30.00
C VAL F 175 -19.90 -1.03 -28.87
N MET F 176 -19.51 -0.21 -27.88
CA MET F 176 -18.70 -0.63 -26.76
C MET F 176 -19.44 -1.69 -25.94
N LEU F 177 -20.77 -1.52 -25.84
CA LEU F 177 -21.63 -2.44 -25.09
C LEU F 177 -21.62 -3.82 -25.75
N ILE F 178 -21.82 -3.85 -27.07
CA ILE F 178 -21.91 -5.11 -27.82
C ILE F 178 -20.56 -5.83 -27.76
N TRP F 179 -19.46 -5.05 -27.76
CA TRP F 179 -18.12 -5.62 -27.67
C TRP F 179 -17.90 -6.34 -26.34
N LYS F 180 -18.66 -5.94 -25.31
CA LYS F 180 -18.61 -6.58 -24.01
C LYS F 180 -19.52 -7.80 -23.99
N ILE F 181 -20.83 -7.57 -24.16
CA ILE F 181 -21.83 -8.59 -23.94
C ILE F 181 -21.74 -9.66 -25.01
N GLY F 182 -21.49 -9.25 -26.26
CA GLY F 182 -21.47 -10.17 -27.39
C GLY F 182 -20.57 -11.37 -27.15
N PRO F 183 -19.25 -11.17 -26.99
CA PRO F 183 -18.33 -12.28 -26.66
C PRO F 183 -18.66 -12.98 -25.35
N ALA F 184 -18.98 -12.19 -24.32
CA ALA F 184 -19.22 -12.71 -22.98
C ALA F 184 -20.38 -13.70 -22.98
N LEU F 185 -21.52 -13.27 -23.54
CA LEU F 185 -22.73 -14.08 -23.56
C LEU F 185 -22.55 -15.29 -24.47
N SER F 186 -21.81 -15.10 -25.57
CA SER F 186 -21.53 -16.18 -26.51
C SER F 186 -20.83 -17.34 -25.81
N CYS F 187 -19.92 -17.01 -24.88
CA CYS F 187 -19.14 -18.00 -24.15
C CYS F 187 -19.93 -18.59 -22.99
N GLY F 188 -21.05 -17.95 -22.62
CA GLY F 188 -21.96 -18.46 -21.62
C GLY F 188 -21.79 -17.81 -20.26
N ASN F 189 -21.23 -16.58 -20.25
CA ASN F 189 -21.04 -15.81 -19.04
C ASN F 189 -22.30 -14.99 -18.74
N THR F 190 -22.46 -14.61 -17.46
CA THR F 190 -23.45 -13.62 -17.07
C THR F 190 -22.71 -12.30 -16.80
N VAL F 191 -23.37 -11.18 -17.10
CA VAL F 191 -22.70 -9.88 -17.13
C VAL F 191 -23.42 -8.91 -16.23
N VAL F 192 -22.63 -8.03 -15.58
CA VAL F 192 -23.13 -6.88 -14.87
C VAL F 192 -22.52 -5.64 -15.53
N VAL F 193 -23.29 -5.00 -16.41
CA VAL F 193 -22.81 -3.89 -17.21
C VAL F 193 -23.08 -2.58 -16.47
N LYS F 194 -22.04 -1.73 -16.37
CA LYS F 194 -22.20 -0.37 -15.90
C LYS F 194 -21.91 0.58 -17.06
N PRO F 195 -22.94 1.22 -17.67
CA PRO F 195 -22.72 2.21 -18.72
C PRO F 195 -22.24 3.53 -18.13
N ALA F 196 -21.74 4.41 -19.01
CA ALA F 196 -21.22 5.70 -18.61
C ALA F 196 -22.32 6.53 -17.96
N GLU F 197 -21.91 7.47 -17.09
CA GLU F 197 -22.84 8.38 -16.43
C GLU F 197 -23.40 9.38 -17.44
N GLN F 198 -22.68 9.60 -18.55
CA GLN F 198 -23.12 10.51 -19.59
C GLN F 198 -24.13 9.83 -20.51
N THR F 199 -23.90 8.55 -20.84
CA THR F 199 -24.59 7.90 -21.94
C THR F 199 -25.19 6.55 -21.53
N PRO F 200 -26.12 6.51 -20.55
CA PRO F 200 -26.79 5.27 -20.16
C PRO F 200 -27.99 4.86 -21.01
N LEU F 201 -28.60 5.83 -21.71
CA LEU F 201 -29.92 5.67 -22.29
C LEU F 201 -29.93 4.55 -23.33
N THR F 202 -28.98 4.63 -24.28
CA THR F 202 -28.88 3.68 -25.37
C THR F 202 -28.84 2.25 -24.84
N ALA F 203 -28.01 2.03 -23.81
CA ALA F 203 -27.79 0.71 -23.24
C ALA F 203 -29.08 0.18 -22.61
N LEU F 204 -29.86 1.06 -21.99
CA LEU F 204 -31.07 0.66 -21.27
C LEU F 204 -32.14 0.21 -22.26
N HIS F 205 -32.20 0.84 -23.44
CA HIS F 205 -33.14 0.42 -24.47
C HIS F 205 -32.82 -1.01 -24.91
N VAL F 206 -31.53 -1.30 -25.07
CA VAL F 206 -31.06 -2.62 -25.48
C VAL F 206 -31.46 -3.65 -24.42
N ALA F 207 -31.45 -3.23 -23.15
CA ALA F 207 -31.86 -4.08 -22.03
C ALA F 207 -33.30 -4.58 -22.25
N SER F 208 -34.17 -3.71 -22.77
CA SER F 208 -35.54 -4.09 -23.08
C SER F 208 -35.57 -5.15 -24.18
N LEU F 209 -34.67 -5.00 -25.16
CA LEU F 209 -34.59 -5.93 -26.29
C LEU F 209 -34.03 -7.27 -25.83
N ILE F 210 -33.17 -7.25 -24.80
CA ILE F 210 -32.60 -8.46 -24.24
C ILE F 210 -33.69 -9.28 -23.55
N LYS F 211 -34.62 -8.58 -22.87
CA LYS F 211 -35.77 -9.24 -22.28
C LYS F 211 -36.65 -9.82 -23.38
N GLU F 212 -36.95 -8.99 -24.38
CA GLU F 212 -37.84 -9.35 -25.49
C GLU F 212 -37.28 -10.54 -26.26
N ALA F 213 -35.95 -10.59 -26.41
CA ALA F 213 -35.28 -11.67 -27.12
C ALA F 213 -35.41 -12.99 -26.36
N GLY F 214 -35.62 -12.90 -25.04
CA GLY F 214 -35.92 -14.06 -24.23
C GLY F 214 -34.67 -14.63 -23.55
N PHE F 215 -33.71 -13.76 -23.24
CA PHE F 215 -32.56 -14.13 -22.43
C PHE F 215 -33.05 -14.45 -21.01
N PRO F 216 -32.63 -15.58 -20.40
CA PRO F 216 -32.98 -15.88 -19.01
C PRO F 216 -32.73 -14.69 -18.08
N PRO F 217 -33.63 -14.40 -17.12
CA PRO F 217 -33.41 -13.33 -16.15
C PRO F 217 -32.07 -13.48 -15.41
N GLY F 218 -31.31 -12.39 -15.35
CA GLY F 218 -30.08 -12.34 -14.59
C GLY F 218 -28.84 -12.48 -15.46
N VAL F 219 -29.02 -12.96 -16.69
CA VAL F 219 -27.91 -13.16 -17.63
C VAL F 219 -27.27 -11.80 -17.91
N VAL F 220 -28.10 -10.84 -18.34
CA VAL F 220 -27.67 -9.47 -18.54
C VAL F 220 -28.32 -8.59 -17.49
N ASN F 221 -27.48 -7.80 -16.81
CA ASN F 221 -27.92 -6.80 -15.85
C ASN F 221 -27.20 -5.50 -16.15
N ILE F 222 -27.92 -4.37 -16.01
CA ILE F 222 -27.36 -3.06 -16.31
C ILE F 222 -27.64 -2.13 -15.15
N VAL F 223 -26.57 -1.51 -14.62
CA VAL F 223 -26.65 -0.64 -13.46
C VAL F 223 -26.04 0.71 -13.81
N PRO F 224 -26.83 1.67 -14.35
CA PRO F 224 -26.32 3.01 -14.64
C PRO F 224 -26.00 3.76 -13.35
N GLY F 225 -24.87 4.48 -13.36
CA GLY F 225 -24.40 5.20 -12.19
C GLY F 225 -23.07 5.90 -12.47
N TYR F 226 -22.47 6.46 -11.42
CA TYR F 226 -21.19 7.16 -11.53
C TYR F 226 -20.04 6.17 -11.41
N GLY F 227 -18.86 6.59 -11.88
CA GLY F 227 -17.69 5.74 -11.94
C GLY F 227 -17.17 5.36 -10.56
N PRO F 228 -16.74 6.34 -9.72
CA PRO F 228 -16.22 6.06 -8.38
C PRO F 228 -17.16 5.29 -7.46
N THR F 229 -18.47 5.36 -7.73
CA THR F 229 -19.48 4.69 -6.92
C THR F 229 -19.73 3.28 -7.44
N ALA F 230 -20.41 3.19 -8.59
CA ALA F 230 -20.84 1.91 -9.14
C ALA F 230 -19.65 1.15 -9.71
N GLY F 231 -18.79 1.86 -10.46
CA GLY F 231 -17.63 1.27 -11.11
C GLY F 231 -16.66 0.65 -10.09
N ALA F 232 -16.43 1.36 -8.98
CA ALA F 232 -15.54 0.88 -7.93
C ALA F 232 -16.15 -0.33 -7.24
N ALA F 233 -17.48 -0.34 -7.11
CA ALA F 233 -18.20 -1.45 -6.50
C ALA F 233 -17.96 -2.73 -7.30
N ILE F 234 -17.92 -2.59 -8.64
CA ILE F 234 -17.71 -3.71 -9.53
C ILE F 234 -16.26 -4.19 -9.43
N SER F 235 -15.32 -3.24 -9.46
CA SER F 235 -13.90 -3.57 -9.54
C SER F 235 -13.43 -4.29 -8.27
N SER F 236 -14.11 -4.06 -7.13
CA SER F 236 -13.68 -4.59 -5.85
C SER F 236 -14.65 -5.65 -5.32
N HIS F 237 -15.64 -6.05 -6.13
CA HIS F 237 -16.66 -6.98 -5.68
C HIS F 237 -16.08 -8.38 -5.54
N MET F 238 -16.55 -9.12 -4.52
CA MET F 238 -15.92 -10.35 -4.07
C MET F 238 -16.53 -11.57 -4.76
N ASP F 239 -17.60 -11.36 -5.54
CA ASP F 239 -18.28 -12.45 -6.24
C ASP F 239 -18.28 -12.20 -7.75
N ILE F 240 -17.52 -11.19 -8.19
CA ILE F 240 -17.31 -10.93 -9.62
C ILE F 240 -16.00 -11.59 -10.04
N ASP F 241 -16.07 -12.45 -11.05
CA ASP F 241 -14.94 -13.27 -11.46
C ASP F 241 -14.03 -12.49 -12.39
N LYS F 242 -14.62 -11.61 -13.22
CA LYS F 242 -13.89 -10.85 -14.22
C LYS F 242 -14.40 -9.42 -14.25
N VAL F 243 -13.51 -8.48 -14.61
CA VAL F 243 -13.90 -7.11 -14.91
C VAL F 243 -13.38 -6.76 -16.30
N ALA F 244 -14.21 -6.08 -17.08
CA ALA F 244 -13.85 -5.60 -18.41
C ALA F 244 -14.04 -4.09 -18.48
N PHE F 245 -12.95 -3.37 -18.68
CA PHE F 245 -12.95 -1.91 -18.59
C PHE F 245 -12.53 -1.31 -19.93
N THR F 246 -13.06 -0.11 -20.22
CA THR F 246 -12.65 0.69 -21.36
C THR F 246 -12.81 2.16 -21.00
N GLY F 247 -11.67 2.85 -20.82
CA GLY F 247 -11.68 4.25 -20.41
C GLY F 247 -10.27 4.80 -20.23
N SER F 248 -10.15 5.81 -19.36
CA SER F 248 -8.87 6.46 -19.11
C SER F 248 -7.88 5.49 -18.48
N THR F 249 -6.60 5.71 -18.77
CA THR F 249 -5.52 4.93 -18.18
C THR F 249 -5.49 5.17 -16.66
N GLU F 250 -5.80 6.41 -16.26
CA GLU F 250 -5.87 6.79 -14.86
C GLU F 250 -6.69 5.77 -14.06
N VAL F 251 -7.89 5.45 -14.58
CA VAL F 251 -8.84 4.62 -13.86
C VAL F 251 -8.47 3.14 -14.02
N GLY F 252 -7.98 2.76 -15.21
CA GLY F 252 -7.52 1.41 -15.46
C GLY F 252 -6.59 0.89 -14.36
N LYS F 253 -5.77 1.79 -13.82
CA LYS F 253 -4.81 1.46 -12.76
C LYS F 253 -5.53 1.22 -11.44
N LEU F 254 -6.67 1.89 -11.24
CA LEU F 254 -7.49 1.71 -10.05
C LEU F 254 -8.27 0.41 -10.15
N ILE F 255 -8.68 0.05 -11.37
CA ILE F 255 -9.45 -1.17 -11.61
C ILE F 255 -8.58 -2.38 -11.30
N LYS F 256 -7.35 -2.38 -11.81
CA LYS F 256 -6.43 -3.49 -11.62
C LYS F 256 -6.01 -3.57 -10.16
N GLU F 257 -5.84 -2.41 -9.53
CA GLU F 257 -5.44 -2.31 -8.13
C GLU F 257 -6.55 -2.86 -7.24
N ALA F 258 -7.80 -2.45 -7.52
CA ALA F 258 -8.96 -2.88 -6.74
C ALA F 258 -9.22 -4.36 -6.95
N ALA F 259 -8.83 -4.89 -8.13
CA ALA F 259 -8.97 -6.31 -8.44
C ALA F 259 -7.97 -7.13 -7.62
N GLY F 260 -6.80 -6.56 -7.37
CA GLY F 260 -5.78 -7.20 -6.56
C GLY F 260 -6.20 -7.36 -5.11
N LYS F 261 -6.80 -6.29 -4.55
CA LYS F 261 -7.18 -6.28 -3.15
C LYS F 261 -8.41 -7.12 -2.89
N SER F 262 -9.28 -7.26 -3.90
CA SER F 262 -10.54 -7.98 -3.74
C SER F 262 -10.33 -9.50 -3.86
N ASN F 263 -10.56 -10.05 -5.06
CA ASN F 263 -10.63 -11.49 -5.25
C ASN F 263 -9.84 -11.92 -6.50
N LEU F 264 -8.80 -11.15 -6.84
CA LEU F 264 -7.92 -11.47 -7.96
C LEU F 264 -8.73 -11.78 -9.22
N LYS F 265 -9.78 -10.98 -9.46
CA LYS F 265 -10.64 -11.14 -10.61
C LYS F 265 -9.83 -10.88 -11.88
N ARG F 266 -10.26 -11.49 -12.99
CA ARG F 266 -9.59 -11.34 -14.27
C ARG F 266 -9.87 -9.93 -14.80
N VAL F 267 -8.94 -9.42 -15.63
CA VAL F 267 -8.97 -8.03 -16.05
C VAL F 267 -8.68 -7.95 -17.55
N THR F 268 -9.49 -7.16 -18.26
CA THR F 268 -9.20 -6.74 -19.62
C THR F 268 -9.42 -5.23 -19.74
N LEU F 269 -8.33 -4.49 -19.98
CA LEU F 269 -8.35 -3.05 -20.11
C LEU F 269 -8.29 -2.69 -21.60
N GLU F 270 -8.97 -1.61 -21.96
CA GLU F 270 -8.91 -1.05 -23.31
C GLU F 270 -8.81 0.47 -23.17
N LEU F 271 -7.58 0.93 -22.92
CA LEU F 271 -7.33 2.31 -22.52
C LEU F 271 -7.07 3.16 -23.77
N GLY F 272 -6.87 4.46 -23.55
CA GLY F 272 -6.58 5.39 -24.63
C GLY F 272 -5.16 5.22 -25.16
N GLY F 273 -4.83 5.98 -26.21
CA GLY F 273 -3.52 5.92 -26.83
C GLY F 273 -3.13 7.24 -27.50
N LYS F 274 -1.84 7.38 -27.77
CA LYS F 274 -1.31 8.47 -28.57
C LYS F 274 -0.82 7.89 -29.90
N SER F 275 -1.76 7.26 -30.61
CA SER F 275 -1.46 6.40 -31.74
C SER F 275 -0.80 7.19 -32.87
N PRO F 276 0.44 6.85 -33.28
CA PRO F 276 1.16 7.60 -34.31
C PRO F 276 0.90 7.12 -35.74
N CYS F 277 1.19 8.00 -36.72
CA CYS F 277 1.15 7.65 -38.13
C CYS F 277 2.49 8.00 -38.76
N ILE F 278 2.98 7.10 -39.63
CA ILE F 278 4.23 7.30 -40.34
C ILE F 278 3.93 7.29 -41.84
N VAL F 279 4.22 8.42 -42.50
CA VAL F 279 3.93 8.60 -43.91
C VAL F 279 5.24 8.79 -44.66
N LEU F 280 5.66 7.75 -45.39
CA LEU F 280 6.91 7.78 -46.13
C LEU F 280 6.70 8.51 -47.45
N ALA F 281 7.82 8.83 -48.12
CA ALA F 281 7.82 9.57 -49.37
C ALA F 281 6.96 8.85 -50.40
N ASP F 282 7.19 7.54 -50.55
CA ASP F 282 6.49 6.73 -51.54
C ASP F 282 5.12 6.34 -50.97
N ALA F 283 4.18 7.27 -51.00
CA ALA F 283 2.85 7.06 -50.45
C ALA F 283 1.82 7.82 -51.27
N ASP F 284 0.63 7.23 -51.42
CA ASP F 284 -0.51 7.92 -52.02
C ASP F 284 -0.95 9.00 -51.04
N LEU F 285 -0.51 10.23 -51.28
CA LEU F 285 -0.64 11.31 -50.30
C LEU F 285 -2.11 11.54 -49.97
N ASP F 286 -2.97 11.56 -51.00
CA ASP F 286 -4.40 11.76 -50.81
C ASP F 286 -4.96 10.67 -49.89
N ASN F 287 -4.53 9.42 -50.13
CA ASN F 287 -4.93 8.30 -49.30
C ASN F 287 -4.48 8.54 -47.86
N ALA F 288 -3.20 8.90 -47.69
CA ALA F 288 -2.61 9.12 -46.38
C ALA F 288 -3.28 10.29 -45.67
N VAL F 289 -3.46 11.40 -46.39
CA VAL F 289 -4.02 12.63 -45.85
C VAL F 289 -5.45 12.37 -45.40
N GLU F 290 -6.22 11.62 -46.20
CA GLU F 290 -7.63 11.41 -45.96
C GLU F 290 -7.84 10.48 -44.75
N PHE F 291 -7.05 9.40 -44.68
CA PHE F 291 -7.17 8.43 -43.62
C PHE F 291 -6.61 8.98 -42.31
N ALA F 292 -5.50 9.73 -42.38
CA ALA F 292 -4.91 10.36 -41.22
C ALA F 292 -5.84 11.42 -40.66
N HIS F 293 -6.52 12.14 -41.57
CA HIS F 293 -7.51 13.12 -41.19
C HIS F 293 -8.69 12.44 -40.50
N HIS F 294 -9.27 11.43 -41.16
CA HIS F 294 -10.37 10.67 -40.60
C HIS F 294 -9.97 10.07 -39.26
N GLY F 295 -8.74 9.55 -39.18
CA GLY F 295 -8.24 8.91 -37.98
C GLY F 295 -8.32 9.80 -36.73
N VAL F 296 -7.94 11.08 -36.90
CA VAL F 296 -7.77 11.97 -35.76
C VAL F 296 -9.04 12.78 -35.51
N PHE F 297 -9.89 12.95 -36.54
CA PHE F 297 -11.04 13.85 -36.46
C PHE F 297 -12.37 13.11 -36.41
N TYR F 298 -12.34 11.77 -36.33
CA TYR F 298 -13.58 10.99 -36.33
C TYR F 298 -14.27 11.14 -34.97
N HIS F 299 -15.58 11.44 -35.00
CA HIS F 299 -16.38 11.65 -33.82
C HIS F 299 -15.70 12.69 -32.91
N GLN F 300 -15.38 13.85 -33.51
CA GLN F 300 -14.74 14.95 -32.81
C GLN F 300 -13.44 14.48 -32.13
N GLY F 301 -12.73 13.54 -32.79
CA GLY F 301 -11.48 13.01 -32.28
C GLY F 301 -11.61 12.37 -30.90
N GLN F 302 -12.78 11.79 -30.61
CA GLN F 302 -13.04 11.15 -29.33
C GLN F 302 -12.93 9.64 -29.49
N CYS F 303 -11.87 9.19 -30.16
CA CYS F 303 -11.59 7.77 -30.36
C CYS F 303 -10.32 7.40 -29.61
N CYS F 304 -10.29 6.19 -29.04
CA CYS F 304 -9.10 5.65 -28.43
C CYS F 304 -8.00 5.50 -29.48
N ILE F 305 -8.43 5.13 -30.70
CA ILE F 305 -7.52 5.01 -31.84
C ILE F 305 -7.54 6.31 -32.64
N ALA F 306 -7.00 7.38 -32.05
CA ALA F 306 -6.90 8.67 -32.71
C ALA F 306 -5.47 8.85 -33.24
N ALA F 307 -5.36 9.31 -34.49
CA ALA F 307 -4.07 9.53 -35.13
C ALA F 307 -3.47 10.83 -34.63
N SER F 308 -3.00 10.82 -33.37
CA SER F 308 -2.55 12.02 -32.69
C SER F 308 -1.28 12.55 -33.37
N ARG F 309 -0.21 11.75 -33.32
CA ARG F 309 1.07 12.12 -33.89
C ARG F 309 1.13 11.61 -35.32
N ILE F 310 1.40 12.52 -36.27
CA ILE F 310 1.47 12.16 -37.68
C ILE F 310 2.84 12.56 -38.22
N PHE F 311 3.74 11.57 -38.31
CA PHE F 311 5.10 11.77 -38.80
C PHE F 311 5.10 11.67 -40.32
N VAL F 312 5.80 12.61 -40.97
CA VAL F 312 5.84 12.70 -42.42
C VAL F 312 7.28 12.96 -42.87
N GLU F 313 7.67 12.32 -43.97
CA GLU F 313 8.96 12.55 -44.60
C GLU F 313 9.10 14.03 -44.93
N GLU F 314 10.34 14.54 -44.89
CA GLU F 314 10.62 15.96 -45.14
C GLU F 314 10.10 16.38 -46.50
N SER F 315 10.39 15.57 -47.53
CA SER F 315 10.08 15.88 -48.92
C SER F 315 8.61 16.25 -49.11
N ILE F 316 7.71 15.57 -48.39
CA ILE F 316 6.28 15.71 -48.60
C ILE F 316 5.60 16.31 -47.36
N TYR F 317 6.39 16.89 -46.45
CA TYR F 317 5.86 17.40 -45.19
C TYR F 317 4.94 18.59 -45.45
N ASP F 318 5.46 19.59 -46.17
CA ASP F 318 4.75 20.84 -46.40
C ASP F 318 3.46 20.58 -47.17
N GLU F 319 3.55 19.70 -48.18
CA GLU F 319 2.40 19.36 -49.02
C GLU F 319 1.32 18.69 -48.18
N PHE F 320 1.73 17.80 -47.26
CA PHE F 320 0.81 17.08 -46.41
C PHE F 320 0.08 18.06 -45.49
N VAL F 321 0.84 18.97 -44.88
CA VAL F 321 0.28 19.96 -43.97
C VAL F 321 -0.74 20.82 -44.72
N ARG F 322 -0.40 21.17 -45.97
CA ARG F 322 -1.24 22.04 -46.78
C ARG F 322 -2.61 21.39 -46.98
N ARG F 323 -2.62 20.11 -47.34
CA ARG F 323 -3.85 19.41 -47.69
C ARG F 323 -4.65 19.07 -46.43
N SER F 324 -3.96 18.83 -45.31
CA SER F 324 -4.59 18.45 -44.05
C SER F 324 -5.40 19.61 -43.49
N VAL F 325 -4.95 20.84 -43.77
CA VAL F 325 -5.59 22.05 -43.25
C VAL F 325 -6.86 22.34 -44.04
N GLU F 326 -6.75 22.37 -45.38
CA GLU F 326 -7.88 22.70 -46.24
C GLU F 326 -9.02 21.72 -46.02
N ARG F 327 -8.68 20.46 -45.71
CA ARG F 327 -9.67 19.43 -45.43
C ARG F 327 -10.37 19.74 -44.11
N ALA F 328 -9.61 20.25 -43.12
CA ALA F 328 -10.09 20.46 -41.77
C ALA F 328 -10.98 21.70 -41.68
N LYS F 329 -10.86 22.62 -42.64
CA LYS F 329 -11.63 23.85 -42.64
C LYS F 329 -13.03 23.62 -43.21
N LYS F 330 -13.24 22.47 -43.87
CA LYS F 330 -14.51 22.13 -44.49
C LYS F 330 -15.40 21.36 -43.51
N TYR F 331 -15.60 21.92 -42.31
CA TYR F 331 -16.46 21.32 -41.31
C TYR F 331 -17.52 22.32 -40.87
N ILE F 332 -18.73 21.81 -40.63
CA ILE F 332 -19.87 22.61 -40.24
C ILE F 332 -20.32 22.14 -38.85
N LEU F 333 -20.02 22.95 -37.83
CA LEU F 333 -20.32 22.60 -36.45
C LEU F 333 -21.76 22.97 -36.13
N GLY F 334 -22.47 22.05 -35.47
CA GLY F 334 -23.85 22.28 -35.09
C GLY F 334 -24.48 21.02 -34.50
N ASN F 335 -25.83 21.00 -34.46
CA ASN F 335 -26.57 19.89 -33.90
C ASN F 335 -26.34 18.66 -34.77
N PRO F 336 -25.96 17.49 -34.20
CA PRO F 336 -25.71 16.29 -35.00
C PRO F 336 -26.95 15.71 -35.69
N LEU F 337 -28.14 16.07 -35.20
CA LEU F 337 -29.39 15.66 -35.82
C LEU F 337 -29.70 16.54 -37.04
N THR F 338 -29.11 17.73 -37.09
CA THR F 338 -29.32 18.65 -38.20
C THR F 338 -28.64 18.09 -39.45
N PRO F 339 -29.37 17.96 -40.59
CA PRO F 339 -28.76 17.54 -41.85
C PRO F 339 -27.81 18.60 -42.42
N GLY F 340 -26.59 18.16 -42.75
CA GLY F 340 -25.56 19.06 -43.29
C GLY F 340 -24.45 19.35 -42.28
N VAL F 341 -24.72 19.08 -41.00
CA VAL F 341 -23.72 19.23 -39.95
C VAL F 341 -22.70 18.10 -40.07
N THR F 342 -21.42 18.47 -40.18
CA THR F 342 -20.35 17.52 -40.45
C THR F 342 -19.48 17.28 -39.20
N GLN F 343 -19.63 18.12 -38.17
CA GLN F 343 -18.95 17.92 -36.89
C GLN F 343 -19.91 18.25 -35.75
N GLY F 344 -19.81 17.46 -34.66
CA GLY F 344 -20.69 17.60 -33.51
C GLY F 344 -19.96 18.18 -32.29
N PRO F 345 -20.58 18.09 -31.09
CA PRO F 345 -19.97 18.56 -29.85
C PRO F 345 -19.20 17.51 -29.07
N GLN F 346 -18.40 17.98 -28.09
CA GLN F 346 -17.76 17.10 -27.11
C GLN F 346 -18.81 16.65 -26.11
N ILE F 347 -18.51 15.59 -25.36
CA ILE F 347 -19.51 14.91 -24.55
C ILE F 347 -19.98 15.82 -23.41
N ASP F 348 -19.05 16.47 -22.71
CA ASP F 348 -19.38 17.25 -21.53
C ASP F 348 -18.37 18.40 -21.40
N LYS F 349 -18.51 19.18 -20.32
CA LYS F 349 -17.69 20.36 -20.09
C LYS F 349 -16.28 19.95 -19.67
N GLU F 350 -16.15 18.74 -19.11
CA GLU F 350 -14.87 18.25 -18.62
C GLU F 350 -13.89 18.10 -19.79
N GLN F 351 -14.33 17.39 -20.84
CA GLN F 351 -13.51 17.18 -22.03
C GLN F 351 -13.28 18.51 -22.74
N TYR F 352 -14.36 19.29 -22.90
CA TYR F 352 -14.33 20.59 -23.54
C TYR F 352 -13.18 21.43 -22.98
N ASP F 353 -13.11 21.55 -21.65
CA ASP F 353 -12.10 22.35 -20.98
C ASP F 353 -10.72 21.73 -21.16
N LYS F 354 -10.65 20.40 -21.11
CA LYS F 354 -9.38 19.68 -21.22
C LYS F 354 -8.77 19.89 -22.60
N ILE F 355 -9.62 19.82 -23.64
CA ILE F 355 -9.18 19.93 -25.02
C ILE F 355 -8.66 21.35 -25.27
N LEU F 356 -9.40 22.36 -24.79
CA LEU F 356 -9.02 23.75 -24.94
C LEU F 356 -7.72 24.02 -24.19
N ASP F 357 -7.53 23.34 -23.05
CA ASP F 357 -6.33 23.49 -22.23
C ASP F 357 -5.10 23.04 -23.01
N LEU F 358 -5.23 21.90 -23.71
CA LEU F 358 -4.11 21.33 -24.46
C LEU F 358 -3.85 22.14 -25.72
N ILE F 359 -4.90 22.75 -26.29
CA ILE F 359 -4.75 23.61 -27.45
C ILE F 359 -3.93 24.83 -27.07
N GLU F 360 -4.14 25.37 -25.86
CA GLU F 360 -3.39 26.51 -25.38
C GLU F 360 -1.92 26.15 -25.21
N SER F 361 -1.63 24.95 -24.70
CA SER F 361 -0.27 24.49 -24.50
C SER F 361 0.47 24.40 -25.82
N GLY F 362 -0.26 24.01 -26.89
CA GLY F 362 0.30 23.95 -28.23
C GLY F 362 0.84 25.30 -28.70
N LYS F 363 0.11 26.37 -28.37
CA LYS F 363 0.50 27.73 -28.71
C LYS F 363 1.64 28.17 -27.78
N LYS F 364 1.45 27.95 -26.47
CA LYS F 364 2.37 28.40 -25.45
C LYS F 364 3.74 27.73 -25.63
N GLU F 365 3.75 26.44 -25.97
CA GLU F 365 4.99 25.69 -26.16
C GLU F 365 5.55 25.94 -27.57
N GLY F 366 4.77 26.64 -28.42
CA GLY F 366 5.30 27.22 -29.64
C GLY F 366 5.17 26.28 -30.84
N ALA F 367 4.04 25.58 -30.93
CA ALA F 367 3.69 24.83 -32.13
C ALA F 367 2.90 25.75 -33.06
N LYS F 368 3.07 25.57 -34.38
CA LYS F 368 2.45 26.43 -35.36
C LYS F 368 0.98 26.04 -35.52
N LEU F 369 0.07 26.97 -35.16
CA LEU F 369 -1.35 26.78 -35.36
C LEU F 369 -1.69 27.05 -36.83
N GLU F 370 -2.11 25.99 -37.54
CA GLU F 370 -2.38 26.08 -38.97
C GLU F 370 -3.83 26.51 -39.20
N CYS F 371 -4.75 25.97 -38.39
CA CYS F 371 -6.14 26.39 -38.42
C CYS F 371 -6.81 26.06 -37.10
N GLY F 372 -8.05 26.53 -36.92
CA GLY F 372 -8.82 26.31 -35.71
C GLY F 372 -8.14 26.93 -34.50
N GLY F 373 -8.14 26.20 -33.38
CA GLY F 373 -7.44 26.60 -32.16
C GLY F 373 -8.28 27.52 -31.29
N GLY F 374 -9.50 27.06 -30.96
CA GLY F 374 -10.41 27.82 -30.11
C GLY F 374 -11.80 27.20 -30.07
N PRO F 375 -12.69 27.68 -29.19
CA PRO F 375 -14.07 27.16 -29.10
C PRO F 375 -14.97 27.71 -30.20
N TRP F 376 -16.20 27.20 -30.25
CA TRP F 376 -17.19 27.62 -31.23
C TRP F 376 -18.58 27.61 -30.58
N GLY F 377 -19.36 28.66 -30.86
CA GLY F 377 -20.76 28.70 -30.47
C GLY F 377 -20.95 29.22 -29.04
N ASN F 378 -22.17 29.69 -28.75
CA ASN F 378 -22.56 30.11 -27.41
C ASN F 378 -23.07 28.88 -26.65
N LYS F 379 -23.89 28.07 -27.33
CA LYS F 379 -24.47 26.87 -26.76
C LYS F 379 -23.75 25.63 -27.30
N GLY F 380 -23.68 24.59 -26.47
CA GLY F 380 -23.03 23.34 -26.83
C GLY F 380 -21.53 23.39 -26.56
N TYR F 381 -20.91 22.21 -26.40
CA TYR F 381 -19.48 22.10 -26.18
C TYR F 381 -18.80 21.77 -27.50
N PHE F 382 -18.66 22.80 -28.34
CA PHE F 382 -18.09 22.67 -29.68
C PHE F 382 -16.66 23.23 -29.68
N VAL F 383 -15.73 22.44 -30.23
CA VAL F 383 -14.36 22.88 -30.42
C VAL F 383 -14.07 22.94 -31.92
N GLN F 384 -13.39 24.01 -32.34
CA GLN F 384 -13.03 24.19 -33.74
C GLN F 384 -12.04 23.09 -34.14
N PRO F 385 -12.13 22.53 -35.37
CA PRO F 385 -11.14 21.57 -35.84
C PRO F 385 -9.78 22.24 -35.96
N THR F 386 -8.85 21.83 -35.09
CA THR F 386 -7.56 22.47 -34.92
C THR F 386 -6.48 21.61 -35.58
N VAL F 387 -5.47 22.28 -36.14
CA VAL F 387 -4.33 21.61 -36.75
C VAL F 387 -3.05 22.32 -36.29
N PHE F 388 -2.12 21.54 -35.72
CA PHE F 388 -0.81 22.03 -35.34
C PHE F 388 0.25 21.42 -36.26
N SER F 389 1.26 22.22 -36.59
CA SER F 389 2.42 21.76 -37.35
C SER F 389 3.69 22.20 -36.64
N ASN F 390 4.83 21.70 -37.12
CA ASN F 390 6.14 21.95 -36.52
C ASN F 390 6.08 21.55 -35.04
N VAL F 391 5.51 20.37 -34.78
CA VAL F 391 5.33 19.86 -33.43
C VAL F 391 6.56 19.05 -33.05
N THR F 392 7.02 19.21 -31.81
CA THR F 392 8.19 18.49 -31.30
C THR F 392 7.72 17.39 -30.35
N ASP F 393 8.65 16.47 -30.02
CA ASP F 393 8.34 15.27 -29.26
C ASP F 393 8.04 15.61 -27.81
N GLU F 394 8.64 16.70 -27.30
CA GLU F 394 8.53 17.05 -25.89
C GLU F 394 7.49 18.15 -25.68
N MET F 395 6.43 18.12 -26.49
CA MET F 395 5.28 19.01 -26.31
C MET F 395 4.14 18.22 -25.67
N ARG F 396 3.26 18.93 -24.95
CA ARG F 396 2.12 18.31 -24.28
C ARG F 396 1.18 17.68 -25.29
N ILE F 397 1.01 18.35 -26.44
CA ILE F 397 0.10 17.91 -27.48
C ILE F 397 0.70 16.72 -28.25
N ALA F 398 1.99 16.44 -28.03
CA ALA F 398 2.66 15.32 -28.68
C ALA F 398 2.92 14.20 -27.68
N LYS F 399 2.25 14.25 -26.51
CA LYS F 399 2.47 13.28 -25.46
C LYS F 399 1.12 12.85 -24.85
N GLU F 400 0.38 13.82 -24.32
CA GLU F 400 -0.89 13.56 -23.66
C GLU F 400 -1.98 13.31 -24.69
N GLU F 401 -2.90 12.39 -24.38
CA GLU F 401 -4.05 12.12 -25.23
C GLU F 401 -5.03 13.30 -25.10
N ILE F 402 -5.45 13.83 -26.25
CA ILE F 402 -6.28 15.04 -26.30
C ILE F 402 -7.75 14.64 -26.20
N PHE F 403 -8.15 13.69 -27.06
CA PHE F 403 -9.51 13.18 -27.12
C PHE F 403 -10.44 14.29 -27.61
N GLY F 404 -9.95 15.06 -28.59
CA GLY F 404 -10.69 16.15 -29.20
C GLY F 404 -10.23 16.36 -30.65
N PRO F 405 -10.89 17.26 -31.42
CA PRO F 405 -10.52 17.47 -32.83
C PRO F 405 -9.27 18.32 -32.98
N VAL F 406 -8.11 17.71 -32.71
CA VAL F 406 -6.82 18.37 -32.80
C VAL F 406 -5.84 17.42 -33.47
N GLN F 407 -5.17 17.91 -34.53
CA GLN F 407 -4.26 17.10 -35.33
C GLN F 407 -2.84 17.66 -35.16
N GLN F 408 -1.88 16.77 -34.88
CA GLN F 408 -0.48 17.14 -34.77
C GLN F 408 0.28 16.52 -35.94
N ILE F 409 0.95 17.37 -36.73
CA ILE F 409 1.73 16.92 -37.87
C ILE F 409 3.20 17.22 -37.60
N MET F 410 4.04 16.19 -37.78
CA MET F 410 5.44 16.22 -37.37
C MET F 410 6.28 15.69 -38.53
N LYS F 411 7.53 16.16 -38.62
CA LYS F 411 8.40 15.79 -39.73
C LYS F 411 9.48 14.84 -39.25
N PHE F 412 9.94 13.96 -40.15
CA PHE F 412 11.08 13.11 -39.90
C PHE F 412 11.95 13.03 -41.16
N LYS F 413 13.12 12.39 -41.02
CA LYS F 413 14.03 12.17 -42.12
C LYS F 413 14.59 10.75 -42.05
N SER F 414 15.00 10.32 -40.85
CA SER F 414 15.47 8.97 -40.62
C SER F 414 14.30 8.05 -40.29
N LEU F 415 14.20 6.92 -41.00
CA LEU F 415 13.13 5.96 -40.79
C LEU F 415 13.32 5.25 -39.45
N ASP F 416 14.59 4.93 -39.12
CA ASP F 416 14.92 4.21 -37.91
C ASP F 416 14.55 5.05 -36.69
N ASP F 417 14.78 6.37 -36.78
CA ASP F 417 14.57 7.28 -35.67
C ASP F 417 13.07 7.43 -35.39
N VAL F 418 12.29 7.69 -36.44
CA VAL F 418 10.87 7.98 -36.28
C VAL F 418 10.14 6.79 -35.67
N ILE F 419 10.60 5.57 -35.98
CA ILE F 419 10.04 4.35 -35.41
C ILE F 419 10.26 4.34 -33.90
N LYS F 420 11.45 4.78 -33.47
CA LYS F 420 11.80 4.81 -32.05
C LYS F 420 11.06 5.95 -31.36
N ARG F 421 10.82 7.05 -32.11
CA ARG F 421 10.04 8.18 -31.61
C ARG F 421 8.57 7.76 -31.45
N ALA F 422 8.07 6.96 -32.40
CA ALA F 422 6.70 6.48 -32.38
C ALA F 422 6.50 5.53 -31.20
N ASN F 423 7.50 4.66 -30.95
CA ASN F 423 7.42 3.68 -29.88
C ASN F 423 7.72 4.32 -28.53
N ASN F 424 8.35 5.50 -28.53
CA ASN F 424 8.70 6.21 -27.30
C ASN F 424 7.44 6.80 -26.68
N THR F 425 6.66 5.94 -26.01
CA THR F 425 5.44 6.33 -25.32
C THR F 425 4.92 5.14 -24.52
N PHE F 426 4.28 5.42 -23.38
CA PHE F 426 3.70 4.38 -22.54
C PHE F 426 2.45 3.80 -23.20
N TYR F 427 1.83 4.57 -24.10
CA TYR F 427 0.72 4.10 -24.89
C TYR F 427 1.20 3.19 -26.02
N GLY F 428 0.24 2.55 -26.70
CA GLY F 428 0.53 1.71 -27.86
C GLY F 428 -0.70 0.92 -28.30
N LEU F 429 -1.80 1.65 -28.55
CA LEU F 429 -3.07 1.03 -28.90
C LEU F 429 -3.11 0.71 -30.39
N SER F 430 -2.59 1.64 -31.22
CA SER F 430 -2.62 1.47 -32.65
C SER F 430 -1.53 2.32 -33.31
N ALA F 431 -1.42 2.19 -34.64
CA ALA F 431 -0.50 2.98 -35.45
C ALA F 431 -0.96 2.94 -36.91
N GLY F 432 -0.31 3.77 -37.74
CA GLY F 432 -0.60 3.86 -39.16
C GLY F 432 0.66 3.96 -40.00
N VAL F 433 0.77 3.11 -41.03
CA VAL F 433 1.92 3.11 -41.92
C VAL F 433 1.43 3.33 -43.34
N PHE F 434 2.01 4.32 -44.02
CA PHE F 434 1.59 4.70 -45.36
C PHE F 434 2.79 4.65 -46.30
N THR F 435 2.88 3.57 -47.08
CA THR F 435 3.96 3.38 -48.04
C THR F 435 3.53 2.35 -49.08
N LYS F 436 4.19 2.39 -50.24
CA LYS F 436 3.92 1.47 -51.34
C LYS F 436 4.83 0.24 -51.25
N ASP F 437 5.99 0.39 -50.58
CA ASP F 437 6.99 -0.67 -50.53
C ASP F 437 6.56 -1.72 -49.51
N ILE F 438 6.64 -3.00 -49.92
CA ILE F 438 6.19 -4.11 -49.08
C ILE F 438 7.16 -4.26 -47.90
N ASP F 439 8.46 -4.37 -48.23
CA ASP F 439 9.50 -4.56 -47.23
C ASP F 439 9.32 -3.54 -46.11
N LYS F 440 9.15 -2.28 -46.50
CA LYS F 440 8.95 -1.18 -45.55
C LYS F 440 7.73 -1.46 -44.68
N ALA F 441 6.59 -1.72 -45.32
CA ALA F 441 5.32 -1.87 -44.61
C ALA F 441 5.42 -2.98 -43.56
N ILE F 442 5.95 -4.14 -43.96
CA ILE F 442 6.00 -5.32 -43.10
C ILE F 442 6.96 -5.06 -41.94
N THR F 443 8.15 -4.54 -42.25
CA THR F 443 9.20 -4.34 -41.26
C THR F 443 8.78 -3.26 -40.25
N ILE F 444 8.27 -2.12 -40.77
CA ILE F 444 7.87 -1.01 -39.92
C ILE F 444 6.76 -1.48 -38.99
N SER F 445 5.75 -2.17 -39.54
CA SER F 445 4.63 -2.65 -38.76
C SER F 445 5.10 -3.64 -37.69
N SER F 446 6.12 -4.44 -38.00
CA SER F 446 6.68 -5.40 -37.06
C SER F 446 7.41 -4.69 -35.93
N ALA F 447 8.02 -3.54 -36.25
CA ALA F 447 8.82 -2.78 -35.31
C ALA F 447 7.94 -1.99 -34.34
N LEU F 448 6.89 -1.37 -34.88
CA LEU F 448 5.97 -0.56 -34.09
C LEU F 448 5.35 -1.40 -32.98
N GLN F 449 5.25 -0.80 -31.79
CA GLN F 449 4.69 -1.46 -30.61
C GLN F 449 3.23 -1.05 -30.45
N ALA F 450 2.39 -1.49 -31.38
CA ALA F 450 0.98 -1.15 -31.40
C ALA F 450 0.13 -2.42 -31.50
N GLY F 451 -1.06 -2.37 -30.91
CA GLY F 451 -1.97 -3.51 -30.89
C GLY F 451 -2.58 -3.78 -32.26
N THR F 452 -2.86 -2.69 -33.00
CA THR F 452 -3.39 -2.77 -34.35
C THR F 452 -2.65 -1.80 -35.25
N VAL F 453 -2.05 -2.31 -36.33
CA VAL F 453 -1.29 -1.49 -37.25
C VAL F 453 -1.99 -1.50 -38.61
N TRP F 454 -2.33 -0.30 -39.11
CA TRP F 454 -3.01 -0.15 -40.38
C TRP F 454 -1.98 0.26 -41.45
N VAL F 455 -2.06 -0.40 -42.61
CA VAL F 455 -1.15 -0.11 -43.71
C VAL F 455 -1.96 0.52 -44.85
N ASN F 456 -1.62 1.77 -45.18
CA ASN F 456 -2.32 2.56 -46.20
C ASN F 456 -3.81 2.65 -45.86
N CYS F 457 -4.11 2.77 -44.56
CA CYS F 457 -5.46 3.00 -44.07
C CYS F 457 -5.37 3.34 -42.58
N TYR F 458 -6.54 3.60 -41.96
CA TYR F 458 -6.59 3.90 -40.53
C TYR F 458 -8.02 3.77 -40.02
N GLY F 459 -8.15 3.34 -38.76
CA GLY F 459 -9.44 3.24 -38.09
C GLY F 459 -10.34 2.16 -38.69
N VAL F 460 -9.71 1.11 -39.24
CA VAL F 460 -10.44 0.01 -39.88
C VAL F 460 -10.58 -1.12 -38.88
N VAL F 461 -11.56 -1.00 -37.98
CA VAL F 461 -11.87 -2.04 -37.01
C VAL F 461 -13.10 -2.79 -37.48
N SER F 462 -13.06 -4.12 -37.36
CA SER F 462 -14.19 -4.98 -37.67
C SER F 462 -14.30 -6.04 -36.57
N ALA F 463 -15.39 -6.83 -36.64
CA ALA F 463 -15.71 -7.80 -35.60
C ALA F 463 -14.76 -8.99 -35.65
N GLN F 464 -14.25 -9.31 -36.86
CA GLN F 464 -13.48 -10.52 -37.08
C GLN F 464 -12.05 -10.35 -36.56
N CYS F 465 -11.53 -9.12 -36.59
CA CYS F 465 -10.15 -8.85 -36.22
C CYS F 465 -10.04 -8.59 -34.72
N PRO F 466 -9.03 -9.15 -34.02
CA PRO F 466 -8.82 -8.89 -32.59
C PRO F 466 -8.18 -7.53 -32.34
N PHE F 467 -8.79 -6.76 -31.44
CA PHE F 467 -8.41 -5.37 -31.20
C PHE F 467 -8.01 -5.18 -29.74
N GLY F 468 -6.78 -4.69 -29.52
CA GLY F 468 -6.29 -4.39 -28.18
C GLY F 468 -5.11 -3.41 -28.25
N GLY F 469 -4.24 -3.46 -27.22
CA GLY F 469 -3.14 -2.52 -27.12
C GLY F 469 -1.90 -3.10 -26.45
N PHE F 470 -0.73 -2.61 -26.85
CA PHE F 470 0.54 -2.88 -26.19
C PHE F 470 0.70 -1.92 -25.00
N LYS F 471 1.51 -2.34 -24.02
CA LYS F 471 1.94 -1.48 -22.93
C LYS F 471 0.71 -0.97 -22.16
N MET F 472 0.63 0.35 -21.92
CA MET F 472 -0.40 0.93 -21.08
C MET F 472 -1.56 1.45 -21.93
N SER F 473 -1.92 0.69 -22.97
CA SER F 473 -3.08 0.98 -23.80
C SER F 473 -4.09 -0.16 -23.72
N GLY F 474 -3.79 -1.20 -22.93
CA GLY F 474 -4.68 -2.34 -22.79
C GLY F 474 -4.06 -3.48 -22.01
N ASN F 475 -4.90 -4.46 -21.63
CA ASN F 475 -4.45 -5.65 -20.93
C ASN F 475 -5.08 -6.90 -21.55
N GLY F 476 -5.54 -6.80 -22.82
CA GLY F 476 -6.17 -7.93 -23.48
C GLY F 476 -6.85 -7.55 -24.80
N ARG F 477 -7.22 -8.59 -25.57
CA ARG F 477 -7.92 -8.42 -26.84
C ARG F 477 -9.41 -8.67 -26.64
N GLU F 478 -10.25 -8.06 -27.49
CA GLU F 478 -11.69 -8.03 -27.27
C GLU F 478 -12.49 -8.70 -28.38
N LEU F 479 -11.96 -8.74 -29.61
CA LEU F 479 -12.72 -9.22 -30.76
C LEU F 479 -12.00 -10.38 -31.42
N GLY F 480 -12.63 -10.96 -32.46
CA GLY F 480 -12.05 -12.04 -33.22
C GLY F 480 -12.01 -13.35 -32.43
N GLU F 481 -11.21 -14.30 -32.91
CA GLU F 481 -11.08 -15.59 -32.25
C GLU F 481 -10.41 -15.43 -30.89
N TYR F 482 -9.40 -14.54 -30.82
CA TYR F 482 -8.57 -14.39 -29.64
C TYR F 482 -9.31 -13.64 -28.53
N GLY F 483 -10.26 -12.79 -28.92
CA GLY F 483 -11.03 -12.00 -27.97
C GLY F 483 -11.91 -12.87 -27.08
N PHE F 484 -12.31 -14.04 -27.59
CA PHE F 484 -13.19 -14.95 -26.87
C PHE F 484 -12.42 -15.75 -25.84
N HIS F 485 -11.09 -15.88 -26.02
CA HIS F 485 -10.25 -16.64 -25.10
C HIS F 485 -10.26 -16.00 -23.71
N GLU F 486 -10.57 -14.70 -23.63
CA GLU F 486 -10.46 -13.94 -22.41
C GLU F 486 -11.81 -13.86 -21.69
N TYR F 487 -12.83 -14.54 -22.24
CA TYR F 487 -14.11 -14.71 -21.57
C TYR F 487 -14.38 -16.19 -21.32
N THR F 488 -13.32 -16.98 -21.14
CA THR F 488 -13.42 -18.39 -20.87
C THR F 488 -12.41 -18.82 -19.81
N GLU F 489 -12.75 -19.91 -19.10
CA GLU F 489 -11.88 -20.50 -18.09
C GLU F 489 -11.64 -21.95 -18.48
N VAL F 490 -10.36 -22.33 -18.60
CA VAL F 490 -9.99 -23.62 -19.19
C VAL F 490 -9.83 -24.65 -18.08
N LYS F 491 -10.75 -25.62 -18.03
CA LYS F 491 -10.67 -26.75 -17.12
C LYS F 491 -10.00 -27.92 -17.84
N THR F 492 -9.07 -28.58 -17.14
CA THR F 492 -8.35 -29.73 -17.66
C THR F 492 -8.82 -30.98 -16.92
N VAL F 493 -9.33 -31.96 -17.68
CA VAL F 493 -9.83 -33.20 -17.09
C VAL F 493 -8.94 -34.36 -17.56
N THR F 494 -8.18 -34.93 -16.62
CA THR F 494 -7.28 -36.03 -16.92
C THR F 494 -7.84 -37.30 -16.28
N VAL F 495 -8.15 -38.29 -17.13
CA VAL F 495 -8.79 -39.52 -16.71
C VAL F 495 -7.77 -40.65 -16.79
N LYS F 496 -7.65 -41.44 -15.71
CA LYS F 496 -6.76 -42.59 -15.70
C LYS F 496 -7.42 -43.73 -16.46
N ILE F 497 -6.64 -44.40 -17.33
CA ILE F 497 -7.12 -45.54 -18.09
C ILE F 497 -6.11 -46.68 -17.96
N SER F 498 -6.54 -47.87 -18.40
CA SER F 498 -5.75 -49.09 -18.29
C SER F 498 -4.58 -49.03 -19.27
N GLN F 499 -4.90 -48.86 -20.55
CA GLN F 499 -3.88 -48.75 -21.59
C GLN F 499 -4.28 -47.63 -22.57
N LYS F 500 -3.28 -46.83 -22.96
CA LYS F 500 -3.44 -45.77 -23.94
C LYS F 500 -3.04 -46.31 -25.31
N ASN F 501 -3.72 -45.82 -26.36
CA ASN F 501 -3.36 -46.09 -27.74
C ASN F 501 -3.57 -44.81 -28.55
N SER F 502 -2.63 -44.52 -29.46
CA SER F 502 -2.64 -43.30 -30.25
C SER F 502 -3.89 -43.23 -31.15
N ASP G 9 17.40 -47.95 -11.19
CA ASP G 9 18.75 -47.36 -11.29
C ASP G 9 18.72 -45.95 -10.68
N LEU G 10 18.97 -45.87 -9.38
CA LEU G 10 19.14 -44.59 -8.69
C LEU G 10 20.62 -44.36 -8.36
N PRO G 11 21.42 -43.86 -9.35
CA PRO G 11 22.82 -43.54 -9.09
C PRO G 11 22.96 -42.26 -8.26
N VAL G 12 23.78 -42.35 -7.20
CA VAL G 12 24.04 -41.22 -6.32
C VAL G 12 25.36 -40.57 -6.73
N LEU G 13 25.55 -39.33 -6.30
CA LEU G 13 26.73 -38.55 -6.69
C LEU G 13 27.97 -39.20 -6.09
N LEU G 14 28.94 -39.56 -6.95
CA LEU G 14 30.15 -40.25 -6.52
C LEU G 14 31.01 -39.32 -5.66
N THR G 15 31.26 -38.11 -6.17
CA THR G 15 32.00 -37.09 -5.44
C THR G 15 31.09 -36.45 -4.41
N ASP G 16 31.68 -35.64 -3.52
CA ASP G 16 30.93 -34.82 -2.59
C ASP G 16 30.55 -33.52 -3.32
N LEU G 17 29.32 -33.05 -3.09
CA LEU G 17 28.79 -31.89 -3.79
C LEU G 17 29.46 -30.62 -3.27
N LYS G 18 29.87 -29.75 -4.21
CA LYS G 18 30.55 -28.52 -3.88
C LYS G 18 29.91 -27.36 -4.64
N ILE G 19 29.27 -26.46 -3.89
CA ILE G 19 28.54 -25.32 -4.43
C ILE G 19 29.54 -24.36 -5.09
N GLN G 20 29.09 -23.69 -6.15
CA GLN G 20 29.94 -22.77 -6.90
C GLN G 20 29.20 -21.47 -7.19
N TYR G 21 28.02 -21.58 -7.83
CA TYR G 21 27.28 -20.43 -8.31
C TYR G 21 26.39 -19.90 -7.20
N THR G 22 26.76 -18.74 -6.65
CA THR G 22 26.06 -18.12 -5.52
C THR G 22 25.99 -16.62 -5.71
N LYS G 23 25.75 -16.17 -6.95
CA LYS G 23 25.80 -14.76 -7.28
C LYS G 23 24.68 -14.38 -8.23
N ILE G 24 24.44 -13.07 -8.36
CA ILE G 24 23.40 -12.53 -9.22
C ILE G 24 23.84 -12.69 -10.67
N PHE G 25 22.89 -13.04 -11.55
CA PHE G 25 23.17 -13.39 -12.93
C PHE G 25 22.51 -12.38 -13.86
N ILE G 26 23.34 -11.51 -14.46
CA ILE G 26 22.85 -10.49 -15.39
C ILE G 26 23.80 -10.44 -16.59
N ASN G 27 23.22 -10.42 -17.80
CA ASN G 27 23.96 -10.43 -19.06
C ASN G 27 24.95 -11.59 -19.07
N ASN G 28 24.47 -12.78 -18.67
CA ASN G 28 25.25 -14.01 -18.71
C ASN G 28 26.61 -13.79 -18.02
N GLU G 29 26.60 -13.10 -16.88
CA GLU G 29 27.79 -12.90 -16.06
C GLU G 29 27.38 -12.70 -14.60
N TRP G 30 28.32 -12.96 -13.69
CA TRP G 30 28.04 -13.05 -12.27
C TRP G 30 28.31 -11.71 -11.58
N HIS G 31 27.23 -11.04 -11.13
CA HIS G 31 27.34 -9.77 -10.44
C HIS G 31 27.24 -9.99 -8.93
N ASP G 32 27.80 -9.05 -8.17
CA ASP G 32 27.62 -8.99 -6.72
C ASP G 32 26.38 -8.16 -6.43
N SER G 33 25.89 -8.26 -5.20
CA SER G 33 24.79 -7.42 -4.73
C SER G 33 25.28 -5.98 -4.63
N VAL G 34 24.44 -5.05 -5.12
CA VAL G 34 24.75 -3.63 -5.12
C VAL G 34 25.02 -3.18 -3.68
N SER G 35 24.17 -3.62 -2.74
CA SER G 35 24.36 -3.34 -1.33
C SER G 35 25.62 -4.03 -0.80
N GLY G 36 25.89 -5.23 -1.31
CA GLY G 36 27.03 -6.02 -0.88
C GLY G 36 26.63 -7.11 0.12
N LYS G 37 25.38 -7.04 0.61
CA LYS G 37 24.87 -7.95 1.62
C LYS G 37 24.61 -9.32 1.00
N LYS G 38 24.61 -10.36 1.84
CA LYS G 38 24.44 -11.73 1.41
C LYS G 38 23.57 -12.46 2.43
N PHE G 39 22.60 -13.25 1.94
CA PHE G 39 21.73 -14.03 2.80
C PHE G 39 22.20 -15.48 2.80
N PRO G 40 22.02 -16.24 3.91
CA PRO G 40 22.43 -17.64 3.99
C PRO G 40 21.41 -18.61 3.40
N VAL G 41 21.87 -19.83 3.10
CA VAL G 41 21.02 -20.90 2.60
C VAL G 41 21.32 -22.15 3.43
N PHE G 42 20.28 -22.73 4.04
CA PHE G 42 20.44 -23.86 4.94
C PHE G 42 19.90 -25.14 4.30
N ASN G 43 20.41 -26.28 4.77
CA ASN G 43 19.81 -27.58 4.53
C ASN G 43 18.70 -27.76 5.57
N PRO G 44 17.42 -27.88 5.17
CA PRO G 44 16.31 -28.04 6.12
C PRO G 44 16.38 -29.32 6.96
N ALA G 45 17.10 -30.33 6.46
CA ALA G 45 17.26 -31.61 7.14
C ALA G 45 18.21 -31.46 8.33
N THR G 46 19.37 -30.85 8.10
CA THR G 46 20.45 -30.80 9.08
C THR G 46 20.50 -29.44 9.78
N GLU G 47 19.77 -28.45 9.24
CA GLU G 47 19.77 -27.07 9.73
C GLU G 47 21.14 -26.42 9.54
N GLU G 48 22.03 -27.08 8.78
CA GLU G 48 23.38 -26.57 8.55
C GLU G 48 23.32 -25.47 7.50
N GLU G 49 24.22 -24.50 7.58
CA GLU G 49 24.35 -23.50 6.53
C GLU G 49 25.18 -24.10 5.39
N LEU G 50 24.65 -24.04 4.17
CA LEU G 50 25.32 -24.54 2.99
C LEU G 50 26.28 -23.47 2.46
N CYS G 51 25.77 -22.25 2.31
CA CYS G 51 26.54 -21.12 1.79
C CYS G 51 25.78 -19.82 2.00
N GLN G 52 26.34 -18.73 1.48
CA GLN G 52 25.63 -17.45 1.40
C GLN G 52 25.56 -17.00 -0.05
N VAL G 53 24.37 -16.52 -0.45
CA VAL G 53 24.12 -16.04 -1.79
C VAL G 53 24.00 -14.52 -1.75
N GLU G 54 24.33 -13.86 -2.86
CA GLU G 54 24.24 -12.41 -2.98
C GLU G 54 22.77 -12.01 -2.83
N GLU G 55 22.50 -11.02 -1.96
CA GLU G 55 21.15 -10.57 -1.66
C GLU G 55 20.76 -9.47 -2.64
N GLY G 56 19.84 -9.79 -3.56
CA GLY G 56 19.34 -8.85 -4.55
C GLY G 56 18.26 -7.95 -3.99
N ASP G 57 18.28 -6.68 -4.41
CA ASP G 57 17.23 -5.72 -4.08
C ASP G 57 16.87 -4.97 -5.36
N LYS G 58 16.28 -3.77 -5.25
CA LYS G 58 15.74 -3.06 -6.40
C LYS G 58 16.86 -2.74 -7.39
N GLU G 59 17.97 -2.20 -6.88
CA GLU G 59 19.08 -1.75 -7.72
C GLU G 59 19.54 -2.90 -8.62
N ASP G 60 19.57 -4.11 -8.04
CA ASP G 60 19.96 -5.31 -8.76
C ASP G 60 18.92 -5.66 -9.82
N VAL G 61 17.64 -5.52 -9.46
CA VAL G 61 16.55 -5.79 -10.38
C VAL G 61 16.61 -4.80 -11.55
N ASP G 62 16.82 -3.52 -11.23
CA ASP G 62 16.85 -2.46 -12.23
C ASP G 62 17.93 -2.74 -13.26
N LYS G 63 19.07 -3.31 -12.82
CA LYS G 63 20.13 -3.74 -13.70
C LYS G 63 19.63 -4.87 -14.60
N ALA G 64 19.01 -5.88 -13.98
CA ALA G 64 18.53 -7.06 -14.69
C ALA G 64 17.49 -6.67 -15.73
N VAL G 65 16.59 -5.75 -15.37
CA VAL G 65 15.52 -5.31 -16.25
C VAL G 65 16.11 -4.63 -17.48
N LYS G 66 17.12 -3.78 -17.26
CA LYS G 66 17.72 -3.01 -18.33
C LYS G 66 18.54 -3.91 -19.24
N ALA G 67 19.05 -5.02 -18.70
CA ALA G 67 19.73 -6.04 -19.50
C ALA G 67 18.71 -6.78 -20.37
N ALA G 68 17.55 -7.10 -19.78
CA ALA G 68 16.49 -7.83 -20.46
C ALA G 68 15.88 -6.96 -21.57
N ARG G 69 15.64 -5.69 -21.25
CA ARG G 69 15.07 -4.75 -22.21
C ARG G 69 16.03 -4.56 -23.38
N GLN G 70 17.33 -4.50 -23.09
CA GLN G 70 18.37 -4.36 -24.10
C GLN G 70 18.36 -5.58 -25.02
N ALA G 71 18.18 -6.77 -24.41
CA ALA G 71 18.19 -8.02 -25.15
C ALA G 71 16.93 -8.17 -26.00
N PHE G 72 15.88 -7.41 -25.67
CA PHE G 72 14.60 -7.48 -26.36
C PHE G 72 14.48 -6.38 -27.42
N GLN G 73 15.53 -5.58 -27.60
CA GLN G 73 15.49 -4.46 -28.54
C GLN G 73 15.31 -4.99 -29.97
N ILE G 74 14.59 -4.21 -30.77
CA ILE G 74 14.34 -4.55 -32.16
C ILE G 74 15.67 -4.58 -32.90
N GLY G 75 16.02 -5.75 -33.47
CA GLY G 75 17.27 -5.92 -34.20
C GLY G 75 18.31 -6.68 -33.38
N SER G 76 18.01 -6.94 -32.11
CA SER G 76 18.91 -7.69 -31.24
C SER G 76 18.95 -9.16 -31.69
N PRO G 77 19.99 -9.92 -31.31
CA PRO G 77 20.07 -11.35 -31.67
C PRO G 77 18.83 -12.15 -31.34
N TRP G 78 18.23 -11.89 -30.16
CA TRP G 78 17.11 -12.67 -29.65
C TRP G 78 15.86 -12.46 -30.48
N ARG G 79 15.70 -11.25 -31.04
CA ARG G 79 14.51 -10.90 -31.82
C ARG G 79 14.66 -11.36 -33.26
N THR G 80 15.86 -11.18 -33.83
CA THR G 80 16.14 -11.54 -35.21
C THR G 80 16.29 -13.06 -35.36
N MET G 81 16.83 -13.70 -34.32
CA MET G 81 17.08 -15.13 -34.31
C MET G 81 15.82 -15.89 -34.74
N ASP G 82 16.02 -16.99 -35.49
CA ASP G 82 14.93 -17.80 -35.99
C ASP G 82 14.18 -18.44 -34.82
N ALA G 83 12.87 -18.64 -35.01
CA ALA G 83 12.04 -19.30 -34.00
C ALA G 83 12.56 -20.70 -33.73
N SER G 84 12.96 -21.40 -34.80
CA SER G 84 13.52 -22.74 -34.71
C SER G 84 14.76 -22.75 -33.82
N GLU G 85 15.58 -21.69 -33.92
CA GLU G 85 16.83 -21.61 -33.20
C GLU G 85 16.58 -21.38 -31.71
N ARG G 86 15.54 -20.62 -31.37
CA ARG G 86 15.19 -20.40 -29.97
C ARG G 86 14.88 -21.73 -29.29
N GLY G 87 14.19 -22.62 -30.01
CA GLY G 87 13.89 -23.95 -29.53
C GLY G 87 15.13 -24.83 -29.43
N ARG G 88 16.09 -24.62 -30.35
CA ARG G 88 17.32 -25.39 -30.36
C ARG G 88 18.14 -25.10 -29.10
N LEU G 89 18.14 -23.83 -28.66
CA LEU G 89 18.84 -23.43 -27.45
C LEU G 89 18.14 -24.04 -26.22
N LEU G 90 16.80 -24.03 -26.24
CA LEU G 90 16.02 -24.62 -25.16
C LEU G 90 16.26 -26.14 -25.09
N TYR G 91 16.45 -26.77 -26.26
CA TYR G 91 16.65 -28.20 -26.32
C TYR G 91 18.07 -28.55 -25.89
N LYS G 92 19.05 -27.70 -26.25
CA LYS G 92 20.42 -27.86 -25.78
C LYS G 92 20.46 -27.74 -24.26
N LEU G 93 19.74 -26.75 -23.73
CA LEU G 93 19.71 -26.50 -22.29
C LEU G 93 19.18 -27.73 -21.55
N ALA G 94 18.17 -28.40 -22.13
CA ALA G 94 17.62 -29.61 -21.57
C ALA G 94 18.67 -30.71 -21.51
N ASP G 95 19.52 -30.78 -22.54
CA ASP G 95 20.58 -31.78 -22.63
C ASP G 95 21.63 -31.49 -21.57
N LEU G 96 21.93 -30.20 -21.32
CA LEU G 96 22.90 -29.79 -20.33
C LEU G 96 22.41 -30.14 -18.93
N ILE G 97 21.11 -29.99 -18.70
CA ILE G 97 20.50 -30.33 -17.41
C ILE G 97 20.51 -31.84 -17.22
N GLU G 98 20.32 -32.59 -18.31
CA GLU G 98 20.34 -34.05 -18.27
C GLU G 98 21.76 -34.53 -17.97
N ARG G 99 22.76 -33.81 -18.47
CA ARG G 99 24.16 -34.11 -18.18
C ARG G 99 24.44 -33.90 -16.70
N ASP G 100 24.04 -32.73 -16.17
CA ASP G 100 24.26 -32.38 -14.78
C ASP G 100 23.04 -32.77 -13.95
N ARG G 101 22.55 -34.00 -14.15
CA ARG G 101 21.31 -34.44 -13.53
C ARG G 101 21.58 -34.83 -12.08
N LEU G 102 22.69 -35.55 -11.85
CA LEU G 102 23.06 -35.98 -10.51
C LEU G 102 23.43 -34.77 -9.65
N LEU G 103 24.10 -33.80 -10.26
CA LEU G 103 24.55 -32.60 -9.57
C LEU G 103 23.32 -31.81 -9.08
N LEU G 104 22.35 -31.63 -9.96
CA LEU G 104 21.16 -30.84 -9.66
C LEU G 104 20.23 -31.61 -8.71
N ALA G 105 20.05 -32.91 -8.98
CA ALA G 105 19.20 -33.76 -8.14
C ALA G 105 19.70 -33.74 -6.69
N THR G 106 21.02 -33.80 -6.53
CA THR G 106 21.64 -33.78 -5.21
C THR G 106 21.45 -32.40 -4.57
N MET G 107 21.67 -31.35 -5.37
CA MET G 107 21.64 -29.98 -4.87
C MET G 107 20.21 -29.61 -4.48
N GLU G 108 19.24 -30.04 -5.29
CA GLU G 108 17.83 -29.81 -5.02
C GLU G 108 17.42 -30.53 -3.74
N SER G 109 17.90 -31.76 -3.58
CA SER G 109 17.57 -32.60 -2.44
C SER G 109 18.10 -31.98 -1.14
N MET G 110 19.32 -31.44 -1.21
CA MET G 110 19.96 -30.84 -0.05
C MET G 110 19.25 -29.56 0.33
N ASN G 111 19.06 -28.67 -0.66
CA ASN G 111 18.57 -27.33 -0.44
C ASN G 111 17.07 -27.35 -0.14
N GLY G 112 16.32 -28.10 -0.96
CA GLY G 112 14.86 -28.11 -0.89
C GLY G 112 14.29 -29.10 0.13
N GLY G 113 15.16 -29.94 0.69
CA GLY G 113 14.73 -30.99 1.62
C GLY G 113 13.82 -32.00 0.91
N LYS G 114 14.26 -32.42 -0.29
CA LYS G 114 13.43 -33.18 -1.21
C LYS G 114 14.05 -34.56 -1.40
N LEU G 115 13.22 -35.61 -1.32
CA LEU G 115 13.68 -36.98 -1.46
C LEU G 115 14.50 -37.09 -2.75
N TYR G 116 15.73 -37.59 -2.64
CA TYR G 116 16.67 -37.65 -3.75
C TYR G 116 16.03 -38.40 -4.93
N SER G 117 15.38 -39.52 -4.63
CA SER G 117 14.74 -40.34 -5.65
C SER G 117 13.71 -39.51 -6.42
N ASN G 118 12.83 -38.82 -5.68
CA ASN G 118 11.83 -37.94 -6.28
C ASN G 118 12.52 -36.84 -7.07
N ALA G 119 13.55 -36.23 -6.46
CA ALA G 119 14.29 -35.14 -7.08
C ALA G 119 14.89 -35.59 -8.41
N TYR G 120 15.42 -36.82 -8.45
CA TYR G 120 16.09 -37.34 -9.63
C TYR G 120 15.07 -37.83 -10.66
N LEU G 121 14.02 -38.53 -10.19
CA LEU G 121 13.12 -39.26 -11.06
C LEU G 121 11.95 -38.36 -11.50
N SER G 122 11.49 -37.46 -10.64
CA SER G 122 10.35 -36.61 -10.94
C SER G 122 10.80 -35.24 -11.43
N ASP G 123 11.54 -34.52 -10.58
CA ASP G 123 11.84 -33.11 -10.81
C ASP G 123 12.75 -32.95 -12.02
N LEU G 124 13.87 -33.67 -12.04
CA LEU G 124 14.85 -33.53 -13.12
C LEU G 124 14.27 -34.05 -14.43
N ALA G 125 13.47 -35.13 -14.36
CA ALA G 125 12.76 -35.64 -15.52
C ALA G 125 11.78 -34.59 -16.04
N GLY G 126 11.05 -33.96 -15.10
CA GLY G 126 10.08 -32.92 -15.42
C GLY G 126 10.70 -31.72 -16.11
N CYS G 127 11.89 -31.31 -15.66
CA CYS G 127 12.59 -30.16 -16.22
C CYS G 127 12.96 -30.42 -17.68
N ILE G 128 13.48 -31.61 -17.96
CA ILE G 128 13.95 -31.98 -19.28
C ILE G 128 12.75 -32.08 -20.23
N LYS G 129 11.74 -32.86 -19.84
CA LYS G 129 10.55 -33.09 -20.64
C LYS G 129 9.90 -31.76 -21.01
N THR G 130 9.79 -30.84 -20.04
CA THR G 130 9.08 -29.59 -20.22
C THR G 130 9.87 -28.67 -21.15
N LEU G 131 11.18 -28.53 -20.90
CA LEU G 131 12.04 -27.73 -21.76
C LEU G 131 11.94 -28.19 -23.21
N ARG G 132 11.95 -29.52 -23.40
CA ARG G 132 11.90 -30.12 -24.74
C ARG G 132 10.53 -29.91 -25.36
N TYR G 133 9.47 -29.96 -24.54
CA TYR G 133 8.13 -29.63 -25.00
C TYR G 133 8.09 -28.17 -25.47
N CYS G 134 8.66 -27.27 -24.65
CA CYS G 134 8.64 -25.85 -24.92
C CYS G 134 9.48 -25.51 -26.14
N ALA G 135 10.57 -26.26 -26.36
CA ALA G 135 11.40 -26.11 -27.55
C ALA G 135 10.54 -26.31 -28.80
N GLY G 136 9.66 -27.31 -28.75
CA GLY G 136 8.81 -27.67 -29.88
C GLY G 136 7.90 -26.53 -30.34
N TRP G 137 7.32 -25.79 -29.37
CA TRP G 137 6.36 -24.75 -29.68
C TRP G 137 7.01 -23.54 -30.34
N ALA G 138 8.31 -23.33 -30.09
CA ALA G 138 9.04 -22.14 -30.52
C ALA G 138 8.60 -21.69 -31.93
N ASP G 139 8.71 -22.60 -32.91
CA ASP G 139 8.46 -22.26 -34.30
C ASP G 139 7.07 -22.74 -34.73
N LYS G 140 6.16 -22.88 -33.75
CA LYS G 140 4.80 -23.30 -34.01
C LYS G 140 3.81 -22.35 -33.34
N ILE G 141 4.29 -21.20 -32.86
CA ILE G 141 3.44 -20.14 -32.35
C ILE G 141 2.97 -19.31 -33.55
N GLN G 142 1.85 -19.73 -34.15
CA GLN G 142 1.36 -19.15 -35.39
C GLN G 142 0.24 -18.15 -35.10
N GLY G 143 0.20 -17.08 -35.90
CA GLY G 143 -0.91 -16.14 -35.86
C GLY G 143 -2.04 -16.59 -36.79
N ARG G 144 -2.86 -15.63 -37.22
CA ARG G 144 -4.01 -15.90 -38.06
C ARG G 144 -4.07 -14.90 -39.21
N THR G 145 -4.81 -15.25 -40.27
CA THR G 145 -5.21 -14.31 -41.30
C THR G 145 -6.74 -14.25 -41.31
N ILE G 146 -7.29 -13.07 -40.99
CA ILE G 146 -8.72 -12.90 -40.80
C ILE G 146 -9.37 -12.52 -42.14
N PRO G 147 -10.51 -13.15 -42.52
CA PRO G 147 -11.30 -12.69 -43.67
C PRO G 147 -12.22 -11.53 -43.27
N ILE G 148 -11.59 -10.36 -43.09
CA ILE G 148 -12.24 -9.19 -42.53
C ILE G 148 -13.20 -8.59 -43.56
N ASP G 149 -14.18 -7.82 -43.09
CA ASP G 149 -15.08 -7.08 -43.97
C ASP G 149 -14.32 -5.94 -44.64
N GLY G 150 -14.72 -5.64 -45.88
CA GLY G 150 -14.09 -4.59 -46.67
C GLY G 150 -12.91 -5.10 -47.49
N ASN G 151 -12.37 -4.22 -48.34
CA ASN G 151 -11.23 -4.54 -49.18
C ASN G 151 -9.95 -4.34 -48.37
N PHE G 152 -9.67 -5.32 -47.49
CA PHE G 152 -8.50 -5.27 -46.62
C PHE G 152 -7.92 -6.67 -46.49
N PHE G 153 -6.60 -6.72 -46.21
CA PHE G 153 -5.91 -7.96 -45.91
C PHE G 153 -5.41 -7.88 -44.46
N THR G 154 -6.05 -8.65 -43.57
CA THR G 154 -5.74 -8.60 -42.15
C THR G 154 -5.00 -9.88 -41.75
N TYR G 155 -3.99 -9.70 -40.88
CA TYR G 155 -3.24 -10.81 -40.32
C TYR G 155 -2.75 -10.43 -38.93
N THR G 156 -2.52 -11.43 -38.07
CA THR G 156 -2.08 -11.19 -36.70
C THR G 156 -0.72 -11.85 -36.47
N ARG G 157 0.08 -11.21 -35.62
CA ARG G 157 1.38 -11.72 -35.20
C ARG G 157 1.32 -11.99 -33.70
N HIS G 158 1.60 -13.24 -33.30
CA HIS G 158 1.70 -13.59 -31.89
C HIS G 158 3.12 -13.32 -31.41
N GLU G 159 3.42 -12.02 -31.20
CA GLU G 159 4.74 -11.56 -30.79
C GLU G 159 4.97 -11.89 -29.31
N PRO G 160 6.23 -11.86 -28.84
CA PRO G 160 6.51 -11.85 -27.41
C PRO G 160 6.10 -10.54 -26.76
N ILE G 161 5.86 -10.59 -25.44
CA ILE G 161 5.42 -9.42 -24.68
C ILE G 161 6.63 -8.52 -24.45
N GLY G 162 7.69 -9.09 -23.85
CA GLY G 162 8.92 -8.36 -23.60
C GLY G 162 9.61 -8.86 -22.33
N VAL G 163 9.91 -7.93 -21.42
CA VAL G 163 10.56 -8.26 -20.16
C VAL G 163 9.50 -8.87 -19.24
N CYS G 164 9.75 -10.10 -18.79
CA CYS G 164 8.82 -10.83 -17.93
C CYS G 164 9.48 -11.12 -16.58
N GLY G 165 8.98 -10.46 -15.53
CA GLY G 165 9.39 -10.76 -14.17
C GLY G 165 8.77 -12.08 -13.70
N GLN G 166 9.59 -12.97 -13.13
CA GLN G 166 9.14 -14.32 -12.82
C GLN G 166 9.58 -14.69 -11.41
N ILE G 167 8.59 -14.98 -10.54
CA ILE G 167 8.81 -15.23 -9.13
C ILE G 167 8.38 -16.66 -8.80
N ILE G 168 9.30 -17.42 -8.21
CA ILE G 168 9.12 -18.86 -7.99
C ILE G 168 9.14 -19.14 -6.50
N PRO G 169 8.47 -20.23 -6.03
CA PRO G 169 8.55 -20.67 -4.63
C PRO G 169 9.69 -21.65 -4.37
N TRP G 170 9.60 -22.36 -3.24
CA TRP G 170 10.68 -23.19 -2.74
C TRP G 170 10.36 -24.69 -2.85
N ASN G 171 9.10 -25.02 -3.18
CA ASN G 171 8.62 -26.39 -3.08
C ASN G 171 9.18 -27.23 -4.22
N PHE G 172 9.18 -26.69 -5.44
CA PHE G 172 9.78 -27.36 -6.59
C PHE G 172 10.62 -26.35 -7.37
N PRO G 173 11.74 -25.85 -6.78
CA PRO G 173 12.49 -24.73 -7.35
C PRO G 173 12.93 -24.88 -8.81
N LEU G 174 13.29 -26.11 -9.19
CA LEU G 174 13.73 -26.40 -10.55
C LEU G 174 12.54 -26.43 -11.49
N VAL G 175 11.56 -27.29 -11.18
CA VAL G 175 10.42 -27.51 -12.05
C VAL G 175 9.69 -26.19 -12.28
N MET G 176 9.52 -25.42 -11.20
CA MET G 176 8.80 -24.15 -11.23
C MET G 176 9.53 -23.16 -12.13
N LEU G 177 10.87 -23.22 -12.13
CA LEU G 177 11.71 -22.36 -12.95
C LEU G 177 11.48 -22.63 -14.43
N ILE G 178 11.52 -23.92 -14.81
CA ILE G 178 11.38 -24.32 -16.20
C ILE G 178 9.98 -23.96 -16.70
N TRP G 179 8.98 -24.05 -15.82
CA TRP G 179 7.60 -23.69 -16.17
C TRP G 179 7.48 -22.21 -16.51
N LYS G 180 8.40 -21.39 -15.97
CA LYS G 180 8.44 -19.97 -16.26
C LYS G 180 9.22 -19.72 -17.55
N ILE G 181 10.51 -20.07 -17.54
CA ILE G 181 11.42 -19.68 -18.59
C ILE G 181 11.09 -20.44 -19.88
N GLY G 182 10.73 -21.73 -19.76
CA GLY G 182 10.47 -22.58 -20.90
C GLY G 182 9.50 -21.95 -21.88
N PRO G 183 8.22 -21.72 -21.48
CA PRO G 183 7.25 -21.03 -22.34
C PRO G 183 7.66 -19.62 -22.75
N ALA G 184 8.19 -18.86 -21.78
CA ALA G 184 8.54 -17.46 -21.98
C ALA G 184 9.58 -17.33 -23.10
N LEU G 185 10.69 -18.07 -22.97
CA LEU G 185 11.79 -18.01 -23.91
C LEU G 185 11.37 -18.56 -25.27
N SER G 186 10.51 -19.59 -25.26
CA SER G 186 10.02 -20.19 -26.49
C SER G 186 9.28 -19.16 -27.34
N CYS G 187 8.54 -18.26 -26.68
CA CYS G 187 7.76 -17.24 -27.34
C CYS G 187 8.63 -16.04 -27.72
N GLY G 188 9.84 -15.96 -27.17
CA GLY G 188 10.81 -14.95 -27.55
C GLY G 188 10.87 -13.78 -26.56
N ASN G 189 10.46 -14.04 -25.31
CA ASN G 189 10.51 -13.05 -24.25
C ASN G 189 11.87 -13.09 -23.56
N THR G 190 12.23 -11.98 -22.90
CA THR G 190 13.36 -11.94 -21.98
C THR G 190 12.80 -11.95 -20.56
N VAL G 191 13.53 -12.60 -19.63
CA VAL G 191 13.00 -12.89 -18.32
C VAL G 191 13.93 -12.33 -17.24
N VAL G 192 13.32 -11.87 -16.15
CA VAL G 192 14.02 -11.52 -14.93
C VAL G 192 13.47 -12.42 -13.82
N VAL G 193 14.18 -13.50 -13.52
CA VAL G 193 13.72 -14.51 -12.58
C VAL G 193 14.21 -14.16 -11.18
N LYS G 194 13.29 -14.17 -10.21
CA LYS G 194 13.65 -14.10 -8.80
C LYS G 194 13.31 -15.42 -8.13
N PRO G 195 14.32 -16.26 -7.80
CA PRO G 195 14.08 -17.51 -7.07
C PRO G 195 13.82 -17.23 -5.60
N ALA G 196 13.30 -18.26 -4.91
CA ALA G 196 12.97 -18.15 -3.49
C ALA G 196 14.22 -17.86 -2.68
N GLU G 197 14.02 -17.22 -1.51
CA GLU G 197 15.11 -16.89 -0.60
C GLU G 197 15.64 -18.18 0.04
N GLN G 198 14.82 -19.23 0.07
CA GLN G 198 15.22 -20.51 0.63
C GLN G 198 16.03 -21.32 -0.38
N THR G 199 15.63 -21.28 -1.66
CA THR G 199 16.11 -22.25 -2.65
C THR G 199 16.61 -21.56 -3.92
N PRO G 200 17.65 -20.70 -3.84
CA PRO G 200 18.22 -20.06 -5.03
C PRO G 200 19.26 -20.89 -5.79
N LEU G 201 19.87 -21.87 -5.11
CA LEU G 201 21.08 -22.52 -5.58
C LEU G 201 20.84 -23.23 -6.90
N THR G 202 19.80 -24.07 -6.94
CA THR G 202 19.48 -24.88 -8.10
C THR G 202 19.34 -24.00 -9.34
N ALA G 203 18.64 -22.86 -9.19
CA ALA G 203 18.36 -21.95 -10.29
C ALA G 203 19.64 -21.33 -10.82
N LEU G 204 20.59 -21.03 -9.92
CA LEU G 204 21.82 -20.36 -10.29
C LEU G 204 22.72 -21.29 -11.11
N HIS G 205 22.70 -22.60 -10.79
CA HIS G 205 23.45 -23.56 -11.58
C HIS G 205 22.93 -23.59 -13.01
N VAL G 206 21.60 -23.54 -13.16
CA VAL G 206 20.96 -23.55 -14.47
C VAL G 206 21.38 -22.32 -15.25
N ALA G 207 21.57 -21.20 -14.54
CA ALA G 207 22.02 -19.95 -15.14
C ALA G 207 23.36 -20.16 -15.86
N SER G 208 24.24 -20.97 -15.27
CA SER G 208 25.53 -21.29 -15.89
C SER G 208 25.31 -22.08 -17.17
N LEU G 209 24.32 -22.98 -17.16
CA LEU G 209 24.00 -23.82 -18.30
C LEU G 209 23.36 -22.99 -19.41
N ILE G 210 22.65 -21.92 -19.03
CA ILE G 210 22.03 -21.02 -19.98
C ILE G 210 23.11 -20.25 -20.74
N LYS G 211 24.18 -19.86 -20.04
CA LYS G 211 25.33 -19.24 -20.68
C LYS G 211 26.00 -20.24 -21.62
N GLU G 212 26.25 -21.44 -21.10
CA GLU G 212 26.94 -22.50 -21.83
C GLU G 212 26.17 -22.88 -23.10
N ALA G 213 24.83 -22.89 -23.00
CA ALA G 213 23.97 -23.24 -24.12
C ALA G 213 24.05 -22.18 -25.23
N GLY G 214 24.44 -20.95 -24.85
CA GLY G 214 24.72 -19.90 -25.81
C GLY G 214 23.51 -18.97 -26.01
N PHE G 215 22.69 -18.81 -24.97
CA PHE G 215 21.63 -17.82 -24.99
C PHE G 215 22.26 -16.43 -25.01
N PRO G 216 21.79 -15.51 -25.88
CA PRO G 216 22.29 -14.13 -25.89
C PRO G 216 22.27 -13.51 -24.48
N PRO G 217 23.32 -12.76 -24.09
CA PRO G 217 23.33 -12.06 -22.81
C PRO G 217 22.09 -11.19 -22.58
N GLY G 218 21.46 -11.34 -21.42
CA GLY G 218 20.34 -10.49 -21.03
C GLY G 218 18.99 -11.19 -21.21
N VAL G 219 18.96 -12.26 -22.01
CA VAL G 219 17.73 -13.00 -22.27
C VAL G 219 17.21 -13.57 -20.95
N VAL G 220 18.09 -14.31 -20.25
CA VAL G 220 17.77 -14.82 -18.92
C VAL G 220 18.64 -14.08 -17.90
N ASN G 221 17.97 -13.55 -16.86
CA ASN G 221 18.62 -12.92 -15.73
C ASN G 221 18.01 -13.48 -14.45
N ILE G 222 18.85 -13.70 -13.43
CA ILE G 222 18.40 -14.28 -12.17
C ILE G 222 18.92 -13.42 -11.02
N VAL G 223 18.00 -12.97 -10.16
CA VAL G 223 18.31 -12.09 -9.06
C VAL G 223 17.80 -12.72 -7.76
N PRO G 224 18.61 -13.56 -7.08
CA PRO G 224 18.22 -14.12 -5.79
C PRO G 224 18.12 -13.04 -4.72
N GLY G 225 17.09 -13.14 -3.88
CA GLY G 225 16.84 -12.15 -2.84
C GLY G 225 15.57 -12.48 -2.06
N TYR G 226 15.16 -11.56 -1.17
CA TYR G 226 13.96 -11.73 -0.37
C TYR G 226 12.74 -11.24 -1.14
N GLY G 227 11.56 -11.70 -0.69
CA GLY G 227 10.30 -11.42 -1.36
C GLY G 227 9.93 -9.94 -1.34
N PRO G 228 9.72 -9.34 -0.13
CA PRO G 228 9.34 -7.93 -0.01
C PRO G 228 10.31 -6.93 -0.65
N THR G 229 11.58 -7.34 -0.83
CA THR G 229 12.60 -6.48 -1.40
C THR G 229 12.64 -6.65 -2.91
N ALA G 230 13.16 -7.80 -3.38
CA ALA G 230 13.38 -8.04 -4.79
C ALA G 230 12.04 -8.29 -5.50
N GLY G 231 11.18 -9.10 -4.88
CA GLY G 231 9.90 -9.46 -5.47
C GLY G 231 9.00 -8.25 -5.67
N ALA G 232 8.98 -7.34 -4.70
CA ALA G 232 8.19 -6.12 -4.78
C ALA G 232 8.75 -5.20 -5.86
N ALA G 233 10.08 -5.20 -6.02
CA ALA G 233 10.74 -4.40 -7.02
C ALA G 233 10.28 -4.81 -8.42
N ILE G 234 10.09 -6.13 -8.61
CA ILE G 234 9.65 -6.69 -9.87
C ILE G 234 8.18 -6.32 -10.12
N SER G 235 7.35 -6.51 -9.10
CA SER G 235 5.91 -6.36 -9.23
C SER G 235 5.53 -4.91 -9.56
N SER G 236 6.37 -3.95 -9.16
CA SER G 236 6.05 -2.54 -9.29
C SER G 236 6.96 -1.85 -10.31
N HIS G 237 7.79 -2.62 -11.03
CA HIS G 237 8.76 -2.04 -11.94
C HIS G 237 8.05 -1.49 -13.17
N MET G 238 8.57 -0.37 -13.70
CA MET G 238 7.88 0.43 -14.70
C MET G 238 8.27 0.04 -16.12
N ASP G 239 9.25 -0.88 -16.24
CA ASP G 239 9.72 -1.34 -17.54
C ASP G 239 9.56 -2.85 -17.66
N ILE G 240 8.85 -3.46 -16.71
CA ILE G 240 8.51 -4.88 -16.78
C ILE G 240 7.09 -5.00 -17.34
N ASP G 241 6.95 -5.76 -18.43
CA ASP G 241 5.69 -5.83 -19.16
C ASP G 241 4.77 -6.85 -18.51
N LYS G 242 5.34 -7.92 -17.96
CA LYS G 242 4.57 -9.00 -17.37
C LYS G 242 5.22 -9.46 -16.07
N VAL G 243 4.39 -9.96 -15.14
CA VAL G 243 4.88 -10.63 -13.95
C VAL G 243 4.23 -12.01 -13.88
N ALA G 244 5.03 -13.02 -13.52
CA ALA G 244 4.55 -14.39 -13.35
C ALA G 244 4.90 -14.85 -11.94
N PHE G 245 3.86 -15.12 -11.14
CA PHE G 245 4.03 -15.43 -9.72
C PHE G 245 3.51 -16.82 -9.41
N THR G 246 4.12 -17.45 -8.39
CA THR G 246 3.66 -18.72 -7.85
C THR G 246 4.00 -18.76 -6.36
N GLY G 247 2.99 -18.64 -5.51
CA GLY G 247 3.19 -18.61 -4.06
C GLY G 247 1.88 -18.45 -3.30
N SER G 248 1.98 -17.85 -2.11
CA SER G 248 0.82 -17.65 -1.25
C SER G 248 -0.18 -16.70 -1.91
N THR G 249 -1.46 -16.92 -1.59
CA THR G 249 -2.53 -16.05 -2.05
C THR G 249 -2.35 -14.65 -1.45
N GLU G 250 -1.87 -14.61 -0.21
CA GLU G 250 -1.58 -13.36 0.49
C GLU G 250 -0.78 -12.42 -0.40
N VAL G 251 0.31 -12.94 -0.99
CA VAL G 251 1.25 -12.13 -1.75
C VAL G 251 0.71 -11.87 -3.16
N GLY G 252 0.03 -12.88 -3.74
CA GLY G 252 -0.59 -12.72 -5.04
C GLY G 252 -1.42 -11.45 -5.15
N LYS G 253 -2.08 -11.07 -4.05
CA LYS G 253 -2.93 -9.89 -3.98
C LYS G 253 -2.08 -8.62 -3.98
N LEU G 254 -0.86 -8.71 -3.45
CA LEU G 254 0.08 -7.59 -3.44
C LEU G 254 0.71 -7.43 -4.83
N ILE G 255 0.91 -8.55 -5.52
CA ILE G 255 1.52 -8.56 -6.84
C ILE G 255 0.58 -7.86 -7.83
N LYS G 256 -0.70 -8.24 -7.79
CA LYS G 256 -1.71 -7.70 -8.69
C LYS G 256 -1.96 -6.22 -8.36
N GLU G 257 -1.92 -5.90 -7.06
CA GLU G 257 -2.13 -4.55 -6.58
C GLU G 257 -0.98 -3.65 -7.04
N ALA G 258 0.26 -4.13 -6.87
CA ALA G 258 1.45 -3.37 -7.25
C ALA G 258 1.54 -3.22 -8.77
N ALA G 259 0.95 -4.19 -9.50
CA ALA G 259 0.91 -4.14 -10.95
C ALA G 259 -0.06 -3.05 -11.42
N GLY G 260 -1.14 -2.84 -10.65
CA GLY G 260 -2.11 -1.80 -10.95
C GLY G 260 -1.52 -0.40 -10.78
N LYS G 261 -0.75 -0.19 -9.71
CA LYS G 261 -0.18 1.11 -9.38
C LYS G 261 0.97 1.46 -10.32
N SER G 262 1.68 0.45 -10.83
CA SER G 262 2.87 0.67 -11.63
C SER G 262 2.47 0.95 -13.10
N ASN G 263 2.49 -0.09 -13.94
CA ASN G 263 2.40 0.09 -15.38
C ASN G 263 1.42 -0.93 -15.99
N LEU G 264 0.42 -1.36 -15.21
CA LEU G 264 -0.61 -2.26 -15.67
C LEU G 264 0.00 -3.48 -16.38
N LYS G 265 1.09 -4.00 -15.80
CA LYS G 265 1.78 -5.15 -16.35
C LYS G 265 0.85 -6.37 -16.31
N ARG G 266 1.08 -7.32 -17.22
CA ARG G 266 0.27 -8.53 -17.29
C ARG G 266 0.62 -9.42 -16.10
N VAL G 267 -0.34 -10.26 -15.68
CA VAL G 267 -0.22 -11.03 -14.45
C VAL G 267 -0.68 -12.46 -14.69
N THR G 268 0.11 -13.44 -14.22
CA THR G 268 -0.31 -14.82 -14.11
C THR G 268 0.05 -15.33 -12.72
N LEU G 269 -0.98 -15.64 -11.92
CA LEU G 269 -0.82 -16.15 -10.57
C LEU G 269 -1.04 -17.65 -10.58
N GLU G 270 -0.29 -18.35 -9.71
CA GLU G 270 -0.45 -19.78 -9.49
C GLU G 270 -0.39 -20.02 -7.98
N LEU G 271 -1.51 -19.78 -7.32
CA LEU G 271 -1.57 -19.73 -5.86
C LEU G 271 -1.89 -21.12 -5.32
N GLY G 272 -1.93 -21.23 -3.98
CA GLY G 272 -2.25 -22.46 -3.30
C GLY G 272 -3.74 -22.79 -3.41
N GLY G 273 -4.12 -23.96 -2.88
CA GLY G 273 -5.49 -24.42 -2.92
C GLY G 273 -5.82 -25.35 -1.76
N LYS G 274 -7.13 -25.53 -1.51
CA LYS G 274 -7.63 -26.53 -0.58
C LYS G 274 -8.34 -27.60 -1.40
N SER G 275 -7.57 -28.23 -2.31
CA SER G 275 -8.10 -29.07 -3.38
C SER G 275 -8.81 -30.29 -2.80
N PRO G 276 -10.13 -30.47 -3.05
CA PRO G 276 -10.89 -31.59 -2.49
C PRO G 276 -10.86 -32.87 -3.33
N CYS G 277 -11.18 -34.00 -2.69
CA CYS G 277 -11.36 -35.27 -3.37
C CYS G 277 -12.73 -35.84 -3.01
N ILE G 278 -13.42 -36.39 -4.02
CA ILE G 278 -14.72 -37.01 -3.82
C ILE G 278 -14.62 -38.47 -4.24
N VAL G 279 -14.87 -39.37 -3.28
CA VAL G 279 -14.75 -40.80 -3.49
C VAL G 279 -16.13 -41.43 -3.31
N LEU G 280 -16.74 -41.82 -4.43
CA LEU G 280 -18.08 -42.42 -4.42
C LEU G 280 -17.97 -43.91 -4.07
N ALA G 281 -19.12 -44.51 -3.77
CA ALA G 281 -19.20 -45.90 -3.36
C ALA G 281 -18.56 -46.80 -4.42
N ASP G 282 -18.95 -46.59 -5.68
CA ASP G 282 -18.46 -47.39 -6.80
C ASP G 282 -17.09 -46.89 -7.21
N ALA G 283 -16.06 -47.26 -6.44
CA ALA G 283 -14.70 -46.80 -6.68
C ALA G 283 -13.71 -47.89 -6.27
N ASP G 284 -12.61 -48.00 -7.03
CA ASP G 284 -11.50 -48.86 -6.65
C ASP G 284 -10.82 -48.23 -5.45
N LEU G 285 -11.17 -48.73 -4.26
CA LEU G 285 -10.77 -48.11 -2.99
C LEU G 285 -9.25 -47.97 -2.92
N ASP G 286 -8.54 -49.04 -3.29
CA ASP G 286 -7.08 -49.06 -3.25
C ASP G 286 -6.54 -47.95 -4.13
N ASN G 287 -7.13 -47.80 -5.32
CA ASN G 287 -6.75 -46.76 -6.26
C ASN G 287 -6.97 -45.39 -5.61
N ALA G 288 -8.18 -45.19 -5.05
CA ALA G 288 -8.56 -43.93 -4.45
C ALA G 288 -7.69 -43.62 -3.24
N VAL G 289 -7.49 -44.62 -2.38
CA VAL G 289 -6.73 -44.46 -1.14
C VAL G 289 -5.29 -44.11 -1.47
N GLU G 290 -4.71 -44.76 -2.50
CA GLU G 290 -3.31 -44.60 -2.83
C GLU G 290 -3.06 -43.24 -3.45
N PHE G 291 -3.95 -42.82 -4.36
CA PHE G 291 -3.80 -41.55 -5.07
C PHE G 291 -4.11 -40.37 -4.13
N ALA G 292 -5.13 -40.54 -3.28
CA ALA G 292 -5.50 -39.51 -2.31
C ALA G 292 -4.39 -39.35 -1.29
N HIS G 293 -3.76 -40.47 -0.90
CA HIS G 293 -2.63 -40.46 0.00
C HIS G 293 -1.45 -39.73 -0.65
N HIS G 294 -1.08 -40.16 -1.86
CA HIS G 294 0.00 -39.54 -2.61
C HIS G 294 -0.29 -38.06 -2.79
N GLY G 295 -1.54 -37.72 -3.11
CA GLY G 295 -1.95 -36.36 -3.38
C GLY G 295 -1.62 -35.40 -2.23
N VAL G 296 -1.87 -35.84 -0.99
CA VAL G 296 -1.80 -34.97 0.18
C VAL G 296 -0.43 -35.06 0.84
N PHE G 297 0.30 -36.18 0.63
CA PHE G 297 1.53 -36.45 1.37
C PHE G 297 2.77 -36.34 0.49
N TYR G 298 2.62 -35.92 -0.77
CA TYR G 298 3.76 -35.83 -1.68
C TYR G 298 4.63 -34.64 -1.29
N HIS G 299 5.94 -34.87 -1.20
CA HIS G 299 6.91 -33.85 -0.80
C HIS G 299 6.46 -33.19 0.49
N GLN G 300 6.19 -34.01 1.51
CA GLN G 300 5.76 -33.57 2.82
C GLN G 300 4.52 -32.68 2.70
N GLY G 301 3.64 -33.00 1.75
CA GLY G 301 2.41 -32.26 1.52
C GLY G 301 2.64 -30.77 1.22
N GLN G 302 3.78 -30.46 0.57
CA GLN G 302 4.13 -29.09 0.23
C GLN G 302 3.85 -28.85 -1.25
N CYS G 303 2.66 -29.28 -1.69
CA CYS G 303 2.21 -29.09 -3.06
C CYS G 303 1.01 -28.14 -3.08
N CYS G 304 0.94 -27.28 -4.11
CA CYS G 304 -0.22 -26.43 -4.31
C CYS G 304 -1.45 -27.30 -4.56
N ILE G 305 -1.23 -28.42 -5.26
CA ILE G 305 -2.27 -29.40 -5.53
C ILE G 305 -2.22 -30.51 -4.47
N ALA G 306 -2.57 -30.15 -3.23
CA ALA G 306 -2.62 -31.11 -2.14
C ALA G 306 -4.07 -31.52 -1.92
N ALA G 307 -4.30 -32.84 -1.76
CA ALA G 307 -5.62 -33.37 -1.53
C ALA G 307 -6.01 -33.17 -0.07
N SER G 308 -6.33 -31.91 0.28
CA SER G 308 -6.56 -31.52 1.66
C SER G 308 -7.83 -32.19 2.18
N ARG G 309 -8.97 -31.82 1.57
CA ARG G 309 -10.27 -32.34 1.96
C ARG G 309 -10.57 -33.59 1.13
N ILE G 310 -10.86 -34.70 1.81
CA ILE G 310 -11.15 -35.96 1.12
C ILE G 310 -12.53 -36.44 1.56
N PHE G 311 -13.52 -36.20 0.70
CA PHE G 311 -14.91 -36.58 0.96
C PHE G 311 -15.12 -38.01 0.49
N VAL G 312 -15.80 -38.81 1.34
CA VAL G 312 -16.01 -40.23 1.08
C VAL G 312 -17.46 -40.58 1.40
N GLU G 313 -18.06 -41.44 0.57
CA GLU G 313 -19.39 -41.97 0.81
C GLU G 313 -19.41 -42.65 2.19
N GLU G 314 -20.58 -42.62 2.84
CA GLU G 314 -20.73 -43.18 4.18
C GLU G 314 -20.34 -44.67 4.19
N SER G 315 -20.86 -45.41 3.22
CA SER G 315 -20.70 -46.85 3.14
C SER G 315 -19.23 -47.28 3.24
N ILE G 316 -18.33 -46.50 2.63
CA ILE G 316 -16.92 -46.89 2.53
C ILE G 316 -16.04 -45.92 3.30
N TYR G 317 -16.63 -45.11 4.19
CA TYR G 317 -15.90 -44.09 4.93
C TYR G 317 -14.90 -44.74 5.87
N ASP G 318 -15.39 -45.64 6.73
CA ASP G 318 -14.59 -46.26 7.78
C ASP G 318 -13.46 -47.05 7.17
N GLU G 319 -13.75 -47.79 6.08
CA GLU G 319 -12.77 -48.61 5.41
C GLU G 319 -11.66 -47.73 4.82
N PHE G 320 -12.06 -46.59 4.26
CA PHE G 320 -11.10 -45.66 3.64
C PHE G 320 -10.16 -45.11 4.71
N VAL G 321 -10.73 -44.69 5.84
CA VAL G 321 -9.97 -44.12 6.94
C VAL G 321 -8.96 -45.16 7.44
N ARG G 322 -9.42 -46.42 7.52
CA ARG G 322 -8.60 -47.51 8.05
C ARG G 322 -7.35 -47.66 7.20
N ARG G 323 -7.52 -47.69 5.86
CA ARG G 323 -6.43 -47.95 4.94
C ARG G 323 -5.51 -46.74 4.81
N SER G 324 -6.08 -45.54 4.95
CA SER G 324 -5.32 -44.30 4.82
C SER G 324 -4.33 -44.13 5.96
N VAL G 325 -4.68 -44.68 7.13
CA VAL G 325 -3.86 -44.55 8.34
C VAL G 325 -2.68 -45.51 8.25
N GLU G 326 -2.95 -46.80 7.96
CA GLU G 326 -1.91 -47.81 7.92
C GLU G 326 -0.85 -47.45 6.87
N ARG G 327 -1.30 -46.80 5.79
CA ARG G 327 -0.40 -46.35 4.74
C ARG G 327 0.50 -45.23 5.26
N ALA G 328 -0.07 -44.35 6.10
CA ALA G 328 0.61 -43.15 6.56
C ALA G 328 1.63 -43.46 7.66
N LYS G 329 1.48 -44.62 8.32
CA LYS G 329 2.38 -45.01 9.40
C LYS G 329 3.66 -45.64 8.84
N LYS G 330 3.66 -45.98 7.55
CA LYS G 330 4.80 -46.62 6.91
C LYS G 330 5.72 -45.57 6.29
N TYR G 331 6.13 -44.59 7.09
CA TYR G 331 7.04 -43.54 6.63
C TYR G 331 8.24 -43.48 7.56
N ILE G 332 9.42 -43.24 6.97
CA ILE G 332 10.68 -43.18 7.69
C ILE G 332 11.25 -41.77 7.51
N LEU G 333 11.16 -40.96 8.58
CA LEU G 333 11.59 -39.57 8.54
C LEU G 333 13.10 -39.51 8.78
N GLY G 334 13.80 -38.70 7.97
CA GLY G 334 15.23 -38.53 8.09
C GLY G 334 15.80 -37.70 6.94
N ASN G 335 17.12 -37.79 6.75
CA ASN G 335 17.81 -37.03 5.72
C ASN G 335 17.34 -37.53 4.35
N PRO G 336 16.92 -36.64 3.43
CA PRO G 336 16.45 -37.07 2.11
C PRO G 336 17.53 -37.70 1.22
N LEU G 337 18.80 -37.45 1.53
CA LEU G 337 19.92 -38.06 0.82
C LEU G 337 20.16 -39.48 1.32
N THR G 338 19.68 -39.80 2.53
CA THR G 338 19.84 -41.13 3.10
C THR G 338 18.95 -42.11 2.34
N PRO G 339 19.51 -43.24 1.83
CA PRO G 339 18.70 -44.27 1.19
C PRO G 339 17.79 -45.01 2.16
N GLY G 340 16.50 -45.07 1.84
CA GLY G 340 15.51 -45.73 2.67
C GLY G 340 14.59 -44.75 3.41
N VAL G 341 15.00 -43.47 3.45
CA VAL G 341 14.16 -42.41 3.98
C VAL G 341 13.01 -42.14 3.01
N THR G 342 11.77 -42.20 3.51
CA THR G 342 10.59 -42.11 2.67
C THR G 342 9.87 -40.77 2.87
N GLN G 343 10.24 -40.01 3.91
CA GLN G 343 9.71 -38.67 4.11
C GLN G 343 10.84 -37.74 4.58
N GLY G 344 10.79 -36.49 4.11
CA GLY G 344 11.82 -35.51 4.40
C GLY G 344 11.32 -34.41 5.35
N PRO G 345 12.08 -33.28 5.47
CA PRO G 345 11.68 -32.16 6.31
C PRO G 345 10.90 -31.05 5.60
N GLN G 346 10.30 -30.17 6.38
CA GLN G 346 9.69 -28.94 5.87
C GLN G 346 10.82 -27.95 5.54
N ILE G 347 10.49 -26.94 4.74
CA ILE G 347 11.51 -26.08 4.15
C ILE G 347 12.21 -25.25 5.23
N ASP G 348 11.45 -24.66 6.15
CA ASP G 348 12.01 -23.76 7.15
C ASP G 348 11.15 -23.83 8.42
N LYS G 349 11.52 -23.01 9.42
CA LYS G 349 10.87 -23.02 10.71
C LYS G 349 9.48 -22.37 10.61
N GLU G 350 9.30 -21.51 9.61
CA GLU G 350 8.04 -20.79 9.42
C GLU G 350 6.92 -21.79 9.13
N GLN G 351 7.13 -22.66 8.13
CA GLN G 351 6.16 -23.66 7.75
C GLN G 351 5.98 -24.67 8.89
N TYR G 352 7.11 -25.13 9.45
CA TYR G 352 7.14 -26.07 10.55
C TYR G 352 6.15 -25.64 11.64
N ASP G 353 6.27 -24.38 12.08
CA ASP G 353 5.45 -23.85 13.17
C ASP G 353 3.99 -23.73 12.71
N LYS G 354 3.79 -23.33 11.44
CA LYS G 354 2.45 -23.12 10.90
C LYS G 354 1.70 -24.45 10.85
N ILE G 355 2.39 -25.51 10.42
CA ILE G 355 1.79 -26.83 10.25
C ILE G 355 1.39 -27.38 11.62
N LEU G 356 2.30 -27.26 12.61
CA LEU G 356 2.04 -27.72 13.96
C LEU G 356 0.88 -26.94 14.58
N ASP G 357 0.77 -25.65 14.23
CA ASP G 357 -0.29 -24.79 14.74
C ASP G 357 -1.65 -25.30 14.27
N LEU G 358 -1.73 -25.69 12.99
CA LEU G 358 -2.99 -26.16 12.41
C LEU G 358 -3.32 -27.55 12.91
N ILE G 359 -2.30 -28.35 13.23
CA ILE G 359 -2.49 -29.68 13.79
C ILE G 359 -3.14 -29.55 15.17
N GLU G 360 -2.72 -28.54 15.94
CA GLU G 360 -3.27 -28.30 17.26
C GLU G 360 -4.75 -27.91 17.15
N SER G 361 -5.08 -27.07 16.15
CA SER G 361 -6.45 -26.63 15.95
C SER G 361 -7.36 -27.81 15.63
N GLY G 362 -6.82 -28.79 14.90
CA GLY G 362 -7.54 -30.02 14.59
C GLY G 362 -8.00 -30.76 15.85
N LYS G 363 -7.13 -30.80 16.86
CA LYS G 363 -7.42 -31.43 18.13
C LYS G 363 -8.37 -30.55 18.93
N LYS G 364 -8.04 -29.25 19.02
CA LYS G 364 -8.77 -28.28 19.81
C LYS G 364 -10.21 -28.15 19.32
N GLU G 365 -10.40 -28.15 17.99
CA GLU G 365 -11.73 -28.03 17.40
C GLU G 365 -12.43 -29.38 17.36
N GLY G 366 -11.71 -30.45 17.73
CA GLY G 366 -12.32 -31.73 18.06
C GLY G 366 -12.45 -32.66 16.85
N ALA G 367 -11.41 -32.68 16.00
CA ALA G 367 -11.29 -33.68 14.95
C ALA G 367 -10.53 -34.88 15.50
N LYS G 368 -10.89 -36.07 15.02
CA LYS G 368 -10.32 -37.31 15.53
C LYS G 368 -8.92 -37.51 14.93
N LEU G 369 -7.90 -37.49 15.77
CA LEU G 369 -6.53 -37.77 15.36
C LEU G 369 -6.36 -39.28 15.21
N GLU G 370 -6.15 -39.74 13.98
CA GLU G 370 -6.05 -41.16 13.68
C GLU G 370 -4.61 -41.63 13.85
N CYS G 371 -3.65 -40.80 13.40
CA CYS G 371 -2.24 -41.08 13.61
C CYS G 371 -1.44 -39.78 13.52
N GLY G 372 -0.14 -39.86 13.85
CA GLY G 372 0.74 -38.71 13.82
C GLY G 372 0.30 -37.63 14.81
N GLY G 373 0.36 -36.37 14.38
CA GLY G 373 -0.13 -35.24 15.15
C GLY G 373 0.92 -34.72 16.14
N GLY G 374 2.11 -34.41 15.61
CA GLY G 374 3.20 -33.89 16.43
C GLY G 374 4.51 -33.83 15.67
N PRO G 375 5.56 -33.17 16.21
CA PRO G 375 6.85 -33.09 15.55
C PRO G 375 7.67 -34.37 15.68
N TRP G 376 8.83 -34.40 15.01
CA TRP G 376 9.73 -35.54 15.05
C TRP G 376 11.17 -35.06 15.01
N GLY G 377 12.04 -35.67 15.84
CA GLY G 377 13.47 -35.44 15.79
C GLY G 377 13.91 -34.21 16.57
N ASN G 378 15.20 -34.20 16.93
CA ASN G 378 15.83 -33.08 17.62
C ASN G 378 16.30 -32.05 16.59
N LYS G 379 16.91 -32.57 15.51
CA LYS G 379 17.41 -31.74 14.42
C LYS G 379 16.49 -31.88 13.22
N GLY G 380 16.40 -30.80 12.43
CA GLY G 380 15.58 -30.76 11.22
C GLY G 380 14.14 -30.38 11.54
N TYR G 381 13.43 -29.87 10.52
CA TYR G 381 12.03 -29.49 10.66
C TYR G 381 11.16 -30.61 10.11
N PHE G 382 11.02 -31.67 10.92
CA PHE G 382 10.28 -32.87 10.55
C PHE G 382 8.94 -32.88 11.28
N VAL G 383 7.86 -33.12 10.52
CA VAL G 383 6.53 -33.28 11.09
C VAL G 383 6.06 -34.70 10.81
N GLN G 384 5.45 -35.33 11.83
CA GLN G 384 4.93 -36.68 11.71
C GLN G 384 3.78 -36.68 10.68
N PRO G 385 3.66 -37.73 9.83
CA PRO G 385 2.52 -37.85 8.93
C PRO G 385 1.23 -37.99 9.73
N THR G 386 0.39 -36.95 9.66
CA THR G 386 -0.80 -36.84 10.49
C THR G 386 -2.04 -37.15 9.66
N VAL G 387 -3.04 -37.76 10.31
CA VAL G 387 -4.32 -38.06 9.66
C VAL G 387 -5.45 -37.68 10.62
N PHE G 388 -6.37 -36.84 10.13
CA PHE G 388 -7.56 -36.47 10.88
C PHE G 388 -8.78 -37.09 10.21
N SER G 389 -9.75 -37.52 11.04
CA SER G 389 -11.02 -38.02 10.57
C SER G 389 -12.15 -37.34 11.32
N ASN G 390 -13.39 -37.55 10.87
CA ASN G 390 -14.56 -36.90 11.44
C ASN G 390 -14.36 -35.40 11.41
N VAL G 391 -13.90 -34.89 10.26
CA VAL G 391 -13.60 -33.48 10.08
C VAL G 391 -14.85 -32.79 9.55
N THR G 392 -15.13 -31.58 10.06
CA THR G 392 -16.28 -30.80 9.65
C THR G 392 -15.83 -29.65 8.76
N ASP G 393 -16.79 -29.01 8.09
CA ASP G 393 -16.51 -28.01 7.08
C ASP G 393 -16.00 -26.72 7.72
N GLU G 394 -16.41 -26.46 8.97
CA GLU G 394 -16.09 -25.19 9.63
C GLU G 394 -14.91 -25.37 10.59
N MET G 395 -13.97 -26.25 10.22
CA MET G 395 -12.73 -26.41 10.97
C MET G 395 -11.60 -25.71 10.21
N ARG G 396 -10.56 -25.29 10.96
CA ARG G 396 -9.43 -24.59 10.38
C ARG G 396 -8.69 -25.50 9.40
N ILE G 397 -8.60 -26.79 9.74
CA ILE G 397 -7.88 -27.77 8.94
C ILE G 397 -8.69 -28.14 7.69
N ALA G 398 -9.97 -27.74 7.65
CA ALA G 398 -10.83 -28.01 6.51
C ALA G 398 -11.08 -26.73 5.71
N LYS G 399 -10.27 -25.70 5.95
CA LYS G 399 -10.44 -24.40 5.31
C LYS G 399 -9.09 -23.85 4.85
N GLU G 400 -8.18 -23.65 5.83
CA GLU G 400 -6.87 -23.07 5.56
C GLU G 400 -5.96 -24.12 4.92
N GLU G 401 -5.11 -23.66 3.99
CA GLU G 401 -4.10 -24.52 3.39
C GLU G 401 -3.01 -24.79 4.41
N ILE G 402 -2.67 -26.08 4.58
CA ILE G 402 -1.74 -26.51 5.63
C ILE G 402 -0.32 -26.47 5.06
N PHE G 403 -0.14 -27.08 3.89
CA PHE G 403 1.14 -27.15 3.20
C PHE G 403 2.11 -27.99 4.03
N GLY G 404 1.59 -29.07 4.60
CA GLY G 404 2.35 -30.02 5.40
C GLY G 404 1.74 -31.42 5.31
N PRO G 405 2.38 -32.46 5.89
CA PRO G 405 1.86 -33.83 5.80
C PRO G 405 0.70 -34.07 6.76
N VAL G 406 -0.48 -33.54 6.39
CA VAL G 406 -1.69 -33.67 7.18
C VAL G 406 -2.84 -33.98 6.23
N GLN G 407 -3.58 -35.06 6.53
CA GLN G 407 -4.67 -35.52 5.68
C GLN G 407 -5.99 -35.38 6.45
N GLN G 408 -6.99 -34.78 5.79
CA GLN G 408 -8.32 -34.64 6.35
C GLN G 408 -9.29 -35.53 5.58
N ILE G 409 -9.97 -36.43 6.29
CA ILE G 409 -10.93 -37.34 5.69
C ILE G 409 -12.32 -37.01 6.24
N MET G 410 -13.27 -36.84 5.32
CA MET G 410 -14.59 -36.32 5.63
C MET G 410 -15.62 -37.21 4.94
N LYS G 411 -16.82 -37.30 5.54
CA LYS G 411 -17.86 -38.19 5.04
C LYS G 411 -18.97 -37.36 4.39
N PHE G 412 -19.62 -37.96 3.38
CA PHE G 412 -20.81 -37.38 2.77
C PHE G 412 -21.83 -38.48 2.51
N LYS G 413 -23.03 -38.06 2.09
CA LYS G 413 -24.11 -38.96 1.75
C LYS G 413 -24.80 -38.49 0.46
N SER G 414 -25.09 -37.18 0.39
CA SER G 414 -25.67 -36.58 -0.79
C SER G 414 -24.56 -36.15 -1.75
N LEU G 415 -24.68 -36.55 -3.02
CA LEU G 415 -23.70 -36.21 -4.04
C LEU G 415 -23.80 -34.73 -4.37
N ASP G 416 -25.03 -34.21 -4.44
CA ASP G 416 -25.27 -32.81 -4.79
C ASP G 416 -24.66 -31.89 -3.74
N ASP G 417 -24.76 -32.30 -2.46
CA ASP G 417 -24.31 -31.48 -1.35
C ASP G 417 -22.79 -31.40 -1.34
N VAL G 418 -22.12 -32.56 -1.45
CA VAL G 418 -20.67 -32.63 -1.32
C VAL G 418 -20.00 -31.81 -2.42
N ILE G 419 -20.62 -31.74 -3.60
CA ILE G 419 -20.12 -30.95 -4.71
C ILE G 419 -20.15 -29.47 -4.33
N LYS G 420 -21.22 -29.04 -3.65
CA LYS G 420 -21.37 -27.66 -3.23
C LYS G 420 -20.44 -27.36 -2.06
N ARG G 421 -20.18 -28.37 -1.22
CA ARG G 421 -19.23 -28.27 -0.12
C ARG G 421 -17.81 -28.14 -0.68
N ALA G 422 -17.53 -28.91 -1.74
CA ALA G 422 -16.22 -28.89 -2.39
C ALA G 422 -15.97 -27.53 -3.04
N ASN G 423 -17.01 -26.98 -3.67
CA ASN G 423 -16.91 -25.71 -4.38
C ASN G 423 -16.96 -24.54 -3.39
N ASN G 424 -17.46 -24.79 -2.17
CA ASN G 424 -17.58 -23.75 -1.15
C ASN G 424 -16.20 -23.42 -0.59
N THR G 425 -15.43 -22.64 -1.36
CA THR G 425 -14.10 -22.18 -0.97
C THR G 425 -13.61 -21.17 -2.00
N PHE G 426 -12.80 -20.20 -1.55
CA PHE G 426 -12.24 -19.19 -2.43
C PHE G 426 -11.15 -19.80 -3.30
N TYR G 427 -10.58 -20.92 -2.85
CA TYR G 427 -9.61 -21.67 -3.65
C TYR G 427 -10.33 -22.49 -4.73
N GLY G 428 -9.54 -23.06 -5.63
CA GLY G 428 -10.06 -23.94 -6.68
C GLY G 428 -8.98 -24.28 -7.70
N LEU G 429 -7.85 -24.82 -7.22
CA LEU G 429 -6.71 -25.11 -8.06
C LEU G 429 -6.89 -26.49 -8.73
N SER G 430 -7.43 -27.45 -7.97
CA SER G 430 -7.60 -28.80 -8.49
C SER G 430 -8.66 -29.54 -7.68
N ALA G 431 -8.96 -30.78 -8.12
CA ALA G 431 -9.88 -31.66 -7.43
C ALA G 431 -9.63 -33.10 -7.87
N GLY G 432 -10.28 -34.05 -7.19
CA GLY G 432 -10.16 -35.46 -7.51
C GLY G 432 -11.51 -36.18 -7.42
N VAL G 433 -11.84 -36.93 -8.48
CA VAL G 433 -13.09 -37.67 -8.54
C VAL G 433 -12.76 -39.15 -8.75
N PHE G 434 -13.33 -40.00 -7.88
CA PHE G 434 -13.04 -41.43 -7.90
C PHE G 434 -14.36 -42.20 -8.02
N THR G 435 -14.65 -42.67 -9.23
CA THR G 435 -15.87 -43.42 -9.50
C THR G 435 -15.69 -44.22 -10.80
N LYS G 436 -16.49 -45.27 -10.95
CA LYS G 436 -16.46 -46.12 -12.14
C LYS G 436 -17.47 -45.63 -13.18
N ASP G 437 -18.51 -44.91 -12.73
CA ASP G 437 -19.60 -44.50 -13.59
C ASP G 437 -19.17 -43.28 -14.43
N ILE G 438 -19.43 -43.35 -15.73
CA ILE G 438 -19.02 -42.30 -16.66
C ILE G 438 -19.83 -41.04 -16.39
N ASP G 439 -21.15 -41.19 -16.39
CA ASP G 439 -22.07 -40.08 -16.21
C ASP G 439 -21.64 -39.27 -14.98
N LYS G 440 -21.38 -39.99 -13.87
CA LYS G 440 -20.95 -39.38 -12.63
C LYS G 440 -19.66 -38.58 -12.85
N ALA G 441 -18.64 -39.25 -13.40
CA ALA G 441 -17.32 -38.66 -13.56
C ALA G 441 -17.40 -37.35 -14.35
N ILE G 442 -18.09 -37.39 -15.50
CA ILE G 442 -18.16 -36.25 -16.40
C ILE G 442 -18.93 -35.11 -15.75
N THR G 443 -20.09 -35.43 -15.17
CA THR G 443 -20.97 -34.42 -14.60
C THR G 443 -20.31 -33.77 -13.38
N ILE G 444 -19.77 -34.59 -12.47
CA ILE G 444 -19.14 -34.11 -11.26
C ILE G 444 -17.97 -33.20 -11.62
N SER G 445 -17.13 -33.66 -12.56
CA SER G 445 -15.96 -32.90 -12.98
C SER G 445 -16.38 -31.57 -13.61
N SER G 446 -17.53 -31.56 -14.32
CA SER G 446 -18.05 -30.36 -14.94
C SER G 446 -18.55 -29.38 -13.88
N ALA G 447 -19.08 -29.93 -12.77
CA ALA G 447 -19.68 -29.13 -11.71
C ALA G 447 -18.60 -28.49 -10.84
N LEU G 448 -17.56 -29.27 -10.52
CA LEU G 448 -16.47 -28.81 -9.66
C LEU G 448 -15.79 -27.59 -10.27
N GLN G 449 -15.47 -26.60 -9.42
CA GLN G 449 -14.85 -25.36 -9.85
C GLN G 449 -13.34 -25.45 -9.60
N ALA G 450 -12.68 -26.33 -10.37
CA ALA G 450 -11.25 -26.57 -10.21
C ALA G 450 -10.56 -26.43 -11.58
N GLY G 451 -9.30 -25.99 -11.55
CA GLY G 451 -8.52 -25.77 -12.75
C GLY G 451 -8.12 -27.07 -13.42
N THR G 452 -7.84 -28.09 -12.60
CA THR G 452 -7.49 -29.42 -13.08
C THR G 452 -8.25 -30.46 -12.25
N VAL G 453 -9.04 -31.30 -12.94
CA VAL G 453 -9.82 -32.33 -12.26
C VAL G 453 -9.30 -33.70 -12.70
N TRP G 454 -8.90 -34.52 -11.72
CA TRP G 454 -8.38 -35.85 -11.96
C TRP G 454 -9.48 -36.87 -11.69
N VAL G 455 -9.63 -37.83 -12.62
CA VAL G 455 -10.63 -38.88 -12.49
C VAL G 455 -9.92 -40.21 -12.27
N ASN G 456 -10.16 -40.81 -11.10
CA ASN G 456 -9.53 -42.06 -10.69
C ASN G 456 -8.00 -41.91 -10.71
N CYS G 457 -7.53 -40.72 -10.32
CA CYS G 457 -6.11 -40.44 -10.16
C CYS G 457 -5.96 -39.09 -9.46
N TYR G 458 -4.71 -38.66 -9.21
CA TYR G 458 -4.45 -37.39 -8.58
C TYR G 458 -2.98 -37.01 -8.79
N GLY G 459 -2.73 -35.69 -8.91
CA GLY G 459 -1.39 -35.15 -9.03
C GLY G 459 -0.69 -35.52 -10.34
N VAL G 460 -1.49 -35.72 -11.39
CA VAL G 460 -0.97 -36.13 -12.69
C VAL G 460 -0.82 -34.89 -13.56
N VAL G 461 0.28 -34.16 -13.35
CA VAL G 461 0.60 -32.99 -14.15
C VAL G 461 1.69 -33.37 -15.15
N SER G 462 1.53 -32.92 -16.40
CA SER G 462 2.52 -33.09 -17.45
C SER G 462 2.68 -31.77 -18.21
N ALA G 463 3.66 -31.74 -19.12
CA ALA G 463 4.01 -30.52 -19.84
C ALA G 463 2.95 -30.18 -20.89
N GLN G 464 2.25 -31.21 -21.41
CA GLN G 464 1.34 -31.04 -22.53
C GLN G 464 0.02 -30.45 -22.05
N CYS G 465 -0.38 -30.74 -20.81
CA CYS G 465 -1.67 -30.32 -20.28
C CYS G 465 -1.55 -28.93 -19.65
N PRO G 466 -2.53 -28.01 -19.89
CA PRO G 466 -2.52 -26.70 -19.25
C PRO G 466 -2.98 -26.75 -17.79
N PHE G 467 -2.18 -26.14 -16.91
CA PHE G 467 -2.40 -26.24 -15.47
C PHE G 467 -2.58 -24.83 -14.88
N GLY G 468 -3.71 -24.63 -14.20
CA GLY G 468 -4.00 -23.38 -13.52
C GLY G 468 -5.07 -23.56 -12.44
N GLY G 469 -5.81 -22.49 -12.13
CA GLY G 469 -6.79 -22.51 -11.05
C GLY G 469 -7.98 -21.60 -11.30
N PHE G 470 -9.14 -22.00 -10.76
CA PHE G 470 -10.33 -21.16 -10.69
C PHE G 470 -10.24 -20.25 -9.47
N LYS G 471 -10.95 -19.12 -9.53
CA LYS G 471 -11.15 -18.24 -8.38
C LYS G 471 -9.78 -17.76 -7.87
N MET G 472 -9.55 -17.88 -6.56
CA MET G 472 -8.37 -17.31 -5.93
C MET G 472 -7.27 -18.38 -5.79
N SER G 473 -7.14 -19.23 -6.81
CA SER G 473 -6.05 -20.20 -6.88
C SER G 473 -5.17 -19.93 -8.10
N GLY G 474 -5.48 -18.88 -8.87
CA GLY G 474 -4.70 -18.56 -10.05
C GLY G 474 -5.34 -17.44 -10.88
N ASN G 475 -4.57 -16.91 -11.84
CA ASN G 475 -5.03 -15.90 -12.76
C ASN G 475 -4.61 -16.25 -14.19
N GLY G 476 -4.31 -17.53 -14.46
CA GLY G 476 -3.88 -17.94 -15.79
C GLY G 476 -3.36 -19.38 -15.82
N ARG G 477 -3.20 -19.91 -17.04
CA ARG G 477 -2.65 -21.23 -17.28
C ARG G 477 -1.18 -21.10 -17.67
N GLU G 478 -0.38 -22.15 -17.40
CA GLU G 478 1.07 -22.06 -17.51
C GLU G 478 1.65 -23.06 -18.52
N LEU G 479 0.96 -24.17 -18.79
CA LEU G 479 1.52 -25.22 -19.64
C LEU G 479 0.61 -25.48 -20.82
N GLY G 480 1.04 -26.40 -21.71
CA GLY G 480 0.25 -26.81 -22.87
C GLY G 480 0.18 -25.70 -23.92
N GLU G 481 -0.77 -25.84 -24.85
CA GLU G 481 -0.95 -24.87 -25.91
C GLU G 481 -1.43 -23.54 -25.32
N TYR G 482 -2.32 -23.61 -24.32
CA TYR G 482 -2.98 -22.43 -23.80
C TYR G 482 -2.04 -21.62 -22.90
N GLY G 483 -1.06 -22.31 -22.29
CA GLY G 483 -0.10 -21.66 -21.42
C GLY G 483 0.80 -20.66 -22.14
N PHE G 484 1.01 -20.89 -23.45
CA PHE G 484 1.87 -20.06 -24.27
C PHE G 484 1.15 -18.78 -24.70
N HIS G 485 -0.20 -18.80 -24.68
CA HIS G 485 -0.99 -17.65 -25.08
C HIS G 485 -0.74 -16.47 -24.15
N GLU G 486 -0.29 -16.76 -22.92
CA GLU G 486 -0.17 -15.74 -21.89
C GLU G 486 1.27 -15.21 -21.80
N TYR G 487 2.13 -15.67 -22.72
CA TYR G 487 3.47 -15.10 -22.89
C TYR G 487 3.61 -14.51 -24.30
N THR G 488 2.49 -14.04 -24.86
CA THR G 488 2.49 -13.44 -26.19
C THR G 488 1.58 -12.21 -26.22
N GLU G 489 1.89 -11.28 -27.13
CA GLU G 489 1.08 -10.09 -27.36
C GLU G 489 0.67 -10.08 -28.82
N VAL G 490 -0.65 -9.98 -29.08
CA VAL G 490 -1.21 -10.17 -30.41
C VAL G 490 -1.31 -8.82 -31.12
N LYS G 491 -0.49 -8.64 -32.16
CA LYS G 491 -0.55 -7.47 -33.03
C LYS G 491 -1.41 -7.81 -34.25
N THR G 492 -2.30 -6.87 -34.60
CA THR G 492 -3.18 -7.00 -35.75
C THR G 492 -2.73 -6.04 -36.84
N VAL G 493 -2.43 -6.58 -38.03
CA VAL G 493 -1.97 -5.75 -39.14
C VAL G 493 -3.00 -5.82 -40.26
N THR G 494 -3.68 -4.69 -40.49
CA THR G 494 -4.73 -4.59 -41.51
C THR G 494 -4.22 -3.73 -42.66
N VAL G 495 -4.11 -4.33 -43.85
CA VAL G 495 -3.55 -3.69 -45.02
C VAL G 495 -4.68 -3.37 -46.00
N LYS G 496 -4.73 -2.12 -46.47
CA LYS G 496 -5.71 -1.72 -47.48
C LYS G 496 -5.28 -2.25 -48.84
N ILE G 497 -6.25 -2.81 -49.58
CA ILE G 497 -6.01 -3.32 -50.91
C ILE G 497 -7.10 -2.78 -51.85
N SER G 498 -6.87 -2.95 -53.15
CA SER G 498 -7.77 -2.45 -54.19
C SER G 498 -9.05 -3.26 -54.22
N GLN G 499 -8.90 -4.58 -54.40
CA GLN G 499 -10.03 -5.50 -54.40
C GLN G 499 -9.68 -6.75 -53.61
N LYS G 500 -10.63 -7.22 -52.80
CA LYS G 500 -10.51 -8.44 -52.04
C LYS G 500 -11.15 -9.59 -52.83
N ASN G 501 -10.58 -10.79 -52.68
CA ASN G 501 -11.17 -12.01 -53.24
C ASN G 501 -11.02 -13.14 -52.21
N SER G 502 -12.11 -13.90 -52.03
CA SER G 502 -12.18 -14.94 -51.03
C SER G 502 -11.23 -16.08 -51.38
N LEU H 10 32.89 -25.70 -46.16
CA LEU H 10 32.43 -26.92 -46.85
C LEU H 10 33.44 -28.06 -46.62
N PRO H 11 33.31 -28.81 -45.49
CA PRO H 11 34.14 -29.98 -45.26
C PRO H 11 33.76 -31.15 -46.16
N VAL H 12 34.77 -31.71 -46.85
CA VAL H 12 34.58 -32.84 -47.74
C VAL H 12 34.98 -34.12 -46.98
N LEU H 13 34.54 -35.26 -47.52
CA LEU H 13 34.66 -36.54 -46.85
C LEU H 13 36.14 -36.90 -46.73
N LEU H 14 36.58 -37.14 -45.48
CA LEU H 14 37.97 -37.42 -45.17
C LEU H 14 38.34 -38.78 -45.74
N THR H 15 37.53 -39.81 -45.43
CA THR H 15 37.77 -41.15 -45.92
C THR H 15 37.18 -41.29 -47.32
N ASP H 16 37.14 -42.56 -47.78
CA ASP H 16 36.59 -42.91 -49.08
C ASP H 16 35.22 -43.55 -48.84
N LEU H 17 34.24 -43.21 -49.69
CA LEU H 17 32.87 -43.67 -49.48
C LEU H 17 32.75 -45.13 -49.90
N LYS H 18 32.10 -45.94 -49.06
CA LYS H 18 31.94 -47.36 -49.29
C LYS H 18 30.50 -47.73 -49.00
N ILE H 19 29.75 -48.12 -50.04
CA ILE H 19 28.35 -48.47 -49.92
C ILE H 19 28.23 -49.77 -49.12
N GLN H 20 27.14 -49.89 -48.35
CA GLN H 20 26.94 -51.01 -47.46
C GLN H 20 25.49 -51.51 -47.55
N TYR H 21 24.54 -50.58 -47.32
CA TYR H 21 23.13 -50.93 -47.24
C TYR H 21 22.53 -50.90 -48.64
N THR H 22 22.23 -52.09 -49.17
CA THR H 22 21.72 -52.25 -50.52
C THR H 22 20.64 -53.34 -50.55
N LYS H 23 19.80 -53.37 -49.51
CA LYS H 23 18.84 -54.45 -49.34
C LYS H 23 17.50 -53.90 -48.86
N ILE H 24 16.47 -54.75 -48.96
CA ILE H 24 15.11 -54.41 -48.55
C ILE H 24 15.07 -54.38 -47.03
N PHE H 25 14.33 -53.41 -46.48
CA PHE H 25 14.31 -53.14 -45.05
C PHE H 25 12.91 -53.40 -44.50
N ILE H 26 12.75 -54.51 -43.76
CA ILE H 26 11.47 -54.88 -43.17
C ILE H 26 11.72 -55.36 -41.74
N ASN H 27 10.90 -54.87 -40.79
CA ASN H 27 11.04 -55.17 -39.38
C ASN H 27 12.46 -54.89 -38.90
N ASN H 28 13.00 -53.73 -39.30
CA ASN H 28 14.31 -53.29 -38.87
C ASN H 28 15.36 -54.39 -39.10
N GLU H 29 15.29 -55.05 -40.26
CA GLU H 29 16.27 -56.05 -40.66
C GLU H 29 16.31 -56.11 -42.19
N TRP H 30 17.44 -56.62 -42.71
CA TRP H 30 17.75 -56.56 -44.13
C TRP H 30 17.32 -57.84 -44.84
N HIS H 31 16.29 -57.73 -45.68
CA HIS H 31 15.78 -58.86 -46.44
C HIS H 31 16.34 -58.81 -47.86
N ASP H 32 16.39 -59.98 -48.51
CA ASP H 32 16.68 -60.09 -49.92
C ASP H 32 15.36 -59.98 -50.70
N SER H 33 15.47 -59.74 -52.00
CA SER H 33 14.32 -59.75 -52.89
C SER H 33 13.78 -61.18 -52.99
N VAL H 34 12.45 -61.31 -52.91
CA VAL H 34 11.78 -62.60 -52.98
C VAL H 34 12.14 -63.29 -54.30
N SER H 35 12.12 -62.53 -55.39
CA SER H 35 12.52 -63.04 -56.71
C SER H 35 14.01 -63.36 -56.71
N GLY H 36 14.81 -62.54 -56.01
CA GLY H 36 16.25 -62.71 -55.95
C GLY H 36 16.97 -61.76 -56.90
N LYS H 37 16.20 -61.08 -57.76
CA LYS H 37 16.74 -60.18 -58.77
C LYS H 37 17.21 -58.89 -58.11
N LYS H 38 18.15 -58.20 -58.79
CA LYS H 38 18.75 -56.98 -58.29
C LYS H 38 18.92 -56.00 -59.44
N PHE H 39 18.58 -54.73 -59.21
CA PHE H 39 18.73 -53.68 -60.21
C PHE H 39 19.98 -52.86 -59.89
N PRO H 40 20.68 -52.30 -60.91
CA PRO H 40 21.88 -51.50 -60.69
C PRO H 40 21.59 -50.03 -60.36
N VAL H 41 22.59 -49.37 -59.78
CA VAL H 41 22.50 -47.95 -59.46
C VAL H 41 23.76 -47.27 -60.00
N PHE H 42 23.58 -46.24 -60.84
CA PHE H 42 24.71 -45.59 -61.51
C PHE H 42 24.92 -44.20 -60.94
N ASN H 43 26.15 -43.69 -61.09
CA ASN H 43 26.45 -42.28 -60.92
C ASN H 43 26.13 -41.58 -62.23
N PRO H 44 25.16 -40.64 -62.26
CA PRO H 44 24.78 -39.93 -63.49
C PRO H 44 25.90 -39.11 -64.12
N ALA H 45 26.89 -38.71 -63.30
CA ALA H 45 28.03 -37.92 -63.76
C ALA H 45 28.97 -38.79 -64.59
N THR H 46 29.35 -39.95 -64.06
CA THR H 46 30.38 -40.79 -64.65
C THR H 46 29.77 -41.96 -65.44
N GLU H 47 28.46 -42.19 -65.27
CA GLU H 47 27.75 -43.31 -65.88
C GLU H 47 28.25 -44.65 -65.32
N GLU H 48 29.07 -44.60 -64.26
CA GLU H 48 29.64 -45.81 -63.66
C GLU H 48 28.56 -46.47 -62.80
N GLU H 49 28.61 -47.81 -62.69
CA GLU H 49 27.74 -48.53 -61.77
C GLU H 49 28.35 -48.45 -60.37
N LEU H 50 27.53 -48.01 -59.41
CA LEU H 50 27.95 -47.90 -58.02
C LEU H 50 27.79 -49.25 -57.34
N CYS H 51 26.60 -49.85 -57.50
CA CYS H 51 26.29 -51.14 -56.90
C CYS H 51 25.00 -51.69 -57.49
N GLN H 52 24.52 -52.82 -56.94
CA GLN H 52 23.20 -53.33 -57.25
C GLN H 52 22.40 -53.46 -55.96
N VAL H 53 21.12 -53.03 -56.02
CA VAL H 53 20.22 -53.08 -54.89
C VAL H 53 19.19 -54.18 -55.15
N GLU H 54 18.65 -54.75 -54.06
CA GLU H 54 17.63 -55.78 -54.15
C GLU H 54 16.39 -55.19 -54.81
N GLU H 55 15.86 -55.89 -55.83
CA GLU H 55 14.72 -55.42 -56.60
C GLU H 55 13.42 -55.89 -55.93
N GLY H 56 12.69 -54.95 -55.34
CA GLY H 56 11.43 -55.25 -54.67
C GLY H 56 10.26 -55.32 -55.65
N ASP H 57 9.34 -56.27 -55.40
CA ASP H 57 8.10 -56.38 -56.15
C ASP H 57 6.96 -56.56 -55.15
N LYS H 58 5.82 -57.12 -55.59
CA LYS H 58 4.63 -57.19 -54.76
C LYS H 58 4.90 -58.03 -53.51
N GLU H 59 5.50 -59.21 -53.69
CA GLU H 59 5.73 -60.14 -52.60
C GLU H 59 6.50 -59.44 -51.49
N ASP H 60 7.47 -58.60 -51.87
CA ASP H 60 8.28 -57.84 -50.93
C ASP H 60 7.43 -56.78 -50.23
N VAL H 61 6.55 -56.13 -50.99
CA VAL H 61 5.65 -55.12 -50.44
C VAL H 61 4.70 -55.77 -49.45
N ASP H 62 4.13 -56.93 -49.83
CA ASP H 62 3.16 -57.63 -49.01
C ASP H 62 3.78 -57.98 -47.65
N LYS H 63 5.07 -58.31 -47.64
CA LYS H 63 5.82 -58.54 -46.42
C LYS H 63 5.89 -57.25 -45.60
N ALA H 64 6.29 -56.16 -46.26
CA ALA H 64 6.47 -54.87 -45.63
C ALA H 64 5.15 -54.38 -45.02
N VAL H 65 4.06 -54.57 -45.76
CA VAL H 65 2.73 -54.12 -45.33
C VAL H 65 2.33 -54.87 -44.07
N LYS H 66 2.57 -56.18 -44.04
CA LYS H 66 2.17 -57.02 -42.93
C LYS H 66 3.03 -56.73 -41.70
N ALA H 67 4.27 -56.26 -41.92
CA ALA H 67 5.12 -55.81 -40.83
C ALA H 67 4.59 -54.50 -40.27
N ALA H 68 4.17 -53.60 -41.15
CA ALA H 68 3.66 -52.29 -40.77
C ALA H 68 2.33 -52.43 -40.03
N ARG H 69 1.45 -53.29 -40.55
CA ARG H 69 0.15 -53.54 -39.95
C ARG H 69 0.34 -54.14 -38.55
N GLN H 70 1.30 -55.05 -38.42
CA GLN H 70 1.62 -55.68 -37.15
C GLN H 70 2.10 -54.63 -36.15
N ALA H 71 2.91 -53.69 -36.63
CA ALA H 71 3.48 -52.64 -35.79
C ALA H 71 2.41 -51.62 -35.38
N PHE H 72 1.29 -51.58 -36.13
CA PHE H 72 0.22 -50.64 -35.88
C PHE H 72 -0.91 -51.27 -35.06
N GLN H 73 -0.74 -52.54 -34.63
CA GLN H 73 -1.77 -53.23 -33.89
C GLN H 73 -2.02 -52.54 -32.56
N ILE H 74 -3.28 -52.59 -32.11
CA ILE H 74 -3.68 -51.99 -30.84
C ILE H 74 -2.95 -52.73 -29.72
N GLY H 75 -2.15 -51.99 -28.94
CA GLY H 75 -1.39 -52.56 -27.84
C GLY H 75 0.09 -52.75 -28.18
N SER H 76 0.45 -52.51 -29.45
CA SER H 76 1.83 -52.61 -29.89
C SER H 76 2.64 -51.46 -29.29
N PRO H 77 3.99 -51.58 -29.22
CA PRO H 77 4.83 -50.50 -28.69
C PRO H 77 4.57 -49.13 -29.31
N TRP H 78 4.35 -49.11 -30.63
CA TRP H 78 4.23 -47.86 -31.38
C TRP H 78 2.94 -47.13 -31.03
N ARG H 79 1.89 -47.88 -30.68
CA ARG H 79 0.59 -47.30 -30.37
C ARG H 79 0.52 -46.87 -28.91
N THR H 80 1.07 -47.70 -28.01
CA THR H 80 1.06 -47.43 -26.59
C THR H 80 2.08 -46.35 -26.22
N MET H 81 3.20 -46.34 -26.95
CA MET H 81 4.29 -45.40 -26.72
C MET H 81 3.74 -43.97 -26.62
N ASP H 82 4.34 -43.17 -25.72
CA ASP H 82 3.94 -41.79 -25.51
C ASP H 82 4.19 -40.98 -26.78
N ALA H 83 3.33 -39.97 -27.00
CA ALA H 83 3.46 -39.07 -28.14
C ALA H 83 4.81 -38.35 -28.06
N SER H 84 5.20 -37.94 -26.84
CA SER H 84 6.47 -37.28 -26.60
C SER H 84 7.63 -38.16 -27.05
N GLU H 85 7.51 -39.47 -26.81
CA GLU H 85 8.57 -40.42 -27.09
C GLU H 85 8.73 -40.62 -28.60
N ARG H 86 7.61 -40.58 -29.35
CA ARG H 86 7.67 -40.69 -30.79
C ARG H 86 8.52 -39.57 -31.38
N GLY H 87 8.35 -38.36 -30.82
CA GLY H 87 9.13 -37.21 -31.22
C GLY H 87 10.61 -37.33 -30.82
N ARG H 88 10.85 -37.99 -29.67
CA ARG H 88 12.20 -38.17 -29.17
C ARG H 88 13.00 -39.05 -30.13
N LEU H 89 12.34 -40.09 -30.68
CA LEU H 89 12.96 -40.97 -31.65
C LEU H 89 13.25 -40.22 -32.95
N LEU H 90 12.30 -39.38 -33.37
CA LEU H 90 12.45 -38.56 -34.57
C LEU H 90 13.60 -37.57 -34.38
N TYR H 91 13.76 -37.06 -33.15
CA TYR H 91 14.79 -36.07 -32.87
C TYR H 91 16.14 -36.75 -32.79
N LYS H 92 16.19 -37.97 -32.22
CA LYS H 92 17.41 -38.76 -32.21
C LYS H 92 17.85 -39.07 -33.64
N LEU H 93 16.88 -39.44 -34.49
CA LEU H 93 17.16 -39.79 -35.87
C LEU H 93 17.79 -38.61 -36.60
N ALA H 94 17.32 -37.39 -36.29
CA ALA H 94 17.87 -36.17 -36.87
C ALA H 94 19.32 -36.00 -36.46
N ASP H 95 19.64 -36.35 -35.20
CA ASP H 95 20.99 -36.24 -34.67
C ASP H 95 21.90 -37.26 -35.36
N LEU H 96 21.37 -38.45 -35.64
CA LEU H 96 22.12 -39.51 -36.30
C LEU H 96 22.44 -39.11 -37.75
N ILE H 97 21.50 -38.42 -38.41
CA ILE H 97 21.69 -37.94 -39.76
C ILE H 97 22.71 -36.80 -39.77
N GLU H 98 22.70 -35.98 -38.71
CA GLU H 98 23.64 -34.88 -38.58
C GLU H 98 25.05 -35.42 -38.35
N ARG H 99 25.15 -36.56 -37.64
CA ARG H 99 26.42 -37.24 -37.43
C ARG H 99 26.95 -37.75 -38.76
N ASP H 100 26.10 -38.46 -39.52
CA ASP H 100 26.49 -39.03 -40.80
C ASP H 100 26.13 -38.06 -41.92
N ARG H 101 26.49 -36.77 -41.75
CA ARG H 101 26.09 -35.73 -42.68
C ARG H 101 26.97 -35.78 -43.91
N LEU H 102 28.29 -35.94 -43.69
CA LEU H 102 29.26 -36.00 -44.78
C LEU H 102 29.03 -37.26 -45.61
N LEU H 103 28.71 -38.37 -44.92
CA LEU H 103 28.49 -39.65 -45.56
C LEU H 103 27.29 -39.55 -46.50
N LEU H 104 26.20 -38.96 -46.03
CA LEU H 104 24.95 -38.87 -46.78
C LEU H 104 25.09 -37.81 -47.88
N ALA H 105 25.68 -36.66 -47.55
CA ALA H 105 25.88 -35.58 -48.50
C ALA H 105 26.68 -36.08 -49.70
N THR H 106 27.72 -36.88 -49.43
CA THR H 106 28.57 -37.45 -50.46
C THR H 106 27.77 -38.47 -51.29
N MET H 107 27.02 -39.33 -50.59
CA MET H 107 26.30 -40.43 -51.22
C MET H 107 25.17 -39.86 -52.09
N GLU H 108 24.50 -38.82 -51.59
CA GLU H 108 23.43 -38.16 -52.32
C GLU H 108 23.99 -37.50 -53.59
N SER H 109 25.16 -36.87 -53.44
CA SER H 109 25.81 -36.16 -54.53
C SER H 109 26.23 -37.12 -55.64
N MET H 110 26.73 -38.29 -55.25
CA MET H 110 27.19 -39.30 -56.19
C MET H 110 25.99 -39.90 -56.93
N ASN H 111 24.98 -40.34 -56.16
CA ASN H 111 23.86 -41.09 -56.68
C ASN H 111 22.91 -40.16 -57.44
N GLY H 112 22.58 -39.01 -56.84
CA GLY H 112 21.57 -38.10 -57.37
C GLY H 112 22.12 -37.12 -58.40
N GLY H 113 23.45 -37.07 -58.55
CA GLY H 113 24.09 -36.12 -59.43
C GLY H 113 23.87 -34.68 -58.95
N LYS H 114 24.04 -34.49 -57.64
CA LYS H 114 23.65 -33.27 -56.95
C LYS H 114 24.90 -32.57 -56.42
N LEU H 115 25.00 -31.26 -56.65
CA LEU H 115 26.14 -30.48 -56.20
C LEU H 115 26.37 -30.73 -54.71
N TYR H 116 27.60 -31.14 -54.37
CA TYR H 116 27.93 -31.54 -53.01
C TYR H 116 27.59 -30.43 -52.02
N SER H 117 27.92 -29.18 -52.39
CA SER H 117 27.66 -28.02 -51.55
C SER H 117 26.16 -27.92 -51.25
N ASN H 118 25.34 -28.01 -52.30
CA ASN H 118 23.89 -27.97 -52.15
C ASN H 118 23.43 -29.16 -51.31
N ALA H 119 23.98 -30.35 -51.63
CA ALA H 119 23.62 -31.57 -50.93
C ALA H 119 23.90 -31.44 -49.43
N TYR H 120 25.03 -30.82 -49.08
CA TYR H 120 25.46 -30.70 -47.70
C TYR H 120 24.72 -29.55 -47.01
N LEU H 121 24.58 -28.42 -47.71
CA LEU H 121 24.10 -27.18 -47.09
C LEU H 121 22.58 -27.08 -47.15
N SER H 122 21.95 -27.60 -48.22
CA SER H 122 20.51 -27.51 -48.39
C SER H 122 19.82 -28.78 -47.94
N ASP H 123 20.16 -29.90 -48.59
CA ASP H 123 19.42 -31.15 -48.44
C ASP H 123 19.55 -31.69 -47.03
N LEU H 124 20.80 -31.85 -46.57
CA LEU H 124 21.07 -32.43 -45.26
C LEU H 124 20.57 -31.51 -44.15
N ALA H 125 20.70 -30.19 -44.36
CA ALA H 125 20.16 -29.21 -43.43
C ALA H 125 18.63 -29.33 -43.38
N GLY H 126 18.01 -29.48 -44.56
CA GLY H 126 16.58 -29.62 -44.69
C GLY H 126 16.03 -30.86 -43.98
N CYS H 127 16.77 -31.98 -44.07
CA CYS H 127 16.37 -33.23 -43.45
C CYS H 127 16.32 -33.09 -41.93
N ILE H 128 17.36 -32.46 -41.37
CA ILE H 128 17.50 -32.31 -39.93
C ILE H 128 16.42 -31.38 -39.41
N LYS H 129 16.32 -30.18 -40.02
CA LYS H 129 15.36 -29.17 -39.61
C LYS H 129 13.94 -29.73 -39.61
N THR H 130 13.60 -30.48 -40.67
CA THR H 130 12.25 -30.99 -40.87
C THR H 130 11.93 -32.07 -39.85
N LEU H 131 12.85 -33.03 -39.68
CA LEU H 131 12.69 -34.08 -38.69
C LEU H 131 12.44 -33.49 -37.31
N ARG H 132 13.23 -32.46 -36.96
CA ARG H 132 13.15 -31.81 -35.66
C ARG H 132 11.85 -31.03 -35.54
N TYR H 133 11.39 -30.43 -36.64
CA TYR H 133 10.09 -29.78 -36.67
C TYR H 133 8.99 -30.81 -36.41
N CYS H 134 9.09 -31.96 -37.10
CA CYS H 134 8.09 -33.01 -37.02
C CYS H 134 8.08 -33.65 -35.64
N ALA H 135 9.26 -33.74 -35.00
CA ALA H 135 9.36 -34.22 -33.64
C ALA H 135 8.49 -33.39 -32.71
N GLY H 136 8.51 -32.07 -32.92
CA GLY H 136 7.78 -31.12 -32.09
C GLY H 136 6.27 -31.36 -32.08
N TRP H 137 5.72 -31.68 -33.26
CA TRP H 137 4.27 -31.84 -33.40
C TRP H 137 3.76 -33.10 -32.70
N ALA H 138 4.62 -34.10 -32.54
CA ALA H 138 4.24 -35.42 -32.05
C ALA H 138 3.21 -35.32 -30.93
N ASP H 139 3.56 -34.58 -29.86
CA ASP H 139 2.73 -34.51 -28.66
C ASP H 139 1.91 -33.21 -28.65
N LYS H 140 1.66 -32.65 -29.84
CA LYS H 140 0.87 -31.43 -29.98
C LYS H 140 -0.21 -31.63 -31.03
N ILE H 141 -0.45 -32.88 -31.46
CA ILE H 141 -1.56 -33.22 -32.33
C ILE H 141 -2.79 -33.40 -31.44
N GLN H 142 -3.51 -32.30 -31.21
CA GLN H 142 -4.64 -32.28 -30.29
C GLN H 142 -5.95 -32.37 -31.05
N GLY H 143 -6.93 -33.05 -30.45
CA GLY H 143 -8.28 -33.08 -30.96
C GLY H 143 -9.10 -31.91 -30.43
N ARG H 144 -10.42 -32.07 -30.39
CA ARG H 144 -11.33 -31.03 -29.94
C ARG H 144 -12.36 -31.61 -28.99
N THR H 145 -12.99 -30.74 -28.19
CA THR H 145 -14.20 -31.07 -27.46
C THR H 145 -15.31 -30.11 -27.94
N ILE H 146 -16.35 -30.70 -28.55
CA ILE H 146 -17.40 -29.92 -29.21
C ILE H 146 -18.51 -29.62 -28.20
N PRO H 147 -19.01 -28.38 -28.13
CA PRO H 147 -20.22 -28.07 -27.36
C PRO H 147 -21.48 -28.41 -28.15
N ILE H 148 -21.75 -29.71 -28.27
CA ILE H 148 -22.79 -30.23 -29.14
C ILE H 148 -24.16 -29.95 -28.52
N ASP H 149 -25.20 -29.95 -29.37
CA ASP H 149 -26.58 -29.82 -28.91
C ASP H 149 -26.98 -31.08 -28.15
N GLY H 150 -27.84 -30.91 -27.14
CA GLY H 150 -28.34 -32.01 -26.33
C GLY H 150 -27.44 -32.30 -25.14
N ASN H 151 -27.89 -33.21 -24.27
CA ASN H 151 -27.14 -33.62 -23.09
C ASN H 151 -26.13 -34.68 -23.50
N PHE H 152 -25.03 -34.23 -24.12
CA PHE H 152 -23.99 -35.12 -24.60
C PHE H 152 -22.62 -34.47 -24.38
N PHE H 153 -21.60 -35.32 -24.22
CA PHE H 153 -20.21 -34.87 -24.15
C PHE H 153 -19.47 -35.42 -25.36
N THR H 154 -19.15 -34.54 -26.31
CA THR H 154 -18.51 -34.92 -27.55
C THR H 154 -17.04 -34.51 -27.54
N TYR H 155 -16.19 -35.39 -28.06
CA TYR H 155 -14.76 -35.11 -28.20
C TYR H 155 -14.23 -35.88 -29.40
N THR H 156 -13.14 -35.37 -30.00
CA THR H 156 -12.55 -35.98 -31.18
C THR H 156 -11.11 -36.40 -30.87
N ARG H 157 -10.69 -37.50 -31.48
CA ARG H 157 -9.32 -37.99 -31.40
C ARG H 157 -8.70 -37.93 -32.79
N HIS H 158 -7.58 -37.21 -32.91
CA HIS H 158 -6.82 -37.17 -34.15
C HIS H 158 -5.84 -38.35 -34.16
N GLU H 159 -6.39 -39.55 -34.42
CA GLU H 159 -5.62 -40.78 -34.44
C GLU H 159 -4.76 -40.84 -35.70
N PRO H 160 -3.73 -41.72 -35.74
CA PRO H 160 -3.06 -42.06 -37.00
C PRO H 160 -3.99 -42.89 -37.90
N ILE H 161 -3.69 -42.86 -39.21
CA ILE H 161 -4.49 -43.57 -40.20
C ILE H 161 -4.14 -45.05 -40.15
N GLY H 162 -2.84 -45.35 -40.29
CA GLY H 162 -2.35 -46.72 -40.22
C GLY H 162 -1.15 -46.93 -41.12
N VAL H 163 -1.21 -47.95 -41.98
CA VAL H 163 -0.15 -48.25 -42.93
C VAL H 163 -0.23 -47.23 -44.06
N CYS H 164 0.87 -46.49 -44.26
CA CYS H 164 0.95 -45.45 -45.28
C CYS H 164 2.04 -45.81 -46.30
N GLY H 165 1.60 -46.13 -47.52
CA GLY H 165 2.52 -46.31 -48.64
C GLY H 165 3.06 -44.98 -49.13
N GLN H 166 4.38 -44.88 -49.30
CA GLN H 166 5.02 -43.61 -49.58
C GLN H 166 6.02 -43.77 -50.73
N ILE H 167 5.77 -43.03 -51.82
CA ILE H 167 6.55 -43.15 -53.05
C ILE H 167 7.24 -41.83 -53.33
N ILE H 168 8.57 -41.89 -53.51
CA ILE H 168 9.42 -40.70 -53.60
C ILE H 168 10.08 -40.68 -54.97
N PRO H 169 10.44 -39.48 -55.50
CA PRO H 169 11.22 -39.36 -56.73
C PRO H 169 12.73 -39.36 -56.50
N TRP H 170 13.48 -38.90 -57.52
CA TRP H 170 14.93 -39.01 -57.54
C TRP H 170 15.61 -37.64 -57.37
N ASN H 171 14.83 -36.56 -57.42
CA ASN H 171 15.38 -35.21 -57.52
C ASN H 171 15.95 -34.79 -56.17
N PHE H 172 15.20 -35.04 -55.08
CA PHE H 172 15.68 -34.77 -53.73
C PHE H 172 15.40 -35.98 -52.84
N PRO H 173 16.06 -37.14 -53.10
CA PRO H 173 15.71 -38.41 -52.44
C PRO H 173 15.65 -38.39 -50.92
N LEU H 174 16.55 -37.63 -50.30
CA LEU H 174 16.62 -37.51 -48.84
C LEU H 174 15.49 -36.63 -48.34
N VAL H 175 15.43 -35.38 -48.85
CA VAL H 175 14.50 -34.39 -48.37
C VAL H 175 13.07 -34.92 -48.54
N MET H 176 12.80 -35.53 -49.70
CA MET H 176 11.49 -36.06 -50.04
C MET H 176 11.09 -37.17 -49.07
N LEU H 177 12.08 -37.95 -48.64
CA LEU H 177 11.86 -39.06 -47.71
C LEU H 177 11.40 -38.52 -46.35
N ILE H 178 12.12 -37.51 -45.84
CA ILE H 178 11.83 -36.94 -44.53
C ILE H 178 10.46 -36.28 -44.55
N TRP H 179 10.08 -35.68 -45.69
CA TRP H 179 8.78 -35.04 -45.84
C TRP H 179 7.65 -36.07 -45.72
N LYS H 180 7.94 -37.34 -46.04
CA LYS H 180 6.98 -38.42 -45.91
C LYS H 180 6.97 -38.94 -44.48
N ILE H 181 8.10 -39.49 -44.03
CA ILE H 181 8.17 -40.24 -42.78
C ILE H 181 8.00 -39.29 -41.60
N GLY H 182 8.60 -38.10 -41.69
CA GLY H 182 8.59 -37.14 -40.59
C GLY H 182 7.19 -36.90 -40.05
N PRO H 183 6.27 -36.32 -40.86
CA PRO H 183 4.88 -36.12 -40.45
C PRO H 183 4.15 -37.41 -40.09
N ALA H 184 4.35 -38.44 -40.92
CA ALA H 184 3.65 -39.71 -40.79
C ALA H 184 3.94 -40.34 -39.43
N LEU H 185 5.23 -40.48 -39.10
CA LEU H 185 5.68 -41.11 -37.87
C LEU H 185 5.28 -40.27 -36.66
N SER H 186 5.34 -38.93 -36.82
CA SER H 186 4.98 -38.01 -35.76
C SER H 186 3.54 -38.25 -35.31
N CYS H 187 2.66 -38.53 -36.28
CA CYS H 187 1.24 -38.74 -36.02
C CYS H 187 0.97 -40.16 -35.52
N GLY H 188 1.96 -41.05 -35.66
CA GLY H 188 1.88 -42.40 -35.10
C GLY H 188 1.51 -43.45 -36.16
N ASN H 189 1.78 -43.15 -37.43
CA ASN H 189 1.52 -44.05 -38.54
C ASN H 189 2.73 -44.97 -38.74
N THR H 190 2.48 -46.13 -39.37
CA THR H 190 3.56 -46.97 -39.88
C THR H 190 3.64 -46.79 -41.40
N VAL H 191 4.84 -46.87 -41.95
CA VAL H 191 5.08 -46.46 -43.33
C VAL H 191 5.72 -47.61 -44.10
N VAL H 192 5.35 -47.71 -45.38
CA VAL H 192 6.03 -48.57 -46.34
C VAL H 192 6.55 -47.68 -47.47
N VAL H 193 7.85 -47.33 -47.38
CA VAL H 193 8.45 -46.38 -48.30
C VAL H 193 9.02 -47.13 -49.50
N LYS H 194 8.69 -46.66 -50.71
CA LYS H 194 9.34 -47.12 -51.92
C LYS H 194 10.16 -45.97 -52.51
N PRO H 195 11.51 -46.00 -52.38
CA PRO H 195 12.36 -44.98 -53.00
C PRO H 195 12.47 -45.20 -54.51
N ALA H 196 12.98 -44.17 -55.21
CA ALA H 196 13.12 -44.22 -56.66
C ALA H 196 14.08 -45.34 -57.05
N GLU H 197 13.91 -45.85 -58.28
CA GLU H 197 14.77 -46.89 -58.82
C GLU H 197 16.16 -46.32 -59.10
N GLN H 198 16.26 -44.99 -59.28
CA GLN H 198 17.53 -44.34 -59.54
C GLN H 198 18.30 -44.11 -58.23
N THR H 199 17.57 -43.72 -57.16
CA THR H 199 18.20 -43.16 -55.98
C THR H 199 17.72 -43.85 -54.70
N PRO H 200 17.93 -45.18 -54.55
CA PRO H 200 17.56 -45.88 -53.31
C PRO H 200 18.57 -45.80 -52.16
N LEU H 201 19.84 -45.52 -52.49
CA LEU H 201 20.96 -45.73 -51.59
C LEU H 201 20.82 -44.86 -50.34
N THR H 202 20.60 -43.57 -50.54
CA THR H 202 20.49 -42.60 -49.46
C THR H 202 19.45 -43.04 -48.44
N ALA H 203 18.28 -43.47 -48.94
CA ALA H 203 17.16 -43.86 -48.11
C ALA H 203 17.51 -45.09 -47.26
N LEU H 204 18.28 -46.02 -47.84
CA LEU H 204 18.61 -47.28 -47.17
C LEU H 204 19.57 -47.01 -46.00
N HIS H 205 20.48 -46.05 -46.16
CA HIS H 205 21.37 -45.68 -45.07
C HIS H 205 20.56 -45.17 -43.88
N VAL H 206 19.54 -44.34 -44.17
CA VAL H 206 18.68 -43.77 -43.15
C VAL H 206 17.94 -44.90 -42.42
N ALA H 207 17.60 -45.95 -43.16
CA ALA H 207 16.94 -47.12 -42.59
C ALA H 207 17.79 -47.72 -41.47
N SER H 208 19.12 -47.73 -41.64
CA SER H 208 20.03 -48.21 -40.62
C SER H 208 19.96 -47.31 -39.39
N LEU H 209 19.83 -46.00 -39.62
CA LEU H 209 19.77 -45.01 -38.55
C LEU H 209 18.44 -45.12 -37.79
N ILE H 210 17.39 -45.54 -38.51
CA ILE H 210 16.07 -45.73 -37.91
C ILE H 210 16.10 -46.91 -36.95
N LYS H 211 16.84 -47.96 -37.31
CA LYS H 211 17.06 -49.09 -36.42
C LYS H 211 17.87 -48.63 -35.20
N GLU H 212 18.97 -47.93 -35.46
CA GLU H 212 19.89 -47.47 -34.44
C GLU H 212 19.19 -46.54 -33.45
N ALA H 213 18.28 -45.71 -33.96
CA ALA H 213 17.53 -44.76 -33.15
C ALA H 213 16.57 -45.49 -32.20
N GLY H 214 16.19 -46.72 -32.57
CA GLY H 214 15.41 -47.59 -31.71
C GLY H 214 13.91 -47.51 -32.00
N PHE H 215 13.55 -47.24 -33.26
CA PHE H 215 12.18 -47.33 -33.71
C PHE H 215 11.73 -48.78 -33.64
N PRO H 216 10.53 -49.09 -33.07
CA PRO H 216 10.00 -50.45 -33.08
C PRO H 216 10.06 -51.08 -34.47
N PRO H 217 10.43 -52.38 -34.59
CA PRO H 217 10.42 -53.07 -35.88
C PRO H 217 9.06 -52.99 -36.58
N GLY H 218 9.08 -52.62 -37.86
CA GLY H 218 7.88 -52.60 -38.69
C GLY H 218 7.31 -51.20 -38.87
N VAL H 219 7.71 -50.26 -38.02
CA VAL H 219 7.23 -48.89 -38.08
C VAL H 219 7.64 -48.28 -39.42
N VAL H 220 8.95 -48.35 -39.71
CA VAL H 220 9.47 -47.93 -41.00
C VAL H 220 9.94 -49.17 -41.76
N ASN H 221 9.47 -49.27 -43.01
CA ASN H 221 9.90 -50.31 -43.94
C ASN H 221 10.23 -49.64 -45.27
N ILE H 222 11.29 -50.13 -45.94
CA ILE H 222 11.74 -49.56 -47.19
C ILE H 222 11.93 -50.69 -48.20
N VAL H 223 11.27 -50.55 -49.36
CA VAL H 223 11.29 -51.57 -50.40
C VAL H 223 11.75 -50.92 -51.71
N PRO H 224 13.07 -50.87 -52.00
CA PRO H 224 13.56 -50.34 -53.27
C PRO H 224 13.16 -51.25 -54.42
N GLY H 225 12.75 -50.62 -55.54
CA GLY H 225 12.29 -51.35 -56.71
C GLY H 225 11.85 -50.40 -57.82
N TYR H 226 11.26 -50.95 -58.88
CA TYR H 226 10.78 -50.16 -60.00
C TYR H 226 9.37 -49.67 -59.74
N GLY H 227 8.96 -48.64 -60.48
CA GLY H 227 7.68 -47.98 -60.29
C GLY H 227 6.49 -48.88 -60.63
N PRO H 228 6.36 -49.37 -61.88
CA PRO H 228 5.24 -50.22 -62.28
C PRO H 228 5.08 -51.51 -61.48
N THR H 229 6.18 -51.98 -60.86
CA THR H 229 6.17 -53.20 -60.09
C THR H 229 5.82 -52.92 -58.62
N ALA H 230 6.76 -52.31 -57.90
CA ALA H 230 6.62 -52.08 -56.47
C ALA H 230 5.61 -50.96 -56.21
N GLY H 231 5.71 -49.88 -56.97
CA GLY H 231 4.85 -48.71 -56.80
C GLY H 231 3.37 -49.05 -57.03
N ALA H 232 3.10 -49.86 -58.07
CA ALA H 232 1.74 -50.28 -58.38
C ALA H 232 1.21 -51.21 -57.29
N ALA H 233 2.10 -52.03 -56.72
CA ALA H 233 1.73 -52.94 -55.65
C ALA H 233 1.23 -52.16 -54.44
N ILE H 234 1.86 -51.00 -54.17
CA ILE H 234 1.50 -50.14 -53.05
C ILE H 234 0.16 -49.46 -53.35
N SER H 235 0.02 -48.92 -54.56
CA SER H 235 -1.13 -48.10 -54.90
C SER H 235 -2.43 -48.93 -54.89
N SER H 236 -2.31 -50.25 -55.11
CA SER H 236 -3.48 -51.11 -55.25
C SER H 236 -3.60 -52.09 -54.08
N HIS H 237 -2.75 -51.94 -53.05
CA HIS H 237 -2.72 -52.88 -51.94
C HIS H 237 -3.97 -52.71 -51.07
N MET H 238 -4.48 -53.83 -50.55
CA MET H 238 -5.79 -53.88 -49.93
C MET H 238 -5.71 -53.65 -48.42
N ASP H 239 -4.50 -53.55 -47.87
CA ASP H 239 -4.29 -53.34 -46.45
C ASP H 239 -3.48 -52.06 -46.21
N ILE H 240 -3.28 -51.26 -47.27
CA ILE H 240 -2.66 -49.95 -47.15
C ILE H 240 -3.76 -48.91 -47.07
N ASP H 241 -3.74 -48.10 -46.00
CA ASP H 241 -4.80 -47.17 -45.71
C ASP H 241 -4.61 -45.87 -46.50
N LYS H 242 -3.35 -45.48 -46.71
CA LYS H 242 -3.01 -44.24 -47.39
C LYS H 242 -1.86 -44.46 -48.36
N VAL H 243 -1.83 -43.66 -49.44
CA VAL H 243 -0.68 -43.60 -50.32
C VAL H 243 -0.24 -42.14 -50.42
N ALA H 244 1.08 -41.91 -50.39
CA ALA H 244 1.65 -40.59 -50.54
C ALA H 244 2.65 -40.61 -51.71
N PHE H 245 2.34 -39.85 -52.76
CA PHE H 245 3.09 -39.89 -54.00
C PHE H 245 3.72 -38.53 -54.30
N THR H 246 4.87 -38.55 -54.98
CA THR H 246 5.52 -37.36 -55.50
C THR H 246 6.26 -37.72 -56.78
N GLY H 247 5.74 -37.27 -57.93
CA GLY H 247 6.32 -37.60 -59.22
C GLY H 247 5.54 -36.98 -60.37
N SER H 248 5.60 -37.63 -61.53
CA SER H 248 4.94 -37.15 -62.74
C SER H 248 3.42 -37.16 -62.55
N THR H 249 2.75 -36.22 -63.22
CA THR H 249 1.30 -36.15 -63.23
C THR H 249 0.73 -37.41 -63.90
N GLU H 250 1.44 -37.90 -64.93
CA GLU H 250 1.07 -39.11 -65.64
C GLU H 250 0.75 -40.24 -64.66
N VAL H 251 1.66 -40.46 -63.71
CA VAL H 251 1.58 -41.58 -62.78
C VAL H 251 0.60 -41.28 -61.66
N GLY H 252 0.57 -40.02 -61.20
CA GLY H 252 -0.38 -39.58 -60.18
C GLY H 252 -1.81 -40.02 -60.50
N LYS H 253 -2.16 -40.02 -61.79
CA LYS H 253 -3.49 -40.40 -62.25
C LYS H 253 -3.70 -41.91 -62.13
N LEU H 254 -2.61 -42.68 -62.24
CA LEU H 254 -2.64 -44.13 -62.09
C LEU H 254 -2.74 -44.49 -60.62
N ILE H 255 -2.10 -43.68 -59.75
CA ILE H 255 -2.10 -43.91 -58.31
C ILE H 255 -3.51 -43.74 -57.77
N LYS H 256 -4.16 -42.63 -58.17
CA LYS H 256 -5.51 -42.31 -57.71
C LYS H 256 -6.50 -43.33 -58.27
N GLU H 257 -6.26 -43.76 -59.52
CA GLU H 257 -7.12 -44.72 -60.19
C GLU H 257 -7.02 -46.08 -59.50
N ALA H 258 -5.79 -46.51 -59.21
CA ALA H 258 -5.54 -47.79 -58.56
C ALA H 258 -6.05 -47.78 -57.12
N ALA H 259 -6.10 -46.59 -56.50
CA ALA H 259 -6.62 -46.42 -55.16
C ALA H 259 -8.14 -46.59 -55.16
N GLY H 260 -8.79 -46.16 -56.25
CA GLY H 260 -10.22 -46.31 -56.40
C GLY H 260 -10.65 -47.77 -56.54
N LYS H 261 -9.89 -48.55 -57.32
CA LYS H 261 -10.22 -49.94 -57.60
C LYS H 261 -9.92 -50.82 -56.38
N SER H 262 -8.94 -50.43 -55.56
CA SER H 262 -8.50 -51.25 -54.45
C SER H 262 -9.42 -51.05 -53.24
N ASN H 263 -9.02 -50.16 -52.31
CA ASN H 263 -9.66 -50.06 -51.01
C ASN H 263 -9.90 -48.60 -50.63
N LEU H 264 -10.08 -47.74 -51.64
CA LEU H 264 -10.39 -46.32 -51.43
C LEU H 264 -9.42 -45.71 -50.43
N LYS H 265 -8.13 -46.05 -50.57
CA LYS H 265 -7.09 -45.54 -49.68
C LYS H 265 -6.96 -44.04 -49.90
N ARG H 266 -6.49 -43.34 -48.85
CA ARG H 266 -6.33 -41.89 -48.91
C ARG H 266 -5.13 -41.57 -49.80
N VAL H 267 -5.14 -40.38 -50.41
CA VAL H 267 -4.18 -40.01 -51.43
C VAL H 267 -3.68 -38.59 -51.19
N THR H 268 -2.35 -38.41 -51.27
CA THR H 268 -1.75 -37.09 -51.34
C THR H 268 -0.72 -37.08 -52.47
N LEU H 269 -1.00 -36.27 -53.50
CA LEU H 269 -0.14 -36.16 -54.67
C LEU H 269 0.67 -34.87 -54.56
N GLU H 270 1.91 -34.92 -55.06
CA GLU H 270 2.77 -33.75 -55.15
C GLU H 270 3.45 -33.77 -56.52
N LEU H 271 2.71 -33.32 -57.54
CA LEU H 271 3.11 -33.50 -58.92
C LEU H 271 3.94 -32.31 -59.38
N GLY H 272 4.40 -32.36 -60.63
CA GLY H 272 5.18 -31.28 -61.23
C GLY H 272 4.30 -30.07 -61.57
N GLY H 273 4.95 -29.00 -62.06
CA GLY H 273 4.26 -27.77 -62.41
C GLY H 273 5.00 -26.98 -63.49
N LYS H 274 4.27 -26.04 -64.11
CA LYS H 274 4.84 -25.08 -65.03
C LYS H 274 4.77 -23.71 -64.36
N SER H 275 5.42 -23.62 -63.19
CA SER H 275 5.25 -22.51 -62.26
C SER H 275 5.72 -21.20 -62.90
N PRO H 276 4.82 -20.18 -63.04
CA PRO H 276 5.19 -18.91 -63.68
C PRO H 276 5.75 -17.85 -62.74
N CYS H 277 6.46 -16.87 -63.31
CA CYS H 277 6.93 -15.71 -62.59
C CYS H 277 6.45 -14.44 -63.28
N ILE H 278 6.01 -13.46 -62.49
CA ILE H 278 5.55 -12.19 -63.01
C ILE H 278 6.42 -11.09 -62.42
N VAL H 279 7.12 -10.36 -63.29
CA VAL H 279 8.06 -9.32 -62.89
C VAL H 279 7.55 -7.98 -63.42
N LEU H 280 7.03 -7.16 -62.51
CA LEU H 280 6.48 -5.86 -62.88
C LEU H 280 7.61 -4.85 -63.00
N ALA H 281 7.29 -3.69 -63.58
CA ALA H 281 8.25 -2.62 -63.83
C ALA H 281 8.94 -2.23 -62.52
N ASP H 282 8.14 -1.97 -61.49
CA ASP H 282 8.63 -1.54 -60.19
C ASP H 282 9.14 -2.76 -59.42
N ALA H 283 10.34 -3.22 -59.78
CA ALA H 283 10.94 -4.40 -59.15
C ALA H 283 12.45 -4.26 -59.09
N ASP H 284 13.04 -4.78 -58.01
CA ASP H 284 14.49 -4.89 -57.91
C ASP H 284 14.95 -5.94 -58.90
N LEU H 285 15.40 -5.49 -60.08
CA LEU H 285 15.64 -6.36 -61.21
C LEU H 285 16.66 -7.43 -60.85
N ASP H 286 17.74 -7.03 -60.17
CA ASP H 286 18.77 -7.96 -59.76
C ASP H 286 18.18 -9.05 -58.86
N ASN H 287 17.30 -8.63 -57.94
CA ASN H 287 16.61 -9.56 -57.06
C ASN H 287 15.78 -10.53 -57.89
N ALA H 288 14.99 -9.98 -58.82
CA ALA H 288 14.09 -10.76 -59.66
C ALA H 288 14.88 -11.70 -60.57
N VAL H 289 15.94 -11.17 -61.21
CA VAL H 289 16.75 -11.92 -62.15
C VAL H 289 17.44 -13.08 -61.42
N GLU H 290 17.93 -12.82 -60.21
CA GLU H 290 18.72 -13.79 -59.46
C GLU H 290 17.83 -14.92 -58.96
N PHE H 291 16.65 -14.57 -58.43
CA PHE H 291 15.72 -15.54 -57.87
C PHE H 291 15.04 -16.34 -58.98
N ALA H 292 14.68 -15.66 -60.08
CA ALA H 292 14.08 -16.32 -61.23
C ALA H 292 15.07 -17.29 -61.87
N HIS H 293 16.35 -16.88 -61.91
CA HIS H 293 17.42 -17.72 -62.39
C HIS H 293 17.59 -18.94 -61.50
N HIS H 294 17.74 -18.71 -60.19
CA HIS H 294 17.86 -19.77 -59.21
C HIS H 294 16.65 -20.70 -59.30
N GLY H 295 15.46 -20.11 -59.44
CA GLY H 295 14.21 -20.87 -59.48
C GLY H 295 14.21 -21.95 -60.56
N VAL H 296 14.69 -21.59 -61.76
CA VAL H 296 14.55 -22.44 -62.93
C VAL H 296 15.78 -23.33 -63.10
N PHE H 297 16.94 -22.92 -62.56
CA PHE H 297 18.21 -23.58 -62.82
C PHE H 297 18.73 -24.34 -61.61
N TYR H 298 17.95 -24.42 -60.52
CA TYR H 298 18.40 -25.09 -59.31
C TYR H 298 18.38 -26.60 -59.53
N HIS H 299 19.48 -27.27 -59.16
CA HIS H 299 19.64 -28.71 -59.34
C HIS H 299 19.31 -29.09 -60.79
N GLN H 300 19.97 -28.40 -61.73
CA GLN H 300 19.80 -28.63 -63.17
C GLN H 300 18.33 -28.51 -63.55
N GLY H 301 17.61 -27.59 -62.90
CA GLY H 301 16.19 -27.36 -63.16
C GLY H 301 15.33 -28.59 -62.97
N GLN H 302 15.72 -29.48 -62.04
CA GLN H 302 14.99 -30.71 -61.78
C GLN H 302 14.17 -30.54 -60.50
N CYS H 303 13.46 -29.41 -60.41
CA CYS H 303 12.58 -29.10 -59.28
C CYS H 303 11.14 -29.06 -59.76
N CYS H 304 10.22 -29.54 -58.92
CA CYS H 304 8.79 -29.42 -59.19
C CYS H 304 8.40 -27.95 -59.24
N ILE H 305 9.06 -27.15 -58.39
CA ILE H 305 8.87 -25.71 -58.34
C ILE H 305 9.94 -25.03 -59.19
N ALA H 306 9.86 -25.23 -60.52
CA ALA H 306 10.79 -24.60 -61.45
C ALA H 306 10.11 -23.38 -62.08
N ALA H 307 10.83 -22.26 -62.14
CA ALA H 307 10.32 -21.03 -62.71
C ALA H 307 10.36 -21.11 -64.24
N SER H 308 9.46 -21.91 -64.81
CA SER H 308 9.49 -22.22 -66.23
C SER H 308 9.18 -20.97 -67.04
N ARG H 309 7.96 -20.45 -66.86
CA ARG H 309 7.50 -19.27 -67.58
C ARG H 309 7.82 -18.02 -66.75
N ILE H 310 8.55 -17.07 -67.36
CA ILE H 310 8.92 -15.85 -66.66
C ILE H 310 8.41 -14.65 -67.46
N PHE H 311 7.27 -14.11 -66.99
CA PHE H 311 6.63 -12.97 -67.61
C PHE H 311 7.25 -11.68 -67.09
N VAL H 312 7.55 -10.74 -68.00
CA VAL H 312 8.23 -9.50 -67.66
C VAL H 312 7.54 -8.35 -68.39
N GLU H 313 7.41 -7.21 -67.70
CA GLU H 313 6.89 -5.99 -68.28
C GLU H 313 7.73 -5.62 -69.50
N GLU H 314 7.10 -4.97 -70.49
CA GLU H 314 7.78 -4.60 -71.73
C GLU H 314 8.99 -3.72 -71.44
N SER H 315 8.80 -2.71 -70.59
CA SER H 315 9.82 -1.70 -70.30
C SER H 315 11.15 -2.33 -69.89
N ILE H 316 11.10 -3.43 -69.13
CA ILE H 316 12.30 -4.03 -68.55
C ILE H 316 12.54 -5.42 -69.12
N TYR H 317 11.88 -5.76 -70.23
CA TYR H 317 11.98 -7.09 -70.81
C TYR H 317 13.40 -7.35 -71.31
N ASP H 318 13.89 -6.45 -72.18
CA ASP H 318 15.17 -6.63 -72.84
C ASP H 318 16.30 -6.67 -71.80
N GLU H 319 16.21 -5.79 -70.81
CA GLU H 319 17.22 -5.70 -69.77
C GLU H 319 17.25 -7.00 -68.96
N PHE H 320 16.07 -7.56 -68.67
CA PHE H 320 15.95 -8.79 -67.91
C PHE H 320 16.59 -9.95 -68.67
N VAL H 321 16.27 -10.04 -69.97
CA VAL H 321 16.80 -11.10 -70.83
C VAL H 321 18.31 -11.00 -70.86
N ARG H 322 18.83 -9.77 -70.95
CA ARG H 322 20.26 -9.52 -71.05
C ARG H 322 20.98 -10.10 -69.84
N ARG H 323 20.46 -9.81 -68.64
CA ARG H 323 21.10 -10.19 -67.39
C ARG H 323 20.94 -11.68 -67.12
N SER H 324 19.81 -12.25 -67.56
CA SER H 324 19.50 -13.66 -67.34
C SER H 324 20.46 -14.55 -68.13
N VAL H 325 20.93 -14.06 -69.28
CA VAL H 325 21.79 -14.82 -70.16
C VAL H 325 23.22 -14.84 -69.60
N GLU H 326 23.75 -13.65 -69.27
CA GLU H 326 25.11 -13.53 -68.79
C GLU H 326 25.30 -14.34 -67.51
N ARG H 327 24.24 -14.43 -66.70
CA ARG H 327 24.26 -15.21 -65.47
C ARG H 327 24.32 -16.70 -65.81
N ALA H 328 23.63 -17.11 -66.88
CA ALA H 328 23.50 -18.52 -67.24
C ALA H 328 24.75 -19.06 -67.91
N LYS H 329 25.60 -18.17 -68.44
CA LYS H 329 26.81 -18.57 -69.13
C LYS H 329 27.94 -18.83 -68.13
N LYS H 330 27.75 -18.41 -66.88
CA LYS H 330 28.75 -18.57 -65.83
C LYS H 330 28.53 -19.87 -65.08
N TYR H 331 28.44 -20.98 -65.81
CA TYR H 331 28.27 -22.30 -65.21
C TYR H 331 29.38 -23.23 -65.70
N ILE H 332 29.86 -24.08 -64.79
CA ILE H 332 30.93 -25.03 -65.07
C ILE H 332 30.38 -26.44 -64.88
N LEU H 333 30.14 -27.13 -66.00
CA LEU H 333 29.55 -28.46 -65.97
C LEU H 333 30.65 -29.50 -65.72
N GLY H 334 30.36 -30.44 -64.83
CA GLY H 334 31.30 -31.50 -64.49
C GLY H 334 30.81 -32.35 -63.33
N ASN H 335 31.73 -33.09 -62.71
CA ASN H 335 31.41 -33.97 -61.60
C ASN H 335 30.96 -33.12 -60.41
N PRO H 336 29.79 -33.41 -59.79
CA PRO H 336 29.31 -32.61 -58.65
C PRO H 336 30.18 -32.69 -57.39
N LEU H 337 31.02 -33.74 -57.29
CA LEU H 337 31.95 -33.89 -56.19
C LEU H 337 33.19 -33.02 -56.41
N THR H 338 33.45 -32.63 -57.67
CA THR H 338 34.59 -31.79 -58.00
C THR H 338 34.34 -30.38 -57.47
N PRO H 339 35.29 -29.81 -56.69
CA PRO H 339 35.18 -28.42 -56.24
C PRO H 339 35.34 -27.42 -57.38
N GLY H 340 34.37 -26.50 -57.51
CA GLY H 340 34.39 -25.50 -58.56
C GLY H 340 33.33 -25.76 -59.63
N VAL H 341 32.80 -26.99 -59.67
CA VAL H 341 31.71 -27.35 -60.55
C VAL H 341 30.43 -26.70 -60.04
N THR H 342 29.75 -25.93 -60.90
CA THR H 342 28.60 -25.14 -60.50
C THR H 342 27.30 -25.74 -61.07
N GLN H 343 27.41 -26.68 -62.02
CA GLN H 343 26.25 -27.40 -62.53
C GLN H 343 26.59 -28.88 -62.72
N GLY H 344 25.61 -29.74 -62.43
CA GLY H 344 25.80 -31.19 -62.49
C GLY H 344 25.05 -31.82 -63.66
N PRO H 345 24.91 -33.16 -63.66
CA PRO H 345 24.18 -33.88 -64.71
C PRO H 345 22.70 -34.14 -64.41
N GLN H 346 21.96 -34.54 -65.45
CA GLN H 346 20.60 -35.03 -65.30
C GLN H 346 20.66 -36.45 -64.74
N ILE H 347 19.53 -36.94 -64.21
CA ILE H 347 19.52 -38.16 -63.43
C ILE H 347 19.83 -39.37 -64.31
N ASP H 348 19.21 -39.44 -65.50
CA ASP H 348 19.35 -40.60 -66.37
C ASP H 348 19.18 -40.16 -67.82
N LYS H 349 19.23 -41.13 -68.73
CA LYS H 349 19.18 -40.87 -70.17
C LYS H 349 17.77 -40.48 -70.59
N GLU H 350 16.76 -40.89 -69.80
CA GLU H 350 15.37 -40.62 -70.10
C GLU H 350 15.11 -39.11 -70.07
N GLN H 351 15.51 -38.47 -68.97
CA GLN H 351 15.35 -37.03 -68.80
C GLN H 351 16.21 -36.29 -69.82
N TYR H 352 17.47 -36.74 -69.94
CA TYR H 352 18.44 -36.16 -70.85
C TYR H 352 17.83 -36.00 -72.25
N ASP H 353 17.24 -37.09 -72.77
CA ASP H 353 16.67 -37.10 -74.10
C ASP H 353 15.43 -36.22 -74.16
N LYS H 354 14.63 -36.24 -73.08
CA LYS H 354 13.38 -35.47 -73.02
C LYS H 354 13.68 -33.98 -73.06
N ILE H 355 14.71 -33.55 -72.31
CA ILE H 355 15.07 -32.15 -72.19
C ILE H 355 15.58 -31.64 -73.54
N LEU H 356 16.44 -32.43 -74.19
CA LEU H 356 16.98 -32.09 -75.50
C LEU H 356 15.87 -32.01 -76.54
N ASP H 357 14.86 -32.89 -76.39
CA ASP H 357 13.72 -32.93 -77.31
C ASP H 357 12.94 -31.62 -77.24
N LEU H 358 12.73 -31.10 -76.02
CA LEU H 358 11.96 -29.89 -75.81
C LEU H 358 12.78 -28.67 -76.24
N ILE H 359 14.10 -28.75 -76.11
CA ILE H 359 14.99 -27.68 -76.56
C ILE H 359 14.89 -27.53 -78.07
N GLU H 360 14.79 -28.66 -78.78
CA GLU H 360 14.66 -28.67 -80.23
C GLU H 360 13.34 -28.00 -80.64
N SER H 361 12.26 -28.31 -79.91
CA SER H 361 10.94 -27.75 -80.20
C SER H 361 10.96 -26.23 -80.06
N GLY H 362 11.74 -25.73 -79.08
CA GLY H 362 11.91 -24.31 -78.87
C GLY H 362 12.45 -23.60 -80.11
N LYS H 363 13.41 -24.25 -80.78
CA LYS H 363 14.01 -23.73 -82.00
C LYS H 363 13.04 -23.90 -83.17
N LYS H 364 12.47 -25.11 -83.29
CA LYS H 364 11.59 -25.48 -84.38
C LYS H 364 10.34 -24.61 -84.38
N GLU H 365 9.78 -24.33 -83.20
CA GLU H 365 8.58 -23.50 -83.07
C GLU H 365 8.94 -22.02 -83.12
N GLY H 366 10.24 -21.71 -83.11
CA GLY H 366 10.74 -20.39 -83.47
C GLY H 366 10.85 -19.46 -82.26
N ALA H 367 11.32 -19.99 -81.13
CA ALA H 367 11.71 -19.17 -79.99
C ALA H 367 13.18 -18.80 -80.13
N LYS H 368 13.54 -17.61 -79.66
CA LYS H 368 14.89 -17.10 -79.80
C LYS H 368 15.81 -17.76 -78.77
N LEU H 369 16.79 -18.54 -79.26
CA LEU H 369 17.80 -19.14 -78.40
C LEU H 369 18.83 -18.08 -78.04
N GLU H 370 18.88 -17.71 -76.75
CA GLU H 370 19.76 -16.66 -76.27
C GLU H 370 21.13 -17.24 -75.92
N CYS H 371 21.14 -18.42 -75.29
CA CYS H 371 22.37 -19.14 -75.01
C CYS H 371 22.07 -20.63 -74.82
N GLY H 372 23.14 -21.42 -74.70
CA GLY H 372 23.02 -22.86 -74.53
C GLY H 372 22.34 -23.52 -75.73
N GLY H 373 21.44 -24.47 -75.45
CA GLY H 373 20.63 -25.11 -76.46
C GLY H 373 21.34 -26.30 -77.11
N GLY H 374 21.82 -27.22 -76.27
CA GLY H 374 22.51 -28.41 -76.76
C GLY H 374 23.15 -29.20 -75.61
N PRO H 375 23.64 -30.43 -75.87
CA PRO H 375 24.29 -31.24 -74.83
C PRO H 375 25.72 -30.79 -74.53
N TRP H 376 26.34 -31.43 -73.54
CA TRP H 376 27.71 -31.13 -73.16
C TRP H 376 28.40 -32.43 -72.72
N GLY H 377 29.66 -32.61 -73.14
CA GLY H 377 30.51 -33.69 -72.66
C GLY H 377 30.28 -34.99 -73.42
N ASN H 378 31.30 -35.87 -73.35
CA ASN H 378 31.25 -37.21 -73.92
C ASN H 378 30.60 -38.15 -72.91
N LYS H 379 31.01 -38.02 -71.64
CA LYS H 379 30.51 -38.84 -70.56
C LYS H 379 29.57 -38.01 -69.69
N GLY H 380 28.58 -38.68 -69.09
CA GLY H 380 27.60 -38.03 -68.23
C GLY H 380 26.43 -37.45 -69.03
N TYR H 381 25.29 -37.27 -68.37
CA TYR H 381 24.11 -36.69 -69.00
C TYR H 381 24.03 -35.22 -68.63
N PHE H 382 24.86 -34.41 -69.32
CA PHE H 382 24.98 -32.98 -69.07
C PHE H 382 24.26 -32.21 -70.17
N VAL H 383 23.42 -31.25 -69.77
CA VAL H 383 22.77 -30.35 -70.72
C VAL H 383 23.27 -28.93 -70.44
N GLN H 384 23.55 -28.19 -71.53
CA GLN H 384 24.01 -26.81 -71.43
C GLN H 384 22.89 -25.96 -70.84
N PRO H 385 23.20 -24.98 -69.96
CA PRO H 385 22.19 -24.05 -69.46
C PRO H 385 21.62 -23.23 -70.61
N THR H 386 20.35 -23.47 -70.94
CA THR H 386 19.71 -22.91 -72.11
C THR H 386 18.76 -21.78 -71.68
N VAL H 387 18.65 -20.74 -72.53
CA VAL H 387 17.75 -19.63 -72.30
C VAL H 387 17.02 -19.32 -73.60
N PHE H 388 15.67 -19.31 -73.53
CA PHE H 388 14.83 -18.92 -74.65
C PHE H 388 14.16 -17.59 -74.34
N SER H 389 14.02 -16.76 -75.37
CA SER H 389 13.29 -15.50 -75.27
C SER H 389 12.29 -15.40 -76.43
N ASN H 390 11.42 -14.39 -76.36
CA ASN H 390 10.36 -14.20 -77.35
C ASN H 390 9.53 -15.48 -77.43
N VAL H 391 9.18 -16.03 -76.25
CA VAL H 391 8.43 -17.27 -76.15
C VAL H 391 6.94 -16.93 -76.13
N THR H 392 6.14 -17.74 -76.83
CA THR H 392 4.70 -17.55 -76.91
C THR H 392 4.01 -18.61 -76.05
N ASP H 393 2.71 -18.39 -75.79
CA ASP H 393 1.96 -19.23 -74.87
C ASP H 393 1.69 -20.61 -75.46
N GLU H 394 1.63 -20.70 -76.80
CA GLU H 394 1.26 -21.93 -77.47
C GLU H 394 2.51 -22.66 -77.99
N MET H 395 3.61 -22.55 -77.24
CA MET H 395 4.83 -23.31 -77.53
C MET H 395 4.92 -24.47 -76.55
N ARG H 396 5.62 -25.54 -76.96
CA ARG H 396 5.79 -26.72 -76.14
C ARG H 396 6.59 -26.39 -74.88
N ILE H 397 7.58 -25.49 -75.02
CA ILE H 397 8.45 -25.11 -73.92
C ILE H 397 7.73 -24.16 -72.97
N ALA H 398 6.56 -23.65 -73.38
CA ALA H 398 5.77 -22.77 -72.55
C ALA H 398 4.53 -23.49 -72.02
N LYS H 399 4.52 -24.83 -72.11
CA LYS H 399 3.36 -25.62 -71.71
C LYS H 399 3.82 -26.85 -70.93
N GLU H 400 4.64 -27.69 -71.57
CA GLU H 400 5.11 -28.94 -70.97
C GLU H 400 6.21 -28.65 -69.97
N GLU H 401 6.22 -29.42 -68.87
CA GLU H 401 7.28 -29.34 -67.87
C GLU H 401 8.56 -29.95 -68.46
N ILE H 402 9.67 -29.20 -68.37
CA ILE H 402 10.92 -29.58 -69.00
C ILE H 402 11.72 -30.46 -68.03
N PHE H 403 11.86 -29.96 -66.80
CA PHE H 403 12.59 -30.65 -65.73
C PHE H 403 14.07 -30.72 -66.10
N GLY H 404 14.57 -29.62 -66.68
CA GLY H 404 15.96 -29.48 -67.07
C GLY H 404 16.40 -28.02 -67.03
N PRO H 405 17.69 -27.70 -67.27
CA PRO H 405 18.17 -26.33 -67.18
C PRO H 405 17.81 -25.51 -68.42
N VAL H 406 16.53 -25.13 -68.51
CA VAL H 406 16.01 -24.35 -69.63
C VAL H 406 15.11 -23.26 -69.07
N GLN H 407 15.36 -22.01 -69.45
CA GLN H 407 14.63 -20.85 -68.95
C GLN H 407 13.85 -20.23 -70.11
N GLN H 408 12.56 -19.97 -69.88
CA GLN H 408 11.71 -19.29 -70.85
C GLN H 408 11.35 -17.90 -70.32
N ILE H 409 11.68 -16.87 -71.10
CA ILE H 409 11.40 -15.49 -70.73
C ILE H 409 10.39 -14.92 -71.72
N MET H 410 9.31 -14.34 -71.18
CA MET H 410 8.15 -13.92 -71.94
C MET H 410 7.78 -12.50 -71.54
N LYS H 411 7.18 -11.75 -72.46
CA LYS H 411 6.87 -10.35 -72.22
C LYS H 411 5.35 -10.19 -72.04
N PHE H 412 4.96 -9.19 -71.24
CA PHE H 412 3.57 -8.80 -71.10
C PHE H 412 3.48 -7.27 -71.05
N LYS H 413 2.23 -6.78 -71.07
CA LYS H 413 1.95 -5.35 -70.97
C LYS H 413 0.76 -5.14 -70.03
N SER H 414 -0.30 -5.93 -70.22
CA SER H 414 -1.48 -5.88 -69.36
C SER H 414 -1.28 -6.81 -68.17
N LEU H 415 -1.51 -6.27 -66.96
CA LEU H 415 -1.36 -7.05 -65.73
C LEU H 415 -2.48 -8.08 -65.63
N ASP H 416 -3.70 -7.67 -66.02
CA ASP H 416 -4.86 -8.53 -65.94
C ASP H 416 -4.70 -9.75 -66.84
N ASP H 417 -4.10 -9.53 -68.02
CA ASP H 417 -3.95 -10.57 -69.03
C ASP H 417 -2.93 -11.60 -68.56
N VAL H 418 -1.75 -11.14 -68.12
CA VAL H 418 -0.65 -12.02 -67.77
C VAL H 418 -1.05 -12.95 -66.62
N ILE H 419 -1.90 -12.46 -65.71
CA ILE H 419 -2.40 -13.25 -64.61
C ILE H 419 -3.24 -14.41 -65.15
N LYS H 420 -4.06 -14.13 -66.17
CA LYS H 420 -4.92 -15.13 -66.78
C LYS H 420 -4.08 -16.09 -67.62
N ARG H 421 -2.99 -15.59 -68.21
CA ARG H 421 -2.04 -16.41 -68.95
C ARG H 421 -1.30 -17.34 -68.00
N ALA H 422 -0.95 -16.82 -66.82
CA ALA H 422 -0.24 -17.59 -65.80
C ALA H 422 -1.14 -18.70 -65.26
N ASN H 423 -2.42 -18.38 -65.06
CA ASN H 423 -3.39 -19.33 -64.51
C ASN H 423 -3.86 -20.30 -65.59
N ASN H 424 -3.67 -19.94 -66.87
CA ASN H 424 -4.09 -20.78 -67.98
C ASN H 424 -3.15 -21.98 -68.11
N THR H 425 -3.36 -22.98 -67.24
CA THR H 425 -2.59 -24.21 -67.23
C THR H 425 -3.22 -25.18 -66.23
N PHE H 426 -3.13 -26.48 -66.52
CA PHE H 426 -3.64 -27.51 -65.64
C PHE H 426 -2.77 -27.65 -64.40
N TYR H 427 -1.51 -27.20 -64.50
CA TYR H 427 -0.61 -27.15 -63.35
C TYR H 427 -0.94 -25.95 -62.48
N GLY H 428 -0.29 -25.90 -61.30
CA GLY H 428 -0.43 -24.78 -60.38
C GLY H 428 0.22 -25.07 -59.04
N LEU H 429 1.51 -25.44 -59.07
CA LEU H 429 2.24 -25.84 -57.87
C LEU H 429 2.76 -24.61 -57.14
N SER H 430 3.26 -23.62 -57.91
CA SER H 430 3.83 -22.42 -57.32
C SER H 430 3.81 -21.27 -58.33
N ALA H 431 4.25 -20.10 -57.87
CA ALA H 431 4.38 -18.92 -58.71
C ALA H 431 5.34 -17.92 -58.04
N GLY H 432 5.70 -16.87 -58.78
CA GLY H 432 6.60 -15.84 -58.28
C GLY H 432 6.13 -14.44 -58.70
N VAL H 433 6.06 -13.53 -57.72
CA VAL H 433 5.63 -12.16 -57.97
C VAL H 433 6.73 -11.21 -57.50
N PHE H 434 7.16 -10.32 -58.40
CA PHE H 434 8.26 -9.41 -58.12
C PHE H 434 7.82 -7.97 -58.35
N THR H 435 7.52 -7.27 -57.24
CA THR H 435 7.06 -5.90 -57.28
C THR H 435 7.30 -5.26 -55.91
N LYS H 436 7.36 -3.92 -55.89
CA LYS H 436 7.56 -3.16 -54.67
C LYS H 436 6.21 -2.76 -54.07
N ASP H 437 5.15 -2.70 -54.92
CA ASP H 437 3.85 -2.22 -54.49
C ASP H 437 3.12 -3.32 -53.72
N ILE H 438 2.57 -2.96 -52.55
CA ILE H 438 1.91 -3.92 -51.67
C ILE H 438 0.62 -4.39 -52.33
N ASP H 439 -0.22 -3.42 -52.72
CA ASP H 439 -1.51 -3.70 -53.32
C ASP H 439 -1.35 -4.73 -54.43
N LYS H 440 -0.36 -4.48 -55.31
CA LYS H 440 -0.06 -5.36 -56.43
C LYS H 440 0.26 -6.77 -55.91
N ALA H 441 1.24 -6.85 -54.99
CA ALA H 441 1.73 -8.13 -54.49
C ALA H 441 0.60 -8.98 -53.93
N ILE H 442 -0.23 -8.37 -53.06
CA ILE H 442 -1.27 -9.09 -52.35
C ILE H 442 -2.35 -9.54 -53.35
N THR H 443 -2.78 -8.61 -54.22
CA THR H 443 -3.86 -8.88 -55.16
C THR H 443 -3.44 -9.95 -56.17
N ILE H 444 -2.25 -9.77 -56.76
CA ILE H 444 -1.73 -10.69 -57.77
C ILE H 444 -1.61 -12.08 -57.15
N SER H 445 -1.02 -12.16 -55.97
CA SER H 445 -0.82 -13.44 -55.29
C SER H 445 -2.16 -14.10 -54.98
N SER H 446 -3.18 -13.29 -54.66
CA SER H 446 -4.53 -13.80 -54.38
C SER H 446 -5.18 -14.34 -55.66
N ALA H 447 -4.85 -13.73 -56.80
CA ALA H 447 -5.44 -14.08 -58.09
C ALA H 447 -4.81 -15.36 -58.64
N LEU H 448 -3.49 -15.47 -58.53
CA LEU H 448 -2.75 -16.61 -59.04
C LEU H 448 -3.25 -17.90 -58.39
N GLN H 449 -3.39 -18.95 -59.21
CA GLN H 449 -3.88 -20.24 -58.75
C GLN H 449 -2.68 -21.16 -58.50
N ALA H 450 -1.91 -20.84 -57.46
CA ALA H 450 -0.70 -21.58 -57.11
C ALA H 450 -0.76 -21.97 -55.64
N GLY H 451 -0.14 -23.11 -55.31
CA GLY H 451 -0.12 -23.63 -53.95
C GLY H 451 0.80 -22.81 -53.05
N THR H 452 1.91 -22.32 -53.61
CA THR H 452 2.85 -21.46 -52.89
C THR H 452 3.24 -20.30 -53.78
N VAL H 453 3.03 -19.07 -53.30
CA VAL H 453 3.34 -17.87 -54.06
C VAL H 453 4.44 -17.10 -53.33
N TRP H 454 5.55 -16.85 -54.03
CA TRP H 454 6.69 -16.14 -53.47
C TRP H 454 6.66 -14.69 -53.96
N VAL H 455 6.87 -13.75 -53.02
CA VAL H 455 6.89 -12.34 -53.34
C VAL H 455 8.31 -11.82 -53.16
N ASN H 456 8.89 -11.34 -54.27
CA ASN H 456 10.27 -10.84 -54.31
C ASN H 456 11.22 -11.93 -53.83
N CYS H 457 10.92 -13.19 -54.18
CA CYS H 457 11.79 -14.33 -53.93
C CYS H 457 11.25 -15.53 -54.69
N TYR H 458 11.94 -16.68 -54.57
CA TYR H 458 11.50 -17.90 -55.22
C TYR H 458 12.22 -19.10 -54.61
N GLY H 459 11.51 -20.24 -54.57
CA GLY H 459 12.06 -21.50 -54.10
C GLY H 459 12.37 -21.50 -52.60
N VAL H 460 11.61 -20.70 -51.83
CA VAL H 460 11.81 -20.57 -50.40
C VAL H 460 10.84 -21.50 -49.67
N VAL H 461 11.20 -22.79 -49.61
CA VAL H 461 10.41 -23.77 -48.89
C VAL H 461 11.09 -24.06 -47.55
N SER H 462 10.27 -24.14 -46.49
CA SER H 462 10.74 -24.50 -45.17
C SER H 462 9.77 -25.51 -44.54
N ALA H 463 10.14 -26.04 -43.38
CA ALA H 463 9.39 -27.11 -42.72
C ALA H 463 8.09 -26.56 -42.12
N GLN H 464 8.09 -25.28 -41.74
CA GLN H 464 6.99 -24.69 -40.99
C GLN H 464 5.82 -24.37 -41.93
N CYS H 465 6.13 -24.05 -43.20
CA CYS H 465 5.12 -23.63 -44.16
C CYS H 465 4.54 -24.84 -44.87
N PRO H 466 3.19 -24.90 -45.07
CA PRO H 466 2.56 -25.99 -45.83
C PRO H 466 2.75 -25.83 -47.34
N PHE H 467 3.23 -26.90 -47.98
CA PHE H 467 3.59 -26.86 -49.40
C PHE H 467 2.77 -27.89 -50.17
N GLY H 468 2.06 -27.41 -51.20
CA GLY H 468 1.27 -28.25 -52.09
C GLY H 468 0.99 -27.55 -53.42
N GLY H 469 -0.12 -27.94 -54.08
CA GLY H 469 -0.43 -27.42 -55.40
C GLY H 469 -1.93 -27.33 -55.65
N PHE H 470 -2.32 -26.34 -56.48
CA PHE H 470 -3.67 -26.23 -57.02
C PHE H 470 -3.80 -27.13 -58.25
N LYS H 471 -5.04 -27.53 -58.56
CA LYS H 471 -5.37 -28.22 -59.80
C LYS H 471 -4.55 -29.51 -59.91
N MET H 472 -3.89 -29.74 -61.05
CA MET H 472 -3.23 -31.00 -61.33
C MET H 472 -1.74 -30.90 -60.98
N SER H 473 -1.42 -30.22 -59.88
CA SER H 473 -0.06 -30.15 -59.35
C SER H 473 0.00 -30.77 -57.95
N GLY H 474 -1.12 -31.30 -57.45
CA GLY H 474 -1.16 -31.92 -56.15
C GLY H 474 -2.58 -32.25 -55.70
N ASN H 475 -2.68 -33.03 -54.62
CA ASN H 475 -3.96 -33.40 -54.01
C ASN H 475 -3.88 -33.23 -52.49
N GLY H 476 -2.96 -32.39 -52.01
CA GLY H 476 -2.87 -32.12 -50.58
C GLY H 476 -1.56 -31.42 -50.20
N ARG H 477 -1.50 -30.99 -48.93
CA ARG H 477 -0.35 -30.30 -48.36
C ARG H 477 0.47 -31.29 -47.53
N GLU H 478 1.79 -31.03 -47.42
CA GLU H 478 2.72 -32.01 -46.85
C GLU H 478 3.44 -31.50 -45.60
N LEU H 479 3.57 -30.17 -45.44
CA LEU H 479 4.36 -29.63 -44.35
C LEU H 479 3.50 -28.70 -43.48
N GLY H 480 4.10 -28.17 -42.41
CA GLY H 480 3.43 -27.22 -41.53
C GLY H 480 2.35 -27.89 -40.68
N GLU H 481 1.47 -27.08 -40.10
CA GLU H 481 0.38 -27.58 -39.27
C GLU H 481 -0.61 -28.37 -40.14
N TYR H 482 -0.86 -27.87 -41.35
CA TYR H 482 -1.91 -28.41 -42.21
C TYR H 482 -1.47 -29.74 -42.84
N GLY H 483 -0.15 -29.91 -43.01
CA GLY H 483 0.41 -31.12 -43.60
C GLY H 483 0.17 -32.35 -42.75
N PHE H 484 0.04 -32.16 -41.43
CA PHE H 484 -0.14 -33.24 -40.48
C PHE H 484 -1.60 -33.70 -40.46
N HIS H 485 -2.52 -32.84 -40.90
CA HIS H 485 -3.94 -33.17 -40.92
C HIS H 485 -4.21 -34.35 -41.86
N GLU H 486 -3.32 -34.57 -42.83
CA GLU H 486 -3.55 -35.55 -43.88
C GLU H 486 -2.85 -36.86 -43.56
N TYR H 487 -2.24 -36.95 -42.36
CA TYR H 487 -1.71 -38.21 -41.84
C TYR H 487 -2.43 -38.57 -40.55
N THR H 488 -3.71 -38.16 -40.42
CA THR H 488 -4.52 -38.46 -39.25
C THR H 488 -5.94 -38.82 -39.67
N GLU H 489 -6.60 -39.62 -38.83
CA GLU H 489 -7.99 -40.00 -39.02
C GLU H 489 -8.78 -39.56 -37.79
N VAL H 490 -9.84 -38.76 -38.01
CA VAL H 490 -10.54 -38.08 -36.92
C VAL H 490 -11.71 -38.95 -36.46
N LYS H 491 -11.60 -39.49 -35.24
CA LYS H 491 -12.68 -40.22 -34.60
C LYS H 491 -13.46 -39.27 -33.70
N THR H 492 -14.80 -39.37 -33.78
CA THR H 492 -15.70 -38.55 -32.96
C THR H 492 -16.36 -39.44 -31.92
N VAL H 493 -16.20 -39.10 -30.64
CA VAL H 493 -16.77 -39.88 -29.55
C VAL H 493 -17.81 -39.03 -28.82
N THR H 494 -19.09 -39.41 -28.97
CA THR H 494 -20.19 -38.70 -28.34
C THR H 494 -20.76 -39.54 -27.20
N VAL H 495 -20.67 -39.00 -25.98
CA VAL H 495 -21.06 -39.72 -24.77
C VAL H 495 -22.35 -39.12 -24.24
N LYS H 496 -23.35 -39.97 -23.96
CA LYS H 496 -24.60 -39.52 -23.37
C LYS H 496 -24.37 -39.23 -21.88
N ILE H 497 -24.91 -38.10 -21.41
CA ILE H 497 -24.82 -37.71 -20.02
C ILE H 497 -26.21 -37.31 -19.53
N SER H 498 -26.35 -37.19 -18.20
CA SER H 498 -27.61 -36.87 -17.56
C SER H 498 -27.98 -35.41 -17.82
N GLN H 499 -27.08 -34.50 -17.45
CA GLN H 499 -27.29 -33.08 -17.67
C GLN H 499 -26.00 -32.44 -18.16
N LYS H 500 -26.12 -31.56 -19.16
CA LYS H 500 -25.01 -30.79 -19.69
C LYS H 500 -24.96 -29.43 -19.00
N ASN H 501 -23.75 -28.89 -18.82
CA ASN H 501 -23.57 -27.52 -18.34
C ASN H 501 -22.42 -26.87 -19.11
N SER H 502 -22.62 -25.60 -19.49
CA SER H 502 -21.69 -24.89 -20.35
C SER H 502 -20.33 -24.72 -19.65
#